data_6BQ1
#
_entry.id   6BQ1
#
_cell.length_a   1.000
_cell.length_b   1.000
_cell.length_c   1.000
_cell.angle_alpha   90.00
_cell.angle_beta   90.00
_cell.angle_gamma   90.00
#
_symmetry.space_group_name_H-M   'P 1'
#
loop_
_entity.id
_entity.type
_entity.pdbx_description
1 polymer 'Phosphatidylinositol 4-kinase III alpha (PI4KA)'
2 polymer 'Tetratricopeptide repeat protein 7B'
3 polymer 'Protein FAM126A'
4 polymer 'Phosphatidylinositol 4-kinase III alpha (PI4KA)'
5 non-polymer 5-{2-amino-1-[4-(morpholin-4-yl)phenyl]-1H-benzimidazol-6-yl}-N-(2-fluorophenyl)-2-methoxypyridine-3-sulfonamide
#
loop_
_entity_poly.entity_id
_entity_poly.type
_entity_poly.pdbx_seq_one_letter_code
_entity_poly.pdbx_strand_id
1 'polypeptide(L)'
;(UNK)(UNK)(UNK)(UNK)(UNK)(UNK)(UNK)(UNK)(UNK)(UNK)(UNK)(UNK)(UNK)(UNK)(UNK)(UNK)
(UNK)(UNK)(UNK)(UNK)(UNK)(UNK)(UNK)(UNK)(UNK)(UNK)(UNK)(UNK)(UNK)(UNK)(UNK)(UNK)
(UNK)(UNK)(UNK)(UNK)(UNK)(UNK)(UNK)(UNK)(UNK)(UNK)(UNK)(UNK)(UNK)(UNK)(UNK)(UNK)
(UNK)(UNK)(UNK)(UNK)(UNK)(UNK)(UNK)(UNK)(UNK)(UNK)(UNK)(UNK)(UNK)(UNK)(UNK)(UNK)
(UNK)(UNK)(UNK)(UNK)(UNK)(UNK)(UNK)(UNK)(UNK)(UNK)(UNK)(UNK)(UNK)(UNK)(UNK)(UNK)
(UNK)(UNK)(UNK)(UNK)(UNK)(UNK)(UNK)(UNK)(UNK)(UNK)(UNK)(UNK)(UNK)(UNK)(UNK)(UNK)
(UNK)(UNK)(UNK)(UNK)(UNK)(UNK)(UNK)(UNK)(UNK)(UNK)(UNK)(UNK)(UNK)(UNK)(UNK)(UNK)
(UNK)(UNK)(UNK)(UNK)(UNK)(UNK)(UNK)(UNK)(UNK)(UNK)(UNK)(UNK)(UNK)(UNK)(UNK)(UNK)
(UNK)(UNK)(UNK)(UNK)(UNK)(UNK)(UNK)(UNK)(UNK)(UNK)(UNK)(UNK)(UNK)(UNK)(UNK)(UNK)
(UNK)(UNK)(UNK)(UNK)(UNK)(UNK)(UNK)(UNK)(UNK)(UNK)(UNK)(UNK)(UNK)(UNK)(UNK)(UNK)
(UNK)(UNK)(UNK)(UNK)(UNK)(UNK)(UNK)(UNK)(UNK)(UNK)(UNK)(UNK)(UNK)(UNK)(UNK)(UNK)
(UNK)(UNK)(UNK)(UNK)(UNK)(UNK)(UNK)(UNK)(UNK)(UNK)(UNK)(UNK)(UNK)(UNK)(UNK)(UNK)
(UNK)(UNK)(UNK)(UNK)(UNK)(UNK)(UNK)(UNK)(UNK)(UNK)(UNK)(UNK)(UNK)(UNK)(UNK)(UNK)
(UNK)(UNK)(UNK)(UNK)(UNK)(UNK)(UNK)(UNK)(UNK)(UNK)(UNK)(UNK)(UNK)(UNK)(UNK)(UNK)
(UNK)(UNK)(UNK)(UNK)(UNK)(UNK)(UNK)(UNK)(UNK)(UNK)(UNK)(UNK)(UNK)(UNK)(UNK)(UNK)
(UNK)(UNK)(UNK)(UNK)(UNK)(UNK)(UNK)(UNK)(UNK)(UNK)(UNK)(UNK)(UNK)(UNK)(UNK)(UNK)
(UNK)(UNK)(UNK)(UNK)(UNK)(UNK)(UNK)(UNK)(UNK)(UNK)(UNK)(UNK)(UNK)(UNK)(UNK)(UNK)
(UNK)(UNK)(UNK)(UNK)(UNK)(UNK)(UNK)(UNK)(UNK)(UNK)(UNK)(UNK)(UNK)(UNK)(UNK)(UNK)
(UNK)(UNK)(UNK)(UNK)(UNK)(UNK)(UNK)(UNK)(UNK)(UNK)(UNK)(UNK)(UNK)(UNK)(UNK)(UNK)
(UNK)(UNK)(UNK)(UNK)(UNK)(UNK)(UNK)(UNK)(UNK)(UNK)(UNK)(UNK)(UNK)(UNK)(UNK)(UNK)
(UNK)(UNK)(UNK)(UNK)(UNK)(UNK)(UNK)(UNK)(UNK)(UNK)(UNK)(UNK)(UNK)(UNK)(UNK)(UNK)
(UNK)(UNK)(UNK)(UNK)(UNK)(UNK)(UNK)(UNK)(UNK)(UNK)(UNK)(UNK)(UNK)(UNK)(UNK)(UNK)
(UNK)(UNK)(UNK)(UNK)(UNK)(UNK)(UNK)(UNK)(UNK)(UNK)(UNK)(UNK)(UNK)(UNK)(UNK)(UNK)
(UNK)(UNK)(UNK)(UNK)(UNK)(UNK)(UNK)(UNK)(UNK)(UNK)(UNK)(UNK)(UNK)(UNK)(UNK)(UNK)
(UNK)(UNK)(UNK)(UNK)(UNK)(UNK)(UNK)(UNK)(UNK)(UNK)(UNK)(UNK)(UNK)(UNK)(UNK)(UNK)
(UNK)(UNK)(UNK)(UNK)(UNK)(UNK)(UNK)(UNK)(UNK)(UNK)(UNK)(UNK)(UNK)(UNK)(UNK)(UNK)
(UNK)(UNK)(UNK)(UNK)(UNK)(UNK)(UNK)(UNK)(UNK)(UNK)(UNK)(UNK)(UNK)(UNK)(UNK)(UNK)
(UNK)(UNK)(UNK)(UNK)(UNK)(UNK)(UNK)(UNK)(UNK)(UNK)(UNK)(UNK)(UNK)(UNK)(UNK)(UNK)
(UNK)(UNK)(UNK)(UNK)(UNK)(UNK)(UNK)(UNK)(UNK)(UNK)(UNK)(UNK)(UNK)(UNK)(UNK)(UNK)
(UNK)(UNK)(UNK)(UNK)(UNK)(UNK)(UNK)(UNK)(UNK)(UNK)(UNK)(UNK)MMQCVIAVADKVFDAFLNMM
ADKAKTKENEEELERHAQFLLVNFNHIHKRIRRVADKYLSGLVDKFPHLLWSGTVLKTMLDILQTLSLSLSADIHKDQPY
YDIPDAPYRITVPDTYEARESIVKDFAARCGMILQEAMKWAPTVTKSHLQEYLNKHQNWVSGLSQHTGLAMATESILHFA
GYNKQNTTLGATQLSERPACVKKDYSNFMASLNLRNRYAGEVYGMIRFSGTTGQMSDLNKMMVQDLHSALDRSHPQHYTQ
AMFKLTAMLISSKDCDPQLLHHLCWGPLRMFNEHGMETALACWEWLLAGKDGVEVPFMREMAGAWHMTVEQKFGLFSAEI
KEADPLAASEASQPKPCPPEVTPHYIWIDFLVQRFEIAKYCSSDQVEIFSSLLQRSMSLNIGGAKGSMNRHVAAIGPRFK
LLTLGLSLLHADVVPNATIRNVLREKIYSTAFDYFSCPPKFPTQGEKRLREDISIMIKFWTAMFSDKKYLTASQLVPPDN
QDTRSNLDITVGSRQQATQGWINTYPLSSGMSTISKKSGMSKKTNRGSQLHKYYMKRRTLLLSLLATEIERLITWYNPLS
APELELDQAGENSVANWRSKYISLSEKQWKDNVNLAWSISPYLAVQLPARFKNTEAIGNEVTRLVRLDPGAVSDVPEAIK
FLVTWHTIDADAPELSHVLCWAPTDPPTGLSYFSSMYPPHPLTAQYGVKVLRSFPPDAILFYIPQIVQALRYDKMGYVRE
YILWAASKSQLLAHQFIWNMKTNIYLDEEGHQKDPDIGDLLDQLVEEITGSLSGPAKDFYQREFDFFNKITNVSAIIKPY
PKGDERKKACLSALSEVKVQPGCYLPSNPEAIVLDIDYKSGTPMQSAAKAPYLAKFKVKRCGVSELEKEGLRCRSDSEDE
CSTQEADGQKISWQAAIFKVGDDCRQDMLALQIIDLFKNIFQLVGLDLFVFPYRVVATAPGCGVIECIPDCTSRDQLGRQ
TDFGMYDYFTRQYGDESTLAFQQARYNFIRSMAAYSLLLFLLQIKDRHNGNIMLDKKGHIIHIDFGFMFESSPGGNLGWE
PDIKLTDEMVMIMGGKMEATPFKWFMEMCVRGYLAVRPYMDAVVSLVTLMLDTGLPCFRGQTIKLLKHRFSPNMTEREAA
NFIMKVIQSCFLSNRSRTYDMIQYYQNDIPY
;
A
2 'polypeptide(L)'
;MYPYDVPDYAAIAGAPDLKLMATKKAGSRLETEIERCRSECQWERIPELVKQLSAKLIANDDMAELLLGESKLEQYLKEH
PLRQGASPRGPKPQLTEVRKHLTAALDRGNLKSEFLQESNLIMAKLNYVEGDYKEALNIYARVGLDDLPLTAVPPYRLRV
IAEAYATKGLCLEKLPISSSTSNLHVDREQDVITCYEKAGDIALLYLQEIERVILSNIQNRSPKPGPAPHDQELGFFLET
GLQRAHVLYFKNGNLTRGVGRFRELLRAVETRTTQNLRMTIARQLAEILLRGMCEQSYWNPLEDPPCQSPLDDPLRKGAN
TKTYTLTRRARVYSGENIFCPQENTEEALLLLLISESMANRDAVLSRIPEHKSDRLISLQSASVVYDLLTIALGRRGQYE
MLSECLERAMKFAFEEFHLWYQFALSLMAAGKSARAVKVLKECIRLKPDDATIPLLAAKLCMGSLHWLEEAEKFAKTVVD
VGEKTSEFKAKGYLALGLTYSLQATDASLRGMQEVLQRKALLAFQRAHSLSPTDHQAAFYLALQLAISRQIPEALGYVRQ
ALQLQGDDANSLHLLALLLSAQKHYHDALNIIDMALSEYPENFILLFSKVKLQSLCRGPDEALLTCKHMLQIWKSCYNLT
NPSDSGRGSSLLDRTIADRRQLNTITLPDFSDPETGSVHATSVAASRVEQALSEVASSLQSSAPKQGPLHPWMTLAQIWL
HAAEVYIGIGKPAEATACTQEAANLFPMSHNVLYMRGQIAELRGSMDEARRWYEEALAISPTHVKSMQRLALILHQLGRY
SLAEKILRDAVQVNSTAHEVWNGLGEVLQAQGNDAAATECFLTALELEASSPAVPFTIIPRVL
;
B,F
3 'polypeptide(L)'
;GPGSFTSEKGVVEEWLSEFKTLPETSLPNYATNLKDKSSLVSSLYKVIQEPQSELLEPVCHQLFEFYRSGEEQLLQFTLQ
FLPELIWCYLAVSASRNVHSSGCIEALLLGVYNLEIVDKQGHTKVLSFTIPSLSKPSVYHEPSSIGSMALTESALSQHGL
SKVVYSGPHPQREMLTAQNRFEVLTFLLLCYNAALTYMPSVSLQSLCQICSRICVCGYPRQHVRKYKGISSRIPVSSGFM
VQMLTGIYFAFYNGEWDLAQKALDDIIYRAQLELYPEPLLVANAIKASLPHG
;
C,G
4 'polypeptide(L)'
;(UNK)(UNK)(UNK)(UNK)(UNK)(UNK)(UNK)(UNK)(UNK)(UNK)(UNK)(UNK)(UNK)(UNK)(UNK)(UNK)
(UNK)(UNK)(UNK)(UNK)(UNK)(UNK)(UNK)(UNK)(UNK)(UNK)(UNK)(UNK)(UNK)(UNK)(UNK)(UNK)
(UNK)(UNK)(UNK)(UNK)(UNK)(UNK)(UNK)(UNK)(UNK)(UNK)(UNK)(UNK)(UNK)(UNK)(UNK)(UNK)
(UNK)(UNK)(UNK)(UNK)(UNK)(UNK)(UNK)(UNK)(UNK)(UNK)(UNK)(UNK)(UNK)(UNK)(UNK)(UNK)
(UNK)(UNK)(UNK)(UNK)(UNK)(UNK)(UNK)(UNK)(UNK)(UNK)(UNK)(UNK)(UNK)(UNK)(UNK)(UNK)
(UNK)(UNK)(UNK)(UNK)(UNK)(UNK)(UNK)(UNK)(UNK)(UNK)(UNK)(UNK)(UNK)(UNK)(UNK)(UNK)
(UNK)(UNK)(UNK)(UNK)(UNK)(UNK)(UNK)(UNK)(UNK)(UNK)(UNK)(UNK)(UNK)(UNK)(UNK)(UNK)
(UNK)(UNK)(UNK)(UNK)(UNK)(UNK)(UNK)(UNK)(UNK)(UNK)(UNK)(UNK)(UNK)(UNK)(UNK)(UNK)
(UNK)(UNK)(UNK)(UNK)(UNK)(UNK)(UNK)(UNK)(UNK)(UNK)(UNK)(UNK)(UNK)(UNK)(UNK)(UNK)
(UNK)(UNK)(UNK)(UNK)(UNK)(UNK)(UNK)(UNK)(UNK)(UNK)(UNK)(UNK)(UNK)(UNK)(UNK)(UNK)
(UNK)(UNK)(UNK)(UNK)(UNK)(UNK)(UNK)(UNK)(UNK)(UNK)(UNK)(UNK)(UNK)(UNK)(UNK)(UNK)
(UNK)(UNK)(UNK)(UNK)(UNK)(UNK)(UNK)(UNK)(UNK)(UNK)(UNK)(UNK)(UNK)(UNK)(UNK)(UNK)
(UNK)(UNK)(UNK)(UNK)(UNK)(UNK)(UNK)(UNK)(UNK)(UNK)(UNK)(UNK)(UNK)(UNK)(UNK)(UNK)
(UNK)(UNK)(UNK)(UNK)(UNK)(UNK)(UNK)(UNK)(UNK)(UNK)(UNK)(UNK)(UNK)(UNK)(UNK)(UNK)
(UNK)(UNK)(UNK)(UNK)(UNK)(UNK)(UNK)(UNK)(UNK)(UNK)(UNK)(UNK)(UNK)(UNK)(UNK)(UNK)
(UNK)(UNK)(UNK)(UNK)(UNK)(UNK)(UNK)(UNK)(UNK)(UNK)(UNK)(UNK)(UNK)(UNK)(UNK)(UNK)
(UNK)(UNK)(UNK)(UNK)(UNK)(UNK)(UNK)(UNK)(UNK)(UNK)(UNK)(UNK)(UNK)(UNK)(UNK)(UNK)
(UNK)(UNK)(UNK)(UNK)(UNK)(UNK)(UNK)(UNK)(UNK)(UNK)(UNK)(UNK)(UNK)(UNK)(UNK)(UNK)
(UNK)(UNK)(UNK)(UNK)(UNK)(UNK)(UNK)(UNK)(UNK)(UNK)(UNK)(UNK)(UNK)(UNK)(UNK)(UNK)
(UNK)(UNK)(UNK)(UNK)(UNK)(UNK)(UNK)(UNK)(UNK)(UNK)(UNK)(UNK)(UNK)(UNK)(UNK)(UNK)
(UNK)(UNK)(UNK)(UNK)(UNK)(UNK)(UNK)(UNK)(UNK)(UNK)(UNK)(UNK)(UNK)(UNK)(UNK)(UNK)
(UNK)(UNK)(UNK)(UNK)(UNK)(UNK)(UNK)(UNK)(UNK)(UNK)(UNK)(UNK)(UNK)(UNK)(UNK)(UNK)
(UNK)(UNK)(UNK)(UNK)(UNK)(UNK)(UNK)(UNK)(UNK)(UNK)(UNK)(UNK)(UNK)(UNK)(UNK)(UNK)
(UNK)(UNK)(UNK)(UNK)(UNK)(UNK)(UNK)(UNK)(UNK)(UNK)(UNK)(UNK)(UNK)(UNK)(UNK)(UNK)
(UNK)(UNK)(UNK)(UNK)(UNK)(UNK)(UNK)(UNK)(UNK)(UNK)(UNK)(UNK)(UNK)(UNK)(UNK)(UNK)
(UNK)(UNK)(UNK)(UNK)(UNK)(UNK)(UNK)(UNK)(UNK)(UNK)(UNK)(UNK)(UNK)(UNK)(UNK)(UNK)
(UNK)(UNK)(UNK)(UNK)(UNK)(UNK)(UNK)(UNK)(UNK)(UNK)(UNK)(UNK)(UNK)(UNK)(UNK)(UNK)
(UNK)(UNK)(UNK)(UNK)(UNK)(UNK)(UNK)(UNK)(UNK)(UNK)(UNK)(UNK)(UNK)(UNK)(UNK)(UNK)
(UNK)(UNK)(UNK)(UNK)(UNK)(UNK)(UNK)(UNK)(UNK)(UNK)(UNK)(UNK)(UNK)(UNK)(UNK)(UNK)
(UNK)(UNK)(UNK)(UNK)(UNK)(UNK)(UNK)(UNK)(UNK)(UNK)(UNK)(UNK)(UNK)MMQCVIAVADKVFDA
FLNMMADKAKTKENEEELERHAQFLLVNFNHIHKRIRRVADKYLSGLVDKFPHLLWSGTVLKTMLDILQTLSLSLSADIH
KDQPYYDIPDAPYRITVPDTYEARESIVKDFAARCGMILQEAMKWAPTVTKSHLQEYLNKHQNWVSGLSQHTGLAMATES
ILHFAGYNKQNTTLGATQLSERPACVKKDYSNFMASLNLRNRYAGEVYGMIRFSGTTGQMSDLNKMMVQDLHSALDRSHP
QHYTQAMFKLTAMLISSKDCDPQLLHHLCWGPLRMFNEHGMETALACWEWLLAGKDGVEVPFMREMAGAWHMTVEQKFGL
FSAEIKEADPLAASEASQPKPCPPEVTPHYIWIDFLVQRFEIAKYCSSDQVEIFSSLLQRSMSLNIGGAKGSMNRHVAAI
GPRFKLLTLGLSLLHADVVPNATIRNVLREKIYSTAFDYFSCPPKFPTQGEKRLREDISIMIKFWTAMFSDKKYLTASQL
VPPDNQDTRSNLDITVGSRQQATQGWINTYPLSSGMSTISKKSGMSKKTNRGSQLHKYYMKRRTLLLSLLATEIERLITW
YNPLSAPELELDQAGENSVANWRSKYISLSEKQWKDNVNLAWSISPYLAVQLPARFKNTEAIGNEVTRLVRLDPGAVSDV
PEAIKFLVTWHTIDADAPELSHVLCWAPTDPPTGLSYFSSMYPPHPLTAQYGVKVLRSFPPDAILFYIPQIVQALRYDKM
GYVREYILWAASKSQLLAHQFIWNMKTNIYLDEEGHQKDPDIGDLLDQLVEEITGSLSGPAKDFYQREFDFFNKITNVSA
IIKPYPKGDERKKACLSALSEVKVQPGCYLPSNPEAIVLDIDYKSGTPMQSAAKAPYLAKFKVKRCGVSELEKEGLRCRS
DSEDECSTQEADGQKISWQAAIFKVGDDCRQDMLALQIIDLFKNIFQLVGLDLFVFPYRVVATAPGCGVIECIPDCTSRD
QLGRQTDFGMYDYFTRQYGDESTLAFQQARYNFIRSMAAYSLLLFLLQIKDRHNGNIMLDKKGHIIHIDFGFMFESSPGG
NLGWEPDIKLTDEMVMIMGGKMEATPFKWFMEMCVRGYLAVRPYMDAVVSLVTLMLDTGLPCFRGQTIKLLKHRFSPNMT
EREAANFIMKVIQSCFLSNRSRTYDMIQYYQNDIPY
;
E
#
# COMPACT_ATOMS: atom_id res chain seq x y z
N UNK A 1 31.96 -39.19 8.50
CA UNK A 1 32.13 -40.30 7.57
C UNK A 1 33.58 -40.79 7.53
N UNK A 2 34.54 -39.87 7.50
CA UNK A 2 35.94 -40.29 7.47
C UNK A 2 36.36 -40.93 8.78
N UNK A 3 35.79 -40.48 9.89
CA UNK A 3 36.03 -41.16 11.16
C UNK A 3 35.36 -42.52 11.18
N UNK A 4 34.28 -42.69 10.43
CA UNK A 4 33.64 -44.00 10.32
C UNK A 4 34.50 -44.95 9.51
N UNK A 5 35.10 -44.46 8.42
CA UNK A 5 35.96 -45.31 7.62
C UNK A 5 37.27 -45.61 8.32
N UNK A 6 37.79 -44.66 9.10
CA UNK A 6 38.98 -44.92 9.90
C UNK A 6 38.67 -45.89 11.02
N UNK A 7 37.48 -45.81 11.60
CA UNK A 7 37.08 -46.78 12.60
C UNK A 7 36.86 -48.16 11.98
N UNK A 8 36.46 -48.21 10.72
CA UNK A 8 36.28 -49.48 10.06
C UNK A 8 37.61 -50.11 9.67
N UNK A 9 38.58 -49.29 9.27
CA UNK A 9 39.94 -49.81 9.10
C UNK A 9 40.55 -50.18 10.43
N UNK A 10 40.10 -49.56 11.52
CA UNK A 10 40.44 -50.01 12.85
C UNK A 10 39.77 -51.34 13.17
N UNK A 11 38.63 -51.60 12.52
CA UNK A 11 37.98 -52.89 12.67
C UNK A 11 38.73 -53.96 11.90
N UNK A 12 39.28 -53.62 10.73
CA UNK A 12 40.13 -54.56 10.01
C UNK A 12 41.47 -54.76 10.72
N UNK A 13 41.94 -53.71 11.40
CA UNK A 13 43.12 -53.85 12.25
C UNK A 13 42.83 -54.72 13.44
N UNK A 14 41.60 -54.67 13.97
CA UNK A 14 41.22 -55.56 15.05
C UNK A 14 41.06 -56.98 14.53
N UNK A 15 40.68 -57.12 13.26
CA UNK A 15 40.67 -58.43 12.61
C UNK A 15 42.07 -58.89 12.26
N UNK A 16 43.05 -57.98 12.32
CA UNK A 16 44.44 -58.33 12.11
C UNK A 16 45.04 -59.02 13.33
N UNK A 17 44.34 -59.03 14.45
CA UNK A 17 44.83 -59.66 15.67
C UNK A 17 44.61 -61.16 15.62
N UNK A 18 21.99 -57.43 15.34
CA UNK A 18 21.99 -56.74 14.05
C UNK A 18 21.88 -55.25 14.26
N UNK A 19 21.90 -54.83 15.52
CA UNK A 19 21.54 -53.45 15.83
C UNK A 19 22.61 -52.44 15.44
N UNK A 20 23.77 -52.45 16.15
CA UNK A 20 24.72 -51.38 15.84
C UNK A 20 25.15 -51.36 14.37
N UNK A 21 25.47 -52.53 13.82
CA UNK A 21 25.92 -52.59 12.43
C UNK A 21 24.86 -52.10 11.47
N UNK A 22 23.58 -52.33 11.80
CA UNK A 22 22.50 -51.78 11.00
C UNK A 22 22.53 -50.27 11.03
N UNK A 23 22.86 -49.68 12.19
CA UNK A 23 23.06 -48.25 12.24
C UNK A 23 24.24 -47.83 11.37
N UNK A 24 25.28 -48.66 11.31
CA UNK A 24 26.40 -48.35 10.45
C UNK A 24 25.98 -48.36 8.99
N UNK A 25 25.16 -49.34 8.59
CA UNK A 25 24.72 -49.40 7.21
C UNK A 25 23.81 -48.24 6.88
N UNK A 26 23.01 -47.81 7.85
CA UNK A 26 22.24 -46.59 7.67
C UNK A 26 23.18 -45.41 7.45
N UNK A 27 24.30 -45.38 8.16
CA UNK A 27 25.30 -44.36 7.90
C UNK A 27 25.81 -44.47 6.48
N UNK A 28 25.97 -45.69 5.98
CA UNK A 28 26.40 -45.87 4.59
C UNK A 28 25.36 -45.32 3.63
N UNK A 29 24.08 -45.59 3.89
CA UNK A 29 23.04 -45.08 3.01
C UNK A 29 22.96 -43.56 3.06
N UNK A 30 23.25 -42.97 4.22
CA UNK A 30 23.38 -41.53 4.27
C UNK A 30 24.61 -41.07 3.50
N UNK A 31 25.62 -41.95 3.44
CA UNK A 31 26.80 -41.73 2.62
C UNK A 31 26.54 -41.99 1.15
N UNK A 32 25.34 -42.47 0.80
CA UNK A 32 25.04 -42.77 -0.59
C UNK A 32 25.08 -41.51 -1.44
N UNK A 33 24.56 -40.40 -0.93
CA UNK A 33 24.57 -39.14 -1.66
C UNK A 33 24.48 -37.95 -0.73
N UNK A 34 29.80 -58.06 14.44
CA UNK A 34 30.78 -57.55 15.39
C UNK A 34 31.61 -56.41 14.81
N UNK A 35 32.87 -56.69 14.53
CA UNK A 35 33.71 -55.73 13.81
C UNK A 35 33.71 -55.99 12.32
N UNK A 36 33.71 -57.28 11.95
CA UNK A 36 33.33 -57.73 10.63
C UNK A 36 32.08 -57.03 10.10
N UNK A 37 31.07 -56.86 10.94
CA UNK A 37 29.86 -56.17 10.48
C UNK A 37 30.11 -54.70 10.23
N UNK A 38 31.02 -54.09 11.00
CA UNK A 38 31.42 -52.72 10.70
C UNK A 38 32.23 -52.66 9.42
N UNK A 39 32.93 -53.74 9.09
CA UNK A 39 33.65 -53.78 7.82
C UNK A 39 32.69 -53.89 6.64
N UNK A 40 31.63 -54.68 6.78
CA UNK A 40 30.65 -54.80 5.72
C UNK A 40 29.81 -53.54 5.58
N UNK A 41 29.52 -52.89 6.71
CA UNK A 41 28.81 -51.61 6.65
C UNK A 41 29.69 -50.53 6.05
N UNK A 42 30.99 -50.57 6.34
CA UNK A 42 31.91 -49.64 5.71
C UNK A 42 32.06 -49.92 4.22
N UNK A 43 31.91 -51.18 3.82
CA UNK A 43 32.00 -51.52 2.40
C UNK A 43 30.73 -51.12 1.66
N UNK A 44 29.57 -51.25 2.30
CA UNK A 44 28.36 -50.69 1.72
C UNK A 44 28.41 -49.17 1.71
N UNK A 45 29.16 -48.58 2.65
CA UNK A 45 29.47 -47.17 2.58
C UNK A 45 30.40 -46.87 1.42
N UNK A 46 31.20 -47.85 1.02
CA UNK A 46 32.04 -47.69 -0.16
C UNK A 46 31.22 -47.77 -1.43
N UNK A 47 30.19 -48.63 -1.45
CA UNK A 47 29.27 -48.65 -2.58
C UNK A 47 28.39 -47.41 -2.60
N UNK A 48 28.08 -46.87 -1.41
CA UNK A 48 27.39 -45.59 -1.34
C UNK A 48 28.28 -44.46 -1.84
N UNK A 49 29.58 -44.55 -1.59
CA UNK A 49 30.51 -43.56 -2.13
C UNK A 49 30.64 -43.73 -3.63
N UNK A 50 30.49 -44.96 -4.12
CA UNK A 50 30.44 -45.20 -5.56
C UNK A 50 29.09 -44.79 -6.14
N UNK A 51 28.10 -44.54 -5.29
CA UNK A 51 26.82 -44.03 -5.72
C UNK A 51 26.87 -42.54 -6.05
N UNK A 52 27.97 -41.87 -5.72
CA UNK A 52 28.13 -40.46 -5.98
C UNK A 52 28.53 -40.22 -7.44
N UNK A 53 45.59 -62.12 2.29
CA UNK A 53 44.59 -61.38 3.06
C UNK A 53 45.03 -59.95 3.34
N UNK A 54 46.29 -59.75 3.71
CA UNK A 54 46.75 -58.39 3.99
C UNK A 54 46.82 -57.56 2.72
N UNK A 55 47.12 -58.19 1.58
CA UNK A 55 47.05 -57.49 0.31
C UNK A 55 45.61 -57.18 -0.06
N UNK A 56 44.67 -58.01 0.40
CA UNK A 56 43.26 -57.72 0.17
C UNK A 56 42.80 -56.53 1.00
N UNK A 57 43.26 -56.44 2.24
CA UNK A 57 42.89 -55.31 3.09
C UNK A 57 43.58 -54.04 2.64
N UNK A 58 44.81 -54.15 2.15
CA UNK A 58 45.48 -52.98 1.61
C UNK A 58 44.85 -52.54 0.30
N UNK A 59 44.37 -53.48 -0.50
CA UNK A 59 43.63 -53.12 -1.70
C UNK A 59 42.29 -52.51 -1.36
N UNK A 60 41.70 -52.90 -0.23
CA UNK A 60 40.43 -52.32 0.17
C UNK A 60 40.61 -50.92 0.74
N UNK A 61 41.70 -50.68 1.45
CA UNK A 61 42.03 -49.31 1.84
C UNK A 61 42.42 -48.50 0.63
N UNK A 62 42.93 -49.14 -0.41
CA UNK A 62 43.10 -48.48 -1.69
C UNK A 62 41.76 -48.18 -2.34
N UNK A 63 40.75 -48.99 -2.02
CA UNK A 63 39.40 -48.70 -2.50
C UNK A 63 38.80 -47.52 -1.76
N UNK A 64 39.09 -47.39 -0.45
CA UNK A 64 38.67 -46.20 0.28
C UNK A 64 39.46 -44.98 -0.14
N UNK A 65 40.72 -45.18 -0.53
CA UNK A 65 41.50 -44.09 -1.11
C UNK A 65 40.94 -43.68 -2.47
N UNK A 66 40.42 -44.65 -3.24
CA UNK A 66 39.76 -44.32 -4.49
C UNK A 66 38.45 -43.62 -4.23
N UNK A 67 37.80 -43.94 -3.12
CA UNK A 67 36.62 -43.21 -2.70
C UNK A 67 36.96 -41.85 -2.12
N UNK A 68 38.24 -41.62 -1.83
CA UNK A 68 38.72 -40.33 -1.38
C UNK A 68 38.84 -39.34 -2.52
N UNK A 69 38.71 -39.80 -3.76
CA UNK A 69 38.80 -38.93 -4.92
C UNK A 69 37.49 -38.19 -5.15
N UNK A 70 43.08 -55.95 -9.77
CA UNK A 70 44.07 -56.54 -8.87
C UNK A 70 43.85 -58.04 -8.71
N UNK A 71 44.69 -58.84 -9.36
CA UNK A 71 44.55 -60.29 -9.33
C UNK A 71 45.14 -60.91 -8.06
N UNK A 72 46.16 -60.29 -7.48
CA UNK A 72 46.56 -60.69 -6.15
C UNK A 72 45.43 -60.50 -5.15
N UNK A 73 44.48 -59.58 -5.40
CA UNK A 73 43.27 -59.52 -4.61
C UNK A 73 42.46 -60.81 -4.69
N UNK A 74 42.33 -61.38 -5.90
CA UNK A 74 41.57 -62.62 -6.02
C UNK A 74 42.30 -63.78 -5.37
N UNK A 75 43.63 -63.77 -5.40
CA UNK A 75 44.39 -64.77 -4.66
C UNK A 75 44.26 -64.56 -3.16
N UNK A 76 44.03 -63.32 -2.74
CA UNK A 76 43.79 -63.06 -1.33
C UNK A 76 42.43 -63.59 -0.90
N UNK A 77 41.41 -63.42 -1.74
CA UNK A 77 40.09 -63.93 -1.41
C UNK A 77 40.05 -65.45 -1.49
N UNK A 78 40.79 -66.04 -2.42
CA UNK A 78 40.88 -67.48 -2.49
C UNK A 78 41.66 -68.04 -1.31
N UNK A 79 42.69 -67.31 -0.86
CA UNK A 79 43.40 -67.72 0.34
C UNK A 79 42.53 -67.57 1.58
N UNK A 80 41.61 -66.61 1.56
CA UNK A 80 40.71 -66.44 2.71
C UNK A 80 39.63 -67.51 2.73
N UNK A 81 39.13 -67.91 1.56
CA UNK A 81 38.25 -69.06 1.51
C UNK A 81 39.01 -70.34 1.84
N UNK A 82 40.32 -70.35 1.60
CA UNK A 82 41.16 -71.42 2.12
C UNK A 82 41.29 -71.34 3.63
N UNK A 83 41.15 -70.14 4.17
CA UNK A 83 41.13 -69.98 5.62
C UNK A 83 39.82 -70.48 6.21
N UNK A 84 38.71 -70.27 5.51
CA UNK A 84 37.44 -70.84 5.94
C UNK A 84 37.41 -72.34 5.74
N UNK A 85 38.13 -72.83 4.72
CA UNK A 85 38.30 -74.26 4.55
C UNK A 85 39.17 -74.84 5.66
N UNK A 86 40.15 -74.07 6.14
CA UNK A 86 40.94 -74.51 7.28
C UNK A 86 40.12 -74.47 8.54
N UNK A 87 39.16 -73.55 8.61
CA UNK A 87 38.20 -73.53 9.71
C UNK A 87 37.16 -74.63 9.56
N UNK A 88 37.07 -75.25 8.39
CA UNK A 88 36.20 -76.38 8.16
C UNK A 88 36.76 -77.66 8.77
N UNK A 89 38.01 -77.65 9.21
CA UNK A 89 38.64 -78.82 9.81
C UNK A 89 38.21 -78.97 11.27
N UNK A 90 30.03 -72.71 12.35
CA UNK A 90 30.95 -71.58 12.42
C UNK A 90 31.70 -71.32 11.10
N UNK A 91 32.21 -72.40 10.49
CA UNK A 91 32.97 -72.25 9.25
C UNK A 91 32.11 -71.66 8.14
N UNK A 92 30.81 -71.98 8.14
CA UNK A 92 29.92 -71.35 7.18
C UNK A 92 29.83 -69.85 7.42
N UNK A 93 29.85 -69.44 8.68
CA UNK A 93 29.94 -68.01 8.97
C UNK A 93 31.26 -67.43 8.46
N UNK A 94 32.34 -68.22 8.54
CA UNK A 94 33.60 -67.76 8.00
C UNK A 94 33.53 -67.57 6.50
N UNK A 95 32.88 -68.51 5.80
CA UNK A 95 32.76 -68.38 4.35
C UNK A 95 31.87 -67.23 3.98
N UNK A 96 30.84 -66.96 4.79
CA UNK A 96 30.07 -65.74 4.60
C UNK A 96 30.95 -64.52 4.75
N UNK A 97 31.88 -64.56 5.70
CA UNK A 97 32.85 -63.49 5.81
C UNK A 97 33.67 -63.37 4.55
N UNK A 98 34.01 -64.50 3.94
CA UNK A 98 34.75 -64.47 2.69
C UNK A 98 33.93 -63.82 1.59
N UNK A 99 32.64 -64.16 1.50
CA UNK A 99 31.79 -63.58 0.48
C UNK A 99 31.61 -62.09 0.71
N UNK A 100 31.58 -61.65 1.97
CA UNK A 100 31.60 -60.22 2.24
C UNK A 100 32.95 -59.63 1.85
N UNK A 101 34.00 -60.45 1.91
CA UNK A 101 35.32 -60.07 1.42
C UNK A 101 35.41 -60.13 -0.10
N UNK A 102 34.35 -60.60 -0.77
CA UNK A 102 34.39 -60.71 -2.22
C UNK A 102 34.54 -59.34 -2.88
N UNK A 103 33.85 -58.33 -2.35
CA UNK A 103 33.94 -56.98 -2.89
C UNK A 103 33.58 -55.93 -1.85
N UNK A 104 32.88 -54.40 -13.68
CA UNK A 104 31.59 -54.68 -13.08
C UNK A 104 31.10 -56.10 -13.37
N UNK A 105 31.27 -56.57 -14.60
CA UNK A 105 30.85 -57.93 -14.91
C UNK A 105 31.71 -58.97 -14.23
N UNK A 106 32.99 -58.67 -14.03
CA UNK A 106 33.84 -59.55 -13.24
C UNK A 106 33.45 -59.50 -11.77
N UNK A 107 32.89 -58.37 -11.32
CA UNK A 107 32.39 -58.30 -9.95
C UNK A 107 31.15 -59.13 -9.78
N UNK A 108 30.24 -59.12 -10.76
CA UNK A 108 29.04 -59.92 -10.68
C UNK A 108 29.34 -61.40 -10.85
N UNK A 109 30.33 -61.73 -11.68
CA UNK A 109 30.74 -63.12 -11.80
C UNK A 109 31.44 -63.59 -10.55
N UNK A 110 32.20 -62.72 -9.90
CA UNK A 110 32.81 -63.08 -8.63
C UNK A 110 31.75 -63.22 -7.53
N UNK A 111 30.65 -62.47 -7.65
CA UNK A 111 29.59 -62.60 -6.66
C UNK A 111 28.77 -63.86 -6.87
N UNK A 112 28.56 -64.25 -8.12
CA UNK A 112 27.97 -65.57 -8.38
C UNK A 112 28.93 -66.68 -7.99
N UNK A 113 30.24 -66.39 -8.02
CA UNK A 113 31.21 -67.31 -7.44
C UNK A 113 31.10 -67.32 -5.92
N UNK A 114 30.62 -66.23 -5.34
CA UNK A 114 30.35 -66.22 -3.91
C UNK A 114 29.12 -67.02 -3.57
N UNK A 115 28.10 -66.99 -4.42
CA UNK A 115 26.94 -67.85 -4.23
C UNK A 115 27.28 -69.30 -4.51
N UNK A 116 28.22 -69.54 -5.44
CA UNK A 116 28.73 -70.88 -5.64
C UNK A 116 29.53 -71.36 -4.45
N UNK A 117 30.23 -70.45 -3.77
CA UNK A 117 30.93 -70.81 -2.55
C UNK A 117 29.94 -71.06 -1.43
N UNK A 118 28.81 -70.36 -1.47
CA UNK A 118 27.72 -70.64 -0.54
C UNK A 118 26.97 -71.92 -0.91
N UNK A 119 27.21 -72.43 -2.12
CA UNK A 119 26.65 -73.71 -2.54
C UNK A 119 27.38 -74.89 -1.92
N UNK A 120 28.52 -74.64 -1.27
CA UNK A 120 29.31 -75.69 -0.66
C UNK A 120 28.72 -76.07 0.70
N UNK A 121 35.26 -63.02 -20.41
CA UNK A 121 34.55 -64.28 -20.55
C UNK A 121 35.06 -65.28 -19.55
N UNK A 122 34.91 -64.97 -18.26
CA UNK A 122 35.34 -65.85 -17.18
C UNK A 122 34.26 -66.82 -16.72
N UNK A 123 33.35 -67.22 -17.60
CA UNK A 123 32.22 -68.06 -17.21
C UNK A 123 32.63 -69.51 -16.99
N UNK A 124 33.47 -70.06 -17.88
CA UNK A 124 33.89 -71.45 -17.70
C UNK A 124 34.81 -71.60 -16.50
N UNK A 125 35.61 -70.58 -16.20
CA UNK A 125 36.40 -70.59 -14.98
C UNK A 125 35.51 -70.46 -13.76
N UNK A 126 34.36 -69.80 -13.90
CA UNK A 126 33.41 -69.73 -12.81
C UNK A 126 32.76 -71.07 -12.55
N UNK A 127 32.41 -71.80 -13.62
CA UNK A 127 31.81 -73.11 -13.45
C UNK A 127 32.82 -74.13 -12.95
N UNK A 128 34.08 -74.00 -13.39
CA UNK A 128 35.12 -74.87 -12.86
C UNK A 128 35.41 -74.56 -11.41
N UNK A 129 35.36 -73.29 -11.03
CA UNK A 129 35.52 -72.93 -9.64
C UNK A 129 34.34 -73.40 -8.80
N UNK A 130 33.15 -73.50 -9.41
CA UNK A 130 31.99 -73.98 -8.68
C UNK A 130 32.03 -75.49 -8.52
N UNK A 131 32.52 -76.20 -9.52
CA UNK A 131 32.79 -77.64 -9.34
C UNK A 131 33.93 -77.85 -8.37
N UNK A 132 34.84 -76.88 -8.26
CA UNK A 132 35.83 -76.89 -7.20
C UNK A 132 35.17 -76.64 -5.84
N UNK A 133 34.05 -75.94 -5.85
CA UNK A 133 33.28 -75.76 -4.62
C UNK A 133 32.56 -77.03 -4.23
N UNK A 134 32.07 -77.79 -5.21
CA UNK A 134 31.49 -79.10 -4.92
C UNK A 134 32.56 -80.09 -4.52
N UNK A 135 33.76 -79.94 -5.08
CA UNK A 135 34.90 -80.74 -4.64
C UNK A 135 35.30 -80.38 -3.22
N UNK A 136 35.17 -79.11 -2.84
CA UNK A 136 35.43 -78.71 -1.47
C UNK A 136 34.33 -79.23 -0.55
N UNK A 137 33.12 -79.37 -1.08
CA UNK A 137 32.04 -80.01 -0.34
C UNK A 137 32.20 -81.51 -0.31
N UNK A 138 33.09 -82.05 -1.14
CA UNK A 138 33.42 -83.47 -1.12
C UNK A 138 34.34 -83.82 0.04
N UNK A 139 34.87 -82.84 0.74
CA UNK A 139 35.76 -83.07 1.87
C UNK A 139 34.96 -83.40 3.13
N UNK A 140 44.08 -65.74 -16.58
CA UNK A 140 45.48 -65.62 -16.91
C UNK A 140 46.27 -66.78 -16.32
N UNK A 141 46.29 -66.86 -14.99
CA UNK A 141 46.96 -67.94 -14.25
C UNK A 141 45.96 -69.01 -13.85
N UNK A 142 45.03 -69.22 -14.77
CA UNK A 142 43.93 -70.19 -14.67
C UNK A 142 44.41 -71.63 -14.49
N UNK A 143 45.41 -72.03 -15.29
CA UNK A 143 45.90 -73.40 -15.21
C UNK A 143 46.47 -73.71 -13.83
N UNK A 144 47.07 -72.72 -13.19
CA UNK A 144 47.54 -72.92 -11.81
C UNK A 144 46.36 -73.19 -10.89
N UNK A 145 45.23 -72.52 -11.13
CA UNK A 145 44.03 -72.86 -10.38
C UNK A 145 43.59 -74.28 -10.68
N UNK A 146 43.76 -74.73 -11.92
CA UNK A 146 43.43 -76.11 -12.26
C UNK A 146 44.32 -77.08 -11.50
N UNK A 147 45.62 -76.77 -11.41
CA UNK A 147 46.52 -77.67 -10.70
C UNK A 147 46.22 -77.67 -9.22
N UNK A 148 45.80 -76.52 -8.67
CA UNK A 148 45.31 -76.50 -7.31
C UNK A 148 44.11 -77.40 -7.16
N UNK A 149 43.24 -77.43 -8.16
CA UNK A 149 42.13 -78.37 -8.15
C UNK A 149 42.65 -79.79 -8.14
N UNK A 150 43.74 -80.06 -8.86
CA UNK A 150 44.32 -81.38 -8.84
C UNK A 150 44.85 -81.74 -7.46
N UNK A 151 45.51 -80.78 -6.80
CA UNK A 151 46.02 -81.05 -5.47
C UNK A 151 44.89 -81.25 -4.47
N UNK A 152 43.76 -80.57 -4.66
CA UNK A 152 42.58 -80.88 -3.86
C UNK A 152 42.05 -82.25 -4.21
N UNK A 153 42.27 -82.68 -5.46
CA UNK A 153 41.95 -84.02 -5.90
C UNK A 153 42.97 -85.04 -5.41
N UNK A 154 44.04 -84.59 -4.75
CA UNK A 154 45.05 -85.52 -4.29
C UNK A 154 44.50 -86.48 -3.26
N UNK A 155 43.66 -85.99 -2.35
CA UNK A 155 43.06 -86.85 -1.35
C UNK A 155 41.75 -86.26 -0.81
N UNK A 156 30.07 -94.04 -6.08
CA UNK A 156 31.18 -94.85 -6.57
C UNK A 156 31.42 -94.63 -8.05
N UNK A 157 30.42 -94.10 -8.74
CA UNK A 157 30.51 -93.87 -10.17
C UNK A 157 31.21 -92.57 -10.51
N UNK A 158 31.59 -91.78 -9.54
CA UNK A 158 32.14 -90.47 -9.85
C UNK A 158 33.58 -90.51 -10.34
N UNK A 159 34.25 -91.66 -10.40
CA UNK A 159 35.65 -91.54 -10.79
C UNK A 159 35.81 -91.27 -12.28
N UNK A 160 35.06 -91.97 -13.13
CA UNK A 160 35.18 -91.75 -14.56
C UNK A 160 34.63 -90.38 -14.95
N UNK A 161 33.61 -89.91 -14.25
CA UNK A 161 33.15 -88.55 -14.47
C UNK A 161 34.16 -87.53 -13.98
N UNK A 162 34.96 -87.90 -12.98
CA UNK A 162 36.03 -87.02 -12.53
C UNK A 162 37.14 -86.94 -13.55
N UNK A 163 37.48 -88.06 -14.18
CA UNK A 163 38.53 -88.05 -15.20
C UNK A 163 38.05 -87.38 -16.46
N UNK A 164 36.77 -87.54 -16.80
CA UNK A 164 36.21 -86.84 -17.95
C UNK A 164 36.12 -85.35 -17.68
N UNK A 165 35.83 -84.96 -16.44
CA UNK A 165 35.83 -83.56 -16.09
C UNK A 165 37.24 -83.00 -16.09
N UNK A 166 38.24 -83.83 -15.81
CA UNK A 166 39.62 -83.38 -15.83
C UNK A 166 40.14 -83.24 -17.25
N UNK A 167 39.72 -84.14 -18.15
CA UNK A 167 40.01 -83.93 -19.56
C UNK A 167 39.24 -82.76 -20.11
N UNK A 168 38.09 -82.44 -19.50
CA UNK A 168 37.41 -81.19 -19.80
C UNK A 168 38.20 -80.00 -19.27
N UNK A 169 38.98 -80.22 -18.22
CA UNK A 169 39.86 -79.18 -17.73
C UNK A 169 41.04 -78.97 -18.66
N UNK A 170 41.56 -80.05 -19.26
CA UNK A 170 42.61 -79.92 -20.27
C UNK A 170 42.04 -79.32 -21.56
N UNK A 171 40.77 -79.61 -21.84
CA UNK A 171 40.10 -78.96 -22.96
C UNK A 171 39.89 -77.48 -22.69
N UNK A 172 39.65 -77.11 -21.43
CA UNK A 172 39.56 -75.71 -21.07
C UNK A 172 40.93 -75.05 -21.14
N UNK A 173 41.98 -75.82 -20.88
CA UNK A 173 43.34 -75.34 -21.07
C UNK A 173 43.71 -75.31 -22.54
N UNK A 174 42.91 -75.95 -23.40
CA UNK A 174 43.10 -75.90 -24.84
C UNK A 174 42.62 -74.58 -25.42
N UNK A 175 41.94 -73.76 -24.64
CA UNK A 175 41.43 -72.48 -25.10
C UNK A 175 42.53 -71.42 -25.07
N UNK A 176 25.11 -84.23 -2.88
CA UNK A 176 26.55 -84.10 -2.66
C UNK A 176 27.35 -84.57 -3.87
N UNK A 177 27.59 -85.87 -3.99
CA UNK A 177 28.19 -86.42 -5.19
C UNK A 177 27.36 -86.09 -6.42
N UNK A 178 26.03 -86.14 -6.27
CA UNK A 178 25.14 -85.81 -7.38
C UNK A 178 25.28 -84.35 -7.81
N UNK A 179 25.37 -83.42 -6.86
CA UNK A 179 25.51 -82.02 -7.23
C UNK A 179 26.88 -81.74 -7.83
N UNK A 180 27.91 -82.46 -7.40
CA UNK A 180 29.20 -82.36 -8.04
C UNK A 180 29.17 -82.98 -9.44
N UNK A 181 28.29 -83.95 -9.65
CA UNK A 181 28.13 -84.51 -10.98
C UNK A 181 27.44 -83.53 -11.91
N UNK A 182 26.43 -82.81 -11.41
CA UNK A 182 25.76 -81.82 -12.24
C UNK A 182 26.63 -80.61 -12.48
N UNK A 183 27.44 -80.23 -11.50
CA UNK A 183 28.39 -79.14 -11.71
C UNK A 183 29.49 -79.56 -12.67
N UNK A 184 29.91 -80.81 -12.62
CA UNK A 184 30.87 -81.29 -13.60
C UNK A 184 30.25 -81.37 -14.99
N UNK A 185 28.95 -81.61 -15.07
CA UNK A 185 28.29 -81.66 -16.37
C UNK A 185 28.09 -80.28 -16.95
N UNK A 186 27.79 -79.29 -16.09
CA UNK A 186 27.81 -77.90 -16.56
C UNK A 186 29.22 -77.46 -16.89
N UNK A 187 30.22 -78.06 -16.26
CA UNK A 187 31.59 -77.87 -16.69
C UNK A 187 31.84 -78.53 -18.04
N UNK A 188 31.08 -79.57 -18.35
CA UNK A 188 31.15 -80.19 -19.67
C UNK A 188 30.51 -79.30 -20.73
N UNK A 189 29.42 -78.63 -20.37
CA UNK A 189 28.82 -77.65 -21.28
C UNK A 189 29.70 -76.42 -21.42
N UNK A 190 30.41 -76.06 -20.35
CA UNK A 190 31.40 -75.00 -20.42
C UNK A 190 32.57 -75.41 -21.30
N UNK A 191 32.94 -76.70 -21.29
CA UNK A 191 33.97 -77.18 -22.18
C UNK A 191 33.46 -77.21 -23.61
N UNK A 192 32.16 -77.42 -23.79
CA UNK A 192 31.54 -77.30 -25.10
C UNK A 192 31.38 -75.86 -25.51
N UNK A 193 31.53 -74.93 -24.57
CA UNK A 193 31.51 -73.51 -24.87
C UNK A 193 32.80 -73.04 -25.50
N UNK A 194 33.83 -73.87 -25.53
CA UNK A 194 35.11 -73.53 -26.12
C UNK A 194 35.06 -73.68 -27.64
N UNK A 195 23.09 -92.69 -9.71
CA UNK A 195 21.73 -93.15 -9.91
C UNK A 195 20.79 -91.99 -10.23
N UNK A 196 19.67 -91.92 -9.51
CA UNK A 196 18.70 -90.85 -9.74
C UNK A 196 19.31 -89.50 -9.43
N UNK A 197 20.09 -89.43 -8.35
CA UNK A 197 20.75 -88.19 -7.96
C UNK A 197 21.73 -87.75 -9.04
N UNK A 198 22.47 -88.72 -9.59
CA UNK A 198 23.42 -88.43 -10.65
C UNK A 198 22.70 -87.91 -11.89
N UNK A 199 21.55 -88.51 -12.19
CA UNK A 199 20.75 -88.08 -13.34
C UNK A 199 20.26 -86.65 -13.14
N UNK A 200 19.86 -86.34 -11.91
CA UNK A 200 19.37 -84.99 -11.60
C UNK A 200 20.40 -83.93 -11.96
N UNK A 201 21.56 -84.00 -11.32
CA UNK A 201 22.63 -83.04 -11.56
C UNK A 201 22.93 -83.01 -13.07
N UNK A 202 22.99 -84.19 -13.66
CA UNK A 202 23.19 -84.38 -15.10
C UNK A 202 21.99 -83.83 -15.87
N UNK A 203 20.79 -84.01 -15.30
CA UNK A 203 19.55 -83.58 -15.92
C UNK A 203 19.55 -82.07 -16.14
N UNK A 204 20.06 -81.32 -15.17
CA UNK A 204 20.18 -79.87 -15.32
C UNK A 204 21.17 -79.57 -16.44
N UNK A 205 22.26 -80.33 -16.47
CA UNK A 205 23.30 -80.23 -17.50
C UNK A 205 22.73 -80.61 -18.87
N UNK A 206 21.85 -81.60 -18.88
CA UNK A 206 21.21 -82.09 -20.10
C UNK A 206 20.42 -80.98 -20.77
N UNK A 207 19.71 -80.19 -19.99
CA UNK A 207 18.93 -79.09 -20.56
C UNK A 207 19.84 -78.14 -21.32
N UNK A 208 21.08 -78.03 -20.83
CA UNK A 208 22.07 -77.13 -21.42
C UNK A 208 22.49 -77.47 -22.85
N UNK A 209 22.64 -78.75 -23.16
CA UNK A 209 23.08 -79.16 -24.48
C UNK A 209 22.13 -78.75 -25.60
N UNK A 210 33.09 -77.79 -30.26
CA UNK A 210 32.47 -77.77 -31.57
C UNK A 210 31.11 -78.39 -31.62
N UNK A 211 31.04 -79.17 -32.66
CA UNK A 211 29.97 -80.08 -33.04
C UNK A 211 30.10 -81.47 -32.38
N UNK A 212 31.32 -82.03 -32.39
CA UNK A 212 31.52 -83.35 -31.82
C UNK A 212 31.20 -83.37 -30.33
N UNK A 213 31.45 -82.26 -29.63
CA UNK A 213 31.05 -82.17 -28.24
C UNK A 213 29.55 -82.25 -28.10
N UNK A 214 28.82 -81.65 -29.05
CA UNK A 214 27.38 -81.83 -29.06
C UNK A 214 27.01 -83.29 -29.31
N UNK A 215 27.78 -83.98 -30.14
CA UNK A 215 27.53 -85.39 -30.36
C UNK A 215 27.74 -86.18 -29.08
N UNK A 216 28.80 -85.88 -28.34
CA UNK A 216 29.05 -86.60 -27.10
C UNK A 216 27.98 -86.29 -26.07
N UNK A 217 27.48 -85.06 -26.07
CA UNK A 217 26.33 -84.75 -25.23
C UNK A 217 25.14 -85.61 -25.64
N UNK A 218 24.97 -85.84 -26.95
CA UNK A 218 23.94 -86.76 -27.39
C UNK A 218 24.20 -88.16 -26.85
N UNK A 219 25.46 -88.56 -26.78
CA UNK A 219 25.78 -89.85 -26.20
C UNK A 219 25.41 -89.91 -24.73
N UNK A 220 25.71 -88.85 -23.98
CA UNK A 220 25.36 -88.82 -22.57
C UNK A 220 23.86 -88.82 -22.37
N UNK A 221 23.11 -88.18 -23.27
CA UNK A 221 21.67 -88.32 -23.23
C UNK A 221 21.25 -89.74 -23.59
N UNK A 222 22.07 -90.42 -24.39
CA UNK A 222 21.89 -91.82 -24.70
C UNK A 222 22.35 -92.73 -23.57
N UNK A 223 22.92 -92.14 -22.50
CA UNK A 223 23.40 -92.97 -21.41
C UNK A 223 22.26 -93.69 -20.72
N UNK A 224 21.13 -93.02 -20.54
CA UNK A 224 19.97 -93.65 -19.92
C UNK A 224 18.67 -92.96 -20.33
N UNK A 225 13.85 -89.17 -19.63
CA UNK A 225 13.58 -90.56 -19.32
C UNK A 225 12.17 -90.72 -18.79
N UNK A 226 11.47 -91.76 -19.27
CA UNK A 226 10.10 -91.97 -18.85
C UNK A 226 10.03 -92.41 -17.39
N UNK A 227 10.99 -93.23 -16.95
CA UNK A 227 11.01 -93.68 -15.58
C UNK A 227 11.31 -92.55 -14.60
N UNK A 228 11.81 -91.41 -15.09
CA UNK A 228 12.03 -90.27 -14.21
C UNK A 228 10.72 -89.68 -13.73
N UNK A 229 9.79 -89.42 -14.66
CA UNK A 229 8.47 -88.96 -14.27
C UNK A 229 7.57 -90.11 -13.83
N UNK A 230 7.96 -91.35 -14.13
CA UNK A 230 7.19 -92.49 -13.66
C UNK A 230 7.46 -92.73 -12.18
N UNK A 231 8.73 -92.89 -11.81
CA UNK A 231 9.07 -93.07 -10.41
C UNK A 231 8.90 -91.77 -9.64
N UNK A 232 9.10 -90.63 -10.29
CA UNK A 232 8.87 -89.35 -9.62
C UNK A 232 7.38 -89.13 -9.41
N UNK A 233 6.57 -89.51 -10.40
CA UNK A 233 5.12 -89.43 -10.22
C UNK A 233 4.66 -90.42 -9.16
N UNK A 234 5.35 -91.54 -9.02
CA UNK A 234 5.00 -92.51 -7.99
C UNK A 234 5.37 -92.00 -6.60
N UNK A 235 6.52 -91.35 -6.47
CA UNK A 235 6.92 -90.80 -5.19
C UNK A 235 6.19 -89.51 -4.85
N UNK A 236 5.45 -88.94 -5.80
CA UNK A 236 4.76 -87.67 -5.57
C UNK A 236 3.36 -87.85 -5.02
N UNK A 237 3.00 -89.06 -4.61
CA UNK A 237 1.69 -89.32 -4.06
C UNK A 237 1.76 -89.56 -2.56
N UNK A 238 10.10 -83.49 -9.18
CA UNK A 238 11.42 -83.12 -9.68
C UNK A 238 11.62 -83.58 -11.12
N UNK A 239 11.02 -84.69 -11.50
CA UNK A 239 11.03 -85.10 -12.90
C UNK A 239 10.19 -84.17 -13.74
N UNK A 240 9.16 -83.56 -13.15
CA UNK A 240 8.38 -82.57 -13.87
C UNK A 240 9.17 -81.29 -14.11
N UNK A 241 9.93 -80.86 -13.09
CA UNK A 241 10.74 -79.67 -13.26
C UNK A 241 11.92 -79.91 -14.19
N UNK A 242 12.49 -81.12 -14.15
CA UNK A 242 13.55 -81.45 -15.09
C UNK A 242 13.00 -81.57 -16.51
N UNK A 243 11.78 -82.07 -16.66
CA UNK A 243 11.16 -82.09 -17.97
C UNK A 243 10.83 -80.69 -18.45
N UNK A 244 10.54 -79.77 -17.52
CA UNK A 244 10.25 -78.41 -17.92
C UNK A 244 11.51 -77.65 -18.30
N UNK A 245 12.62 -77.92 -17.61
CA UNK A 245 13.90 -77.39 -18.06
C UNK A 245 14.32 -78.05 -19.37
N UNK A 246 13.86 -79.28 -19.62
CA UNK A 246 14.01 -79.88 -20.93
C UNK A 246 13.13 -79.18 -21.95
N UNK A 247 12.03 -78.59 -21.49
CA UNK A 247 11.21 -77.78 -22.39
C UNK A 247 11.87 -76.46 -22.71
N UNK A 248 12.57 -75.86 -21.75
CA UNK A 248 13.35 -74.66 -22.02
C UNK A 248 14.56 -74.99 -22.88
N UNK A 249 15.12 -76.20 -22.71
CA UNK A 249 16.18 -76.66 -23.60
C UNK A 249 15.65 -76.88 -25.00
N UNK A 250 14.40 -77.34 -25.13
CA UNK A 250 13.79 -77.46 -26.45
C UNK A 250 13.50 -76.10 -27.04
N UNK A 251 13.22 -75.12 -26.18
CA UNK A 251 13.10 -73.74 -26.62
C UNK A 251 14.45 -73.12 -26.93
N UNK A 252 15.54 -73.76 -26.50
CA UNK A 252 16.88 -73.34 -26.83
C UNK A 252 17.26 -73.69 -28.25
N UNK A 253 16.46 -74.49 -28.93
CA UNK A 253 16.73 -74.89 -30.31
C UNK A 253 16.32 -73.79 -31.27
N UNK A 254 26.57 -73.86 -37.49
CA UNK A 254 25.21 -73.51 -37.85
C UNK A 254 24.33 -74.75 -37.79
N UNK A 255 24.62 -75.73 -38.65
CA UNK A 255 23.89 -76.99 -38.60
C UNK A 255 24.09 -77.77 -37.29
N UNK A 256 25.07 -77.34 -36.45
CA UNK A 256 25.22 -78.05 -35.19
C UNK A 256 23.97 -77.99 -34.31
N UNK A 257 23.38 -76.79 -34.18
CA UNK A 257 22.21 -76.64 -33.32
C UNK A 257 21.05 -77.48 -33.82
N UNK A 258 20.93 -77.66 -35.13
CA UNK A 258 19.92 -78.55 -35.67
C UNK A 258 20.16 -79.98 -35.22
N UNK A 259 21.44 -80.38 -35.14
CA UNK A 259 21.75 -81.68 -34.55
C UNK A 259 21.35 -81.72 -33.08
N UNK A 260 21.50 -80.60 -32.38
CA UNK A 260 21.07 -80.56 -30.98
C UNK A 260 19.56 -80.73 -30.88
N UNK A 261 18.81 -80.08 -31.77
CA UNK A 261 17.36 -80.21 -31.71
C UNK A 261 16.94 -81.62 -32.09
N UNK A 262 17.66 -82.26 -33.01
CA UNK A 262 17.42 -83.66 -33.28
C UNK A 262 17.66 -84.49 -32.02
N UNK A 263 18.68 -84.12 -31.25
CA UNK A 263 18.88 -84.77 -29.96
C UNK A 263 17.69 -84.56 -29.06
N UNK A 264 17.09 -83.36 -29.10
CA UNK A 264 15.90 -83.11 -28.31
C UNK A 264 14.74 -83.98 -28.75
N UNK A 265 14.56 -84.14 -30.07
CA UNK A 265 13.49 -84.98 -30.56
C UNK A 265 13.72 -86.44 -30.21
N UNK A 266 14.98 -86.87 -30.16
CA UNK A 266 15.26 -88.19 -29.63
C UNK A 266 14.98 -88.25 -28.14
N UNK A 267 15.11 -87.10 -27.47
CA UNK A 267 14.73 -86.96 -26.07
C UNK A 267 13.23 -86.84 -25.90
N UNK A 268 12.47 -86.79 -27.00
CA UNK A 268 11.03 -86.65 -26.88
C UNK A 268 10.40 -87.86 -26.21
N UNK A 269 10.89 -89.06 -26.51
CA UNK A 269 10.37 -90.26 -25.88
C UNK A 269 11.39 -91.40 -25.93
N UNK A 270 0.37 -93.57 -19.27
CA UNK A 270 0.98 -93.04 -20.49
C UNK A 270 0.54 -91.62 -20.75
N UNK A 271 0.12 -90.95 -19.69
CA UNK A 271 -0.04 -89.52 -19.81
C UNK A 271 1.27 -88.78 -20.10
N UNK A 272 2.48 -89.35 -19.85
CA UNK A 272 3.54 -88.40 -19.53
C UNK A 272 4.22 -87.86 -20.79
N UNK A 273 4.51 -88.71 -21.76
CA UNK A 273 5.14 -88.24 -22.98
C UNK A 273 4.20 -87.37 -23.81
N UNK A 274 2.91 -87.67 -23.75
CA UNK A 274 1.93 -86.79 -24.39
C UNK A 274 1.82 -85.47 -23.65
N UNK A 275 2.08 -85.48 -22.34
CA UNK A 275 2.10 -84.24 -21.58
C UNK A 275 3.30 -83.39 -21.95
N UNK A 276 4.47 -84.02 -22.14
CA UNK A 276 5.65 -83.26 -22.52
C UNK A 276 5.56 -82.78 -23.96
N UNK A 277 4.94 -83.58 -24.83
CA UNK A 277 4.72 -83.13 -26.21
C UNK A 277 3.70 -82.01 -26.25
N UNK A 278 2.69 -82.07 -25.39
CA UNK A 278 1.73 -80.97 -25.31
C UNK A 278 2.39 -79.72 -24.73
N UNK A 279 3.39 -79.89 -23.87
CA UNK A 279 4.08 -78.74 -23.31
C UNK A 279 5.03 -78.12 -24.32
N UNK A 280 5.68 -78.94 -25.14
CA UNK A 280 6.44 -78.40 -26.25
C UNK A 280 5.52 -77.79 -27.30
N UNK A 281 4.28 -78.26 -27.36
CA UNK A 281 3.25 -77.58 -28.15
C UNK A 281 2.87 -76.25 -27.50
N UNK A 282 3.03 -76.15 -26.19
CA UNK A 282 2.81 -74.89 -25.50
C UNK A 282 3.93 -73.91 -25.78
N UNK A 283 5.17 -74.41 -25.87
CA UNK A 283 6.29 -73.56 -26.28
C UNK A 283 6.19 -73.19 -27.75
N UNK A 284 5.63 -74.09 -28.57
CA UNK A 284 5.33 -73.77 -29.95
C UNK A 284 4.24 -72.72 -30.05
N UNK A 285 3.27 -72.75 -29.14
CA UNK A 285 2.25 -71.72 -29.10
C UNK A 285 2.84 -70.41 -28.61
N UNK A 286 3.87 -70.49 -27.75
CA UNK A 286 4.61 -69.30 -27.36
C UNK A 286 5.54 -68.83 -28.46
N UNK A 287 5.77 -69.67 -29.48
CA UNK A 287 6.55 -69.30 -30.64
C UNK A 287 5.77 -68.39 -31.58
N UNK A 288 4.47 -68.24 -31.36
CA UNK A 288 3.63 -67.40 -32.21
C UNK A 288 3.78 -65.93 -31.83
N UNK A 289 16.28 -71.78 -42.27
CA UNK A 289 15.60 -73.07 -42.31
C UNK A 289 14.31 -73.10 -41.52
N UNK A 290 13.41 -72.22 -41.89
CA UNK A 290 12.03 -72.38 -41.45
C UNK A 290 11.43 -73.70 -41.98
N UNK A 291 11.86 -74.21 -43.18
CA UNK A 291 11.64 -75.58 -43.63
C UNK A 291 12.03 -76.60 -42.57
N UNK A 292 13.16 -76.41 -41.90
CA UNK A 292 13.57 -77.36 -40.87
C UNK A 292 12.66 -77.30 -39.66
N UNK A 293 12.12 -76.12 -39.35
CA UNK A 293 11.11 -76.02 -38.31
C UNK A 293 9.82 -76.67 -38.74
N UNK A 294 9.54 -76.69 -40.05
CA UNK A 294 8.37 -77.40 -40.54
C UNK A 294 8.54 -78.90 -40.42
N UNK A 295 9.72 -79.41 -40.70
CA UNK A 295 9.96 -80.84 -40.59
C UNK A 295 10.02 -81.27 -39.12
N UNK A 296 10.56 -80.40 -38.26
CA UNK A 296 10.55 -80.70 -36.83
C UNK A 296 9.14 -80.64 -36.27
N UNK A 297 8.33 -79.72 -36.77
CA UNK A 297 6.93 -79.68 -36.38
C UNK A 297 6.16 -80.90 -36.89
N UNK A 298 6.58 -81.43 -38.03
CA UNK A 298 5.92 -82.62 -38.57
C UNK A 298 6.33 -83.88 -37.81
N UNK A 299 7.59 -83.96 -37.39
CA UNK A 299 7.98 -85.02 -36.48
C UNK A 299 7.33 -84.85 -35.12
N UNK A 300 7.01 -83.60 -34.76
CA UNK A 300 6.17 -83.37 -33.59
C UNK A 300 4.74 -83.83 -33.84
N UNK A 301 4.32 -83.84 -35.11
CA UNK A 301 3.03 -84.38 -35.44
C UNK A 301 3.02 -85.89 -35.37
N UNK A 302 4.13 -86.53 -35.74
CA UNK A 302 4.25 -87.98 -35.56
C UNK A 302 4.41 -88.33 -34.09
N UNK A 303 5.04 -87.44 -33.32
CA UNK A 303 5.08 -87.61 -31.87
C UNK A 303 3.71 -87.46 -31.26
N UNK A 304 2.88 -86.57 -31.82
CA UNK A 304 1.51 -86.45 -31.36
C UNK A 304 0.69 -87.67 -31.77
N UNK A 305 1.06 -88.28 -32.89
CA UNK A 305 0.46 -89.55 -33.29
C UNK A 305 1.00 -90.70 -32.47
N UNK A 306 2.09 -90.48 -31.74
CA UNK A 306 2.64 -91.47 -30.83
C UNK A 306 1.83 -91.56 -29.54
N UNK A 307 0.90 -90.65 -29.32
CA UNK A 307 0.08 -90.65 -28.12
C UNK A 307 -1.07 -91.64 -28.26
N UNK A 308 3.64 -67.91 -37.17
CA UNK A 308 2.24 -68.05 -37.52
C UNK A 308 1.89 -69.46 -37.98
N UNK A 309 2.73 -70.07 -38.80
CA UNK A 309 2.45 -71.43 -39.25
C UNK A 309 2.58 -72.44 -38.12
N UNK A 310 3.48 -72.18 -37.18
CA UNK A 310 3.54 -73.02 -35.99
C UNK A 310 2.34 -72.80 -35.10
N UNK A 311 1.75 -71.60 -35.15
CA UNK A 311 0.52 -71.36 -34.41
C UNK A 311 -0.65 -72.11 -35.02
N UNK A 312 -0.73 -72.14 -36.36
CA UNK A 312 -1.81 -72.86 -37.01
C UNK A 312 -1.63 -74.37 -36.87
N UNK A 313 -0.38 -74.83 -36.89
CA UNK A 313 -0.12 -76.25 -36.66
C UNK A 313 -0.43 -76.63 -35.22
N UNK A 314 -0.15 -75.73 -34.27
CA UNK A 314 -0.51 -75.98 -32.89
C UNK A 314 -2.02 -75.95 -32.71
N UNK A 315 -2.72 -75.17 -33.52
CA UNK A 315 -4.17 -75.13 -33.42
C UNK A 315 -4.82 -76.36 -34.04
N UNK A 316 -4.24 -76.87 -35.13
CA UNK A 316 -4.68 -78.17 -35.63
C UNK A 316 -4.29 -79.28 -34.67
N UNK A 317 -3.23 -79.07 -33.89
CA UNK A 317 -2.95 -79.97 -32.78
C UNK A 317 -3.98 -79.83 -31.68
N UNK A 318 -4.60 -78.66 -31.58
CA UNK A 318 -5.69 -78.47 -30.64
C UNK A 318 -6.95 -79.17 -31.11
N UNK A 319 -7.19 -79.18 -32.42
CA UNK A 319 -8.31 -79.94 -32.97
C UNK A 319 -8.02 -81.44 -32.90
N UNK A 320 -6.75 -81.82 -33.01
CA UNK A 320 -6.37 -83.20 -32.79
C UNK A 320 -6.55 -83.59 -31.33
N UNK A 321 -6.32 -82.65 -30.41
CA UNK A 321 -6.58 -82.92 -29.00
C UNK A 321 -8.07 -83.00 -28.75
N UNK A 322 -8.87 -82.25 -29.53
CA UNK A 322 -10.31 -82.38 -29.48
C UNK A 322 -10.80 -83.64 -30.17
N UNK A 323 -9.92 -84.29 -30.94
CA UNK A 323 -10.22 -85.56 -31.56
C UNK A 323 -10.16 -86.72 -30.56
N UNK A 324 -9.66 -86.47 -29.36
CA UNK A 324 -9.55 -87.49 -28.32
C UNK A 324 -10.90 -87.68 -27.63
N UNK A 325 -7.82 -88.84 -16.60
CA UNK A 325 -8.90 -89.16 -17.53
C UNK A 325 -8.74 -88.41 -18.84
N UNK A 326 -9.74 -88.53 -19.71
CA UNK A 326 -9.70 -87.85 -21.00
C UNK A 326 -9.68 -86.34 -20.83
N UNK A 327 -10.46 -85.85 -19.87
CA UNK A 327 -10.57 -84.43 -19.60
C UNK A 327 -9.21 -83.74 -19.44
N UNK A 328 -8.38 -84.25 -18.53
CA UNK A 328 -7.09 -83.64 -18.28
C UNK A 328 -6.36 -83.32 -19.58
N UNK A 329 -6.64 -84.09 -20.63
CA UNK A 329 -6.07 -83.79 -21.93
C UNK A 329 -6.69 -82.53 -22.53
N UNK A 330 -8.00 -82.36 -22.37
CA UNK A 330 -8.65 -81.16 -22.88
C UNK A 330 -8.29 -79.94 -22.06
N UNK A 331 -8.12 -80.12 -20.75
CA UNK A 331 -7.67 -79.01 -19.92
C UNK A 331 -6.22 -78.65 -20.22
N UNK A 332 -5.39 -79.65 -20.54
CA UNK A 332 -4.03 -79.36 -20.96
C UNK A 332 -4.00 -78.68 -22.32
N UNK A 333 -4.99 -78.98 -23.16
CA UNK A 333 -5.04 -78.34 -24.48
C UNK A 333 -5.53 -76.91 -24.37
N UNK A 334 -6.48 -76.64 -23.48
CA UNK A 334 -6.84 -75.26 -23.19
C UNK A 334 -5.70 -74.54 -22.49
N UNK A 335 -4.85 -75.27 -21.78
CA UNK A 335 -3.60 -74.72 -21.28
C UNK A 335 -2.64 -74.43 -22.42
N UNK A 336 -2.77 -75.19 -23.51
CA UNK A 336 -1.98 -74.91 -24.70
C UNK A 336 -2.47 -73.66 -25.41
N UNK A 337 -3.78 -73.44 -25.42
CA UNK A 337 -4.32 -72.19 -25.96
C UNK A 337 -4.02 -71.02 -25.04
N UNK A 338 -3.95 -71.28 -23.74
CA UNK A 338 -3.50 -70.26 -22.81
C UNK A 338 -2.02 -69.95 -23.01
N UNK A 339 -1.22 -70.95 -23.38
CA UNK A 339 0.17 -70.70 -23.70
C UNK A 339 0.29 -69.96 -25.02
N UNK A 340 -0.67 -70.17 -25.92
CA UNK A 340 -0.75 -69.38 -27.15
C UNK A 340 -1.30 -68.00 -26.89
N UNK A 341 -1.87 -67.78 -25.70
CA UNK A 341 -2.34 -66.46 -25.28
C UNK A 341 -1.18 -65.57 -24.87
N UNK A 342 0.01 -66.10 -24.72
CA UNK A 342 1.18 -65.34 -24.32
C UNK A 342 1.76 -64.59 -25.52
N UNK A 343 -3.64 -66.69 -35.92
CA UNK A 343 -3.30 -65.30 -35.64
C UNK A 343 -3.56 -64.96 -34.20
N UNK A 344 -3.30 -63.71 -33.85
CA UNK A 344 -3.85 -63.23 -32.60
C UNK A 344 -5.39 -63.21 -32.67
N UNK A 345 -5.99 -62.47 -33.63
CA UNK A 345 -7.39 -62.10 -33.42
C UNK A 345 -8.35 -63.22 -33.78
N UNK A 346 -8.10 -63.92 -34.89
CA UNK A 346 -8.99 -65.02 -35.27
C UNK A 346 -8.85 -66.20 -34.32
N UNK A 347 -7.66 -66.40 -33.77
CA UNK A 347 -7.50 -67.42 -32.73
C UNK A 347 -8.19 -66.98 -31.44
N UNK A 348 -8.29 -65.67 -31.22
CA UNK A 348 -9.02 -65.19 -30.05
C UNK A 348 -10.52 -65.41 -30.22
N UNK A 349 -11.04 -65.18 -31.43
CA UNK A 349 -12.46 -65.41 -31.66
C UNK A 349 -12.79 -66.89 -31.68
N UNK A 350 -11.88 -67.71 -32.18
CA UNK A 350 -12.09 -69.15 -32.13
C UNK A 350 -11.99 -69.67 -30.71
N UNK A 351 -11.11 -69.09 -29.90
CA UNK A 351 -11.05 -69.44 -28.49
C UNK A 351 -12.30 -68.98 -27.75
N UNK A 352 -12.91 -67.88 -28.20
CA UNK A 352 -14.13 -67.40 -27.57
C UNK A 352 -15.33 -68.24 -27.96
N UNK A 353 -15.37 -68.71 -29.20
CA UNK A 353 -16.39 -69.69 -29.57
C UNK A 353 -16.13 -71.02 -28.87
N UNK A 354 -14.88 -71.30 -28.54
CA UNK A 354 -14.57 -72.42 -27.67
C UNK A 354 -15.05 -72.15 -26.25
N UNK A 355 -15.13 -70.88 -25.86
CA UNK A 355 -15.71 -70.53 -24.58
C UNK A 355 -17.21 -70.71 -24.58
N UNK A 356 -17.88 -70.39 -25.70
CA UNK A 356 -19.29 -70.68 -25.82
C UNK A 356 -19.57 -72.17 -25.93
N UNK A 357 -18.62 -72.91 -26.53
CA UNK A 357 -18.71 -74.36 -26.53
C UNK A 357 -18.52 -74.92 -25.13
N UNK A 358 -17.68 -74.29 -24.33
CA UNK A 358 -17.53 -74.69 -22.93
C UNK A 358 -18.77 -74.33 -22.14
N UNK A 359 -19.45 -73.26 -22.54
CA UNK A 359 -20.74 -72.92 -21.96
C UNK A 359 -21.84 -73.83 -22.48
N UNK A 360 -21.57 -74.58 -23.55
CA UNK A 360 -22.50 -75.56 -24.07
C UNK A 360 -22.52 -76.83 -23.22
N UNK A 361 -21.59 -76.97 -22.29
CA UNK A 361 -21.53 -78.14 -21.41
C UNK A 361 -22.53 -78.02 -20.28
N UNK A 362 -15.83 -83.44 -19.67
CA UNK A 362 -15.07 -82.20 -19.92
C UNK A 362 -15.63 -81.07 -19.04
N UNK A 363 -15.95 -81.39 -17.82
CA UNK A 363 -16.19 -80.31 -16.87
C UNK A 363 -14.91 -79.71 -16.33
N UNK A 364 -13.92 -80.54 -15.99
CA UNK A 364 -12.67 -80.01 -15.47
C UNK A 364 -11.89 -79.29 -16.55
N UNK A 365 -12.00 -79.74 -17.80
CA UNK A 365 -11.41 -79.00 -18.90
C UNK A 365 -12.15 -77.69 -19.14
N UNK A 366 -13.44 -77.65 -18.81
CA UNK A 366 -14.18 -76.40 -18.91
C UNK A 366 -13.74 -75.41 -17.85
N UNK A 367 -13.49 -75.88 -16.63
CA UNK A 367 -13.05 -75.01 -15.56
C UNK A 367 -11.60 -74.56 -15.78
N UNK A 368 -10.78 -75.44 -16.34
CA UNK A 368 -9.42 -75.05 -16.68
C UNK A 368 -9.41 -74.07 -17.84
N UNK A 369 -10.32 -74.23 -18.79
CA UNK A 369 -10.44 -73.26 -19.86
C UNK A 369 -10.97 -71.93 -19.34
N UNK A 370 -11.78 -71.96 -18.29
CA UNK A 370 -12.29 -70.72 -17.72
C UNK A 370 -11.24 -70.01 -16.90
N UNK A 371 -10.39 -70.76 -16.20
CA UNK A 371 -9.22 -70.15 -15.57
C UNK A 371 -8.23 -69.66 -16.61
N UNK A 372 -8.23 -70.30 -17.79
CA UNK A 372 -7.49 -69.76 -18.92
C UNK A 372 -8.14 -68.48 -19.44
N UNK A 373 -9.45 -68.34 -19.22
CA UNK A 373 -10.13 -67.09 -19.57
C UNK A 373 -9.78 -66.00 -18.58
N UNK A 374 -9.63 -66.34 -17.30
CA UNK A 374 -9.16 -65.37 -16.32
C UNK A 374 -7.68 -65.03 -16.54
N UNK A 375 -6.91 -66.01 -17.02
CA UNK A 375 -5.54 -65.74 -17.41
C UNK A 375 -5.49 -64.85 -18.64
N UNK A 376 -6.45 -64.99 -19.55
CA UNK A 376 -6.52 -64.08 -20.68
C UNK A 376 -6.97 -62.70 -20.24
N UNK A 377 -7.77 -62.64 -19.17
CA UNK A 377 -8.11 -61.36 -18.56
C UNK A 377 -6.97 -60.80 -17.74
N UNK A 378 -5.95 -61.62 -17.47
CA UNK A 378 -4.75 -61.17 -16.79
C UNK A 378 -3.83 -60.39 -17.73
N UNK A 379 -4.11 -60.40 -19.03
CA UNK A 379 -3.30 -59.69 -20.01
C UNK A 379 -3.66 -58.20 -20.02
N UNK A 380 -6.33 -53.72 -28.58
CA UNK A 380 -5.42 -54.13 -27.53
C UNK A 380 -6.13 -55.04 -26.58
N UNK A 381 -6.11 -54.66 -25.31
CA UNK A 381 -6.88 -55.41 -24.34
C UNK A 381 -8.38 -55.09 -24.41
N UNK A 382 -8.77 -53.91 -24.96
CA UNK A 382 -10.13 -53.43 -24.69
C UNK A 382 -11.21 -54.23 -25.44
N UNK A 383 -10.98 -54.48 -26.73
CA UNK A 383 -11.97 -55.20 -27.52
C UNK A 383 -12.21 -56.60 -26.99
N UNK A 384 -11.17 -57.23 -26.45
CA UNK A 384 -11.36 -58.51 -25.79
C UNK A 384 -12.28 -58.39 -24.59
N UNK A 385 -12.16 -57.29 -23.85
CA UNK A 385 -13.13 -57.04 -22.80
C UNK A 385 -14.53 -56.85 -23.36
N UNK A 386 -14.64 -56.23 -24.54
CA UNK A 386 -15.95 -56.10 -25.17
C UNK A 386 -16.52 -57.47 -25.54
N UNK A 387 -15.68 -58.36 -26.07
CA UNK A 387 -16.17 -59.68 -26.44
C UNK A 387 -16.55 -60.47 -25.20
N UNK A 388 -15.82 -60.28 -24.10
CA UNK A 388 -16.24 -60.86 -22.84
C UNK A 388 -17.62 -60.34 -22.45
N UNK A 389 -17.85 -59.05 -22.69
CA UNK A 389 -19.19 -58.51 -22.47
C UNK A 389 -20.21 -59.22 -23.34
N UNK A 390 -19.82 -59.54 -24.58
CA UNK A 390 -20.73 -60.27 -25.45
C UNK A 390 -21.02 -61.65 -24.90
N UNK A 391 -19.99 -62.35 -24.39
CA UNK A 391 -20.21 -63.67 -23.84
C UNK A 391 -21.07 -63.60 -22.57
N UNK A 392 -20.94 -62.53 -21.80
CA UNK A 392 -21.88 -62.33 -20.70
C UNK A 392 -23.27 -62.03 -21.23
N UNK A 393 -23.34 -61.44 -22.43
CA UNK A 393 -24.60 -61.24 -23.13
C UNK A 393 -25.10 -62.51 -23.78
N UNK A 394 -24.33 -63.60 -23.71
CA UNK A 394 -24.76 -64.84 -24.34
C UNK A 394 -26.02 -65.38 -23.69
N UNK A 395 -26.12 -65.29 -22.37
CA UNK A 395 -27.31 -65.76 -21.67
C UNK A 395 -27.48 -65.06 -20.32
N UNK A 396 -20.55 -67.38 -12.98
CA UNK A 396 -20.64 -65.93 -13.13
C UNK A 396 -19.41 -65.25 -12.56
N UNK A 397 -18.89 -65.77 -11.45
CA UNK A 397 -17.70 -65.17 -10.85
C UNK A 397 -16.46 -65.36 -11.71
N UNK A 398 -16.51 -66.24 -12.70
CA UNK A 398 -15.38 -66.38 -13.62
C UNK A 398 -15.23 -65.14 -14.50
N UNK A 399 -16.32 -64.70 -15.13
CA UNK A 399 -16.29 -63.48 -15.91
C UNK A 399 -16.42 -62.24 -15.02
N UNK A 400 -16.84 -62.41 -13.77
CA UNK A 400 -16.89 -61.29 -12.85
C UNK A 400 -15.49 -60.94 -12.36
N UNK A 401 -14.79 -61.91 -11.79
CA UNK A 401 -13.42 -61.67 -11.36
C UNK A 401 -12.48 -61.53 -12.55
N UNK A 402 -12.77 -62.21 -13.65
CA UNK A 402 -11.96 -62.04 -14.85
C UNK A 402 -12.19 -60.68 -15.47
N UNK A 403 -13.44 -60.22 -15.46
CA UNK A 403 -13.72 -58.87 -15.93
C UNK A 403 -13.10 -57.83 -15.01
N UNK A 404 -12.99 -58.16 -13.72
CA UNK A 404 -12.36 -57.24 -12.78
C UNK A 404 -10.86 -57.18 -12.99
N UNK A 405 -10.23 -58.32 -13.25
CA UNK A 405 -8.80 -58.34 -13.51
C UNK A 405 -8.44 -57.85 -14.90
N UNK A 406 -9.43 -57.65 -15.76
CA UNK A 406 -9.17 -57.25 -17.15
C UNK A 406 -9.14 -55.74 -17.31
N UNK A 407 -9.15 -54.99 -16.21
CA UNK A 407 -9.11 -53.54 -16.29
C UNK A 407 -7.76 -53.01 -15.86
N UNK A 408 -10.98 -44.67 -15.93
CA UNK A 408 -11.92 -45.75 -16.23
C UNK A 408 -11.66 -46.96 -15.34
N UNK A 409 -10.54 -46.92 -14.62
CA UNK A 409 -10.15 -48.01 -13.72
C UNK A 409 -11.19 -48.21 -12.63
N UNK A 410 -11.72 -47.11 -12.11
CA UNK A 410 -12.78 -47.12 -11.10
C UNK A 410 -14.03 -47.75 -11.67
N UNK A 411 -14.32 -47.46 -12.94
CA UNK A 411 -15.48 -48.03 -13.61
C UNK A 411 -15.32 -49.54 -13.69
N UNK A 412 -14.11 -50.00 -14.00
CA UNK A 412 -13.86 -51.44 -14.05
C UNK A 412 -14.05 -52.03 -12.66
N UNK A 413 -13.54 -51.33 -11.65
CA UNK A 413 -13.65 -51.81 -10.27
C UNK A 413 -15.07 -51.64 -9.68
N UNK A 414 -15.80 -50.58 -10.02
CA UNK A 414 -17.14 -50.55 -9.46
C UNK A 414 -17.75 -51.95 -9.50
N UNK A 415 -17.51 -52.68 -10.58
CA UNK A 415 -17.95 -54.06 -10.63
C UNK A 415 -17.31 -54.87 -9.51
N UNK A 416 -16.04 -54.60 -9.22
CA UNK A 416 -15.39 -55.29 -8.12
C UNK A 416 -16.03 -54.96 -6.79
N UNK A 417 -16.38 -53.68 -6.57
CA UNK A 417 -17.02 -53.30 -5.32
C UNK A 417 -18.41 -53.91 -5.22
N UNK A 418 -19.11 -54.07 -6.34
CA UNK A 418 -20.34 -54.83 -6.31
C UNK A 418 -20.07 -56.29 -6.03
N UNK A 419 -18.88 -56.77 -6.42
CA UNK A 419 -18.41 -58.10 -6.08
C UNK A 419 -17.92 -58.20 -4.65
N UNK A 420 -17.90 -57.07 -3.93
CA UNK A 420 -17.41 -57.10 -2.55
C UNK A 420 -18.30 -57.95 -1.67
N UNK A 421 -19.61 -57.87 -1.86
CA UNK A 421 -20.54 -58.68 -1.08
C UNK A 421 -21.87 -58.86 -1.80
N UNK A 422 -29.10 -60.43 -12.50
CA UNK A 422 -29.78 -59.18 -12.84
C UNK A 422 -28.80 -58.00 -12.94
N UNK A 423 -27.68 -58.08 -12.21
CA UNK A 423 -26.70 -57.00 -12.24
C UNK A 423 -25.97 -56.95 -13.59
N UNK A 424 -25.90 -58.10 -14.23
CA UNK A 424 -25.19 -58.46 -15.46
C UNK A 424 -25.60 -57.60 -16.65
N UNK A 425 -26.91 -57.38 -16.83
CA UNK A 425 -27.39 -56.60 -17.97
C UNK A 425 -26.87 -55.17 -17.92
N UNK A 426 -26.70 -54.63 -16.72
CA UNK A 426 -26.08 -53.31 -16.60
C UNK A 426 -24.65 -53.33 -17.10
N UNK A 427 -23.93 -54.43 -16.84
CA UNK A 427 -22.62 -54.58 -17.44
C UNK A 427 -22.71 -54.66 -18.95
N UNK A 428 -23.76 -55.28 -19.48
CA UNK A 428 -23.95 -55.32 -20.92
C UNK A 428 -24.17 -53.93 -21.47
N UNK A 429 -24.98 -53.12 -20.78
CA UNK A 429 -25.23 -51.77 -21.26
C UNK A 429 -23.98 -50.92 -21.17
N UNK A 430 -23.16 -51.15 -20.15
CA UNK A 430 -21.86 -50.51 -20.11
C UNK A 430 -21.03 -50.91 -21.32
N UNK A 431 -21.13 -52.18 -21.73
CA UNK A 431 -20.47 -52.60 -22.95
C UNK A 431 -21.01 -51.83 -24.15
N UNK A 432 -22.32 -51.56 -24.15
CA UNK A 432 -22.90 -50.77 -25.22
C UNK A 432 -22.34 -49.36 -25.22
N UNK A 433 -22.21 -48.75 -24.04
CA UNK A 433 -21.67 -47.40 -23.97
C UNK A 433 -20.21 -47.38 -24.39
N UNK A 434 -19.46 -48.44 -24.10
CA UNK A 434 -18.11 -48.55 -24.65
C UNK A 434 -18.17 -48.74 -26.17
N UNK A 435 -19.26 -49.33 -26.65
CA UNK A 435 -19.53 -49.45 -28.08
C UNK A 435 -20.04 -48.15 -28.67
N UNK A 436 -20.26 -47.13 -27.83
CA UNK A 436 -20.78 -45.87 -28.35
C UNK A 436 -19.80 -45.21 -29.30
N UNK A 437 -18.51 -45.26 -28.98
CA UNK A 437 -17.49 -44.69 -29.86
C UNK A 437 -16.12 -45.35 -29.63
N UNK A 438 -42.14 -50.79 -16.30
CA UNK A 438 -41.25 -50.66 -15.16
C UNK A 438 -39.79 -50.71 -15.58
N UNK A 439 -39.53 -51.15 -16.80
CA UNK A 439 -38.16 -51.23 -17.30
C UNK A 439 -37.52 -49.85 -17.36
N UNK A 440 -38.29 -48.85 -17.79
CA UNK A 440 -37.78 -47.49 -17.88
C UNK A 440 -37.37 -46.99 -16.50
N UNK A 441 -38.22 -47.27 -15.51
CA UNK A 441 -37.95 -46.87 -14.14
C UNK A 441 -36.71 -47.58 -13.62
N UNK A 442 -36.57 -48.85 -13.97
CA UNK A 442 -35.41 -49.64 -13.56
C UNK A 442 -34.13 -49.06 -14.11
N UNK A 443 -34.16 -48.58 -15.36
CA UNK A 443 -32.97 -47.96 -15.95
C UNK A 443 -32.47 -46.82 -15.07
N UNK A 444 -33.22 -46.56 -14.00
CA UNK A 444 -32.90 -45.54 -13.01
C UNK A 444 -32.33 -46.17 -11.74
N UNK A 445 -32.93 -47.25 -11.27
CA UNK A 445 -32.40 -47.95 -10.10
C UNK A 445 -30.97 -48.38 -10.34
N UNK A 446 -30.69 -48.92 -11.53
CA UNK A 446 -29.33 -49.25 -11.90
C UNK A 446 -28.41 -48.04 -11.78
N UNK A 447 -28.85 -46.89 -12.30
CA UNK A 447 -28.04 -45.69 -12.21
C UNK A 447 -27.72 -45.35 -10.76
N UNK A 448 -28.73 -45.38 -9.89
CA UNK A 448 -28.55 -45.11 -8.47
C UNK A 448 -27.49 -46.01 -7.86
N UNK A 449 -27.63 -47.32 -8.05
CA UNK A 449 -26.67 -48.26 -7.51
C UNK A 449 -25.27 -47.98 -8.02
N UNK A 450 -25.13 -47.82 -9.33
CA UNK A 450 -23.81 -47.61 -9.93
C UNK A 450 -23.15 -46.35 -9.39
N UNK A 451 -23.91 -45.27 -9.30
CA UNK A 451 -23.38 -44.03 -8.74
C UNK A 451 -22.96 -44.23 -7.29
N UNK A 452 -23.80 -44.87 -6.49
CA UNK A 452 -23.47 -45.09 -5.09
C UNK A 452 -22.17 -45.89 -4.96
N UNK A 453 -22.02 -46.93 -5.77
CA UNK A 453 -20.79 -47.72 -5.74
C UNK A 453 -19.58 -46.87 -6.10
N UNK A 454 -19.65 -46.20 -7.26
CA UNK A 454 -18.52 -45.41 -7.74
C UNK A 454 -18.12 -44.33 -6.72
N UNK A 455 -19.10 -43.80 -5.98
CA UNK A 455 -18.80 -42.75 -5.01
C UNK A 455 -17.93 -43.28 -3.89
N UNK A 456 -18.23 -44.48 -3.38
CA UNK A 456 -17.43 -45.08 -2.34
C UNK A 456 -16.07 -45.54 -2.83
N UNK A 457 -15.81 -45.41 -4.12
CA UNK A 457 -14.56 -45.77 -4.78
C UNK A 457 -13.54 -44.66 -4.63
N UNK A 458 -12.49 -44.68 -5.43
CA UNK A 458 -11.42 -43.70 -5.28
C UNK A 458 -11.29 -42.92 -6.58
N UNK A 459 -11.38 -41.60 -6.47
CA UNK A 459 -11.06 -40.69 -7.55
C UNK A 459 -11.09 -39.27 -7.01
N UNK A 460 -10.36 -38.38 -7.68
CA UNK A 460 -10.35 -36.99 -7.25
C UNK A 460 -11.69 -36.33 -7.50
N UNK A 461 -12.28 -36.53 -8.67
CA UNK A 461 -13.61 -36.01 -8.96
C UNK A 461 -14.61 -36.93 -8.29
N UNK A 462 -15.03 -36.56 -7.07
CA UNK A 462 -16.01 -37.38 -6.36
C UNK A 462 -17.46 -37.09 -6.76
N UNK A 463 -17.96 -35.90 -6.42
CA UNK A 463 -19.34 -35.50 -6.70
C UNK A 463 -19.58 -35.47 -8.19
N UNK A 464 -18.81 -34.64 -8.87
CA UNK A 464 -19.04 -34.09 -10.20
C UNK A 464 -19.76 -35.05 -11.15
N UNK A 465 -19.38 -36.33 -11.13
CA UNK A 465 -20.06 -37.36 -11.95
C UNK A 465 -21.57 -37.18 -11.96
N UNK A 466 -22.17 -37.03 -10.78
CA UNK A 466 -23.60 -36.85 -10.68
C UNK A 466 -24.08 -35.61 -11.43
N UNK A 467 -23.36 -34.50 -11.33
CA UNK A 467 -23.70 -33.32 -12.11
C UNK A 467 -23.66 -33.65 -13.60
N UNK A 468 -22.68 -34.43 -14.02
CA UNK A 468 -22.65 -34.92 -15.39
C UNK A 468 -23.90 -35.74 -15.71
N UNK A 469 -24.32 -36.59 -14.79
CA UNK A 469 -25.58 -37.31 -15.02
C UNK A 469 -26.73 -36.34 -15.09
N UNK A 470 -26.65 -35.26 -14.31
CA UNK A 470 -27.65 -34.21 -14.40
C UNK A 470 -27.66 -33.58 -15.79
N UNK A 471 -26.50 -33.53 -16.44
CA UNK A 471 -26.38 -33.05 -17.80
C UNK A 471 -26.92 -34.04 -18.85
N UNK A 472 -27.56 -35.15 -18.46
CA UNK A 472 -28.07 -36.12 -19.42
C UNK A 472 -29.58 -36.09 -19.59
N UNK A 473 -30.33 -35.67 -18.56
CA UNK A 473 -31.78 -35.57 -18.71
C UNK A 473 -32.20 -34.31 -19.46
N UNK A 474 -31.34 -33.29 -19.48
CA UNK A 474 -31.56 -32.22 -20.44
C UNK A 474 -31.41 -32.76 -21.84
N UNK A 475 -30.40 -33.58 -22.07
CA UNK A 475 -30.25 -34.27 -23.35
C UNK A 475 -31.04 -35.58 -23.32
N UNK A 476 -32.34 -35.42 -23.06
CA UNK A 476 -33.24 -36.55 -22.92
C UNK A 476 -34.69 -36.10 -23.01
N MET A 477 -37.34 -38.98 -16.37
CA MET A 477 -37.56 -37.69 -15.74
C MET A 477 -36.32 -37.24 -15.00
N MET A 478 -36.01 -35.95 -15.11
CA MET A 478 -34.78 -35.45 -14.48
C MET A 478 -34.90 -35.38 -12.97
N GLN A 479 -36.12 -35.32 -12.44
CA GLN A 479 -36.29 -35.26 -11.00
C GLN A 479 -35.86 -36.54 -10.30
N CYS A 480 -35.62 -37.62 -11.04
CA CYS A 480 -35.09 -38.84 -10.44
C CYS A 480 -33.56 -38.83 -10.36
N VAL A 481 -32.88 -38.22 -11.33
CA VAL A 481 -31.44 -38.01 -11.19
C VAL A 481 -31.17 -36.95 -10.14
N ILE A 482 -31.92 -35.85 -10.20
CA ILE A 482 -31.75 -34.78 -9.22
C ILE A 482 -32.18 -35.24 -7.85
N ALA A 483 -33.25 -36.02 -7.77
CA ALA A 483 -33.72 -36.48 -6.47
C ALA A 483 -32.79 -37.55 -5.92
N VAL A 484 -32.52 -38.58 -6.71
CA VAL A 484 -31.75 -39.72 -6.21
C VAL A 484 -30.27 -39.38 -6.05
N ALA A 485 -29.76 -38.36 -6.75
CA ALA A 485 -28.39 -37.96 -6.53
C ALA A 485 -28.17 -37.37 -5.15
N ASP A 486 -29.24 -36.97 -4.45
CA ASP A 486 -29.08 -36.46 -3.09
C ASP A 486 -28.54 -37.53 -2.17
N LYS A 487 -28.98 -38.77 -2.33
CA LYS A 487 -28.43 -39.85 -1.53
C LYS A 487 -26.94 -40.00 -1.80
N VAL A 488 -26.53 -39.84 -3.06
CA VAL A 488 -25.11 -39.92 -3.39
C VAL A 488 -24.35 -38.78 -2.75
N PHE A 489 -24.95 -37.59 -2.75
CA PHE A 489 -24.27 -36.44 -2.16
C PHE A 489 -24.13 -36.60 -0.66
N ASP A 490 -25.15 -37.16 -0.01
CA ASP A 490 -25.09 -37.26 1.44
C ASP A 490 -24.22 -38.42 1.88
N ALA A 491 -24.19 -39.51 1.11
CA ALA A 491 -23.18 -40.52 1.34
C ALA A 491 -21.80 -39.94 1.11
N PHE A 492 -21.67 -39.00 0.19
CA PHE A 492 -20.39 -38.33 0.03
C PHE A 492 -20.07 -37.49 1.25
N LEU A 493 -21.07 -36.84 1.84
CA LEU A 493 -20.82 -36.09 3.06
C LEU A 493 -20.35 -37.01 4.16
N ASN A 494 -21.04 -38.13 4.35
CA ASN A 494 -20.67 -39.04 5.41
C ASN A 494 -19.30 -39.66 5.15
N MET A 495 -18.93 -39.80 3.88
CA MET A 495 -17.59 -40.29 3.59
C MET A 495 -16.54 -39.24 3.83
N MET A 496 -16.85 -37.97 3.57
CA MET A 496 -15.88 -36.92 3.82
C MET A 496 -15.68 -36.70 5.31
N ALA A 497 -16.75 -36.80 6.09
CA ALA A 497 -16.65 -36.46 7.50
C ALA A 497 -15.86 -37.49 8.29
N ASP A 498 -15.70 -38.70 7.76
CA ASP A 498 -15.11 -39.79 8.53
C ASP A 498 -13.68 -40.11 8.14
N LYS A 499 -13.13 -39.43 7.14
CA LYS A 499 -11.80 -39.83 6.70
C LYS A 499 -10.73 -39.41 7.69
N ALA A 500 -10.55 -38.11 7.85
CA ALA A 500 -9.46 -37.59 8.67
C ALA A 500 -9.61 -36.07 8.69
N LYS A 501 -8.64 -35.42 9.31
CA LYS A 501 -8.51 -33.97 9.27
C LYS A 501 -7.21 -33.57 8.60
N THR A 502 -6.84 -34.30 7.56
CA THR A 502 -5.60 -34.07 6.86
C THR A 502 -5.70 -32.86 5.95
N LYS A 503 -4.58 -32.51 5.33
CA LYS A 503 -4.53 -31.34 4.47
C LYS A 503 -5.27 -31.59 3.16
N GLU A 504 -4.92 -32.69 2.49
CA GLU A 504 -5.53 -32.97 1.20
C GLU A 504 -7.01 -33.20 1.33
N ASN A 505 -7.47 -33.70 2.47
CA ASN A 505 -8.90 -33.88 2.65
C ASN A 505 -9.59 -32.52 2.74
N GLU A 506 -8.89 -31.50 3.22
CA GLU A 506 -9.44 -30.16 3.17
C GLU A 506 -9.45 -29.62 1.75
N GLU A 507 -8.36 -29.83 1.02
CA GLU A 507 -8.31 -29.31 -0.34
C GLU A 507 -9.36 -29.96 -1.22
N GLU A 508 -9.67 -31.23 -0.96
CA GLU A 508 -10.75 -31.90 -1.66
C GLU A 508 -12.05 -31.14 -1.48
N LEU A 509 -12.38 -30.81 -0.25
CA LEU A 509 -13.59 -30.06 0.02
C LEU A 509 -13.52 -28.66 -0.54
N GLU A 510 -12.31 -28.10 -0.69
CA GLU A 510 -12.22 -26.80 -1.33
C GLU A 510 -12.55 -26.89 -2.81
N ARG A 511 -12.07 -27.94 -3.47
CA ARG A 511 -12.39 -28.10 -4.88
C ARG A 511 -13.86 -28.33 -5.08
N HIS A 512 -14.48 -29.16 -4.23
CA HIS A 512 -15.92 -29.34 -4.37
C HIS A 512 -16.65 -28.04 -4.08
N ALA A 513 -16.14 -27.25 -3.14
CA ALA A 513 -16.68 -25.92 -2.90
C ALA A 513 -16.66 -25.09 -4.17
N GLN A 514 -15.52 -25.06 -4.86
CA GLN A 514 -15.42 -24.30 -6.09
C GLN A 514 -16.38 -24.84 -7.15
N PHE A 515 -16.51 -26.15 -7.21
CA PHE A 515 -17.45 -26.77 -8.13
C PHE A 515 -18.86 -26.25 -7.90
N LEU A 516 -19.28 -26.23 -6.64
CA LEU A 516 -20.61 -25.71 -6.35
C LEU A 516 -20.71 -24.20 -6.55
N LEU A 517 -19.60 -23.48 -6.42
CA LEU A 517 -19.65 -22.05 -6.67
C LEU A 517 -19.88 -21.78 -8.14
N VAL A 518 -19.07 -22.38 -9.00
CA VAL A 518 -19.17 -22.12 -10.43
C VAL A 518 -20.53 -22.53 -11.00
N ASN A 519 -21.02 -23.68 -10.55
CA ASN A 519 -22.32 -24.21 -10.95
C ASN A 519 -23.50 -23.37 -10.46
N PHE A 520 -23.28 -22.70 -9.33
CA PHE A 520 -24.28 -21.86 -8.69
C PHE A 520 -24.68 -20.76 -9.65
N ASN A 521 -23.71 -20.29 -10.42
CA ASN A 521 -23.92 -19.24 -11.42
C ASN A 521 -24.45 -19.79 -12.75
N HIS A 522 -24.56 -21.12 -12.85
CA HIS A 522 -25.04 -21.77 -14.06
C HIS A 522 -26.47 -21.35 -14.37
N ILE A 523 -26.72 -21.17 -15.66
CA ILE A 523 -28.00 -20.73 -16.21
C ILE A 523 -29.23 -21.62 -16.01
N HIS A 524 -29.08 -22.93 -16.12
CA HIS A 524 -30.22 -23.83 -15.93
C HIS A 524 -30.78 -23.67 -14.52
N LYS A 525 -32.10 -23.67 -14.38
CA LYS A 525 -32.68 -23.47 -13.07
C LYS A 525 -32.55 -24.81 -12.37
N ARG A 526 -32.79 -25.86 -13.13
CA ARG A 526 -32.69 -27.22 -12.67
C ARG A 526 -31.27 -27.46 -12.13
N ILE A 527 -30.23 -26.82 -12.67
CA ILE A 527 -28.90 -27.20 -12.17
C ILE A 527 -28.50 -26.35 -10.99
N ARG A 528 -28.61 -25.03 -11.12
CA ARG A 528 -28.10 -24.17 -10.08
C ARG A 528 -28.94 -24.22 -8.82
N ARG A 529 -30.19 -24.68 -8.91
CA ARG A 529 -30.97 -24.81 -7.69
C ARG A 529 -30.39 -25.89 -6.80
N VAL A 530 -30.16 -27.07 -7.36
CA VAL A 530 -29.58 -28.15 -6.58
C VAL A 530 -28.11 -27.93 -6.27
N ALA A 531 -27.39 -27.22 -7.14
CA ALA A 531 -26.05 -26.81 -6.75
C ALA A 531 -26.10 -25.87 -5.56
N ASP A 532 -27.13 -25.04 -5.50
CA ASP A 532 -27.36 -24.21 -4.32
C ASP A 532 -27.61 -25.09 -3.10
N LYS A 533 -28.39 -26.16 -3.26
CA LYS A 533 -28.59 -27.10 -2.17
C LYS A 533 -27.28 -27.68 -1.69
N TYR A 534 -26.48 -28.22 -2.62
CA TYR A 534 -25.23 -28.86 -2.25
C TYR A 534 -24.30 -27.89 -1.56
N LEU A 535 -24.27 -26.64 -2.02
CA LEU A 535 -23.34 -25.69 -1.43
C LEU A 535 -23.77 -25.35 -0.01
N SER A 536 -25.04 -24.96 0.16
CA SER A 536 -25.48 -24.54 1.48
C SER A 536 -25.38 -25.70 2.48
N GLY A 537 -25.77 -26.90 2.06
CA GLY A 537 -25.60 -28.04 2.93
C GLY A 537 -24.14 -28.34 3.21
N LEU A 538 -23.27 -28.08 2.23
CA LEU A 538 -21.85 -28.34 2.42
C LEU A 538 -21.29 -27.46 3.51
N VAL A 539 -21.42 -26.14 3.35
CA VAL A 539 -20.90 -25.24 4.35
C VAL A 539 -21.60 -25.42 5.67
N ASP A 540 -22.86 -25.85 5.66
CA ASP A 540 -23.53 -26.15 6.91
C ASP A 540 -22.92 -27.36 7.59
N LYS A 541 -22.33 -28.27 6.82
CA LYS A 541 -21.67 -29.41 7.46
C LYS A 541 -20.19 -29.17 7.71
N PHE A 542 -19.50 -28.54 6.76
CA PHE A 542 -18.06 -28.30 6.89
C PHE A 542 -17.81 -26.81 6.99
N PRO A 543 -17.75 -26.25 8.20
CA PRO A 543 -17.77 -24.80 8.35
C PRO A 543 -16.50 -24.11 7.89
N HIS A 544 -15.38 -24.80 7.82
CA HIS A 544 -14.15 -24.12 7.44
C HIS A 544 -14.08 -23.83 5.96
N LEU A 545 -15.09 -24.21 5.19
CA LEU A 545 -15.18 -23.80 3.80
C LEU A 545 -15.68 -22.37 3.66
N LEU A 546 -16.07 -21.74 4.76
CA LEU A 546 -16.51 -20.36 4.70
C LEU A 546 -15.32 -19.40 4.59
N TRP A 547 -14.38 -19.51 5.52
CA TRP A 547 -13.22 -18.63 5.55
C TRP A 547 -12.02 -19.25 4.87
N SER A 548 -12.24 -20.20 3.97
CA SER A 548 -11.11 -20.84 3.31
C SER A 548 -10.39 -19.83 2.43
N GLY A 549 -9.12 -20.10 2.18
CA GLY A 549 -8.29 -19.13 1.47
C GLY A 549 -8.68 -18.97 0.02
N THR A 550 -9.08 -20.06 -0.62
CA THR A 550 -9.39 -20.04 -2.04
C THR A 550 -10.86 -19.88 -2.32
N VAL A 551 -11.73 -20.31 -1.41
CA VAL A 551 -13.15 -20.08 -1.62
C VAL A 551 -13.44 -18.60 -1.67
N LEU A 552 -12.83 -17.83 -0.78
CA LEU A 552 -13.08 -16.40 -0.78
C LEU A 552 -12.60 -15.75 -2.06
N LYS A 553 -11.45 -16.18 -2.58
CA LYS A 553 -11.00 -15.65 -3.86
C LYS A 553 -11.92 -16.07 -4.99
N THR A 554 -12.44 -17.28 -4.91
CA THR A 554 -13.27 -17.79 -6.01
C THR A 554 -14.58 -17.04 -6.08
N MET A 555 -15.18 -16.76 -4.92
CA MET A 555 -16.40 -15.97 -4.88
C MET A 555 -16.22 -14.65 -5.60
N LEU A 556 -15.08 -14.03 -5.39
CA LEU A 556 -14.86 -12.69 -5.89
C LEU A 556 -14.42 -12.66 -7.34
N ASP A 557 -13.75 -13.70 -7.79
CA ASP A 557 -13.43 -13.73 -9.21
C ASP A 557 -14.65 -14.09 -10.03
N ILE A 558 -15.44 -15.04 -9.55
CA ILE A 558 -16.70 -15.36 -10.22
C ILE A 558 -17.58 -14.13 -10.27
N LEU A 559 -17.71 -13.43 -9.14
CA LEU A 559 -18.47 -12.19 -9.15
C LEU A 559 -17.86 -11.18 -10.09
N GLN A 560 -16.52 -11.18 -10.21
CA GLN A 560 -15.87 -10.23 -11.09
C GLN A 560 -16.23 -10.47 -12.54
N THR A 561 -16.10 -11.72 -13.00
CA THR A 561 -16.42 -12.02 -14.38
C THR A 561 -17.90 -11.85 -14.65
N LEU A 562 -18.75 -12.20 -13.70
CA LEU A 562 -20.18 -11.95 -13.85
C LEU A 562 -20.44 -10.47 -14.10
N SER A 563 -20.00 -9.61 -13.19
CA SER A 563 -20.28 -8.20 -13.39
C SER A 563 -19.55 -7.63 -14.58
N LEU A 564 -18.52 -8.32 -15.06
CA LEU A 564 -17.85 -7.91 -16.27
C LEU A 564 -18.64 -8.26 -17.52
N SER A 565 -19.50 -9.28 -17.45
CA SER A 565 -20.35 -9.60 -18.59
C SER A 565 -21.45 -8.57 -18.80
N LEU A 566 -21.73 -7.73 -17.81
CA LEU A 566 -22.80 -6.76 -17.97
C LEU A 566 -22.44 -5.72 -19.01
N SER A 567 -21.18 -5.31 -19.04
CA SER A 567 -20.82 -4.17 -19.87
C SER A 567 -20.61 -4.58 -21.33
N ALA A 568 -20.07 -5.77 -21.57
CA ALA A 568 -19.79 -6.19 -22.93
C ALA A 568 -21.07 -6.39 -23.71
N ASP A 569 -20.98 -6.26 -25.02
CA ASP A 569 -22.15 -6.38 -25.88
C ASP A 569 -22.50 -7.84 -26.12
N ILE A 570 -23.79 -8.13 -26.00
CA ILE A 570 -24.27 -9.50 -26.08
C ILE A 570 -24.09 -10.10 -27.46
N HIS A 571 -24.19 -9.28 -28.51
CA HIS A 571 -24.42 -9.87 -29.81
C HIS A 571 -23.16 -10.38 -30.46
N LYS A 572 -22.02 -9.76 -30.20
CA LYS A 572 -20.77 -10.17 -30.83
C LYS A 572 -19.79 -10.79 -29.86
N ASP A 573 -20.25 -11.17 -28.66
CA ASP A 573 -19.37 -11.71 -27.64
C ASP A 573 -19.86 -13.08 -27.19
N GLN A 574 -18.93 -14.04 -27.18
CA GLN A 574 -19.29 -15.35 -26.67
C GLN A 574 -19.52 -15.28 -25.17
N PRO A 575 -20.38 -16.14 -24.64
CA PRO A 575 -20.77 -16.04 -23.23
C PRO A 575 -19.77 -16.64 -22.27
N TYR A 576 -18.80 -17.40 -22.75
CA TYR A 576 -17.97 -18.21 -21.87
C TYR A 576 -16.87 -17.35 -21.28
N TYR A 577 -16.79 -17.34 -19.96
CA TYR A 577 -15.76 -16.58 -19.26
C TYR A 577 -14.90 -17.54 -18.45
N ASP A 578 -13.60 -17.32 -18.48
CA ASP A 578 -12.68 -18.17 -17.74
C ASP A 578 -12.33 -17.53 -16.40
N ILE A 579 -12.44 -18.31 -15.34
CA ILE A 579 -12.10 -17.80 -14.01
C ILE A 579 -10.59 -17.64 -13.90
N PRO A 580 -10.10 -16.58 -13.26
CA PRO A 580 -8.65 -16.35 -13.26
C PRO A 580 -7.85 -17.40 -12.50
N ASP A 581 -8.44 -18.07 -11.53
CA ASP A 581 -7.70 -19.06 -10.75
C ASP A 581 -8.37 -20.42 -10.69
N ALA A 582 -9.63 -20.54 -11.01
CA ALA A 582 -10.22 -21.86 -11.03
C ALA A 582 -10.18 -22.43 -12.44
N PRO A 583 -10.31 -23.74 -12.56
CA PRO A 583 -10.32 -24.33 -13.90
C PRO A 583 -11.56 -23.99 -14.69
N TYR A 584 -12.72 -24.06 -14.05
CA TYR A 584 -13.96 -24.11 -14.80
C TYR A 584 -14.49 -22.74 -15.21
N ARG A 585 -15.29 -22.74 -16.25
CA ARG A 585 -15.74 -21.53 -16.92
C ARG A 585 -17.23 -21.30 -16.75
N ILE A 586 -17.66 -20.09 -17.06
CA ILE A 586 -19.02 -19.63 -16.82
C ILE A 586 -19.70 -19.45 -18.16
N THR A 587 -20.97 -19.85 -18.22
CA THR A 587 -21.83 -19.65 -19.37
C THR A 587 -22.86 -18.59 -18.99
N VAL A 588 -22.59 -17.35 -19.34
CA VAL A 588 -23.46 -16.25 -18.93
C VAL A 588 -24.70 -16.23 -19.80
N PRO A 589 -25.79 -15.67 -19.33
CA PRO A 589 -27.08 -15.88 -19.99
C PRO A 589 -27.31 -14.98 -21.19
N ASP A 590 -28.54 -15.03 -21.69
CA ASP A 590 -28.87 -14.52 -23.01
C ASP A 590 -29.06 -13.00 -23.02
N THR A 591 -29.72 -12.46 -22.00
CA THR A 591 -30.14 -11.07 -22.01
C THR A 591 -29.59 -10.34 -20.81
N TYR A 592 -29.37 -9.04 -20.99
CA TYR A 592 -28.86 -8.20 -19.91
C TYR A 592 -29.73 -8.27 -18.67
N GLU A 593 -31.03 -8.50 -18.84
CA GLU A 593 -31.86 -8.68 -17.67
C GLU A 593 -31.53 -9.98 -16.96
N ALA A 594 -31.05 -10.97 -17.70
CA ALA A 594 -30.69 -12.24 -17.08
C ALA A 594 -29.29 -12.23 -16.50
N ARG A 595 -28.34 -11.56 -17.17
CA ARG A 595 -27.04 -11.33 -16.55
C ARG A 595 -27.20 -10.49 -15.29
N GLU A 596 -27.96 -9.40 -15.38
CA GLU A 596 -28.25 -8.57 -14.23
C GLU A 596 -28.92 -9.37 -13.12
N SER A 597 -29.87 -10.22 -13.49
CA SER A 597 -30.54 -11.03 -12.49
C SER A 597 -29.58 -11.97 -11.79
N ILE A 598 -28.70 -12.60 -12.56
CA ILE A 598 -27.85 -13.63 -11.96
C ILE A 598 -26.71 -13.04 -11.18
N VAL A 599 -26.27 -11.84 -11.53
CA VAL A 599 -25.21 -11.20 -10.76
C VAL A 599 -25.77 -10.57 -9.49
N LYS A 600 -26.96 -9.97 -9.56
CA LYS A 600 -27.58 -9.54 -8.31
C LYS A 600 -27.99 -10.73 -7.48
N ASP A 601 -28.16 -11.90 -8.10
CA ASP A 601 -28.33 -13.13 -7.34
C ASP A 601 -27.02 -13.54 -6.68
N PHE A 602 -25.90 -13.38 -7.37
CA PHE A 602 -24.64 -13.87 -6.84
C PHE A 602 -24.07 -12.96 -5.77
N ALA A 603 -24.37 -11.67 -5.85
CA ALA A 603 -23.95 -10.76 -4.79
C ALA A 603 -24.57 -11.16 -3.46
N ALA A 604 -25.77 -11.73 -3.49
CA ALA A 604 -26.42 -12.12 -2.26
C ALA A 604 -25.69 -13.27 -1.60
N ARG A 605 -25.31 -14.29 -2.37
CA ARG A 605 -24.56 -15.40 -1.77
C ARG A 605 -23.16 -14.96 -1.37
N CYS A 606 -22.52 -14.12 -2.17
CA CYS A 606 -21.16 -13.72 -1.85
C CYS A 606 -21.14 -12.89 -0.58
N GLY A 607 -22.03 -11.91 -0.47
CA GLY A 607 -22.15 -11.18 0.78
C GLY A 607 -22.60 -12.07 1.91
N MET A 608 -23.42 -13.07 1.61
CA MET A 608 -23.85 -14.02 2.63
C MET A 608 -22.64 -14.70 3.27
N ILE A 609 -21.94 -15.51 2.48
CA ILE A 609 -20.86 -16.28 3.08
C ILE A 609 -19.66 -15.42 3.44
N LEU A 610 -19.60 -14.18 2.95
CA LEU A 610 -18.61 -13.27 3.52
C LEU A 610 -19.01 -12.87 4.92
N GLN A 611 -20.29 -12.64 5.15
CA GLN A 611 -20.71 -12.34 6.51
C GLN A 611 -20.55 -13.56 7.40
N GLU A 612 -20.86 -14.74 6.88
CA GLU A 612 -20.70 -15.97 7.64
C GLU A 612 -19.24 -16.18 8.00
N ALA A 613 -18.36 -16.10 7.02
CA ALA A 613 -16.94 -16.22 7.26
C ALA A 613 -16.42 -15.11 8.12
N MET A 614 -17.17 -14.02 8.26
CA MET A 614 -16.77 -12.96 9.15
C MET A 614 -17.14 -13.26 10.59
N LYS A 615 -18.26 -13.95 10.81
CA LYS A 615 -18.77 -14.07 12.17
C LYS A 615 -17.90 -15.00 13.01
N TRP A 616 -17.72 -16.25 12.58
CA TRP A 616 -16.96 -17.19 13.39
C TRP A 616 -15.50 -16.81 13.50
N ALA A 617 -14.95 -16.14 12.50
CA ALA A 617 -13.52 -15.82 12.49
C ALA A 617 -13.33 -14.52 11.76
N PRO A 618 -13.38 -13.39 12.47
CA PRO A 618 -13.16 -12.11 11.79
C PRO A 618 -11.75 -11.94 11.30
N THR A 619 -10.75 -12.25 12.13
CA THR A 619 -9.39 -11.83 11.81
C THR A 619 -8.80 -12.64 10.67
N VAL A 620 -9.13 -13.91 10.56
CA VAL A 620 -8.53 -14.67 9.49
C VAL A 620 -9.25 -14.40 8.18
N THR A 621 -10.54 -14.14 8.25
CA THR A 621 -11.24 -13.75 7.04
C THR A 621 -10.69 -12.42 6.54
N LYS A 622 -10.59 -11.44 7.44
CA LYS A 622 -10.09 -10.13 7.04
C LYS A 622 -8.62 -10.19 6.64
N SER A 623 -7.86 -11.15 7.13
CA SER A 623 -6.53 -11.33 6.60
C SER A 623 -6.58 -11.93 5.22
N HIS A 624 -7.55 -12.81 4.96
CA HIS A 624 -7.65 -13.42 3.65
C HIS A 624 -8.05 -12.39 2.61
N LEU A 625 -9.19 -11.73 2.81
CA LEU A 625 -9.60 -10.67 1.91
C LEU A 625 -8.54 -9.59 1.84
N GLN A 626 -7.98 -9.25 2.98
CA GLN A 626 -6.95 -8.22 3.04
C GLN A 626 -5.73 -8.61 2.22
N GLU A 627 -5.51 -9.91 2.03
CA GLU A 627 -4.55 -10.35 1.04
C GLU A 627 -5.12 -10.27 -0.36
N TYR A 628 -6.44 -10.43 -0.49
CA TYR A 628 -7.04 -10.41 -1.82
C TYR A 628 -6.96 -9.05 -2.45
N LEU A 629 -7.07 -7.99 -1.65
CA LEU A 629 -6.99 -6.65 -2.19
C LEU A 629 -5.59 -6.33 -2.71
N ASN A 630 -4.58 -7.09 -2.31
CA ASN A 630 -3.21 -6.82 -2.70
C ASN A 630 -2.81 -7.53 -3.97
N LYS A 631 -3.77 -8.13 -4.67
CA LYS A 631 -3.47 -8.70 -5.98
C LYS A 631 -3.28 -7.57 -6.98
N HIS A 632 -2.17 -7.60 -7.72
CA HIS A 632 -1.90 -6.54 -8.65
C HIS A 632 -2.60 -6.73 -9.98
N GLN A 633 -3.18 -7.90 -10.19
CA GLN A 633 -4.03 -8.10 -11.35
C GLN A 633 -5.19 -7.11 -11.35
N ASN A 634 -5.66 -6.74 -10.17
CA ASN A 634 -6.92 -6.04 -10.05
C ASN A 634 -6.78 -4.53 -10.05
N TRP A 635 -5.70 -4.02 -9.43
CA TRP A 635 -5.58 -2.57 -9.24
C TRP A 635 -5.58 -1.85 -10.58
N VAL A 636 -4.81 -2.38 -11.53
CA VAL A 636 -4.67 -1.79 -12.85
C VAL A 636 -6.02 -1.57 -13.48
N SER A 637 -6.90 -2.55 -13.38
CA SER A 637 -8.29 -2.38 -13.76
C SER A 637 -9.15 -1.89 -12.61
N GLY A 638 -8.53 -1.55 -11.48
CA GLY A 638 -9.30 -1.18 -10.33
C GLY A 638 -9.88 0.21 -10.39
N LEU A 639 -9.25 1.11 -11.13
CA LEU A 639 -9.80 2.45 -11.26
C LEU A 639 -11.09 2.46 -12.06
N SER A 640 -11.37 1.39 -12.78
CA SER A 640 -12.67 1.11 -13.35
C SER A 640 -13.54 0.51 -12.26
N GLN A 641 -14.68 -0.09 -12.64
CA GLN A 641 -15.60 -0.62 -11.64
C GLN A 641 -14.94 -1.70 -10.80
N HIS A 642 -14.49 -2.77 -11.44
CA HIS A 642 -13.86 -3.92 -10.80
C HIS A 642 -14.65 -4.40 -9.58
N THR A 643 -15.80 -4.98 -9.89
CA THR A 643 -16.82 -5.31 -8.90
C THR A 643 -16.29 -6.17 -7.75
N GLY A 644 -15.23 -6.94 -7.99
CA GLY A 644 -14.84 -7.93 -7.01
C GLY A 644 -14.11 -7.37 -5.83
N LEU A 645 -13.00 -6.70 -6.12
CA LEU A 645 -12.21 -6.03 -5.08
C LEU A 645 -13.08 -5.11 -4.26
N ALA A 646 -13.92 -4.33 -4.93
CA ALA A 646 -14.77 -3.40 -4.21
C ALA A 646 -15.94 -4.11 -3.53
N MET A 647 -16.29 -5.32 -3.97
CA MET A 647 -17.20 -6.14 -3.18
C MET A 647 -16.55 -6.56 -1.88
N ALA A 648 -15.28 -6.95 -1.95
CA ALA A 648 -14.55 -7.28 -0.75
C ALA A 648 -14.52 -6.11 0.21
N THR A 649 -14.12 -4.95 -0.29
CA THR A 649 -13.94 -3.80 0.59
C THR A 649 -15.28 -3.36 1.17
N GLU A 650 -16.33 -3.42 0.35
CA GLU A 650 -17.66 -3.14 0.87
C GLU A 650 -18.00 -4.12 2.00
N SER A 651 -17.79 -5.41 1.78
CA SER A 651 -18.17 -6.38 2.79
C SER A 651 -17.28 -6.33 4.01
N ILE A 652 -16.12 -5.69 3.91
CA ILE A 652 -15.25 -5.57 5.07
C ILE A 652 -15.62 -4.37 5.90
N LEU A 653 -15.76 -3.22 5.26
CA LEU A 653 -16.08 -2.02 6.02
C LEU A 653 -17.56 -1.89 6.31
N HIS A 654 -18.40 -2.71 5.70
CA HIS A 654 -19.83 -2.58 5.95
C HIS A 654 -20.17 -3.08 7.35
N PHE A 655 -19.73 -4.29 7.69
CA PHE A 655 -20.00 -4.87 8.99
C PHE A 655 -18.70 -5.40 9.56
N ALA A 656 -18.51 -5.23 10.86
CA ALA A 656 -17.25 -5.63 11.49
C ALA A 656 -17.43 -5.70 13.00
N GLY A 657 -16.70 -6.63 13.62
CA GLY A 657 -16.58 -6.62 15.05
C GLY A 657 -15.88 -5.39 15.54
N TYR A 658 -16.18 -5.00 16.78
CA TYR A 658 -15.91 -3.63 17.20
C TYR A 658 -14.42 -3.30 17.17
N ASN A 659 -13.69 -3.80 18.14
CA ASN A 659 -12.24 -3.83 18.12
C ASN A 659 -11.74 -4.52 19.38
N LYS A 660 -10.43 -4.52 19.59
CA LYS A 660 -9.92 -5.07 20.83
C LYS A 660 -10.32 -4.21 22.03
N GLN A 661 -10.54 -2.92 21.84
CA GLN A 661 -10.75 -2.03 22.98
C GLN A 661 -12.20 -1.84 23.35
N ASN A 662 -13.13 -2.09 22.43
CA ASN A 662 -14.54 -1.93 22.74
C ASN A 662 -15.33 -3.23 22.67
N THR A 663 -14.66 -4.36 22.47
CA THR A 663 -15.35 -5.64 22.55
C THR A 663 -15.93 -5.84 23.93
N THR A 664 -15.12 -5.61 24.96
CA THR A 664 -15.65 -5.33 26.28
C THR A 664 -16.07 -3.86 26.29
N LEU A 665 -17.31 -3.61 26.68
CA LEU A 665 -17.97 -2.35 26.35
C LEU A 665 -17.22 -1.14 26.90
N GLY A 666 -17.21 -0.07 26.13
CA GLY A 666 -16.74 1.22 26.60
C GLY A 666 -17.90 2.05 27.11
N ALA A 667 -19.07 1.83 26.52
CA ALA A 667 -20.32 2.34 27.03
C ALA A 667 -21.33 1.20 27.03
N THR A 668 -22.28 1.26 27.96
CA THR A 668 -23.29 0.22 28.05
C THR A 668 -24.11 0.18 26.78
N GLN A 669 -24.64 1.33 26.37
CA GLN A 669 -25.44 1.43 25.17
C GLN A 669 -24.61 1.78 23.94
N LEU A 670 -23.54 2.57 24.11
CA LEU A 670 -22.66 2.96 23.02
C LEU A 670 -23.36 3.79 21.96
N SER A 671 -24.54 4.28 22.26
CA SER A 671 -25.28 5.11 21.32
C SER A 671 -24.96 6.58 21.49
N GLU A 672 -24.21 6.95 22.52
CA GLU A 672 -23.83 8.34 22.68
C GLU A 672 -22.68 8.70 21.75
N ARG A 673 -21.54 8.04 21.94
CA ARG A 673 -20.31 8.44 21.29
C ARG A 673 -20.00 7.52 20.12
N PRO A 674 -19.81 8.09 18.94
CA PRO A 674 -19.38 7.15 17.90
C PRO A 674 -17.86 7.25 17.98
N ALA A 675 -17.21 6.24 18.52
CA ALA A 675 -15.75 6.29 18.64
C ALA A 675 -15.22 5.73 17.34
N CYS A 676 -14.81 6.66 16.46
CA CYS A 676 -14.33 6.35 15.14
C CYS A 676 -15.44 5.53 14.51
N VAL A 677 -16.67 5.89 14.84
CA VAL A 677 -17.83 5.15 14.32
C VAL A 677 -17.88 3.70 14.81
N LYS A 678 -17.40 3.57 16.05
CA LYS A 678 -17.35 2.33 16.86
C LYS A 678 -16.74 1.16 16.12
N LYS A 679 -15.73 1.40 15.31
CA LYS A 679 -15.14 0.35 14.49
C LYS A 679 -13.64 0.18 14.65
N ASP A 680 -13.19 -1.00 14.23
CA ASP A 680 -11.80 -1.42 14.27
C ASP A 680 -11.23 -1.21 12.87
N TYR A 681 -11.84 -0.30 12.12
CA TYR A 681 -11.40 -0.05 10.75
C TYR A 681 -9.91 0.27 10.71
N SER A 682 -9.43 1.17 11.57
CA SER A 682 -8.00 1.36 11.58
C SER A 682 -7.15 0.10 11.62
N ASN A 683 -7.69 -0.99 12.14
CA ASN A 683 -6.92 -2.23 12.06
C ASN A 683 -6.79 -2.68 10.62
N PHE A 684 -7.90 -2.64 9.89
CA PHE A 684 -7.91 -3.13 8.52
C PHE A 684 -7.09 -2.23 7.61
N MET A 685 -7.26 -0.92 7.73
CA MET A 685 -6.47 -0.04 6.89
C MET A 685 -5.03 -0.02 7.33
N ALA A 686 -4.80 -0.11 8.64
CA ALA A 686 -3.44 -0.09 9.15
C ALA A 686 -2.66 -1.28 8.62
N SER A 687 -3.15 -2.48 8.91
CA SER A 687 -2.44 -3.67 8.46
C SER A 687 -2.44 -3.77 6.95
N LEU A 688 -3.49 -3.28 6.31
CA LEU A 688 -3.57 -3.37 4.86
C LEU A 688 -2.50 -2.52 4.23
N ASN A 689 -2.40 -1.27 4.66
CA ASN A 689 -1.38 -0.38 4.14
C ASN A 689 0.00 -0.84 4.54
N LEU A 690 0.14 -1.47 5.70
CA LEU A 690 1.44 -2.02 6.06
C LEU A 690 1.85 -3.09 5.07
N ARG A 691 0.93 -4.00 4.77
CA ARG A 691 1.22 -5.07 3.83
C ARG A 691 1.60 -4.52 2.47
N ASN A 692 0.82 -3.55 1.97
CA ASN A 692 1.14 -2.99 0.67
C ASN A 692 2.47 -2.27 0.68
N ARG A 693 2.72 -1.44 1.69
CA ARG A 693 3.93 -0.62 1.68
C ARG A 693 5.17 -1.48 1.84
N TYR A 694 5.18 -2.37 2.82
CA TYR A 694 6.40 -3.11 3.04
C TYR A 694 6.55 -4.25 2.05
N ALA A 695 5.46 -4.71 1.45
CA ALA A 695 5.61 -5.51 0.24
C ALA A 695 6.26 -4.70 -0.86
N GLY A 696 5.94 -3.41 -0.94
CA GLY A 696 6.57 -2.56 -1.94
C GLY A 696 8.04 -2.34 -1.66
N GLU A 697 8.39 -2.07 -0.41
CA GLU A 697 9.78 -1.85 -0.06
C GLU A 697 10.58 -3.13 -0.23
N VAL A 698 10.00 -4.27 0.12
CA VAL A 698 10.72 -5.52 -0.05
C VAL A 698 10.90 -5.82 -1.53
N TYR A 699 9.91 -5.49 -2.35
CA TYR A 699 10.07 -5.67 -3.78
C TYR A 699 11.12 -4.72 -4.33
N GLY A 700 11.15 -3.48 -3.85
CA GLY A 700 12.17 -2.55 -4.28
C GLY A 700 13.56 -2.99 -3.89
N MET A 701 13.70 -3.61 -2.71
CA MET A 701 15.00 -4.16 -2.34
C MET A 701 15.34 -5.39 -3.16
N ILE A 702 14.33 -6.16 -3.58
CA ILE A 702 14.60 -7.30 -4.43
C ILE A 702 15.05 -6.86 -5.82
N ARG A 703 14.75 -5.62 -6.20
CA ARG A 703 15.09 -5.17 -7.55
C ARG A 703 16.59 -5.14 -7.78
N PHE A 704 17.40 -5.05 -6.73
CA PHE A 704 18.84 -4.97 -6.93
C PHE A 704 19.54 -6.22 -6.43
N ASP A 713 22.07 -13.88 1.29
CA ASP A 713 22.11 -12.78 0.34
C ASP A 713 21.44 -11.56 0.93
N LEU A 714 20.12 -11.47 0.74
CA LEU A 714 19.34 -10.38 1.27
C LEU A 714 18.62 -10.75 2.55
N ASN A 715 18.54 -12.04 2.88
CA ASN A 715 17.97 -12.45 4.15
C ASN A 715 18.81 -11.98 5.31
N LYS A 716 20.14 -11.97 5.15
CA LYS A 716 21.00 -11.52 6.23
C LYS A 716 20.78 -10.04 6.52
N MET A 717 20.36 -9.27 5.52
CA MET A 717 20.03 -7.88 5.78
C MET A 717 18.80 -7.76 6.66
N MET A 718 17.79 -8.58 6.40
CA MET A 718 16.59 -8.52 7.23
C MET A 718 16.88 -9.01 8.64
N VAL A 719 17.58 -10.14 8.77
CA VAL A 719 17.86 -10.67 10.10
C VAL A 719 18.76 -9.72 10.88
N GLN A 720 19.75 -9.13 10.22
CA GLN A 720 20.65 -8.24 10.92
C GLN A 720 19.99 -6.91 11.25
N ASP A 721 19.05 -6.46 10.43
CA ASP A 721 18.34 -5.24 10.76
C ASP A 721 17.35 -5.47 11.89
N LEU A 722 16.70 -6.62 11.90
CA LEU A 722 15.87 -6.95 13.05
C LEU A 722 16.71 -7.08 14.31
N HIS A 723 17.90 -7.66 14.19
CA HIS A 723 18.82 -7.69 15.32
C HIS A 723 19.12 -6.27 15.79
N SER A 724 19.41 -5.36 14.87
CA SER A 724 19.77 -4.02 15.29
C SER A 724 18.58 -3.29 15.91
N ALA A 725 17.37 -3.51 15.41
CA ALA A 725 16.24 -2.83 15.99
C ALA A 725 15.87 -3.41 17.34
N LEU A 726 16.10 -4.71 17.54
CA LEU A 726 15.87 -5.28 18.86
C LEU A 726 16.92 -4.80 19.84
N ASP A 727 18.19 -4.81 19.44
CA ASP A 727 19.25 -4.43 20.35
C ASP A 727 19.18 -2.96 20.69
N ARG A 728 18.86 -2.13 19.71
CA ARG A 728 18.64 -0.73 19.98
C ARG A 728 17.30 -0.49 20.65
N SER A 729 16.37 -1.43 20.54
CA SER A 729 15.05 -1.30 21.16
C SER A 729 14.35 -0.05 20.65
N HIS A 730 14.53 0.24 19.37
CA HIS A 730 13.76 1.28 18.71
C HIS A 730 12.49 0.67 18.16
N PRO A 731 11.31 1.06 18.64
CA PRO A 731 10.10 0.36 18.23
C PRO A 731 9.78 0.54 16.76
N GLN A 732 9.95 1.74 16.23
CA GLN A 732 9.59 1.98 14.84
C GLN A 732 10.45 1.13 13.90
N HIS A 733 11.76 1.12 14.12
CA HIS A 733 12.60 0.26 13.31
C HIS A 733 12.31 -1.21 13.54
N TYR A 734 11.84 -1.56 14.73
CA TYR A 734 11.39 -2.93 14.96
C TYR A 734 10.24 -3.27 14.02
N THR A 735 9.22 -2.41 14.01
CA THR A 735 8.06 -2.62 13.15
C THR A 735 8.48 -2.69 11.69
N GLN A 736 9.26 -1.72 11.25
CA GLN A 736 9.68 -1.64 9.86
C GLN A 736 10.48 -2.88 9.47
N ALA A 737 11.44 -3.24 10.30
CA ALA A 737 12.30 -4.36 9.96
C ALA A 737 11.54 -5.67 10.00
N MET A 738 10.54 -5.79 10.87
CA MET A 738 9.84 -7.05 10.94
C MET A 738 8.84 -7.20 9.80
N PHE A 739 8.19 -6.12 9.39
CA PHE A 739 7.34 -6.25 8.21
C PHE A 739 8.17 -6.51 6.98
N LYS A 740 9.35 -5.89 6.87
CA LYS A 740 10.21 -6.25 5.76
C LYS A 740 10.64 -7.70 5.87
N LEU A 741 10.83 -8.20 7.09
CA LEU A 741 11.19 -9.60 7.26
C LEU A 741 10.08 -10.51 6.77
N THR A 742 8.85 -10.18 7.11
CA THR A 742 7.73 -11.05 6.76
C THR A 742 7.46 -10.97 5.27
N ALA A 743 7.56 -9.79 4.70
CA ALA A 743 7.38 -9.65 3.26
C ALA A 743 8.51 -10.33 2.50
N MET A 744 9.69 -10.42 3.09
CA MET A 744 10.71 -11.26 2.48
C MET A 744 10.34 -12.72 2.60
N LEU A 745 9.76 -13.10 3.73
CA LEU A 745 9.36 -14.48 3.92
C LEU A 745 8.27 -14.88 2.93
N ILE A 746 7.40 -13.95 2.58
CA ILE A 746 6.29 -14.28 1.70
C ILE A 746 6.79 -14.58 0.29
N SER A 747 7.36 -13.57 -0.35
CA SER A 747 7.77 -13.68 -1.74
C SER A 747 8.99 -14.59 -1.84
N SER A 748 8.74 -15.89 -1.72
CA SER A 748 9.81 -16.86 -1.76
C SER A 748 9.21 -18.23 -2.09
N LYS A 749 10.08 -19.22 -2.26
CA LYS A 749 9.66 -20.55 -2.63
C LYS A 749 9.27 -21.39 -1.41
N ASP A 750 10.08 -21.34 -0.35
CA ASP A 750 9.92 -22.26 0.77
C ASP A 750 10.15 -21.51 2.06
N CYS A 751 10.37 -22.26 3.14
CA CYS A 751 10.31 -21.71 4.48
C CYS A 751 11.56 -20.89 4.80
N ASP A 752 12.74 -21.46 4.56
CA ASP A 752 13.98 -20.87 5.06
C ASP A 752 13.86 -20.69 6.57
N PRO A 753 13.93 -21.78 7.33
CA PRO A 753 13.54 -21.75 8.75
C PRO A 753 14.35 -20.81 9.61
N GLN A 754 15.42 -20.20 9.10
CA GLN A 754 16.02 -19.12 9.86
C GLN A 754 15.11 -17.90 9.88
N LEU A 755 14.36 -17.70 8.80
CA LEU A 755 13.44 -16.58 8.76
C LEU A 755 12.18 -16.89 9.53
N LEU A 756 11.63 -18.09 9.37
CA LEU A 756 10.45 -18.47 10.14
C LEU A 756 10.77 -18.56 11.61
N HIS A 757 11.80 -19.33 11.95
CA HIS A 757 12.31 -19.42 13.31
C HIS A 757 12.55 -18.04 13.89
N HIS A 758 13.46 -17.29 13.27
CA HIS A 758 13.84 -16.00 13.84
C HIS A 758 12.68 -15.01 13.85
N LEU A 759 11.70 -15.17 12.98
CA LEU A 759 10.53 -14.31 13.03
C LEU A 759 9.66 -14.66 14.22
N CYS A 760 9.53 -15.95 14.52
CA CYS A 760 8.78 -16.34 15.71
C CYS A 760 9.50 -15.93 16.99
N TRP A 761 10.83 -15.99 16.99
CA TRP A 761 11.59 -15.65 18.18
C TRP A 761 11.97 -14.18 18.23
N GLY A 762 11.51 -13.39 17.27
CA GLY A 762 11.70 -11.95 17.30
C GLY A 762 11.11 -11.26 18.51
N PRO A 763 9.79 -11.38 18.71
CA PRO A 763 9.14 -10.58 19.76
C PRO A 763 9.58 -10.91 21.17
N LEU A 764 10.28 -12.02 21.38
CA LEU A 764 10.72 -12.34 22.72
C LEU A 764 11.80 -11.39 23.22
N ARG A 765 12.34 -10.55 22.34
CA ARG A 765 13.33 -9.58 22.76
C ARG A 765 12.78 -8.17 22.87
N MET A 766 11.66 -7.87 22.23
CA MET A 766 10.89 -6.66 22.51
C MET A 766 9.53 -7.13 22.98
N PHE A 767 9.46 -7.50 24.25
CA PHE A 767 8.31 -8.20 24.78
C PHE A 767 7.32 -7.22 25.41
N ASN A 768 6.90 -6.26 24.59
CA ASN A 768 6.02 -5.19 25.01
C ASN A 768 4.65 -5.38 24.39
N GLU A 769 3.78 -4.39 24.59
CA GLU A 769 2.55 -4.36 23.83
C GLU A 769 2.84 -4.13 22.36
N HIS A 770 3.69 -3.16 22.07
CA HIS A 770 3.93 -2.78 20.68
C HIS A 770 4.56 -3.91 19.89
N GLY A 771 5.60 -4.52 20.43
CA GLY A 771 6.26 -5.60 19.72
C GLY A 771 5.36 -6.77 19.46
N MET A 772 4.41 -7.02 20.35
CA MET A 772 3.47 -8.12 20.14
C MET A 772 2.36 -7.74 19.19
N GLU A 773 1.99 -6.46 19.12
CA GLU A 773 1.02 -6.08 18.11
C GLU A 773 1.63 -6.21 16.71
N THR A 774 2.85 -5.72 16.55
CA THR A 774 3.55 -5.96 15.29
C THR A 774 3.70 -7.44 15.03
N ALA A 775 3.94 -8.22 16.08
CA ALA A 775 4.10 -9.65 15.93
C ALA A 775 2.83 -10.29 15.39
N LEU A 776 1.69 -9.92 15.95
CA LEU A 776 0.45 -10.53 15.52
C LEU A 776 0.02 -10.04 14.15
N ALA A 777 0.43 -8.83 13.75
CA ALA A 777 0.18 -8.42 12.39
C ALA A 777 1.00 -9.26 11.41
N CYS A 778 2.31 -9.32 11.61
CA CYS A 778 3.15 -10.08 10.70
C CYS A 778 2.75 -11.55 10.64
N TRP A 779 2.45 -12.16 11.79
CA TRP A 779 2.09 -13.57 11.81
C TRP A 779 0.69 -13.80 11.29
N GLU A 780 -0.16 -12.81 11.40
CA GLU A 780 -1.42 -12.92 10.69
C GLU A 780 -1.17 -12.98 9.19
N TRP A 781 -0.26 -12.13 8.73
CA TRP A 781 -0.06 -11.98 7.30
C TRP A 781 0.64 -13.18 6.70
N LEU A 782 1.64 -13.73 7.37
CA LEU A 782 2.33 -14.86 6.73
C LEU A 782 1.51 -16.13 6.78
N LEU A 783 0.49 -16.22 7.62
CA LEU A 783 -0.45 -17.33 7.48
C LEU A 783 -1.57 -17.00 6.51
N ALA A 784 -1.83 -15.73 6.27
CA ALA A 784 -2.83 -15.40 5.26
C ALA A 784 -2.27 -15.48 3.86
N GLY A 785 -0.97 -15.28 3.72
CA GLY A 785 -0.38 -15.03 2.42
C GLY A 785 0.37 -16.18 1.78
N LYS A 786 1.21 -16.87 2.54
CA LYS A 786 2.04 -17.92 1.96
C LYS A 786 1.41 -19.27 2.21
N ASP A 787 1.47 -20.14 1.22
CA ASP A 787 0.74 -21.39 1.28
C ASP A 787 1.55 -22.47 1.97
N GLY A 788 0.85 -23.33 2.71
CA GLY A 788 1.45 -24.51 3.28
C GLY A 788 2.46 -24.26 4.37
N VAL A 789 2.36 -23.13 5.07
CA VAL A 789 3.31 -22.77 6.11
C VAL A 789 2.67 -22.88 7.48
N GLU A 790 1.45 -23.39 7.57
CA GLU A 790 0.72 -23.41 8.83
C GLU A 790 1.46 -24.22 9.88
N VAL A 791 1.61 -25.52 9.65
CA VAL A 791 2.08 -26.45 10.67
C VAL A 791 3.53 -26.19 11.06
N PRO A 792 4.47 -25.85 10.16
CA PRO A 792 5.80 -25.50 10.67
C PRO A 792 5.77 -24.22 11.45
N PHE A 793 4.90 -23.28 11.09
CA PHE A 793 4.77 -22.07 11.88
C PHE A 793 4.29 -22.39 13.27
N MET A 794 3.26 -23.22 13.39
CA MET A 794 2.72 -23.50 14.71
C MET A 794 3.70 -24.32 15.54
N ARG A 795 4.48 -25.19 14.89
CA ARG A 795 5.51 -25.89 15.64
C ARG A 795 6.54 -24.92 16.17
N GLU A 796 7.06 -24.06 15.31
CA GLU A 796 8.07 -23.09 15.71
C GLU A 796 7.53 -22.18 16.82
N MET A 797 6.35 -21.62 16.60
CA MET A 797 5.78 -20.70 17.55
C MET A 797 5.51 -21.40 18.87
N ALA A 798 5.08 -22.65 18.83
CA ALA A 798 4.94 -23.44 20.06
C ALA A 798 6.28 -23.51 20.78
N GLY A 799 7.37 -23.64 20.03
CA GLY A 799 8.68 -23.54 20.65
C GLY A 799 8.87 -22.21 21.35
N ALA A 800 8.47 -21.12 20.69
CA ALA A 800 8.65 -19.81 21.32
C ALA A 800 7.86 -19.69 22.60
N TRP A 801 6.58 -20.04 22.55
CA TRP A 801 5.73 -19.99 23.74
C TRP A 801 6.33 -20.82 24.86
N HIS A 802 6.78 -22.03 24.55
CA HIS A 802 7.33 -22.87 25.60
C HIS A 802 8.63 -22.33 26.16
N MET A 803 9.39 -21.56 25.39
CA MET A 803 10.54 -20.94 26.01
C MET A 803 10.16 -19.72 26.83
N THR A 804 9.03 -19.10 26.54
CA THR A 804 8.53 -18.08 27.46
C THR A 804 8.03 -18.70 28.74
N VAL A 805 7.54 -19.94 28.68
CA VAL A 805 7.30 -20.70 29.90
C VAL A 805 8.62 -20.98 30.60
N GLU A 806 9.60 -21.45 29.85
CA GLU A 806 10.80 -21.96 30.50
C GLU A 806 11.66 -20.83 31.03
N GLN A 807 11.76 -19.75 30.29
CA GLN A 807 12.55 -18.62 30.73
C GLN A 807 11.78 -17.71 31.66
N LYS A 808 10.49 -17.98 31.83
CA LYS A 808 9.67 -17.35 32.86
C LYS A 808 9.49 -15.85 32.62
N PHE A 809 9.15 -15.51 31.38
CA PHE A 809 8.71 -14.17 31.09
C PHE A 809 7.29 -13.97 31.58
N GLY A 810 7.03 -12.77 32.10
CA GLY A 810 5.67 -12.27 32.23
C GLY A 810 4.73 -13.17 33.01
N LEU A 811 3.82 -13.79 32.26
CA LEU A 811 2.79 -14.65 32.85
C LEU A 811 3.40 -15.75 33.68
N PHE A 812 4.54 -16.28 33.26
CA PHE A 812 5.16 -17.40 33.95
C PHE A 812 6.26 -16.95 34.88
N SER A 813 6.26 -15.67 35.26
CA SER A 813 7.24 -15.21 36.22
C SER A 813 6.91 -15.71 37.61
N ALA A 814 7.92 -15.73 38.47
CA ALA A 814 7.70 -16.10 39.85
C ALA A 814 6.95 -14.99 40.57
N GLU A 815 6.31 -15.35 41.68
CA GLU A 815 5.65 -14.36 42.52
C GLU A 815 6.70 -13.45 43.17
N ILE A 816 6.54 -12.16 42.99
CA ILE A 816 7.39 -11.21 43.69
C ILE A 816 7.01 -11.17 45.15
N LYS A 817 8.00 -11.26 46.03
CA LYS A 817 7.73 -11.16 47.47
C LYS A 817 7.34 -9.73 47.80
N GLU A 818 6.11 -9.53 48.23
CA GLU A 818 5.60 -8.21 48.55
C GLU A 818 5.70 -7.96 50.05
N ALA A 819 6.15 -6.77 50.42
CA ALA A 819 6.36 -6.46 51.82
C ALA A 819 5.04 -6.35 52.55
N ASP A 820 4.97 -6.96 53.72
CA ASP A 820 3.76 -6.88 54.51
C ASP A 820 3.54 -5.46 55.00
N PRO A 821 2.30 -4.97 54.98
CA PRO A 821 2.04 -3.65 55.54
C PRO A 821 2.19 -3.62 57.05
N LEU A 822 2.15 -4.78 57.71
CA LEU A 822 2.21 -4.79 59.16
C LEU A 822 3.63 -4.68 59.71
N ALA A 823 4.64 -5.06 58.93
CA ALA A 823 6.03 -4.86 59.31
C ALA A 823 6.67 -4.16 58.13
N ALA A 824 6.57 -2.83 58.12
CA ALA A 824 7.03 -2.03 57.00
C ALA A 824 8.19 -1.17 57.48
N SER A 825 9.38 -1.47 56.98
CA SER A 825 10.57 -0.72 57.32
C SER A 825 11.05 0.07 56.11
N GLU A 826 12.16 0.78 56.31
CA GLU A 826 12.77 1.50 55.20
C GLU A 826 13.26 0.54 54.13
N ALA A 827 13.67 -0.66 54.53
CA ALA A 827 14.23 -1.60 53.57
C ALA A 827 13.13 -2.20 52.69
N SER A 828 11.95 -2.42 53.26
CA SER A 828 10.82 -3.01 52.54
C SER A 828 9.61 -2.13 52.75
N GLN A 829 9.44 -1.15 51.87
CA GLN A 829 8.22 -0.40 51.94
C GLN A 829 7.16 -1.03 51.05
N PRO A 830 5.92 -1.09 51.51
CA PRO A 830 4.89 -1.82 50.76
C PRO A 830 4.49 -1.06 49.51
N LYS A 831 4.56 -1.74 48.38
CA LYS A 831 4.10 -1.24 47.09
C LYS A 831 3.56 -2.42 46.31
N PRO A 832 2.62 -2.18 45.39
CA PRO A 832 2.06 -3.29 44.62
C PRO A 832 3.03 -3.79 43.56
N CYS A 833 3.16 -5.11 43.48
CA CYS A 833 4.07 -5.76 42.55
C CYS A 833 3.29 -6.67 41.61
N PRO A 834 2.72 -6.15 40.55
CA PRO A 834 2.00 -6.98 39.59
C PRO A 834 2.93 -7.44 38.49
N PRO A 835 2.65 -8.58 37.88
CA PRO A 835 3.40 -8.99 36.70
C PRO A 835 2.95 -8.20 35.48
N GLU A 836 3.76 -8.29 34.42
CA GLU A 836 3.46 -7.68 33.13
C GLU A 836 3.02 -8.78 32.18
N VAL A 837 1.71 -8.94 32.01
CA VAL A 837 1.17 -10.08 31.29
C VAL A 837 0.43 -9.65 30.01
N THR A 838 0.53 -8.38 29.62
CA THR A 838 -0.16 -7.94 28.43
C THR A 838 0.30 -8.66 27.17
N PRO A 839 1.60 -8.77 26.89
CA PRO A 839 2.02 -9.52 25.70
C PRO A 839 1.56 -10.97 25.71
N HIS A 840 1.66 -11.65 26.86
CA HIS A 840 0.97 -12.93 26.94
C HIS A 840 -0.51 -12.75 26.70
N TYR A 841 -1.06 -11.61 27.10
CA TYR A 841 -2.49 -11.42 27.03
C TYR A 841 -2.99 -11.44 25.60
N ILE A 842 -2.32 -10.73 24.71
CA ILE A 842 -2.75 -10.76 23.32
C ILE A 842 -2.22 -11.98 22.59
N TRP A 843 -1.10 -12.54 23.03
CA TRP A 843 -0.71 -13.85 22.53
C TRP A 843 -1.89 -14.80 22.61
N ILE A 844 -2.38 -15.03 23.83
CA ILE A 844 -3.35 -16.09 24.06
C ILE A 844 -4.60 -15.85 23.25
N ASP A 845 -4.95 -14.59 23.01
CA ASP A 845 -5.99 -14.29 22.03
C ASP A 845 -5.62 -14.87 20.67
N PHE A 846 -4.37 -14.67 20.24
CA PHE A 846 -3.95 -15.21 18.96
C PHE A 846 -4.11 -16.72 18.92
N LEU A 847 -3.67 -17.38 19.99
CA LEU A 847 -3.87 -18.82 20.06
C LEU A 847 -5.33 -19.18 19.97
N VAL A 848 -6.20 -18.37 20.58
CA VAL A 848 -7.62 -18.68 20.56
C VAL A 848 -8.15 -18.67 19.14
N GLN A 849 -7.72 -17.69 18.35
CA GLN A 849 -8.14 -17.70 16.96
C GLN A 849 -7.60 -18.93 16.24
N ARG A 850 -6.31 -19.21 16.41
CA ARG A 850 -5.70 -20.27 15.61
C ARG A 850 -6.24 -21.64 15.95
N PHE A 851 -6.60 -21.91 17.21
CA PHE A 851 -7.31 -23.14 17.47
C PHE A 851 -8.74 -23.06 17.01
N GLU A 852 -9.31 -21.86 16.99
CA GLU A 852 -10.66 -21.70 16.48
C GLU A 852 -10.76 -22.08 15.01
N ILE A 853 -9.65 -22.02 14.27
CA ILE A 853 -9.64 -22.58 12.93
C ILE A 853 -8.99 -23.95 12.87
N ALA A 854 -8.19 -24.32 13.86
CA ALA A 854 -7.52 -25.61 13.81
C ALA A 854 -8.43 -26.75 14.19
N LYS A 855 -9.47 -26.49 14.98
CA LYS A 855 -10.39 -27.55 15.35
C LYS A 855 -11.12 -28.10 14.13
N TYR A 856 -11.25 -27.30 13.08
CA TYR A 856 -11.78 -27.77 11.81
C TYR A 856 -10.69 -28.08 10.79
N CYS A 857 -9.58 -27.36 10.85
CA CYS A 857 -8.64 -27.41 9.74
C CYS A 857 -7.82 -28.68 9.74
N SER A 858 -7.06 -28.92 10.80
CA SER A 858 -6.04 -29.95 10.78
C SER A 858 -6.08 -30.77 12.06
N SER A 859 -5.53 -31.98 11.98
CA SER A 859 -5.27 -32.80 13.14
C SER A 859 -3.80 -32.79 13.54
N ASP A 860 -2.92 -32.42 12.62
CA ASP A 860 -1.53 -32.19 12.96
C ASP A 860 -1.39 -30.96 13.84
N GLN A 861 -2.21 -29.94 13.58
CA GLN A 861 -2.12 -28.69 14.29
C GLN A 861 -2.56 -28.83 15.72
N VAL A 862 -3.69 -29.53 15.94
CA VAL A 862 -4.26 -29.64 17.27
C VAL A 862 -3.30 -30.34 18.20
N GLU A 863 -2.55 -31.32 17.70
CA GLU A 863 -1.58 -31.98 18.56
C GLU A 863 -0.48 -31.03 18.99
N ILE A 864 -0.09 -30.12 18.11
CA ILE A 864 0.89 -29.12 18.51
C ILE A 864 0.30 -28.25 19.59
N PHE A 865 -0.99 -27.94 19.51
CA PHE A 865 -1.60 -27.16 20.59
C PHE A 865 -1.61 -27.93 21.89
N SER A 866 -1.99 -29.22 21.86
CA SER A 866 -2.01 -30.00 23.09
C SER A 866 -0.61 -30.11 23.69
N SER A 867 0.43 -30.11 22.84
CA SER A 867 1.78 -30.05 23.39
C SER A 867 2.05 -28.70 24.01
N LEU A 868 1.53 -27.64 23.40
CA LEU A 868 1.79 -26.30 23.92
C LEU A 868 1.17 -26.14 25.30
N LEU A 869 -0.13 -26.36 25.42
CA LEU A 869 -0.78 -26.18 26.71
C LEU A 869 -0.34 -27.24 27.69
N GLN A 870 -0.21 -28.48 27.23
CA GLN A 870 0.11 -29.58 28.11
C GLN A 870 1.55 -29.53 28.60
N ARG A 871 2.43 -28.82 27.89
CA ARG A 871 3.74 -28.52 28.46
C ARG A 871 3.71 -27.28 29.31
N SER A 872 2.81 -26.34 29.01
CA SER A 872 2.71 -25.14 29.83
C SER A 872 2.21 -25.47 31.23
N MET A 873 1.00 -25.99 31.33
CA MET A 873 0.38 -26.23 32.62
C MET A 873 1.15 -27.26 33.41
N SER A 874 0.88 -27.30 34.71
CA SER A 874 1.55 -28.23 35.60
C SER A 874 0.61 -28.73 36.68
N LEU A 875 0.84 -29.97 37.09
CA LEU A 875 0.11 -30.63 38.15
C LEU A 875 0.66 -30.28 39.52
N ASN A 876 1.66 -29.42 39.60
CA ASN A 876 2.31 -29.10 40.86
C ASN A 876 1.36 -28.25 41.68
N ILE A 877 0.56 -28.92 42.51
CA ILE A 877 -0.71 -28.39 42.98
C ILE A 877 -0.57 -27.07 43.71
N GLY A 878 0.59 -26.80 44.29
CA GLY A 878 0.75 -25.52 44.96
C GLY A 878 1.98 -25.51 45.84
N GLY A 879 2.09 -24.41 46.58
CA GLY A 879 3.22 -24.19 47.45
C GLY A 879 4.39 -23.60 46.68
N ALA A 880 4.11 -22.62 45.82
CA ALA A 880 5.13 -21.95 45.04
C ALA A 880 5.83 -22.88 44.05
N LYS A 881 5.18 -24.01 43.73
CA LYS A 881 5.72 -24.94 42.77
C LYS A 881 4.94 -24.96 41.46
N GLY A 882 3.96 -24.08 41.32
CA GLY A 882 3.11 -24.06 40.16
C GLY A 882 3.81 -23.50 38.93
N SER A 883 3.06 -23.47 37.84
CA SER A 883 3.56 -23.03 36.54
C SER A 883 3.29 -21.55 36.31
N MET A 884 2.05 -21.12 36.54
CA MET A 884 1.62 -19.74 36.34
C MET A 884 1.39 -19.08 37.69
N ASN A 885 1.87 -17.86 37.84
CA ASN A 885 1.81 -17.27 39.17
C ASN A 885 0.38 -16.90 39.55
N ARG A 886 0.18 -16.73 40.84
CA ARG A 886 -1.15 -16.62 41.43
C ARG A 886 -1.60 -15.17 41.60
N HIS A 887 -0.88 -14.21 41.05
CA HIS A 887 -1.26 -12.83 41.23
C HIS A 887 -2.54 -12.54 40.45
N VAL A 888 -3.24 -11.49 40.88
CA VAL A 888 -4.54 -11.17 40.31
C VAL A 888 -4.44 -10.35 39.04
N ALA A 889 -3.27 -9.79 38.75
CA ALA A 889 -3.12 -9.10 37.47
C ALA A 889 -2.99 -10.08 36.33
N ALA A 890 -2.60 -11.32 36.62
CA ALA A 890 -2.30 -12.30 35.59
C ALA A 890 -3.46 -13.23 35.32
N ILE A 891 -4.61 -13.02 35.96
CA ILE A 891 -5.74 -13.88 35.72
C ILE A 891 -6.33 -13.67 34.34
N GLY A 892 -6.07 -12.53 33.71
CA GLY A 892 -6.53 -12.25 32.38
C GLY A 892 -6.02 -13.26 31.38
N PRO A 893 -4.70 -13.45 31.34
CA PRO A 893 -4.16 -14.54 30.52
C PRO A 893 -4.54 -15.91 31.06
N ARG A 894 -4.45 -16.08 32.37
CA ARG A 894 -4.45 -17.40 32.99
C ARG A 894 -5.65 -18.25 32.64
N PHE A 895 -6.82 -17.84 33.11
CA PHE A 895 -8.02 -18.64 32.86
C PHE A 895 -8.41 -18.59 31.40
N LYS A 896 -7.88 -17.64 30.65
CA LYS A 896 -8.09 -17.63 29.21
C LYS A 896 -7.39 -18.82 28.58
N LEU A 897 -6.11 -18.98 28.87
CA LEU A 897 -5.35 -20.14 28.40
C LEU A 897 -6.00 -21.43 28.85
N LEU A 898 -6.42 -21.48 30.12
CA LEU A 898 -7.15 -22.64 30.58
C LEU A 898 -8.42 -22.85 29.78
N THR A 899 -9.06 -21.76 29.39
CA THR A 899 -10.25 -21.84 28.57
C THR A 899 -9.94 -22.50 27.24
N LEU A 900 -8.81 -22.12 26.64
CA LEU A 900 -8.34 -22.82 25.46
C LEU A 900 -8.17 -24.30 25.74
N GLY A 901 -7.63 -24.64 26.91
CA GLY A 901 -7.51 -26.04 27.27
C GLY A 901 -8.85 -26.74 27.30
N LEU A 902 -9.86 -26.07 27.86
CA LEU A 902 -11.18 -26.66 27.91
C LEU A 902 -11.70 -26.92 26.51
N SER A 903 -11.56 -25.94 25.62
CA SER A 903 -12.06 -26.12 24.26
C SER A 903 -11.32 -27.23 23.54
N LEU A 904 -10.02 -27.33 23.74
CA LEU A 904 -9.29 -28.46 23.17
C LEU A 904 -9.78 -29.77 23.75
N LEU A 905 -10.36 -29.74 24.94
CA LEU A 905 -10.92 -30.93 25.55
C LEU A 905 -12.38 -31.16 25.19
N HIS A 906 -13.06 -30.18 24.60
CA HIS A 906 -14.46 -30.33 24.22
C HIS A 906 -14.63 -30.73 22.77
N ALA A 907 -13.78 -30.22 21.89
CA ALA A 907 -13.95 -30.43 20.46
C ALA A 907 -13.66 -31.86 20.05
N ASP A 908 -13.27 -32.73 20.97
CA ASP A 908 -13.15 -34.16 20.72
C ASP A 908 -12.19 -34.42 19.56
N VAL A 909 -11.03 -33.77 19.63
CA VAL A 909 -9.98 -33.98 18.65
C VAL A 909 -8.95 -35.00 19.13
N VAL A 910 -8.58 -34.95 20.41
CA VAL A 910 -7.69 -35.96 20.96
C VAL A 910 -8.42 -37.29 21.03
N PRO A 911 -7.92 -38.30 20.36
CA PRO A 911 -8.64 -39.57 20.29
C PRO A 911 -8.76 -40.28 21.62
N ASN A 912 -7.65 -40.50 22.30
CA ASN A 912 -7.71 -41.43 23.42
C ASN A 912 -8.19 -40.75 24.69
N ALA A 913 -8.62 -41.57 25.63
CA ALA A 913 -9.07 -41.07 26.92
C ALA A 913 -7.92 -40.77 27.86
N THR A 914 -6.73 -41.34 27.63
CA THR A 914 -5.62 -41.10 28.53
C THR A 914 -5.12 -39.68 28.42
N ILE A 915 -4.84 -39.23 27.21
CA ILE A 915 -4.34 -37.87 27.06
C ILE A 915 -5.41 -36.88 27.48
N ARG A 916 -6.68 -37.26 27.29
CA ARG A 916 -7.75 -36.45 27.84
C ARG A 916 -7.71 -36.42 29.35
N ASN A 917 -7.31 -37.53 29.98
CA ASN A 917 -7.28 -37.56 31.43
C ASN A 917 -6.10 -36.78 31.97
N VAL A 918 -4.98 -36.82 31.26
CA VAL A 918 -3.79 -36.10 31.69
C VAL A 918 -3.99 -34.61 31.54
N LEU A 919 -4.23 -34.17 30.31
CA LEU A 919 -4.51 -32.77 30.04
C LEU A 919 -5.66 -32.28 30.91
N ARG A 920 -6.65 -33.14 31.09
CA ARG A 920 -7.79 -32.78 31.93
C ARG A 920 -7.33 -32.51 33.37
N GLU A 921 -6.60 -33.45 33.96
CA GLU A 921 -6.16 -33.28 35.34
C GLU A 921 -5.25 -32.08 35.50
N LYS A 922 -4.43 -31.78 34.49
CA LYS A 922 -3.59 -30.60 34.58
C LYS A 922 -4.42 -29.32 34.57
N ILE A 923 -5.44 -29.26 33.72
CA ILE A 923 -6.30 -28.08 33.71
C ILE A 923 -6.98 -27.92 35.06
N TYR A 924 -7.58 -28.99 35.56
CA TYR A 924 -8.27 -28.88 36.83
C TYR A 924 -7.30 -28.64 37.99
N SER A 925 -6.01 -28.86 37.80
CA SER A 925 -5.05 -28.60 38.85
C SER A 925 -4.36 -27.26 38.71
N THR A 926 -4.49 -26.58 37.58
CA THR A 926 -3.85 -25.28 37.49
C THR A 926 -4.66 -24.19 38.16
N ALA A 927 -5.99 -24.26 38.06
CA ALA A 927 -6.81 -23.33 38.84
C ALA A 927 -6.68 -23.62 40.33
N PHE A 928 -6.64 -24.91 40.69
CA PHE A 928 -6.28 -25.28 42.05
C PHE A 928 -4.90 -24.78 42.42
N ASP A 929 -4.02 -24.59 41.43
CA ASP A 929 -2.79 -23.86 41.69
C ASP A 929 -3.08 -22.39 41.97
N TYR A 930 -4.07 -21.83 41.28
CA TYR A 930 -4.34 -20.41 41.43
C TYR A 930 -4.82 -20.08 42.83
N PHE A 931 -5.84 -20.77 43.30
CA PHE A 931 -6.45 -20.36 44.56
C PHE A 931 -5.57 -20.62 45.77
N SER A 932 -4.39 -21.22 45.59
CA SER A 932 -3.50 -21.53 46.69
C SER A 932 -2.91 -20.29 47.37
N CYS A 933 -3.13 -19.11 46.82
CA CYS A 933 -2.47 -17.90 47.25
C CYS A 933 -3.36 -17.12 48.21
N PRO A 934 -2.79 -16.26 49.05
CA PRO A 934 -3.60 -15.29 49.77
C PRO A 934 -4.37 -14.43 48.80
N PRO A 935 -5.68 -14.34 48.96
CA PRO A 935 -6.48 -13.55 48.02
C PRO A 935 -6.16 -12.07 48.17
N LYS A 936 -5.81 -11.43 47.04
CA LYS A 936 -5.44 -10.03 47.04
C LYS A 936 -6.22 -9.30 45.94
N PHE A 937 -5.98 -8.05 45.82
CA PHE A 937 -6.77 -7.21 44.94
C PHE A 937 -5.97 -6.83 43.71
N PRO A 938 -6.68 -6.58 42.60
CA PRO A 938 -6.07 -6.76 41.28
C PRO A 938 -5.05 -5.72 40.88
N THR A 939 -5.03 -4.54 41.49
CA THR A 939 -4.15 -3.42 41.11
C THR A 939 -4.09 -3.24 39.60
N GLN A 940 -5.25 -3.00 39.02
CA GLN A 940 -5.36 -2.82 37.58
C GLN A 940 -6.16 -1.56 37.28
N GLY A 941 -6.11 -1.13 36.03
CA GLY A 941 -7.06 -0.17 35.55
C GLY A 941 -8.43 -0.79 35.42
N GLU A 942 -9.43 0.07 35.26
CA GLU A 942 -10.80 -0.41 35.24
C GLU A 942 -11.12 -1.10 33.92
N LYS A 943 -10.90 -0.41 32.81
CA LYS A 943 -11.27 -0.94 31.51
C LYS A 943 -10.31 -2.00 31.02
N ARG A 944 -9.16 -2.17 31.68
CA ARG A 944 -8.31 -3.32 31.42
C ARG A 944 -8.69 -4.49 32.29
N LEU A 945 -9.46 -4.26 33.34
CA LEU A 945 -9.90 -5.33 34.21
C LEU A 945 -11.26 -5.88 33.81
N ARG A 946 -12.10 -5.06 33.16
CA ARG A 946 -13.36 -5.54 32.61
C ARG A 946 -13.16 -6.77 31.75
N GLU A 947 -12.15 -6.73 30.88
CA GLU A 947 -11.89 -7.87 30.02
C GLU A 947 -11.50 -9.10 30.84
N ASP A 948 -10.76 -8.92 31.92
CA ASP A 948 -10.32 -10.08 32.66
C ASP A 948 -11.49 -10.71 33.38
N ILE A 949 -12.38 -9.90 33.95
CA ILE A 949 -13.56 -10.48 34.57
C ILE A 949 -14.45 -11.13 33.53
N SER A 950 -14.48 -10.58 32.32
CA SER A 950 -15.15 -11.28 31.23
C SER A 950 -14.50 -12.63 30.99
N ILE A 951 -13.19 -12.72 31.13
CA ILE A 951 -12.50 -13.98 30.86
C ILE A 951 -12.80 -14.98 31.95
N MET A 952 -12.83 -14.55 33.20
CA MET A 952 -13.19 -15.48 34.25
C MET A 952 -14.64 -15.89 34.14
N ILE A 953 -15.50 -15.00 33.64
CA ILE A 953 -16.89 -15.40 33.42
C ILE A 953 -16.95 -16.47 32.34
N LYS A 954 -16.21 -16.27 31.25
CA LYS A 954 -16.17 -17.28 30.21
C LYS A 954 -15.58 -18.57 30.71
N PHE A 955 -14.63 -18.50 31.64
CA PHE A 955 -14.02 -19.72 32.13
C PHE A 955 -14.92 -20.44 33.10
N TRP A 956 -15.68 -19.71 33.92
CA TRP A 956 -16.64 -20.40 34.76
C TRP A 956 -17.77 -20.97 33.93
N THR A 957 -18.09 -20.34 32.80
CA THR A 957 -19.12 -20.90 31.94
C THR A 957 -18.62 -22.17 31.27
N ALA A 958 -17.47 -22.08 30.60
CA ALA A 958 -16.91 -23.25 29.92
C ALA A 958 -16.62 -24.37 30.90
N MET A 959 -16.17 -24.03 32.09
CA MET A 959 -16.01 -25.02 33.14
C MET A 959 -17.35 -25.59 33.55
N PHE A 960 -18.37 -24.73 33.57
CA PHE A 960 -19.64 -25.12 34.15
C PHE A 960 -20.42 -26.05 33.25
N SER A 961 -20.29 -25.89 31.94
CA SER A 961 -20.87 -26.85 31.04
C SER A 961 -20.00 -28.09 30.91
N ASP A 962 -18.74 -28.01 31.31
CA ASP A 962 -17.85 -29.18 31.27
C ASP A 962 -18.30 -30.14 32.35
N LYS A 963 -19.33 -30.92 32.04
CA LYS A 963 -19.77 -32.03 32.87
C LYS A 963 -19.75 -33.27 31.98
N LYS A 964 -18.71 -34.07 32.11
CA LYS A 964 -18.58 -35.29 31.33
C LYS A 964 -18.08 -36.45 32.18
N ARG A 1022 -13.87 -49.08 36.88
CA ARG A 1022 -13.00 -48.15 37.59
C ARG A 1022 -13.16 -46.73 37.05
N GLY A 1023 -13.79 -46.62 35.89
CA GLY A 1023 -13.93 -45.31 35.26
C GLY A 1023 -14.88 -44.40 35.99
N SER A 1024 -15.94 -44.96 36.57
CA SER A 1024 -16.86 -44.14 37.35
C SER A 1024 -16.19 -43.59 38.60
N GLN A 1025 -15.15 -44.27 39.10
CA GLN A 1025 -14.37 -43.68 40.17
C GLN A 1025 -13.67 -42.41 39.71
N LEU A 1026 -13.21 -42.39 38.47
CA LEU A 1026 -12.58 -41.19 37.95
C LEU A 1026 -13.59 -40.11 37.65
N HIS A 1027 -14.78 -40.49 37.18
CA HIS A 1027 -15.84 -39.51 37.02
C HIS A 1027 -16.19 -38.87 38.35
N LYS A 1028 -16.25 -39.68 39.40
CA LYS A 1028 -16.34 -39.15 40.75
C LYS A 1028 -15.19 -38.20 41.02
N TYR A 1029 -13.98 -38.62 40.65
CA TYR A 1029 -12.75 -37.95 41.03
C TYR A 1029 -12.69 -36.54 40.44
N TYR A 1030 -12.94 -36.41 39.15
CA TYR A 1030 -12.95 -35.10 38.53
C TYR A 1030 -14.23 -34.33 38.87
N MET A 1031 -15.35 -35.04 39.06
CA MET A 1031 -16.60 -34.33 39.27
C MET A 1031 -16.57 -33.53 40.56
N LYS A 1032 -16.11 -34.14 41.65
CA LYS A 1032 -16.03 -33.42 42.91
C LYS A 1032 -15.15 -32.18 42.77
N ARG A 1033 -13.99 -32.36 42.14
CA ARG A 1033 -13.06 -31.25 41.98
C ARG A 1033 -13.68 -30.12 41.17
N ARG A 1034 -14.48 -30.45 40.15
CA ARG A 1034 -15.11 -29.38 39.39
C ARG A 1034 -16.23 -28.72 40.17
N THR A 1035 -16.87 -29.43 41.09
CA THR A 1035 -17.71 -28.72 42.04
C THR A 1035 -16.89 -27.67 42.77
N LEU A 1036 -15.67 -28.04 43.16
CA LEU A 1036 -14.86 -27.09 43.91
C LEU A 1036 -14.48 -25.89 43.06
N LEU A 1037 -14.11 -26.12 41.79
CA LEU A 1037 -13.77 -24.98 40.93
C LEU A 1037 -14.96 -24.07 40.71
N LEU A 1038 -16.15 -24.64 40.50
CA LEU A 1038 -17.35 -23.81 40.37
C LEU A 1038 -17.54 -22.93 41.58
N SER A 1039 -17.38 -23.50 42.77
CA SER A 1039 -17.55 -22.71 43.98
C SER A 1039 -16.52 -21.60 44.05
N LEU A 1040 -15.24 -21.94 43.90
CA LEU A 1040 -14.18 -20.95 44.06
C LEU A 1040 -14.28 -19.85 43.03
N LEU A 1041 -14.48 -20.23 41.77
CA LEU A 1041 -14.60 -19.23 40.71
C LEU A 1041 -15.81 -18.35 40.91
N ALA A 1042 -16.91 -18.91 41.42
CA ALA A 1042 -18.02 -18.07 41.81
C ALA A 1042 -17.56 -17.03 42.82
N THR A 1043 -16.78 -17.48 43.81
CA THR A 1043 -16.28 -16.56 44.82
C THR A 1043 -15.46 -15.44 44.22
N GLU A 1044 -14.50 -15.77 43.36
CA GLU A 1044 -13.63 -14.72 42.87
C GLU A 1044 -14.31 -13.81 41.86
N ILE A 1045 -15.23 -14.35 41.08
CA ILE A 1045 -16.01 -13.51 40.18
C ILE A 1045 -16.78 -12.47 40.96
N GLU A 1046 -17.50 -12.92 41.99
CA GLU A 1046 -18.26 -11.95 42.77
C GLU A 1046 -17.31 -10.99 43.49
N ARG A 1047 -16.11 -11.46 43.83
CA ARG A 1047 -15.15 -10.62 44.54
C ARG A 1047 -14.70 -9.45 43.66
N LEU A 1048 -14.20 -9.76 42.47
CA LEU A 1048 -13.66 -8.69 41.63
C LEU A 1048 -14.78 -7.84 41.06
N ILE A 1049 -15.91 -8.47 40.70
CA ILE A 1049 -17.04 -7.70 40.23
C ILE A 1049 -17.50 -6.77 41.33
N THR A 1050 -17.32 -7.17 42.57
CA THR A 1050 -17.46 -6.21 43.64
C THR A 1050 -16.37 -5.14 43.56
N TRP A 1051 -15.18 -5.50 43.11
CA TRP A 1051 -14.05 -4.58 43.27
C TRP A 1051 -14.09 -3.35 42.37
N TYR A 1052 -14.29 -3.52 41.06
CA TYR A 1052 -14.37 -2.33 40.16
C TYR A 1052 -15.62 -1.45 40.15
N ASN A 1053 -16.78 -2.00 40.45
CA ASN A 1053 -17.95 -1.15 40.43
C ASN A 1053 -18.57 -1.23 41.79
N PRO A 1054 -17.93 -0.59 42.77
CA PRO A 1054 -18.42 -0.59 44.14
C PRO A 1054 -19.50 0.45 44.38
N LEU A 1055 -19.56 1.51 43.58
CA LEU A 1055 -20.39 2.67 43.92
C LEU A 1055 -21.85 2.26 43.98
N SER A 1056 -22.43 1.94 42.83
CA SER A 1056 -23.78 1.39 42.76
C SER A 1056 -23.69 0.13 41.92
N ALA A 1057 -23.82 -1.02 42.59
CA ALA A 1057 -23.28 -2.27 42.10
C ALA A 1057 -23.88 -2.69 40.75
N PRO A 1058 -25.19 -2.71 40.58
CA PRO A 1058 -25.77 -2.98 39.25
C PRO A 1058 -26.14 -1.76 38.42
N GLU A 1059 -25.79 -0.55 38.86
CA GLU A 1059 -26.34 0.64 38.21
C GLU A 1059 -25.73 0.86 36.83
N LEU A 1060 -24.42 1.00 36.76
CA LEU A 1060 -23.74 1.30 35.52
C LEU A 1060 -22.73 0.20 35.21
N GLU A 1061 -22.24 0.22 33.97
CA GLU A 1061 -21.23 -0.70 33.47
C GLU A 1061 -21.57 -2.15 33.82
N LEU A 1062 -22.80 -2.52 33.46
CA LEU A 1062 -23.25 -3.89 33.63
C LEU A 1062 -22.52 -4.79 32.64
N ASP A 1063 -22.09 -5.94 33.15
CA ASP A 1063 -21.34 -6.96 32.40
C ASP A 1063 -22.16 -8.03 31.69
N GLN A 1064 -21.45 -8.81 30.87
CA GLN A 1064 -22.05 -9.87 30.07
C GLN A 1064 -22.98 -10.72 30.91
N ALA A 1065 -24.08 -11.16 30.31
CA ALA A 1065 -25.01 -12.04 30.99
C ALA A 1065 -24.35 -13.37 31.30
N GLY A 1066 -25.02 -14.16 32.14
CA GLY A 1066 -24.49 -15.41 32.60
C GLY A 1066 -23.93 -15.34 34.00
N GLU A 1067 -23.69 -14.15 34.52
CA GLU A 1067 -23.32 -14.04 35.92
C GLU A 1067 -24.49 -14.41 36.82
N ASN A 1068 -25.70 -14.34 36.30
CA ASN A 1068 -26.84 -14.85 37.03
C ASN A 1068 -26.66 -16.32 37.36
N SER A 1069 -26.08 -17.09 36.44
CA SER A 1069 -25.76 -18.46 36.76
C SER A 1069 -24.72 -18.53 37.86
N VAL A 1070 -23.78 -17.58 37.87
CA VAL A 1070 -22.76 -17.57 38.91
C VAL A 1070 -23.42 -17.37 40.27
N ALA A 1071 -24.31 -16.37 40.38
CA ALA A 1071 -25.06 -16.20 41.62
C ALA A 1071 -25.88 -17.44 41.95
N ASN A 1072 -26.37 -18.13 40.92
CA ASN A 1072 -27.17 -19.32 41.17
C ASN A 1072 -26.35 -20.39 41.85
N TRP A 1073 -25.20 -20.74 41.27
CA TRP A 1073 -24.32 -21.70 41.91
C TRP A 1073 -23.91 -21.22 43.28
N ARG A 1074 -23.66 -19.91 43.42
CA ARG A 1074 -23.25 -19.33 44.68
C ARG A 1074 -24.27 -19.62 45.78
N SER A 1075 -25.53 -19.31 45.52
CA SER A 1075 -26.60 -19.67 46.43
C SER A 1075 -26.65 -21.17 46.64
N LYS A 1076 -26.36 -21.94 45.59
CA LYS A 1076 -26.48 -23.38 45.68
C LYS A 1076 -25.50 -23.97 46.67
N TYR A 1077 -24.29 -23.42 46.78
CA TYR A 1077 -23.38 -23.93 47.80
C TYR A 1077 -23.41 -23.13 49.09
N ILE A 1078 -24.15 -22.02 49.15
CA ILE A 1078 -24.39 -21.40 50.44
C ILE A 1078 -25.35 -22.23 51.27
N SER A 1079 -26.44 -22.68 50.64
CA SER A 1079 -27.61 -23.13 51.39
C SER A 1079 -27.34 -24.40 52.19
N LEU A 1080 -26.34 -25.19 51.82
CA LEU A 1080 -26.12 -26.41 52.57
C LEU A 1080 -25.44 -26.11 53.89
N SER A 1081 -25.66 -27.00 54.85
CA SER A 1081 -25.18 -26.82 56.20
C SER A 1081 -23.83 -27.50 56.38
N GLU A 1082 -23.38 -27.60 57.62
CA GLU A 1082 -22.00 -28.03 57.91
C GLU A 1082 -21.75 -29.45 57.48
N LYS A 1083 -22.78 -30.30 57.45
CA LYS A 1083 -22.60 -31.68 57.02
C LYS A 1083 -22.43 -31.71 55.52
N GLN A 1084 -21.41 -32.44 55.07
CA GLN A 1084 -20.97 -32.41 53.67
C GLN A 1084 -20.63 -30.99 53.23
N TRP A 1085 -20.20 -30.18 54.18
CA TRP A 1085 -19.34 -29.05 53.87
C TRP A 1085 -17.96 -29.24 54.44
N LYS A 1086 -17.84 -30.02 55.52
CA LYS A 1086 -16.53 -30.41 56.04
C LYS A 1086 -15.82 -31.35 55.09
N ASP A 1087 -16.56 -32.12 54.29
CA ASP A 1087 -15.94 -33.01 53.33
C ASP A 1087 -15.43 -32.27 52.11
N ASN A 1088 -15.95 -31.08 51.81
CA ASN A 1088 -15.30 -30.25 50.83
C ASN A 1088 -13.95 -29.78 51.32
N VAL A 1089 -13.84 -29.53 52.62
CA VAL A 1089 -12.53 -29.21 53.17
C VAL A 1089 -11.66 -30.45 53.26
N ASN A 1090 -12.26 -31.63 53.37
CA ASN A 1090 -11.47 -32.85 53.38
C ASN A 1090 -10.89 -33.12 52.00
N LEU A 1091 -11.73 -33.07 50.98
CA LEU A 1091 -11.26 -33.21 49.61
C LEU A 1091 -10.24 -32.12 49.28
N ALA A 1092 -10.58 -30.87 49.61
CA ALA A 1092 -9.65 -29.78 49.37
C ALA A 1092 -8.35 -29.97 50.12
N TRP A 1093 -8.38 -30.67 51.24
CA TRP A 1093 -7.14 -31.06 51.89
C TRP A 1093 -6.39 -32.10 51.07
N SER A 1094 -7.11 -33.10 50.56
CA SER A 1094 -6.46 -34.16 49.82
C SER A 1094 -5.85 -33.65 48.53
N ILE A 1095 -6.46 -32.62 47.93
CA ILE A 1095 -5.89 -32.00 46.75
C ILE A 1095 -4.55 -31.39 47.09
N SER A 1096 -4.52 -30.55 48.11
CA SER A 1096 -3.29 -30.01 48.64
C SER A 1096 -3.62 -29.33 49.94
N PRO A 1097 -2.71 -29.35 50.91
CA PRO A 1097 -2.98 -28.62 52.15
C PRO A 1097 -3.16 -27.14 51.92
N TYR A 1098 -2.40 -26.55 50.99
CA TYR A 1098 -2.40 -25.10 50.82
C TYR A 1098 -3.78 -24.62 50.44
N LEU A 1099 -4.46 -25.33 49.54
CA LEU A 1099 -5.80 -24.91 49.17
C LEU A 1099 -6.75 -25.02 50.35
N ALA A 1100 -6.58 -26.05 51.18
CA ALA A 1100 -7.45 -26.17 52.35
C ALA A 1100 -7.21 -25.03 53.32
N VAL A 1101 -5.96 -24.60 53.47
CA VAL A 1101 -5.66 -23.50 54.38
C VAL A 1101 -6.25 -22.21 53.83
N GLN A 1102 -6.12 -21.98 52.52
CA GLN A 1102 -6.67 -20.77 51.95
C GLN A 1102 -8.18 -20.82 51.93
N LEU A 1103 -8.77 -22.00 52.06
CA LEU A 1103 -10.19 -22.16 51.80
C LEU A 1103 -11.08 -21.26 52.65
N PRO A 1104 -10.83 -21.03 53.95
CA PRO A 1104 -11.72 -20.15 54.71
C PRO A 1104 -11.51 -18.68 54.44
N ALA A 1105 -10.34 -18.29 53.91
CA ALA A 1105 -10.13 -16.88 53.60
C ALA A 1105 -11.17 -16.39 52.64
N ARG A 1106 -11.32 -17.08 51.51
CA ARG A 1106 -12.55 -16.98 50.76
C ARG A 1106 -13.66 -17.52 51.63
N PHE A 1107 -14.49 -16.63 52.16
CA PHE A 1107 -15.21 -16.91 53.39
C PHE A 1107 -16.30 -17.94 53.20
N LYS A 1108 -16.21 -19.01 53.98
CA LYS A 1108 -17.21 -20.07 54.04
C LYS A 1108 -17.82 -20.03 55.43
N ASN A 1109 -19.09 -19.65 55.52
CA ASN A 1109 -19.71 -19.33 56.81
C ASN A 1109 -19.93 -20.61 57.62
N THR A 1110 -18.83 -21.16 58.12
CA THR A 1110 -18.93 -22.32 58.99
C THR A 1110 -17.71 -22.39 59.89
N GLU A 1111 -17.88 -23.06 61.01
CA GLU A 1111 -16.78 -23.48 61.87
C GLU A 1111 -16.13 -24.76 61.39
N ALA A 1112 -16.77 -25.46 60.45
CA ALA A 1112 -16.23 -26.72 59.96
C ALA A 1112 -14.93 -26.52 59.22
N ILE A 1113 -14.69 -25.33 58.68
CA ILE A 1113 -13.37 -25.02 58.17
C ILE A 1113 -12.38 -24.96 59.33
N GLY A 1114 -12.78 -24.40 60.46
CA GLY A 1114 -11.90 -24.39 61.61
C GLY A 1114 -11.78 -25.76 62.23
N ASN A 1115 -12.86 -26.53 62.19
CA ASN A 1115 -12.82 -27.87 62.78
C ASN A 1115 -11.95 -28.80 61.94
N GLU A 1116 -12.02 -28.68 60.62
CA GLU A 1116 -11.33 -29.62 59.76
C GLU A 1116 -9.92 -29.17 59.42
N VAL A 1117 -9.66 -27.86 59.42
CA VAL A 1117 -8.28 -27.42 59.27
C VAL A 1117 -7.56 -27.46 60.59
N THR A 1118 -8.26 -27.12 61.67
CA THR A 1118 -7.69 -27.32 62.98
C THR A 1118 -7.44 -28.79 63.25
N ARG A 1119 -8.34 -29.65 62.78
CA ARG A 1119 -8.23 -31.07 63.05
C ARG A 1119 -7.19 -31.73 62.15
N LEU A 1120 -7.26 -31.44 60.86
CA LEU A 1120 -6.32 -32.07 59.93
C LEU A 1120 -4.93 -31.47 60.04
N VAL A 1121 -4.83 -30.20 60.43
CA VAL A 1121 -3.52 -29.68 60.76
C VAL A 1121 -3.09 -30.22 62.10
N ARG A 1122 -4.05 -30.52 62.98
CA ARG A 1122 -3.69 -31.10 64.27
C ARG A 1122 -3.14 -32.50 64.12
N LEU A 1123 -3.61 -33.24 63.12
CA LEU A 1123 -3.08 -34.59 62.89
C LEU A 1123 -1.67 -34.51 62.34
N ASP A 1124 -1.47 -33.73 61.29
CA ASP A 1124 -0.15 -33.55 60.68
C ASP A 1124 0.09 -32.08 60.39
N PRO A 1125 0.74 -31.35 61.31
CA PRO A 1125 1.06 -29.95 61.04
C PRO A 1125 2.26 -29.77 60.15
N GLY A 1126 3.01 -30.82 59.87
CA GLY A 1126 4.16 -30.67 58.99
C GLY A 1126 3.81 -30.41 57.55
N ALA A 1127 2.56 -30.64 57.17
CA ALA A 1127 2.16 -30.41 55.80
C ALA A 1127 2.19 -28.93 55.43
N VAL A 1128 1.92 -28.06 56.40
CA VAL A 1128 1.79 -26.63 56.13
C VAL A 1128 2.90 -25.89 56.84
N SER A 1129 3.72 -25.18 56.07
CA SER A 1129 4.71 -24.27 56.62
C SER A 1129 4.55 -22.90 55.98
N ASP A 1130 3.31 -22.49 55.71
CA ASP A 1130 3.06 -21.16 55.14
C ASP A 1130 2.79 -20.18 56.27
N VAL A 1131 3.42 -19.03 56.18
CA VAL A 1131 3.37 -17.99 57.21
C VAL A 1131 2.05 -17.33 57.58
N PRO A 1132 1.24 -16.96 56.58
CA PRO A 1132 0.03 -16.20 56.93
C PRO A 1132 -0.97 -16.92 57.81
N GLU A 1133 -1.46 -18.08 57.41
CA GLU A 1133 -2.49 -18.70 58.24
C GLU A 1133 -2.29 -20.12 58.74
N ALA A 1134 -1.11 -20.68 58.55
CA ALA A 1134 -0.94 -22.04 59.02
C ALA A 1134 -1.09 -22.12 60.52
N ILE A 1135 -0.45 -21.21 61.22
CA ILE A 1135 -0.47 -21.22 62.68
C ILE A 1135 -1.82 -20.98 63.35
N LYS A 1136 -2.54 -19.99 62.87
CA LYS A 1136 -3.82 -19.55 63.40
C LYS A 1136 -4.74 -20.72 63.66
N PHE A 1137 -4.70 -21.73 62.79
CA PHE A 1137 -5.53 -22.91 62.93
C PHE A 1137 -4.92 -23.98 63.81
N LEU A 1138 -3.60 -23.99 63.98
CA LEU A 1138 -3.04 -25.02 64.85
C LEU A 1138 -2.90 -24.53 66.28
N VAL A 1139 -2.45 -23.30 66.47
CA VAL A 1139 -2.08 -22.83 67.80
C VAL A 1139 -3.26 -22.28 68.58
N THR A 1140 -4.44 -22.18 67.95
CA THR A 1140 -5.68 -22.20 68.70
C THR A 1140 -6.00 -23.67 68.94
N TRP A 1141 -5.20 -24.30 69.81
CA TRP A 1141 -5.48 -25.69 70.16
C TRP A 1141 -6.87 -25.80 70.77
N HIS A 1142 -7.27 -24.77 71.50
CA HIS A 1142 -8.56 -24.41 72.05
C HIS A 1142 -8.33 -23.04 72.64
N THR A 1143 -9.25 -22.10 72.36
CA THR A 1143 -8.97 -20.69 72.55
C THR A 1143 -8.56 -20.39 73.98
N ILE A 1144 -9.49 -20.55 74.91
CA ILE A 1144 -9.24 -20.28 76.32
C ILE A 1144 -9.36 -21.53 77.16
N ASP A 1145 -9.62 -22.67 76.55
CA ASP A 1145 -9.78 -23.90 77.32
C ASP A 1145 -8.46 -24.35 77.91
N ALA A 1146 -7.35 -24.15 77.19
CA ALA A 1146 -6.02 -24.48 77.66
C ALA A 1146 -5.90 -25.98 77.92
N ASP A 1147 -6.09 -26.76 76.87
CA ASP A 1147 -6.01 -28.20 76.98
C ASP A 1147 -4.95 -28.75 76.03
N ALA A 1148 -4.48 -29.95 76.37
CA ALA A 1148 -3.81 -30.85 75.43
C ALA A 1148 -2.67 -30.18 74.68
N PRO A 1149 -1.54 -29.91 75.35
CA PRO A 1149 -0.37 -29.38 74.66
C PRO A 1149 0.36 -30.41 73.80
N GLU A 1150 -0.26 -31.54 73.51
CA GLU A 1150 0.41 -32.65 72.86
C GLU A 1150 0.73 -32.34 71.40
N LEU A 1151 1.85 -32.90 70.93
CA LEU A 1151 2.23 -32.91 69.52
C LEU A 1151 2.27 -31.52 68.90
N SER A 1152 2.57 -30.51 69.70
CA SER A 1152 2.73 -29.16 69.18
C SER A 1152 4.20 -28.91 68.88
N HIS A 1153 4.50 -28.53 67.64
CA HIS A 1153 5.84 -28.06 67.28
C HIS A 1153 5.61 -26.79 66.47
N VAL A 1154 5.41 -25.68 67.18
CA VAL A 1154 5.24 -24.39 66.55
C VAL A 1154 6.63 -23.77 66.41
N LEU A 1155 7.63 -24.53 66.80
CA LEU A 1155 8.99 -24.04 66.87
C LEU A 1155 9.60 -23.80 65.50
N CYS A 1156 9.03 -24.38 64.46
CA CYS A 1156 9.71 -24.44 63.17
C CYS A 1156 8.97 -23.72 62.06
N TRP A 1157 7.81 -23.13 62.31
CA TRP A 1157 7.08 -22.49 61.22
C TRP A 1157 7.78 -21.22 60.75
N ALA A 1158 7.34 -20.76 59.59
CA ALA A 1158 7.80 -19.47 59.12
C ALA A 1158 7.17 -18.37 59.97
N PRO A 1159 7.89 -17.27 60.18
CA PRO A 1159 7.38 -16.24 61.07
C PRO A 1159 6.22 -15.48 60.45
N THR A 1160 5.36 -14.96 61.32
CA THR A 1160 4.20 -14.17 60.96
C THR A 1160 4.41 -12.72 61.35
N ASP A 1161 3.35 -11.94 61.23
CA ASP A 1161 3.37 -10.54 61.59
C ASP A 1161 3.20 -10.33 63.09
N PRO A 1162 3.76 -9.25 63.61
CA PRO A 1162 3.83 -9.05 65.07
C PRO A 1162 2.47 -8.90 65.72
N PRO A 1163 1.45 -8.32 65.05
CA PRO A 1163 0.11 -8.37 65.65
C PRO A 1163 -0.33 -9.79 65.92
N THR A 1164 -0.02 -10.71 65.00
CA THR A 1164 -0.25 -12.11 65.28
C THR A 1164 0.81 -12.68 66.21
N GLY A 1165 2.03 -12.18 66.12
CA GLY A 1165 3.08 -12.69 66.98
C GLY A 1165 2.93 -12.27 68.42
N LEU A 1166 2.25 -11.17 68.68
CA LEU A 1166 2.04 -10.70 70.03
C LEU A 1166 0.78 -11.24 70.65
N SER A 1167 -0.06 -11.91 69.86
CA SER A 1167 -1.35 -12.38 70.38
C SER A 1167 -1.14 -13.35 71.53
N TYR A 1168 -0.07 -14.12 71.47
CA TYR A 1168 0.22 -15.06 72.54
C TYR A 1168 0.81 -14.39 73.75
N PHE A 1169 1.08 -13.10 73.67
CA PHE A 1169 1.42 -12.28 74.81
C PHE A 1169 0.26 -11.39 75.21
N SER A 1170 -0.89 -11.56 74.56
CA SER A 1170 -2.08 -10.80 74.84
C SER A 1170 -2.93 -11.53 75.87
N SER A 1171 -4.18 -11.11 76.01
CA SER A 1171 -5.06 -11.65 77.04
C SER A 1171 -5.64 -13.01 76.64
N MET A 1172 -6.01 -13.17 75.37
CA MET A 1172 -6.84 -14.29 74.99
C MET A 1172 -6.12 -15.63 75.05
N TYR A 1173 -4.84 -15.63 74.91
CA TYR A 1173 -4.30 -16.98 74.93
C TYR A 1173 -3.75 -17.32 76.31
N PRO A 1174 -3.87 -18.57 76.72
CA PRO A 1174 -3.10 -19.06 77.85
C PRO A 1174 -1.64 -19.10 77.49
N PRO A 1175 -0.76 -18.65 78.37
CA PRO A 1175 0.68 -18.70 78.09
C PRO A 1175 1.18 -20.14 78.05
N HIS A 1176 2.00 -20.43 77.05
CA HIS A 1176 2.55 -21.75 76.79
C HIS A 1176 3.99 -21.53 76.33
N PRO A 1177 4.96 -22.26 76.91
CA PRO A 1177 6.35 -22.03 76.51
C PRO A 1177 6.62 -22.23 75.04
N LEU A 1178 5.99 -23.22 74.41
CA LEU A 1178 6.18 -23.39 72.98
C LEU A 1178 5.67 -22.18 72.22
N THR A 1179 4.44 -21.76 72.51
CA THR A 1179 3.87 -20.62 71.81
C THR A 1179 4.66 -19.36 72.09
N ALA A 1180 5.08 -19.15 73.34
CA ALA A 1180 5.85 -17.97 73.66
C ALA A 1180 7.16 -17.96 72.88
N GLN A 1181 7.81 -19.13 72.79
CA GLN A 1181 9.03 -19.19 72.01
C GLN A 1181 8.76 -18.86 70.55
N TYR A 1182 7.61 -19.25 70.03
CA TYR A 1182 7.30 -18.86 68.66
C TYR A 1182 7.12 -17.35 68.55
N GLY A 1183 6.43 -16.74 69.51
CA GLY A 1183 6.20 -15.32 69.44
C GLY A 1183 7.49 -14.54 69.49
N VAL A 1184 8.41 -14.95 70.36
CA VAL A 1184 9.69 -14.25 70.45
C VAL A 1184 10.54 -14.52 69.23
N LYS A 1185 10.39 -15.69 68.62
CA LYS A 1185 11.05 -15.90 67.33
C LYS A 1185 10.50 -14.91 66.31
N VAL A 1186 9.19 -14.69 66.34
CA VAL A 1186 8.57 -13.73 65.43
C VAL A 1186 9.15 -12.35 65.64
N LEU A 1187 9.19 -11.90 66.89
CA LEU A 1187 9.68 -10.57 67.17
C LEU A 1187 11.17 -10.45 66.92
N ARG A 1188 11.90 -11.56 67.00
CA ARG A 1188 13.30 -11.55 66.66
C ARG A 1188 13.53 -11.57 65.16
N SER A 1189 12.51 -11.94 64.40
CA SER A 1189 12.69 -12.06 62.96
C SER A 1189 12.79 -10.70 62.28
N PHE A 1190 12.25 -9.67 62.88
CA PHE A 1190 12.03 -8.45 62.11
C PHE A 1190 13.05 -7.38 62.45
N PRO A 1191 13.27 -6.46 61.53
CA PRO A 1191 14.25 -5.40 61.75
C PRO A 1191 13.77 -4.40 62.77
N PRO A 1192 14.69 -3.59 63.29
CA PRO A 1192 14.35 -2.69 64.41
C PRO A 1192 13.40 -1.57 64.04
N ASP A 1193 13.11 -1.35 62.76
CA ASP A 1193 12.07 -0.39 62.46
C ASP A 1193 10.70 -1.02 62.67
N ALA A 1194 10.50 -2.23 62.15
CA ALA A 1194 9.25 -2.93 62.38
C ALA A 1194 9.01 -3.14 63.86
N ILE A 1195 10.07 -3.50 64.61
CA ILE A 1195 9.95 -3.55 66.05
C ILE A 1195 9.65 -2.16 66.59
N LEU A 1196 10.27 -1.14 65.99
CA LEU A 1196 10.13 0.22 66.48
C LEU A 1196 8.69 0.70 66.39
N PHE A 1197 7.92 0.15 65.47
CA PHE A 1197 6.56 0.61 65.29
C PHE A 1197 5.61 0.09 66.37
N TYR A 1198 5.99 -0.98 67.08
CA TYR A 1198 5.07 -1.64 67.99
C TYR A 1198 5.50 -1.54 69.45
N ILE A 1199 6.43 -0.64 69.77
CA ILE A 1199 6.88 -0.48 71.14
C ILE A 1199 5.73 -0.19 72.10
N PRO A 1200 4.69 0.55 71.70
CA PRO A 1200 3.52 0.68 72.59
C PRO A 1200 2.82 -0.62 72.91
N GLN A 1201 3.08 -1.70 72.19
CA GLN A 1201 2.44 -2.97 72.47
C GLN A 1201 3.46 -4.04 72.79
N ILE A 1202 4.51 -3.68 73.50
CA ILE A 1202 5.43 -4.71 73.94
C ILE A 1202 5.51 -4.67 75.45
N VAL A 1203 5.28 -3.48 76.02
CA VAL A 1203 5.20 -3.38 77.47
C VAL A 1203 3.94 -4.04 77.99
N GLN A 1204 2.86 -4.02 77.22
CA GLN A 1204 1.69 -4.81 77.57
C GLN A 1204 1.96 -6.28 77.40
N ALA A 1205 2.87 -6.64 76.49
CA ALA A 1205 3.35 -8.01 76.45
C ALA A 1205 4.06 -8.36 77.75
N LEU A 1206 4.76 -7.40 78.35
CA LEU A 1206 5.23 -7.60 79.70
C LEU A 1206 4.05 -7.76 80.65
N ARG A 1207 2.97 -7.05 80.38
CA ARG A 1207 1.84 -7.07 81.30
C ARG A 1207 1.20 -8.44 81.39
N TYR A 1208 1.24 -9.22 80.32
CA TYR A 1208 0.64 -10.54 80.31
C TYR A 1208 1.66 -11.66 80.30
N ASP A 1209 2.91 -11.37 80.60
CA ASP A 1209 3.94 -12.39 80.57
C ASP A 1209 4.10 -13.00 81.96
N LYS A 1210 3.99 -14.32 82.03
CA LYS A 1210 4.33 -15.01 83.27
C LYS A 1210 5.79 -15.40 83.31
N MET A 1211 6.28 -16.06 82.25
CA MET A 1211 7.67 -16.46 82.18
C MET A 1211 8.50 -15.22 81.85
N GLY A 1212 9.77 -15.40 81.57
CA GLY A 1212 10.60 -14.25 81.32
C GLY A 1212 10.96 -14.08 79.86
N TYR A 1213 10.09 -14.53 78.96
CA TYR A 1213 10.41 -14.42 77.54
C TYR A 1213 10.41 -12.97 77.09
N VAL A 1214 9.35 -12.23 77.42
CA VAL A 1214 9.23 -10.87 76.91
C VAL A 1214 10.30 -9.98 77.54
N ARG A 1215 10.52 -10.15 78.83
CA ARG A 1215 11.54 -9.36 79.51
C ARG A 1215 12.92 -9.62 78.91
N GLU A 1216 13.25 -10.89 78.70
CA GLU A 1216 14.52 -11.21 78.06
C GLU A 1216 14.58 -10.64 76.66
N TYR A 1217 13.45 -10.60 75.95
CA TYR A 1217 13.45 -10.04 74.61
C TYR A 1217 13.72 -8.55 74.65
N ILE A 1218 13.12 -7.84 75.59
CA ILE A 1218 13.32 -6.40 75.62
C ILE A 1218 14.74 -6.08 76.03
N LEU A 1219 15.33 -6.89 76.90
CA LEU A 1219 16.74 -6.71 77.17
C LEU A 1219 17.57 -6.99 75.93
N TRP A 1220 17.15 -7.96 75.12
CA TRP A 1220 17.90 -8.30 73.93
C TRP A 1220 17.85 -7.17 72.92
N ALA A 1221 16.64 -6.78 72.50
CA ALA A 1221 16.50 -5.71 71.53
C ALA A 1221 17.06 -4.39 72.06
N ALA A 1222 16.95 -4.16 73.36
CA ALA A 1222 17.62 -3.01 73.94
C ALA A 1222 19.12 -3.12 73.76
N SER A 1223 19.66 -4.32 73.89
CA SER A 1223 21.09 -4.51 73.67
C SER A 1223 21.46 -4.30 72.22
N LYS A 1224 20.54 -4.57 71.31
CA LYS A 1224 20.88 -4.53 69.89
C LYS A 1224 21.00 -3.10 69.39
N SER A 1225 19.95 -2.31 69.53
CA SER A 1225 19.93 -0.94 69.03
C SER A 1225 19.67 0.04 70.16
N GLN A 1226 20.40 1.15 70.14
CA GLN A 1226 20.26 2.15 71.20
C GLN A 1226 18.97 2.94 71.03
N LEU A 1227 18.72 3.45 69.83
CA LEU A 1227 17.54 4.27 69.60
C LEU A 1227 16.27 3.49 69.90
N LEU A 1228 16.27 2.21 69.54
CA LEU A 1228 15.19 1.32 69.91
C LEU A 1228 14.97 1.35 71.41
N ALA A 1229 16.05 1.17 72.17
CA ALA A 1229 15.94 1.14 73.63
C ALA A 1229 15.45 2.46 74.18
N HIS A 1230 15.79 3.56 73.52
CA HIS A 1230 15.35 4.86 74.02
C HIS A 1230 13.87 5.03 73.80
N GLN A 1231 13.37 4.58 72.65
CA GLN A 1231 11.92 4.56 72.48
C GLN A 1231 11.27 3.71 73.56
N PHE A 1232 11.87 2.56 73.86
CA PHE A 1232 11.38 1.71 74.96
C PHE A 1232 11.29 2.52 76.25
N ILE A 1233 12.38 3.13 76.67
CA ILE A 1233 12.43 3.83 77.95
C ILE A 1233 11.44 4.98 77.97
N TRP A 1234 11.19 5.58 76.81
CA TRP A 1234 10.11 6.56 76.72
C TRP A 1234 8.79 5.93 77.09
N ASN A 1235 8.43 4.82 76.42
CA ASN A 1235 7.14 4.21 76.72
C ASN A 1235 7.10 3.71 78.15
N MET A 1236 8.22 3.20 78.64
CA MET A 1236 8.32 2.73 80.01
C MET A 1236 7.96 3.86 80.97
N LYS A 1237 8.78 4.92 80.95
CA LYS A 1237 8.58 6.05 81.84
C LYS A 1237 7.18 6.61 81.71
N THR A 1238 6.63 6.59 80.50
CA THR A 1238 5.23 7.02 80.35
C THR A 1238 4.28 6.04 81.01
N ASN A 1239 4.69 4.78 81.17
CA ASN A 1239 3.74 3.76 81.59
C ASN A 1239 3.96 3.26 83.01
N ILE A 1240 4.94 3.79 83.74
CA ILE A 1240 5.01 3.47 85.17
C ILE A 1240 3.82 4.08 85.90
N TYR A 1241 3.57 5.36 85.62
CA TYR A 1241 2.46 6.09 86.23
C TYR A 1241 1.23 6.18 85.35
N LEU A 1242 0.09 5.73 85.87
CA LEU A 1242 -1.15 5.80 85.09
C LEU A 1242 -1.54 7.19 84.54
N ASP A 1243 -1.85 8.12 85.46
CA ASP A 1243 -2.25 9.47 85.08
C ASP A 1243 -1.37 10.54 85.72
N GLU A 1244 -0.96 11.50 84.90
CA GLU A 1244 -0.07 12.59 85.31
C GLU A 1244 1.18 12.00 85.93
N GLU A 1245 1.56 12.51 87.10
CA GLU A 1245 2.74 11.97 87.76
C GLU A 1245 2.55 11.62 89.24
N GLY A 1246 3.03 10.43 89.59
CA GLY A 1246 3.00 9.97 90.97
C GLY A 1246 1.63 9.84 91.62
N HIS A 1247 0.60 10.29 90.92
CA HIS A 1247 -0.77 10.22 91.39
C HIS A 1247 -1.19 8.78 91.49
N GLN A 1248 -0.74 7.99 90.52
CA GLN A 1248 -1.14 6.59 90.45
C GLN A 1248 -0.04 5.82 89.77
N LYS A 1249 0.65 4.99 90.54
CA LYS A 1249 1.68 4.11 90.00
C LYS A 1249 1.06 2.77 89.67
N ASP A 1250 1.52 2.19 88.57
CA ASP A 1250 0.94 0.92 88.13
C ASP A 1250 1.32 -0.17 89.11
N PRO A 1251 0.35 -0.79 89.80
CA PRO A 1251 0.69 -1.90 90.69
C PRO A 1251 1.01 -3.17 89.95
N ASP A 1252 0.68 -3.26 88.66
CA ASP A 1252 0.81 -4.53 87.96
C ASP A 1252 2.25 -4.80 87.56
N ILE A 1253 2.88 -3.85 86.88
CA ILE A 1253 4.22 -4.08 86.35
C ILE A 1253 5.13 -2.92 86.71
N GLY A 1254 4.71 -2.12 87.69
CA GLY A 1254 5.47 -0.93 88.04
C GLY A 1254 6.89 -1.25 88.48
N ASP A 1255 7.05 -2.29 89.30
CA ASP A 1255 8.39 -2.71 89.68
C ASP A 1255 9.08 -3.42 88.52
N LEU A 1256 8.33 -4.13 87.69
CA LEU A 1256 8.92 -4.71 86.50
C LEU A 1256 9.38 -3.62 85.55
N LEU A 1257 8.55 -2.60 85.35
CA LEU A 1257 8.90 -1.53 84.45
C LEU A 1257 10.07 -0.72 84.98
N ASP A 1258 9.97 -0.31 86.24
CA ASP A 1258 11.00 0.53 86.83
C ASP A 1258 12.32 -0.22 86.92
N GLN A 1259 12.27 -1.44 87.45
CA GLN A 1259 13.46 -2.27 87.51
C GLN A 1259 14.00 -2.54 86.12
N LEU A 1260 13.13 -2.63 85.14
CA LEU A 1260 13.58 -2.84 83.77
C LEU A 1260 14.29 -1.59 83.24
N VAL A 1261 13.77 -0.41 83.57
CA VAL A 1261 14.42 0.82 83.16
C VAL A 1261 15.78 0.92 83.80
N GLU A 1262 15.89 0.55 85.06
CA GLU A 1262 17.19 0.57 85.71
C GLU A 1262 18.10 -0.51 85.15
N GLU A 1263 17.52 -1.57 84.58
CA GLU A 1263 18.35 -2.61 84.00
C GLU A 1263 18.89 -2.20 82.64
N ILE A 1264 18.05 -1.61 81.80
CA ILE A 1264 18.51 -1.09 80.52
C ILE A 1264 19.49 0.04 80.75
N THR A 1265 19.20 0.88 81.73
CA THR A 1265 20.12 1.95 82.10
C THR A 1265 21.45 1.38 82.52
N GLY A 1266 21.44 0.35 83.36
CA GLY A 1266 22.67 -0.28 83.77
C GLY A 1266 23.39 -0.95 82.61
N SER A 1267 22.64 -1.42 81.62
CA SER A 1267 23.23 -2.09 80.48
C SER A 1267 23.89 -1.10 79.53
N LEU A 1268 23.22 0.02 79.26
CA LEU A 1268 23.77 1.01 78.34
C LEU A 1268 24.91 1.74 79.03
N SER A 1269 26.03 1.86 78.33
CA SER A 1269 27.20 2.50 78.90
C SER A 1269 27.96 3.25 77.81
N GLY A 1270 28.87 4.10 78.26
CA GLY A 1270 29.69 4.87 77.35
C GLY A 1270 28.88 5.91 76.62
N PRO A 1271 29.03 5.95 75.29
CA PRO A 1271 28.28 6.95 74.51
C PRO A 1271 26.79 6.79 74.59
N ALA A 1272 26.30 5.56 74.74
CA ALA A 1272 24.87 5.38 74.96
C ALA A 1272 24.43 6.08 76.23
N LYS A 1273 25.16 5.84 77.32
CA LYS A 1273 24.73 6.23 78.65
C LYS A 1273 24.49 7.73 78.73
N ASP A 1274 25.46 8.53 78.30
CA ASP A 1274 25.24 9.97 78.25
C ASP A 1274 24.43 10.39 77.03
N PHE A 1275 24.36 9.54 76.02
CA PHE A 1275 23.59 9.87 74.82
C PHE A 1275 22.14 10.11 75.19
N TYR A 1276 21.49 9.12 75.81
CA TYR A 1276 20.13 9.39 76.23
C TYR A 1276 20.08 10.24 77.50
N GLN A 1277 21.20 10.51 78.14
CA GLN A 1277 21.19 11.45 79.25
C GLN A 1277 20.98 12.87 78.76
N ARG A 1278 21.85 13.32 77.86
CA ARG A 1278 21.69 14.63 77.24
C ARG A 1278 20.42 14.69 76.40
N GLU A 1279 20.01 13.56 75.82
CA GLU A 1279 18.79 13.54 75.05
C GLU A 1279 17.58 13.77 75.95
N PHE A 1280 17.40 12.89 76.94
CA PHE A 1280 16.19 12.93 77.75
C PHE A 1280 16.16 14.19 78.62
N ASP A 1281 17.34 14.67 79.02
CA ASP A 1281 17.40 15.91 79.80
C ASP A 1281 17.20 17.13 78.92
N PHE A 1282 17.68 17.06 77.69
CA PHE A 1282 17.49 18.18 76.77
C PHE A 1282 16.00 18.38 76.48
N PHE A 1283 15.35 17.34 75.98
CA PHE A 1283 13.93 17.47 75.69
C PHE A 1283 13.07 17.41 76.92
N ASN A 1284 13.63 17.00 78.05
CA ASN A 1284 12.91 17.11 79.31
C ASN A 1284 12.90 18.55 79.77
N LYS A 1285 13.98 19.28 79.50
CA LYS A 1285 14.00 20.70 79.79
C LYS A 1285 13.11 21.46 78.82
N ILE A 1286 13.09 21.04 77.56
CA ILE A 1286 12.16 21.64 76.60
C ILE A 1286 10.72 21.40 77.07
N THR A 1287 10.43 20.18 77.48
CA THR A 1287 9.12 19.88 78.03
C THR A 1287 8.86 20.68 79.29
N ASN A 1288 9.90 21.01 80.05
CA ASN A 1288 9.73 21.87 81.21
C ASN A 1288 9.36 23.27 80.77
N VAL A 1289 9.95 23.74 79.67
CA VAL A 1289 9.61 25.04 79.13
C VAL A 1289 8.14 25.07 78.74
N SER A 1290 7.65 23.98 78.15
CA SER A 1290 6.21 23.91 77.91
C SER A 1290 5.43 23.74 79.19
N ALA A 1291 6.08 23.31 80.28
CA ALA A 1291 5.37 23.04 81.51
C ALA A 1291 5.13 24.30 82.33
N ILE A 1292 6.06 25.25 82.27
CA ILE A 1292 5.98 26.45 83.11
C ILE A 1292 4.97 27.47 82.59
N ILE A 1293 4.49 27.30 81.36
CA ILE A 1293 3.63 28.31 80.74
C ILE A 1293 2.20 27.97 81.14
N LYS A 1294 1.79 28.48 82.30
CA LYS A 1294 0.38 28.51 82.66
C LYS A 1294 -0.05 29.84 83.27
N PRO A 1295 0.30 31.00 82.64
CA PRO A 1295 -0.54 32.18 82.82
C PRO A 1295 -1.49 32.34 81.64
N TYR A 1296 -2.17 33.48 81.58
CA TYR A 1296 -3.04 33.78 80.46
C TYR A 1296 -2.26 33.82 79.15
N PRO A 1297 -2.92 33.53 78.02
CA PRO A 1297 -2.18 33.31 76.78
C PRO A 1297 -1.60 34.57 76.17
N LYS A 1298 -2.25 35.71 76.36
CA LYS A 1298 -1.80 36.92 75.68
C LYS A 1298 -0.42 37.36 76.16
N GLY A 1299 -0.09 37.09 77.41
CA GLY A 1299 1.16 37.52 77.99
C GLY A 1299 2.18 36.39 78.01
N ASP A 1300 1.95 35.36 77.20
CA ASP A 1300 2.91 34.29 77.07
C ASP A 1300 4.09 34.65 76.17
N GLU A 1301 4.06 35.85 75.59
CA GLU A 1301 5.23 36.39 74.92
C GLU A 1301 6.43 36.41 75.87
N ARG A 1302 6.19 36.82 77.11
CA ARG A 1302 7.14 36.64 78.20
C ARG A 1302 7.69 35.22 78.21
N LYS A 1303 6.80 34.23 78.14
CA LYS A 1303 7.23 32.86 78.24
C LYS A 1303 8.11 32.44 77.07
N LYS A 1304 7.83 32.94 75.86
CA LYS A 1304 8.71 32.61 74.75
C LYS A 1304 10.05 33.32 74.88
N ALA A 1305 10.06 34.49 75.53
CA ALA A 1305 11.33 35.02 76.00
C ALA A 1305 12.05 34.00 76.88
N CYS A 1306 11.30 33.30 77.75
CA CYS A 1306 11.91 32.24 78.53
C CYS A 1306 12.45 31.13 77.63
N LEU A 1307 11.75 30.84 76.54
CA LEU A 1307 12.25 29.93 75.53
C LEU A 1307 13.64 30.35 75.07
N SER A 1308 13.81 31.63 74.76
CA SER A 1308 15.14 32.12 74.43
C SER A 1308 16.09 31.98 75.61
N ALA A 1309 15.59 32.02 76.85
CA ALA A 1309 16.46 31.72 77.98
C ALA A 1309 17.00 30.31 77.87
N LEU A 1310 16.16 29.36 77.43
CA LEU A 1310 16.68 28.05 77.06
C LEU A 1310 17.71 28.17 75.95
N SER A 1311 17.52 29.12 75.04
CA SER A 1311 18.57 29.39 74.07
C SER A 1311 19.85 29.91 74.73
N GLU A 1312 19.76 30.46 75.95
CA GLU A 1312 20.99 30.86 76.63
C GLU A 1312 21.68 29.67 77.29
N VAL A 1313 20.92 28.77 77.92
CA VAL A 1313 21.58 27.69 78.65
C VAL A 1313 22.00 26.55 77.72
N LYS A 1314 21.05 25.94 77.03
CA LYS A 1314 21.32 24.85 76.09
C LYS A 1314 20.53 25.15 74.82
N VAL A 1315 21.18 25.79 73.85
CA VAL A 1315 20.48 26.14 72.63
C VAL A 1315 20.39 24.93 71.70
N GLN A 1316 21.51 24.27 71.43
CA GLN A 1316 21.40 23.11 70.56
C GLN A 1316 22.44 22.01 70.79
N PRO A 1317 22.62 21.50 72.02
CA PRO A 1317 23.18 20.15 72.14
C PRO A 1317 22.05 19.14 72.15
N GLY A 1318 22.13 18.15 71.30
CA GLY A 1318 21.06 17.19 71.13
C GLY A 1318 21.15 16.59 69.74
N CYS A 1319 20.74 15.34 69.62
CA CYS A 1319 20.98 14.59 68.40
C CYS A 1319 19.74 14.41 67.54
N TYR A 1320 18.64 13.89 68.09
CA TYR A 1320 17.45 13.63 67.28
C TYR A 1320 16.21 14.07 68.03
N LEU A 1321 15.22 14.51 67.25
CA LEU A 1321 13.91 14.76 67.83
C LEU A 1321 13.29 13.43 68.26
N PRO A 1322 12.50 13.44 69.33
CA PRO A 1322 11.84 12.20 69.75
C PRO A 1322 10.80 11.73 68.75
N SER A 1323 10.02 12.66 68.19
CA SER A 1323 8.99 12.25 67.24
C SER A 1323 9.60 11.82 65.92
N ASN A 1324 10.70 12.45 65.51
CA ASN A 1324 11.36 12.15 64.24
C ASN A 1324 12.77 11.66 64.54
N PRO A 1325 12.96 10.36 64.70
CA PRO A 1325 14.30 9.85 65.01
C PRO A 1325 15.27 9.96 63.84
N GLU A 1326 14.78 10.14 62.61
CA GLU A 1326 15.68 10.30 61.48
C GLU A 1326 16.09 11.74 61.26
N ALA A 1327 15.36 12.69 61.83
CA ALA A 1327 15.72 14.09 61.73
C ALA A 1327 16.70 14.47 62.84
N ILE A 1328 17.70 15.26 62.48
CA ILE A 1328 18.72 15.74 63.41
C ILE A 1328 18.58 17.25 63.50
N VAL A 1329 18.43 17.75 64.73
CA VAL A 1329 18.29 19.18 64.96
C VAL A 1329 19.63 19.85 64.70
N LEU A 1330 19.60 20.93 63.94
CA LEU A 1330 20.78 21.76 63.73
C LEU A 1330 20.56 23.22 64.07
N ASP A 1331 19.32 23.64 64.30
CA ASP A 1331 19.01 25.02 64.62
C ASP A 1331 17.78 25.05 65.51
N ILE A 1332 17.52 26.19 66.12
CA ILE A 1332 16.26 26.44 66.81
C ILE A 1332 15.96 27.93 66.78
N ASP A 1333 14.78 28.26 66.29
CA ASP A 1333 14.37 29.66 66.31
C ASP A 1333 13.93 30.07 67.72
N TYR A 1334 13.67 31.35 67.88
CA TYR A 1334 13.20 31.85 69.15
C TYR A 1334 11.75 31.45 69.36
N PRO A 1339 5.26 29.03 68.39
CA PRO A 1339 5.00 28.69 69.79
C PRO A 1339 3.56 28.95 70.20
N MET A 1340 3.21 28.57 71.43
CA MET A 1340 1.98 29.02 72.09
C MET A 1340 0.74 28.60 71.30
N GLN A 1341 0.53 27.29 71.27
CA GLN A 1341 -0.72 26.77 70.74
C GLN A 1341 -1.86 27.09 71.72
N SER A 1342 -3.08 26.78 71.31
CA SER A 1342 -4.29 27.27 71.98
C SER A 1342 -4.96 26.13 72.75
N ALA A 1343 -4.62 26.02 74.03
CA ALA A 1343 -5.31 25.11 74.93
C ALA A 1343 -4.95 25.51 76.36
N ALA A 1344 -5.74 25.01 77.32
CA ALA A 1344 -5.42 25.27 78.72
C ALA A 1344 -4.06 24.70 79.07
N LYS A 1345 -3.84 23.42 78.76
CA LYS A 1345 -2.52 22.84 78.81
C LYS A 1345 -1.82 23.18 77.51
N ALA A 1346 -0.68 23.87 77.60
CA ALA A 1346 -0.17 24.62 76.47
C ALA A 1346 1.14 24.03 75.95
N PRO A 1347 1.17 23.55 74.72
CA PRO A 1347 2.44 23.27 74.05
C PRO A 1347 2.87 24.48 73.23
N TYR A 1348 4.09 24.40 72.71
CA TYR A 1348 4.60 25.47 71.87
C TYR A 1348 5.35 24.91 70.68
N LEU A 1349 5.17 25.56 69.54
CA LEU A 1349 5.86 25.19 68.32
C LEU A 1349 7.28 25.73 68.32
N ALA A 1350 8.23 24.92 67.86
CA ALA A 1350 9.63 25.31 67.78
C ALA A 1350 10.20 24.87 66.44
N LYS A 1351 10.46 25.82 65.56
CA LYS A 1351 10.97 25.50 64.23
C LYS A 1351 12.48 25.28 64.30
N PHE A 1352 12.89 24.02 64.27
CA PHE A 1352 14.31 23.68 64.28
C PHE A 1352 14.89 23.78 62.88
N TRP A 1389 12.71 24.16 58.21
CA TRP A 1389 13.32 22.88 58.54
C TRP A 1389 12.27 21.94 59.11
N GLN A 1390 12.11 21.98 60.42
CA GLN A 1390 11.25 21.02 61.11
C GLN A 1390 10.51 21.70 62.25
N ALA A 1391 9.22 21.42 62.37
CA ALA A 1391 8.42 22.05 63.38
C ALA A 1391 7.65 20.99 64.16
N ALA A 1392 7.68 21.10 65.49
CA ALA A 1392 7.04 20.15 66.39
C ALA A 1392 6.66 20.87 67.67
N ILE A 1393 5.68 20.32 68.40
CA ILE A 1393 5.29 20.91 69.67
C ILE A 1393 5.18 19.85 70.75
N PHE A 1394 5.21 20.32 71.99
CA PHE A 1394 5.54 19.54 73.18
C PHE A 1394 4.38 19.69 74.16
N LYS A 1395 3.61 18.62 74.34
CA LYS A 1395 2.44 18.65 75.21
C LYS A 1395 2.75 18.12 76.61
N VAL A 1396 2.27 18.83 77.61
CA VAL A 1396 2.44 18.46 79.00
C VAL A 1396 1.08 18.38 79.67
N GLY A 1397 0.92 17.40 80.55
CA GLY A 1397 -0.31 17.22 81.27
C GLY A 1397 -1.34 16.37 80.57
N ASP A 1398 -1.07 15.93 79.34
CA ASP A 1398 -2.01 15.16 78.55
C ASP A 1398 -1.48 13.75 78.32
N ASP A 1399 -2.41 12.83 78.03
CA ASP A 1399 -2.05 11.44 77.80
C ASP A 1399 -1.71 11.25 76.33
N CYS A 1400 -0.42 11.03 76.05
CA CYS A 1400 0.10 11.02 74.70
C CYS A 1400 0.03 9.65 74.04
N ARG A 1401 0.16 8.58 74.82
CA ARG A 1401 0.05 7.26 74.23
C ARG A 1401 -1.36 6.98 73.72
N GLN A 1402 -2.36 7.63 74.31
CA GLN A 1402 -3.69 7.61 73.71
C GLN A 1402 -3.63 8.05 72.26
N ASP A 1403 -2.85 9.08 71.98
CA ASP A 1403 -2.61 9.47 70.60
C ASP A 1403 -1.80 8.41 69.86
N MET A 1404 -0.82 7.83 70.54
CA MET A 1404 0.08 6.92 69.85
C MET A 1404 -0.63 5.67 69.37
N LEU A 1405 -1.68 5.24 70.06
CA LEU A 1405 -2.38 4.03 69.65
C LEU A 1405 -3.10 4.26 68.33
N ALA A 1406 -4.07 5.18 68.32
CA ALA A 1406 -4.83 5.43 67.11
C ALA A 1406 -3.94 5.90 65.97
N LEU A 1407 -2.91 6.69 66.29
CA LEU A 1407 -1.93 7.04 65.28
C LEU A 1407 -1.30 5.79 64.69
N GLN A 1408 -0.99 4.82 65.56
CA GLN A 1408 -0.40 3.57 65.09
C GLN A 1408 -1.34 2.88 64.12
N ILE A 1409 -2.63 2.82 64.45
CA ILE A 1409 -3.60 2.18 63.55
C ILE A 1409 -3.66 2.90 62.22
N ILE A 1410 -3.55 4.22 62.25
CA ILE A 1410 -3.70 4.99 61.02
C ILE A 1410 -2.49 4.83 60.11
N ASP A 1411 -1.28 4.81 60.70
CA ASP A 1411 -0.12 4.48 59.89
C ASP A 1411 -0.25 3.09 59.30
N LEU A 1412 -0.78 2.15 60.10
CA LEU A 1412 -1.03 0.81 59.60
C LEU A 1412 -1.91 0.86 58.36
N PHE A 1413 -2.97 1.65 58.40
CA PHE A 1413 -3.85 1.73 57.25
C PHE A 1413 -3.18 2.43 56.09
N LYS A 1414 -2.24 3.33 56.36
CA LYS A 1414 -1.49 3.89 55.26
C LYS A 1414 -0.70 2.81 54.56
N ASN A 1415 -0.04 1.95 55.32
CA ASN A 1415 0.74 0.89 54.69
C ASN A 1415 -0.15 -0.06 53.91
N ILE A 1416 -1.33 -0.38 54.43
CA ILE A 1416 -2.24 -1.21 53.64
C ILE A 1416 -2.61 -0.50 52.34
N PHE A 1417 -2.89 0.81 52.42
CA PHE A 1417 -3.31 1.51 51.22
C PHE A 1417 -2.19 1.62 50.20
N GLN A 1418 -0.94 1.62 50.64
CA GLN A 1418 0.14 1.54 49.68
C GLN A 1418 0.28 0.16 49.09
N LEU A 1419 0.05 -0.88 49.90
CA LEU A 1419 0.20 -2.22 49.37
C LEU A 1419 -0.86 -2.53 48.34
N VAL A 1420 -2.12 -2.19 48.62
CA VAL A 1420 -3.19 -2.60 47.72
C VAL A 1420 -3.14 -1.79 46.43
N GLY A 1421 -2.56 -0.60 46.46
CA GLY A 1421 -2.49 0.25 45.29
C GLY A 1421 -3.57 1.30 45.21
N LEU A 1422 -4.46 1.36 46.19
CA LEU A 1422 -5.49 2.39 46.20
C LEU A 1422 -4.85 3.76 46.38
N ASP A 1423 -5.34 4.74 45.63
CA ASP A 1423 -4.83 6.11 45.75
C ASP A 1423 -5.59 6.82 46.87
N LEU A 1424 -5.13 6.59 48.09
CA LEU A 1424 -5.67 7.24 49.25
C LEU A 1424 -4.55 7.96 49.96
N PHE A 1425 -4.90 9.02 50.66
CA PHE A 1425 -3.89 9.85 51.32
C PHE A 1425 -4.08 9.80 52.83
N VAL A 1426 -3.00 9.54 53.53
CA VAL A 1426 -2.97 9.58 54.99
C VAL A 1426 -1.58 9.99 55.44
N PHE A 1427 -1.51 10.92 56.38
CA PHE A 1427 -0.24 11.42 56.84
C PHE A 1427 -0.04 11.10 58.32
N PRO A 1428 1.08 10.47 58.69
CA PRO A 1428 1.28 10.02 60.07
C PRO A 1428 1.48 11.12 61.11
N TYR A 1429 2.44 12.02 60.88
CA TYR A 1429 2.95 12.98 61.87
C TYR A 1429 3.20 12.27 63.22
N ARG A 1430 4.22 11.41 63.17
CA ARG A 1430 4.49 10.48 64.25
C ARG A 1430 4.55 11.17 65.61
N VAL A 1431 4.11 10.46 66.63
CA VAL A 1431 3.85 11.00 67.96
C VAL A 1431 4.56 10.13 68.99
N VAL A 1432 5.33 10.77 69.89
CA VAL A 1432 6.10 10.04 70.89
C VAL A 1432 5.78 10.59 72.27
N ALA A 1433 5.59 9.69 73.23
CA ALA A 1433 5.35 10.07 74.61
C ALA A 1433 6.67 10.04 75.38
N THR A 1434 7.13 11.22 75.80
CA THR A 1434 8.43 11.31 76.46
C THR A 1434 8.33 10.96 77.94
N ALA A 1435 7.43 11.60 78.66
CA ALA A 1435 7.32 11.45 80.09
C ALA A 1435 5.86 11.26 80.47
N PRO A 1436 5.59 10.69 81.64
CA PRO A 1436 4.20 10.47 82.05
C PRO A 1436 3.46 11.79 82.19
N GLY A 1437 2.30 11.87 81.57
CA GLY A 1437 1.61 13.14 81.47
C GLY A 1437 2.26 14.11 80.52
N CYS A 1438 3.18 13.63 79.68
CA CYS A 1438 3.90 14.47 78.74
C CYS A 1438 3.89 13.79 77.39
N GLY A 1439 4.54 14.42 76.43
CA GLY A 1439 4.60 13.86 75.09
C GLY A 1439 5.06 14.88 74.09
N VAL A 1440 5.46 14.37 72.93
CA VAL A 1440 5.91 15.20 71.82
C VAL A 1440 5.11 14.79 70.60
N ILE A 1441 4.42 15.74 69.99
CA ILE A 1441 3.75 15.51 68.72
C ILE A 1441 4.30 16.52 67.71
N GLU A 1442 4.53 16.05 66.49
CA GLU A 1442 5.25 16.80 65.46
C GLU A 1442 4.24 17.48 64.56
N CYS A 1443 4.35 18.78 64.39
CA CYS A 1443 3.36 19.45 63.56
C CYS A 1443 3.73 19.31 62.10
N ILE A 1444 2.74 18.89 61.33
CA ILE A 1444 2.81 18.68 59.88
C ILE A 1444 3.34 19.94 59.21
N PRO A 1445 4.43 19.86 58.47
CA PRO A 1445 5.12 21.03 57.91
C PRO A 1445 4.50 21.61 56.64
N ASP A 1446 3.36 22.25 56.83
CA ASP A 1446 2.62 23.03 55.85
C ASP A 1446 1.63 23.86 56.63
N CYS A 1447 1.25 24.99 56.07
CA CYS A 1447 0.64 26.06 56.85
C CYS A 1447 -0.79 26.32 56.40
N THR A 1448 -1.74 25.82 57.20
CA THR A 1448 -3.11 26.34 57.32
C THR A 1448 -3.81 25.40 58.27
N SER A 1449 -4.87 25.89 58.89
CA SER A 1449 -5.67 25.11 59.80
C SER A 1449 -7.08 25.02 59.26
N ARG A 1450 -7.98 24.43 60.05
CA ARG A 1450 -9.34 24.14 59.61
C ARG A 1450 -10.06 25.38 59.09
N ASP A 1451 -10.34 26.34 59.98
CA ASP A 1451 -11.11 27.51 59.60
C ASP A 1451 -10.45 28.77 60.15
N GLN A 1452 -9.15 28.91 59.92
CA GLN A 1452 -8.46 30.11 60.36
C GLN A 1452 -9.05 31.36 59.74
N LEU A 1453 -9.55 31.27 58.51
CA LEU A 1453 -10.17 32.41 57.87
C LEU A 1453 -11.57 32.65 58.43
N GLY A 1460 -16.76 29.54 54.92
CA GLY A 1460 -16.48 29.55 53.50
C GLY A 1460 -15.22 28.77 53.14
N MET A 1461 -15.21 27.48 53.45
CA MET A 1461 -14.09 26.64 53.06
C MET A 1461 -13.95 26.59 51.55
N TYR A 1462 -15.09 26.49 50.87
CA TYR A 1462 -15.12 26.56 49.42
C TYR A 1462 -14.53 27.88 48.92
N ASP A 1463 -14.67 28.95 49.70
CA ASP A 1463 -14.13 30.25 49.30
C ASP A 1463 -12.62 30.30 49.46
N TYR A 1464 -12.09 29.74 50.55
CA TYR A 1464 -10.64 29.69 50.69
C TYR A 1464 -10.03 28.80 49.63
N PHE A 1465 -10.68 27.69 49.32
CA PHE A 1465 -10.22 26.84 48.24
C PHE A 1465 -10.33 27.55 46.90
N THR A 1466 -11.31 28.44 46.77
CA THR A 1466 -11.55 29.13 45.51
C THR A 1466 -10.52 30.22 45.27
N ARG A 1467 -10.35 31.13 46.23
CA ARG A 1467 -9.30 32.13 46.14
C ARG A 1467 -7.94 31.46 46.08
N GLN A 1468 -7.80 30.34 46.77
CA GLN A 1468 -6.50 29.68 46.82
C GLN A 1468 -6.14 29.06 45.49
N TYR A 1469 -7.11 28.48 44.79
CA TYR A 1469 -6.81 27.71 43.60
C TYR A 1469 -7.56 28.14 42.35
N GLY A 1470 -8.80 28.59 42.46
CA GLY A 1470 -9.55 28.97 41.28
C GLY A 1470 -10.98 28.46 41.29
N ASP A 1471 -11.91 29.32 40.88
CA ASP A 1471 -13.33 29.04 41.07
C ASP A 1471 -13.79 27.91 40.16
N GLU A 1472 -13.63 28.13 38.87
CA GLU A 1472 -14.14 27.20 37.88
C GLU A 1472 -13.27 25.98 37.85
N SER A 1473 -13.67 24.99 37.07
CA SER A 1473 -12.87 23.81 36.94
C SER A 1473 -11.82 24.21 35.92
N THR A 1474 -10.68 24.65 36.45
CA THR A 1474 -9.53 25.06 35.69
C THR A 1474 -8.46 24.09 36.10
N LEU A 1475 -7.20 24.51 36.03
CA LEU A 1475 -6.15 23.60 36.46
C LEU A 1475 -6.08 23.39 37.97
N ALA A 1476 -6.21 24.47 38.73
CA ALA A 1476 -6.10 24.39 40.18
C ALA A 1476 -7.15 23.58 40.91
N PHE A 1477 -8.42 23.75 40.56
CA PHE A 1477 -9.47 23.01 41.23
C PHE A 1477 -9.38 21.52 41.00
N GLN A 1478 -9.00 21.15 39.79
CA GLN A 1478 -8.91 19.75 39.40
C GLN A 1478 -7.91 18.84 40.14
N GLN A 1479 -6.74 19.35 40.49
CA GLN A 1479 -5.74 18.54 41.16
C GLN A 1479 -5.89 18.65 42.68
N ALA A 1480 -6.07 19.86 43.18
CA ALA A 1480 -6.29 20.02 44.61
C ALA A 1480 -7.66 19.50 45.01
N ARG A 1481 -8.62 19.55 44.11
CA ARG A 1481 -9.91 18.96 44.44
C ARG A 1481 -9.79 17.45 44.57
N TYR A 1482 -9.06 16.84 43.64
CA TYR A 1482 -8.86 15.41 43.69
C TYR A 1482 -8.07 14.99 44.93
N ASN A 1483 -6.99 15.70 45.25
CA ASN A 1483 -6.21 15.36 46.43
C ASN A 1483 -7.05 15.55 47.69
N PHE A 1484 -7.82 16.62 47.72
CA PHE A 1484 -8.79 16.85 48.78
C PHE A 1484 -9.71 15.65 48.96
N ILE A 1485 -10.39 15.27 47.87
CA ILE A 1485 -11.35 14.18 47.94
C ILE A 1485 -10.67 12.86 48.29
N ARG A 1486 -9.54 12.59 47.66
CA ARG A 1486 -8.93 11.31 47.98
C ARG A 1486 -8.50 11.32 49.44
N SER A 1487 -7.92 12.43 49.88
CA SER A 1487 -7.50 12.55 51.26
C SER A 1487 -8.56 12.44 52.32
N MET A 1488 -9.63 13.20 52.15
CA MET A 1488 -10.72 13.10 53.11
C MET A 1488 -11.59 11.83 53.01
N ALA A 1489 -11.59 11.28 51.80
CA ALA A 1489 -12.24 10.01 51.53
C ALA A 1489 -11.49 9.00 52.39
N ALA A 1490 -10.16 9.10 52.43
CA ALA A 1490 -9.38 8.22 53.28
C ALA A 1490 -9.58 8.54 54.76
N TYR A 1491 -9.57 9.82 55.10
CA TYR A 1491 -9.75 10.19 56.49
C TYR A 1491 -11.14 9.85 56.98
N SER A 1492 -12.13 10.00 56.12
CA SER A 1492 -13.52 9.68 56.44
C SER A 1492 -13.64 8.20 56.71
N LEU A 1493 -12.95 7.39 55.91
CA LEU A 1493 -12.98 5.96 56.12
C LEU A 1493 -12.42 5.59 57.49
N LEU A 1494 -11.30 6.18 57.88
CA LEU A 1494 -10.74 5.88 59.20
C LEU A 1494 -11.59 6.37 60.38
N LEU A 1495 -12.21 7.54 60.22
CA LEU A 1495 -13.07 8.12 61.23
C LEU A 1495 -14.16 7.12 61.53
N PHE A 1496 -14.60 6.39 60.51
CA PHE A 1496 -15.55 5.32 60.76
C PHE A 1496 -14.93 4.24 61.62
N LEU A 1497 -13.78 3.72 61.20
CA LEU A 1497 -13.21 2.59 61.89
C LEU A 1497 -12.70 2.95 63.27
N LEU A 1498 -12.48 4.24 63.54
CA LEU A 1498 -11.98 4.65 64.84
C LEU A 1498 -12.94 5.53 65.62
N GLN A 1499 -14.11 5.85 65.07
CA GLN A 1499 -15.22 6.42 65.84
C GLN A 1499 -14.80 7.72 66.52
N ILE A 1500 -14.74 8.77 65.70
CA ILE A 1500 -14.35 10.12 66.09
C ILE A 1500 -15.34 10.73 67.07
N LYS A 1501 -16.56 10.17 67.05
CA LYS A 1501 -17.78 10.55 67.82
C LYS A 1501 -18.61 11.80 67.47
N ASP A 1502 -18.63 12.05 66.16
CA ASP A 1502 -19.49 13.03 65.50
C ASP A 1502 -19.15 14.50 65.65
N ARG A 1503 -18.25 14.86 66.55
CA ARG A 1503 -18.01 16.31 66.69
C ARG A 1503 -16.57 16.83 66.75
N HIS A 1504 -16.20 17.63 65.74
CA HIS A 1504 -14.89 18.27 65.70
C HIS A 1504 -14.83 19.51 64.77
N ASN A 1505 -13.89 20.41 65.06
CA ASN A 1505 -13.62 21.58 64.22
C ASN A 1505 -12.37 22.31 64.63
N GLY A 1506 -11.51 22.57 63.64
CA GLY A 1506 -10.25 23.24 63.81
C GLY A 1506 -9.10 22.28 64.05
N ASN A 1507 -9.43 21.03 64.33
CA ASN A 1507 -8.44 19.99 64.54
C ASN A 1507 -8.25 19.34 63.19
N ILE A 1508 -9.17 19.64 62.27
CA ILE A 1508 -9.10 19.04 60.94
C ILE A 1508 -8.45 20.07 60.03
N MET A 1509 -7.13 19.99 59.90
CA MET A 1509 -6.38 21.00 59.16
C MET A 1509 -6.21 20.65 57.70
N LEU A 1510 -6.27 21.66 56.85
CA LEU A 1510 -5.97 21.55 55.43
C LEU A 1510 -4.78 22.41 55.05
N ASP A 1511 -4.10 22.02 53.98
CA ASP A 1511 -2.82 22.62 53.62
C ASP A 1511 -2.78 22.82 52.11
N LYS A 1512 -1.59 23.16 51.61
CA LYS A 1512 -1.35 23.19 50.18
C LYS A 1512 -1.75 21.85 49.56
N LYS A 1513 -2.21 21.91 48.31
CA LYS A 1513 -2.66 20.72 47.60
C LYS A 1513 -3.87 20.07 48.27
N GLY A 1514 -4.65 20.85 49.02
CA GLY A 1514 -5.97 20.44 49.44
C GLY A 1514 -6.07 19.23 50.34
N HIS A 1515 -4.96 18.72 50.83
CA HIS A 1515 -5.01 17.54 51.68
C HIS A 1515 -5.65 17.88 53.02
N ILE A 1516 -6.73 17.19 53.35
CA ILE A 1516 -7.39 17.36 54.64
C ILE A 1516 -6.81 16.37 55.62
N ILE A 1517 -6.37 16.87 56.78
CA ILE A 1517 -5.72 16.03 57.78
C ILE A 1517 -6.43 16.27 59.11
N HIS A 1518 -6.24 15.34 60.04
CA HIS A 1518 -6.96 15.34 61.29
C HIS A 1518 -6.01 15.33 62.47
N ILE A 1519 -6.28 16.18 63.45
CA ILE A 1519 -5.46 16.22 64.64
C ILE A 1519 -6.32 15.95 65.87
N ASP A 1520 -7.31 15.10 65.72
CA ASP A 1520 -8.38 14.96 66.70
C ASP A 1520 -8.32 13.64 67.46
N PHE A 1521 -7.12 13.20 67.81
CA PHE A 1521 -6.92 11.84 68.30
C PHE A 1521 -7.00 11.75 69.81
N GLY A 1522 -7.42 12.81 70.47
CA GLY A 1522 -7.61 12.73 71.91
C GLY A 1522 -8.88 12.04 72.33
N PHE A 1523 -9.65 11.62 71.34
CA PHE A 1523 -10.89 10.86 71.48
C PHE A 1523 -10.72 9.76 70.43
N MET A 1524 -9.62 9.00 70.52
CA MET A 1524 -9.32 7.99 69.50
C MET A 1524 -10.37 6.89 69.25
N PHE A 1525 -10.88 6.24 70.28
CA PHE A 1525 -11.89 5.21 70.06
C PHE A 1525 -13.27 5.48 70.65
N GLU A 1526 -13.28 5.76 71.95
CA GLU A 1526 -14.50 6.05 72.70
C GLU A 1526 -14.37 7.34 73.50
N SER A 1527 -15.38 8.19 73.39
CA SER A 1527 -15.38 9.47 74.10
C SER A 1527 -16.80 9.96 74.37
N ASP A 1538 -22.42 11.73 62.96
CA ASP A 1538 -21.55 10.66 62.49
C ASP A 1538 -20.29 11.27 61.88
N ILE A 1539 -19.78 10.61 60.85
CA ILE A 1539 -18.53 10.98 60.18
C ILE A 1539 -18.67 12.41 59.69
N LYS A 1540 -17.59 13.18 59.81
CA LYS A 1540 -17.66 14.58 59.44
C LYS A 1540 -18.08 14.76 58.00
N LEU A 1541 -19.12 15.56 57.87
CA LEU A 1541 -19.76 15.94 56.63
C LEU A 1541 -20.45 17.27 56.91
N THR A 1542 -20.67 18.05 55.87
CA THR A 1542 -21.31 19.34 56.11
C THR A 1542 -21.57 20.03 54.78
N ASP A 1543 -21.85 21.33 54.87
CA ASP A 1543 -22.30 22.12 53.74
C ASP A 1543 -21.18 22.42 52.75
N GLU A 1544 -20.20 23.20 53.18
CA GLU A 1544 -19.16 23.66 52.27
C GLU A 1544 -18.15 22.58 51.96
N MET A 1545 -18.13 21.50 52.73
CA MET A 1545 -17.21 20.41 52.49
C MET A 1545 -17.75 19.43 51.45
N VAL A 1546 -19.06 19.44 51.20
CA VAL A 1546 -19.63 18.71 50.08
C VAL A 1546 -19.93 19.62 48.91
N MET A 1547 -20.08 20.93 49.14
CA MET A 1547 -20.22 21.86 48.01
C MET A 1547 -18.94 21.90 47.20
N ILE A 1548 -17.78 21.81 47.85
CA ILE A 1548 -16.52 21.66 47.14
C ILE A 1548 -16.52 20.39 46.32
N MET A 1549 -17.21 19.35 46.79
CA MET A 1549 -17.42 18.16 45.98
C MET A 1549 -18.37 18.46 44.82
N GLY A 1550 -19.37 19.29 45.07
CA GLY A 1550 -20.43 19.46 44.11
C GLY A 1550 -21.34 18.28 43.96
N GLY A 1551 -21.23 17.27 44.81
CA GLY A 1551 -22.12 16.12 44.73
C GLY A 1551 -23.42 16.38 45.47
N LYS A 1552 -24.52 16.45 44.74
CA LYS A 1552 -25.81 16.62 45.39
C LYS A 1552 -26.13 15.42 46.26
N MET A 1553 -26.37 14.28 45.62
CA MET A 1553 -26.44 13.01 46.33
C MET A 1553 -25.50 12.01 45.68
N GLU A 1554 -25.59 11.89 44.36
CA GLU A 1554 -24.79 10.94 43.58
C GLU A 1554 -24.34 11.72 42.35
N ALA A 1555 -23.14 12.28 42.44
CA ALA A 1555 -22.50 13.07 41.39
C ALA A 1555 -21.12 12.47 41.11
N THR A 1556 -20.59 12.76 39.93
CA THR A 1556 -19.31 12.18 39.50
C THR A 1556 -18.15 12.50 40.42
N PRO A 1557 -18.04 13.75 40.85
CA PRO A 1557 -16.94 14.05 41.77
C PRO A 1557 -17.16 13.26 43.05
N PHE A 1558 -18.42 13.15 43.41
CA PHE A 1558 -18.87 12.52 44.64
C PHE A 1558 -18.81 11.00 44.51
N LYS A 1559 -19.25 10.50 43.35
CA LYS A 1559 -19.16 9.07 43.06
C LYS A 1559 -17.71 8.57 43.11
N TRP A 1560 -16.78 9.37 42.57
CA TRP A 1560 -15.36 9.07 42.71
C TRP A 1560 -15.00 8.84 44.17
N PHE A 1561 -15.31 9.84 44.99
CA PHE A 1561 -15.04 9.79 46.43
C PHE A 1561 -15.57 8.51 47.06
N MET A 1562 -16.83 8.19 46.81
CA MET A 1562 -17.39 7.02 47.46
C MET A 1562 -16.74 5.75 46.97
N GLU A 1563 -16.39 5.69 45.69
CA GLU A 1563 -15.67 4.55 45.15
C GLU A 1563 -14.39 4.31 45.92
N MET A 1564 -13.56 5.35 46.04
CA MET A 1564 -12.30 5.20 46.77
C MET A 1564 -12.53 4.85 48.23
N CYS A 1565 -13.55 5.43 48.85
CA CYS A 1565 -13.77 5.16 50.27
C CYS A 1565 -14.12 3.68 50.49
N VAL A 1566 -15.07 3.18 49.72
CA VAL A 1566 -15.54 1.82 49.96
C VAL A 1566 -14.49 0.81 49.57
N ARG A 1567 -13.72 1.08 48.51
CA ARG A 1567 -12.61 0.18 48.23
C ARG A 1567 -11.60 0.22 49.35
N GLY A 1568 -11.42 1.38 49.98
CA GLY A 1568 -10.61 1.45 51.17
C GLY A 1568 -11.12 0.52 52.26
N TYR A 1569 -12.45 0.47 52.44
CA TYR A 1569 -12.99 -0.48 53.39
C TYR A 1569 -12.63 -1.90 52.99
N LEU A 1570 -12.64 -2.16 51.69
CA LEU A 1570 -12.33 -3.50 51.21
C LEU A 1570 -10.86 -3.87 51.42
N ALA A 1571 -9.95 -2.91 51.42
CA ALA A 1571 -8.56 -3.22 51.72
C ALA A 1571 -8.31 -3.29 53.21
N VAL A 1572 -9.11 -2.57 54.00
CA VAL A 1572 -8.97 -2.61 55.45
C VAL A 1572 -9.48 -3.92 55.99
N ARG A 1573 -10.47 -4.51 55.33
CA ARG A 1573 -11.10 -5.70 55.89
C ARG A 1573 -10.13 -6.85 56.14
N PRO A 1574 -9.24 -7.25 55.22
CA PRO A 1574 -8.49 -8.49 55.43
C PRO A 1574 -7.56 -8.46 56.63
N TYR A 1575 -7.16 -7.30 57.10
CA TYR A 1575 -6.26 -7.22 58.24
C TYR A 1575 -7.08 -7.00 59.52
N MET A 1576 -7.88 -8.00 59.84
CA MET A 1576 -8.74 -7.92 61.01
C MET A 1576 -7.92 -8.02 62.29
N ASP A 1577 -7.16 -9.10 62.45
CA ASP A 1577 -6.41 -9.29 63.67
C ASP A 1577 -5.27 -8.31 63.80
N ALA A 1578 -4.96 -7.54 62.78
CA ALA A 1578 -4.04 -6.43 62.95
C ALA A 1578 -4.59 -5.42 63.94
N VAL A 1579 -5.72 -4.80 63.59
CA VAL A 1579 -6.29 -3.79 64.46
C VAL A 1579 -6.88 -4.41 65.72
N VAL A 1580 -7.50 -5.58 65.59
CA VAL A 1580 -8.05 -6.26 66.74
C VAL A 1580 -6.94 -6.61 67.72
N SER A 1581 -5.87 -7.20 67.21
CA SER A 1581 -4.80 -7.66 68.08
C SER A 1581 -4.02 -6.50 68.66
N LEU A 1582 -3.88 -5.41 67.91
CA LEU A 1582 -3.12 -4.30 68.42
C LEU A 1582 -3.91 -3.53 69.47
N VAL A 1583 -5.20 -3.31 69.22
CA VAL A 1583 -5.98 -2.58 70.21
C VAL A 1583 -6.25 -3.44 71.43
N THR A 1584 -6.32 -4.76 71.25
CA THR A 1584 -6.56 -5.60 72.41
C THR A 1584 -5.38 -5.67 73.35
N LEU A 1585 -4.19 -5.27 72.89
CA LEU A 1585 -3.02 -5.28 73.78
C LEU A 1585 -3.08 -4.13 74.76
N MET A 1586 -3.24 -2.91 74.28
CA MET A 1586 -3.25 -1.75 75.13
C MET A 1586 -4.63 -1.45 75.70
N LEU A 1587 -5.56 -2.38 75.61
CA LEU A 1587 -6.91 -2.06 76.02
C LEU A 1587 -7.04 -2.01 77.54
N ASP A 1588 -6.36 -2.89 78.25
CA ASP A 1588 -6.51 -3.00 79.69
C ASP A 1588 -5.55 -2.04 80.38
N THR A 1589 -6.12 -1.04 81.06
CA THR A 1589 -5.43 -0.09 81.93
C THR A 1589 -4.50 0.84 81.19
N GLY A 1590 -4.35 0.73 79.89
CA GLY A 1590 -3.44 1.58 79.18
C GLY A 1590 -4.02 2.96 78.92
N LEU A 1591 -5.30 3.00 78.60
CA LEU A 1591 -5.95 4.21 78.13
C LEU A 1591 -7.27 4.42 78.85
N PRO A 1592 -7.86 5.61 78.72
CA PRO A 1592 -9.20 5.86 79.25
C PRO A 1592 -10.32 5.27 78.40
N CYS A 1593 -10.01 4.66 77.26
CA CYS A 1593 -11.06 4.01 76.46
C CYS A 1593 -11.62 2.84 77.25
N PHE A 1594 -12.86 2.97 77.69
CA PHE A 1594 -13.39 2.08 78.71
C PHE A 1594 -13.86 0.77 78.10
N ARG A 1595 -14.50 -0.05 78.92
CA ARG A 1595 -15.03 -1.35 78.52
C ARG A 1595 -16.42 -1.15 77.94
N GLY A 1596 -16.49 -0.82 76.66
CA GLY A 1596 -17.75 -0.81 75.96
C GLY A 1596 -17.79 -1.96 74.99
N GLN A 1597 -17.20 -3.09 75.38
CA GLN A 1597 -16.99 -4.21 74.48
C GLN A 1597 -16.24 -3.74 73.23
N THR A 1598 -15.02 -3.27 73.47
CA THR A 1598 -14.26 -2.60 72.43
C THR A 1598 -13.93 -3.54 71.29
N ILE A 1599 -13.45 -4.74 71.62
CA ILE A 1599 -13.01 -5.64 70.55
C ILE A 1599 -14.19 -6.22 69.80
N LYS A 1600 -15.34 -6.37 70.46
CA LYS A 1600 -16.52 -6.84 69.74
C LYS A 1600 -17.14 -5.74 68.91
N LEU A 1601 -17.12 -4.50 69.40
CA LEU A 1601 -17.53 -3.36 68.59
C LEU A 1601 -16.67 -3.25 67.35
N LEU A 1602 -15.34 -3.27 67.54
CA LEU A 1602 -14.42 -3.20 66.41
C LEU A 1602 -14.65 -4.35 65.45
N LYS A 1603 -14.81 -5.55 66.00
CA LYS A 1603 -15.17 -6.71 65.20
C LYS A 1603 -16.37 -6.42 64.33
N HIS A 1604 -17.39 -5.78 64.90
CA HIS A 1604 -18.56 -5.36 64.15
C HIS A 1604 -18.42 -3.96 63.59
N ARG A 1605 -17.19 -3.51 63.38
CA ARG A 1605 -16.90 -2.44 62.45
C ARG A 1605 -16.23 -2.98 61.20
N PHE A 1606 -15.38 -3.99 61.36
CA PHE A 1606 -14.91 -4.73 60.20
C PHE A 1606 -16.04 -5.52 59.56
N SER A 1607 -16.93 -6.09 60.37
CA SER A 1607 -18.01 -6.94 59.88
C SER A 1607 -17.48 -8.12 59.06
N PRO A 1608 -16.64 -8.97 59.65
CA PRO A 1608 -15.95 -10.00 58.86
C PRO A 1608 -16.82 -11.20 58.53
N ASN A 1609 -18.01 -11.30 59.09
CA ASN A 1609 -18.79 -12.50 58.89
C ASN A 1609 -19.48 -12.54 57.53
N MET A 1610 -19.41 -11.46 56.76
CA MET A 1610 -20.05 -11.38 55.47
C MET A 1610 -19.03 -11.64 54.36
N THR A 1611 -19.50 -11.53 53.12
CA THR A 1611 -18.62 -11.62 51.97
C THR A 1611 -18.21 -10.22 51.51
N GLU A 1612 -17.24 -10.17 50.60
CA GLU A 1612 -16.77 -8.90 50.07
C GLU A 1612 -17.86 -8.20 49.28
N ARG A 1613 -18.78 -8.95 48.70
CA ARG A 1613 -19.92 -8.33 48.05
C ARG A 1613 -20.72 -7.48 49.03
N GLU A 1614 -20.99 -8.02 50.23
CA GLU A 1614 -21.83 -7.31 51.17
C GLU A 1614 -21.14 -6.06 51.71
N ALA A 1615 -19.84 -6.18 52.00
CA ALA A 1615 -19.13 -5.16 52.76
C ALA A 1615 -19.23 -3.80 52.09
N ALA A 1616 -19.20 -3.77 50.76
CA ALA A 1616 -19.38 -2.51 50.05
C ALA A 1616 -20.72 -1.88 50.41
N ASN A 1617 -21.79 -2.65 50.33
CA ASN A 1617 -23.10 -2.13 50.70
C ASN A 1617 -23.16 -1.77 52.17
N PHE A 1618 -22.34 -2.41 52.99
CA PHE A 1618 -22.28 -2.05 54.39
C PHE A 1618 -21.70 -0.65 54.57
N ILE A 1619 -20.47 -0.44 54.08
CA ILE A 1619 -19.78 0.83 54.32
C ILE A 1619 -20.46 1.98 53.58
N MET A 1620 -20.94 1.74 52.37
CA MET A 1620 -21.70 2.77 51.68
C MET A 1620 -23.07 2.95 52.30
N LYS A 1621 -23.62 1.88 52.87
CA LYS A 1621 -24.89 2.02 53.56
C LYS A 1621 -24.75 2.93 54.76
N VAL A 1622 -23.69 2.77 55.53
CA VAL A 1622 -23.52 3.57 56.73
C VAL A 1622 -23.08 4.99 56.37
N ILE A 1623 -22.26 5.13 55.35
CA ILE A 1623 -21.81 6.47 55.02
C ILE A 1623 -22.90 7.26 54.31
N GLN A 1624 -23.73 6.59 53.53
CA GLN A 1624 -24.84 7.25 52.85
C GLN A 1624 -25.99 7.53 53.80
N SER A 1625 -26.25 6.61 54.73
CA SER A 1625 -27.15 6.92 55.83
C SER A 1625 -26.59 8.07 56.65
N CYS A 1626 -25.27 8.21 56.71
CA CYS A 1626 -24.67 9.35 57.37
C CYS A 1626 -24.90 10.63 56.58
N PHE A 1627 -24.86 10.54 55.25
CA PHE A 1627 -25.04 11.75 54.46
C PHE A 1627 -26.49 12.19 54.40
N LEU A 1628 -27.41 11.24 54.42
CA LEU A 1628 -28.82 11.57 54.30
C LEU A 1628 -29.31 12.38 55.50
N SER A 1629 -28.71 12.17 56.67
CA SER A 1629 -29.11 12.89 57.87
C SER A 1629 -28.45 14.26 57.83
N ASN A 1630 -29.15 15.22 57.23
CA ASN A 1630 -28.64 16.59 57.14
C ASN A 1630 -29.49 17.56 57.95
N SER B 28 -9.72 -36.13 128.54
CA SER B 28 -10.49 -37.01 127.67
C SER B 28 -10.72 -36.38 126.31
N ARG B 29 -11.77 -35.55 126.22
CA ARG B 29 -12.03 -34.83 124.97
C ARG B 29 -10.97 -33.77 124.71
N LEU B 30 -10.44 -33.15 125.77
CA LEU B 30 -9.32 -32.23 125.61
C LEU B 30 -8.12 -32.94 125.00
N GLU B 31 -7.92 -34.21 125.36
CA GLU B 31 -6.88 -35.01 124.73
C GLU B 31 -7.21 -35.37 123.28
N THR B 32 -8.48 -35.31 122.89
CA THR B 32 -8.83 -35.56 121.50
C THR B 32 -8.65 -34.30 120.65
N GLU B 33 -8.87 -33.12 121.22
CA GLU B 33 -8.60 -31.89 120.48
C GLU B 33 -7.10 -31.63 120.39
N ILE B 34 -6.40 -31.71 121.53
CA ILE B 34 -4.95 -31.53 121.52
C ILE B 34 -4.29 -32.67 120.75
N GLU B 35 -4.87 -33.86 120.82
CA GLU B 35 -4.38 -34.97 120.00
C GLU B 35 -4.65 -34.70 118.52
N ARG B 36 -5.72 -33.99 118.21
CA ARG B 36 -5.97 -33.58 116.83
C ARG B 36 -4.95 -32.54 116.37
N CYS B 37 -4.46 -31.71 117.31
CA CYS B 37 -3.41 -30.74 116.96
C CYS B 37 -2.06 -31.41 116.82
N ARG B 38 -1.79 -32.47 117.59
CA ARG B 38 -0.50 -33.13 117.56
C ARG B 38 -0.40 -34.16 116.43
N SER B 39 -1.53 -34.74 116.04
CA SER B 39 -1.52 -35.67 114.91
C SER B 39 -1.31 -34.93 113.60
N GLU B 40 -1.67 -33.65 113.55
CA GLU B 40 -1.45 -32.81 112.38
C GLU B 40 -0.14 -32.04 112.44
N CYS B 41 0.59 -32.13 113.55
CA CYS B 41 1.90 -31.50 113.70
C CYS B 41 1.81 -29.98 113.51
N GLN B 42 0.84 -29.38 114.21
CA GLN B 42 0.63 -27.93 114.16
C GLN B 42 1.39 -27.31 115.33
N TRP B 43 2.49 -26.63 115.03
CA TRP B 43 3.40 -26.12 116.06
C TRP B 43 3.27 -24.62 116.27
N GLU B 44 2.04 -24.10 116.18
CA GLU B 44 1.76 -22.71 116.46
C GLU B 44 0.71 -22.51 117.53
N ARG B 45 0.04 -23.58 117.98
CA ARG B 45 -1.01 -23.49 118.98
C ARG B 45 -0.67 -24.19 120.29
N ILE B 46 0.49 -24.84 120.37
CA ILE B 46 0.83 -25.67 121.52
C ILE B 46 1.07 -24.86 122.79
N PRO B 47 1.77 -23.72 122.72
CA PRO B 47 1.81 -22.85 123.91
C PRO B 47 0.44 -22.31 124.29
N GLU B 48 -0.50 -22.21 123.35
CA GLU B 48 -1.87 -21.87 123.70
C GLU B 48 -2.60 -23.05 124.33
N LEU B 49 -2.26 -24.28 123.93
CA LEU B 49 -2.90 -25.45 124.51
C LEU B 49 -2.42 -25.70 125.93
N VAL B 50 -1.11 -25.58 126.16
CA VAL B 50 -0.60 -25.66 127.53
C VAL B 50 -0.92 -24.39 128.31
N LYS B 51 -1.18 -23.28 127.61
CA LYS B 51 -1.75 -22.11 128.27
C LYS B 51 -3.14 -22.42 128.79
N GLN B 52 -3.91 -23.21 128.03
CA GLN B 52 -5.17 -23.75 128.53
C GLN B 52 -4.92 -24.89 129.51
N LEU B 53 -4.16 -25.89 129.09
CA LEU B 53 -3.84 -27.04 129.92
C LEU B 53 -2.58 -26.82 130.74
N LEU B 57 -4.83 -27.60 133.13
CA LEU B 57 -5.77 -26.72 133.83
C LEU B 57 -5.55 -26.74 135.33
N ILE B 58 -6.13 -27.75 135.99
CA ILE B 58 -6.07 -27.87 137.45
C ILE B 58 -5.12 -28.97 137.88
N ALA B 59 -5.15 -30.12 137.21
CA ALA B 59 -4.35 -31.25 137.62
C ALA B 59 -2.87 -30.99 137.33
N ASN B 60 -2.02 -31.39 138.27
CA ASN B 60 -0.58 -31.25 138.12
C ASN B 60 -0.05 -32.31 137.16
N ASP B 61 0.54 -31.87 136.07
CA ASP B 61 1.01 -32.77 135.03
C ASP B 61 2.43 -32.39 134.60
N ASP B 62 3.04 -33.26 133.81
CA ASP B 62 4.32 -32.98 133.17
C ASP B 62 4.18 -32.86 131.65
N MET B 63 2.95 -32.71 131.16
CA MET B 63 2.72 -32.62 129.73
C MET B 63 3.18 -31.29 129.16
N ALA B 64 3.13 -30.23 129.96
CA ALA B 64 3.49 -28.90 129.45
C ALA B 64 4.97 -28.81 129.14
N GLU B 65 5.82 -29.49 129.91
CA GLU B 65 7.26 -29.44 129.65
C GLU B 65 7.62 -30.21 128.38
N LEU B 66 6.94 -31.33 128.13
CA LEU B 66 7.18 -32.08 126.92
C LEU B 66 6.64 -31.36 125.69
N LEU B 67 5.47 -30.73 125.82
CA LEU B 67 4.87 -30.05 124.68
C LEU B 67 5.60 -28.75 124.36
N LEU B 68 6.01 -28.00 125.39
CA LEU B 68 6.75 -26.77 125.14
C LEU B 68 8.19 -27.06 124.73
N GLY B 69 8.81 -28.08 125.33
CA GLY B 69 10.16 -28.42 124.94
C GLY B 69 10.23 -28.97 123.53
N GLU B 70 9.27 -29.82 123.16
CA GLU B 70 9.21 -30.30 121.78
C GLU B 70 8.79 -29.19 120.83
N SER B 71 8.00 -28.21 121.32
CA SER B 71 7.66 -27.04 120.53
C SER B 71 8.85 -26.11 120.31
N LYS B 72 9.84 -26.17 121.20
CA LYS B 72 11.04 -25.36 121.07
C LYS B 72 12.13 -26.08 120.28
N LEU B 73 12.16 -27.41 120.33
CA LEU B 73 13.06 -28.14 119.43
C LEU B 73 12.55 -28.08 118.00
N GLU B 74 11.25 -28.36 117.81
CA GLU B 74 10.66 -28.23 116.49
C GLU B 74 10.59 -26.77 116.05
N GLN B 75 10.45 -25.85 117.00
CA GLN B 75 10.55 -24.44 116.67
C GLN B 75 11.96 -24.07 116.24
N TYR B 76 12.97 -24.68 116.86
CA TYR B 76 14.35 -24.46 116.43
C TYR B 76 14.62 -25.07 115.06
N LEU B 77 13.98 -26.19 114.76
CA LEU B 77 14.10 -26.76 113.43
C LEU B 77 13.38 -25.88 112.41
N LYS B 78 12.28 -25.24 112.81
CA LYS B 78 11.61 -24.28 111.95
C LYS B 78 12.42 -23.01 111.80
N GLU B 79 13.33 -22.74 112.73
CA GLU B 79 14.23 -21.59 112.62
C GLU B 79 15.56 -22.00 112.02
N HIS B 80 16.28 -22.92 112.68
CA HIS B 80 17.60 -23.35 112.26
C HIS B 80 17.61 -24.87 112.12
N PRO B 81 17.38 -25.39 110.92
CA PRO B 81 17.45 -26.83 110.72
C PRO B 81 18.88 -27.32 110.84
N LEU B 82 19.01 -28.64 110.94
CA LEU B 82 20.32 -29.28 111.09
C LEU B 82 20.96 -29.48 109.72
N ARG B 83 22.29 -29.36 109.69
CA ARG B 83 23.06 -29.45 108.47
C ARG B 83 23.92 -30.70 108.49
N GLN B 84 24.13 -31.27 107.31
CA GLN B 84 24.93 -32.47 107.18
C GLN B 84 26.41 -32.13 107.32
N GLY B 85 27.13 -32.95 108.08
CA GLY B 85 28.53 -32.70 108.34
C GLY B 85 28.73 -31.57 109.32
N ALA B 86 28.01 -31.62 110.43
CA ALA B 86 28.04 -30.58 111.45
C ALA B 86 28.93 -30.98 112.61
N SER B 87 29.42 -29.96 113.32
CA SER B 87 30.28 -30.18 114.47
C SER B 87 29.47 -30.50 115.72
N PRO B 88 30.09 -31.14 116.70
CA PRO B 88 29.42 -31.33 118.00
C PRO B 88 29.12 -29.98 118.64
N ARG B 89 27.83 -29.72 118.85
CA ARG B 89 27.36 -28.42 119.28
C ARG B 89 27.49 -28.29 120.79
N GLY B 90 26.98 -27.19 121.35
CA GLY B 90 26.97 -26.96 122.77
C GLY B 90 28.09 -26.04 123.23
N PRO B 91 27.86 -25.31 124.32
CA PRO B 91 26.59 -25.24 125.06
C PRO B 91 25.61 -24.22 124.48
N LYS B 92 24.36 -24.63 124.26
CA LYS B 92 23.36 -23.73 123.70
C LYS B 92 22.28 -23.43 124.73
N PRO B 93 21.90 -22.16 124.87
CA PRO B 93 20.84 -21.81 125.83
C PRO B 93 19.49 -22.38 125.45
N GLN B 94 19.18 -22.49 124.15
CA GLN B 94 17.93 -23.14 123.76
C GLN B 94 17.96 -24.62 124.11
N LEU B 95 19.10 -25.27 123.89
CA LEU B 95 19.25 -26.66 124.31
C LEU B 95 19.34 -26.78 125.82
N THR B 96 19.71 -25.70 126.51
CA THR B 96 19.60 -25.70 127.97
C THR B 96 18.15 -25.61 128.41
N GLU B 97 17.34 -24.86 127.66
CA GLU B 97 15.89 -24.85 127.92
C GLU B 97 15.32 -26.24 127.71
N VAL B 98 15.62 -26.86 126.57
CA VAL B 98 15.17 -28.22 126.30
C VAL B 98 15.70 -29.18 127.36
N ARG B 99 16.89 -28.91 127.88
CA ARG B 99 17.41 -29.70 128.99
C ARG B 99 16.53 -29.53 130.22
N LYS B 100 16.03 -28.32 130.44
CA LYS B 100 15.12 -28.09 131.55
C LYS B 100 13.81 -28.83 131.35
N HIS B 101 13.28 -28.81 130.11
CA HIS B 101 12.02 -29.49 129.85
C HIS B 101 12.16 -30.99 130.00
N LEU B 102 13.23 -31.56 129.44
CA LEU B 102 13.38 -33.01 129.46
C LEU B 102 13.78 -33.52 130.84
N THR B 103 14.68 -32.81 131.53
CA THR B 103 15.05 -33.22 132.87
C THR B 103 13.95 -32.92 133.88
N ALA B 104 13.02 -32.03 133.54
CA ALA B 104 11.86 -31.79 134.39
C ALA B 104 10.81 -32.87 134.19
N ALA B 105 10.50 -33.21 132.92
CA ALA B 105 9.53 -34.26 132.66
C ALA B 105 10.05 -35.62 133.14
N LEU B 106 11.35 -35.87 132.98
CA LEU B 106 11.94 -37.08 133.53
C LEU B 106 12.14 -36.99 135.04
N ASP B 107 12.22 -35.78 135.58
CA ASP B 107 12.44 -35.61 137.01
C ASP B 107 11.16 -35.86 137.81
N ARG B 108 10.07 -35.23 137.42
CA ARG B 108 8.80 -35.42 138.13
C ARG B 108 8.18 -36.76 137.80
N GLY B 109 7.93 -37.02 136.52
CA GLY B 109 7.39 -38.29 136.09
C GLY B 109 5.87 -38.39 136.14
N ASN B 110 5.16 -37.29 135.94
CA ASN B 110 3.70 -37.31 135.88
C ASN B 110 3.20 -37.48 134.45
N LEU B 111 3.70 -38.51 133.77
CA LEU B 111 3.28 -38.82 132.41
C LEU B 111 3.28 -40.33 132.21
N LYS B 112 2.92 -40.76 131.01
CA LYS B 112 2.98 -42.17 130.69
C LYS B 112 4.44 -42.58 130.47
N SER B 113 4.65 -43.90 130.35
CA SER B 113 6.01 -44.40 130.19
C SER B 113 6.55 -44.16 128.79
N GLU B 114 5.70 -44.19 127.77
CA GLU B 114 6.17 -43.99 126.41
C GLU B 114 6.56 -42.54 126.15
N PHE B 115 5.90 -41.59 126.82
CA PHE B 115 6.31 -40.20 126.70
C PHE B 115 7.64 -39.96 127.38
N LEU B 116 7.94 -40.72 128.45
CA LEU B 116 9.27 -40.67 129.03
C LEU B 116 10.29 -41.37 128.14
N GLN B 117 9.85 -42.38 127.38
CA GLN B 117 10.71 -43.00 126.40
C GLN B 117 11.09 -42.00 125.32
N GLU B 118 10.11 -41.27 124.79
CA GLU B 118 10.40 -40.28 123.76
C GLU B 118 11.16 -39.10 124.35
N SER B 119 10.98 -38.81 125.63
CA SER B 119 11.83 -37.81 126.28
C SER B 119 13.26 -38.31 126.38
N ASN B 120 13.46 -39.63 126.53
CA ASN B 120 14.80 -40.19 126.47
C ASN B 120 15.34 -40.18 125.06
N LEU B 121 14.45 -40.22 124.05
CA LEU B 121 14.89 -40.17 122.67
C LEU B 121 15.34 -38.77 122.29
N ILE B 122 14.62 -37.75 122.77
CA ILE B 122 15.06 -36.37 122.53
C ILE B 122 16.24 -36.03 123.43
N MET B 123 16.36 -36.71 124.57
CA MET B 123 17.55 -36.55 125.40
C MET B 123 18.78 -37.11 124.70
N ALA B 124 18.67 -38.32 124.15
CA ALA B 124 19.77 -38.89 123.38
C ALA B 124 19.99 -38.15 122.08
N LYS B 125 18.95 -37.50 121.54
CA LYS B 125 19.15 -36.62 120.39
C LYS B 125 19.96 -35.40 120.77
N LEU B 126 19.68 -34.84 121.94
CA LEU B 126 20.53 -33.78 122.48
C LEU B 126 21.95 -34.29 122.68
N ASN B 127 22.09 -35.55 123.08
CA ASN B 127 23.41 -36.14 123.22
C ASN B 127 24.11 -36.25 121.88
N TYR B 128 23.35 -36.50 120.81
CA TYR B 128 23.94 -36.60 119.49
C TYR B 128 24.34 -35.23 118.95
N VAL B 129 23.51 -34.22 119.20
CA VAL B 129 23.84 -32.87 118.71
C VAL B 129 25.01 -32.30 119.49
N GLU B 130 25.03 -32.48 120.81
CA GLU B 130 26.10 -31.92 121.61
C GLU B 130 27.42 -32.65 121.37
N GLY B 131 27.37 -33.94 121.05
CA GLY B 131 28.58 -34.68 120.77
C GLY B 131 28.86 -35.79 121.76
N ASP B 132 27.82 -36.35 122.35
CA ASP B 132 27.95 -37.51 123.22
C ASP B 132 27.85 -38.78 122.38
N TYR B 133 28.68 -39.76 122.71
CA TYR B 133 28.79 -40.97 121.91
C TYR B 133 28.37 -42.22 122.68
N LYS B 134 28.95 -42.44 123.87
CA LYS B 134 28.69 -43.69 124.58
C LYS B 134 27.35 -43.68 125.28
N GLU B 135 27.00 -42.58 125.95
CA GLU B 135 25.75 -42.53 126.70
C GLU B 135 24.55 -42.49 125.77
N ALA B 136 24.70 -41.89 124.59
CA ALA B 136 23.63 -41.96 123.60
C ALA B 136 23.33 -43.41 123.24
N LEU B 137 24.36 -44.17 122.90
CA LEU B 137 24.18 -45.59 122.62
C LEU B 137 23.68 -46.35 123.84
N ASN B 138 23.97 -45.84 125.04
CA ASN B 138 23.38 -46.42 126.24
C ASN B 138 21.88 -46.17 126.29
N ILE B 139 21.44 -45.02 125.78
CA ILE B 139 20.01 -44.71 125.78
C ILE B 139 19.29 -45.51 124.70
N TYR B 140 19.87 -45.58 123.50
CA TYR B 140 19.22 -46.29 122.41
C TYR B 140 19.25 -47.79 122.59
N ALA B 141 20.13 -48.29 123.45
CA ALA B 141 20.09 -49.70 123.81
C ALA B 141 19.08 -49.98 124.91
N ARG B 142 18.65 -48.95 125.63
CA ARG B 142 17.78 -49.09 126.78
C ARG B 142 16.31 -48.84 126.47
N VAL B 143 16.00 -47.87 125.60
CA VAL B 143 14.62 -47.49 125.37
C VAL B 143 13.90 -48.57 124.59
N GLY B 144 14.34 -48.81 123.35
CA GLY B 144 13.75 -49.87 122.56
C GLY B 144 12.58 -49.40 121.73
N LEU B 145 12.74 -49.36 120.41
CA LEU B 145 11.67 -48.90 119.53
C LEU B 145 10.99 -50.04 118.78
N ASP B 146 11.67 -51.17 118.61
CA ASP B 146 11.11 -52.29 117.85
C ASP B 146 10.02 -53.03 118.63
N ASP B 147 10.05 -52.96 119.96
CA ASP B 147 8.94 -53.47 120.75
C ASP B 147 7.77 -52.50 120.78
N LEU B 148 7.99 -51.24 120.39
CA LEU B 148 6.90 -50.30 120.27
C LEU B 148 6.13 -50.59 118.98
N PRO B 149 4.81 -50.75 119.04
CA PRO B 149 4.07 -51.23 117.88
C PRO B 149 4.02 -50.21 116.77
N LEU B 150 3.56 -50.68 115.60
CA LEU B 150 3.40 -49.84 114.42
C LEU B 150 1.95 -49.67 113.99
N THR B 151 1.05 -50.50 114.45
CA THR B 151 -0.35 -50.41 114.06
C THR B 151 -1.11 -49.49 115.00
N ALA B 152 -1.94 -48.62 114.41
CA ALA B 152 -2.76 -47.69 115.19
C ALA B 152 -1.88 -46.80 116.07
N VAL B 153 -0.91 -46.15 115.44
CA VAL B 153 0.04 -45.28 116.13
C VAL B 153 -0.25 -43.84 115.72
N PRO B 154 -0.28 -42.90 116.66
CA PRO B 154 -0.49 -41.50 116.29
C PRO B 154 0.70 -40.97 115.51
N PRO B 155 0.49 -39.99 114.62
CA PRO B 155 1.57 -39.60 113.71
C PRO B 155 2.77 -38.97 114.39
N TYR B 156 2.58 -38.07 115.37
CA TYR B 156 3.71 -37.45 116.02
C TYR B 156 4.62 -38.48 116.69
N ARG B 157 4.02 -39.57 117.17
CA ARG B 157 4.81 -40.68 117.70
C ARG B 157 5.67 -41.30 116.61
N LEU B 158 5.12 -41.46 115.40
CA LEU B 158 5.92 -41.99 114.30
C LEU B 158 7.00 -41.01 113.88
N ARG B 159 6.75 -39.72 114.07
CA ARG B 159 7.72 -38.72 113.65
C ARG B 159 8.90 -38.67 114.62
N VAL B 160 8.60 -38.55 115.92
CA VAL B 160 9.66 -38.54 116.92
C VAL B 160 10.41 -39.87 116.91
N ILE B 161 9.67 -40.98 116.87
CA ILE B 161 10.32 -42.28 116.92
C ILE B 161 11.09 -42.55 115.64
N ALA B 162 10.58 -42.08 114.50
CA ALA B 162 11.30 -42.27 113.25
C ALA B 162 12.60 -41.49 113.25
N GLU B 163 12.54 -40.22 113.64
CA GLU B 163 13.76 -39.45 113.82
C GLU B 163 14.66 -40.04 114.89
N ALA B 164 14.11 -40.86 115.78
CA ALA B 164 14.92 -41.67 116.68
C ALA B 164 15.52 -42.88 115.99
N TYR B 165 14.89 -43.39 114.93
CA TYR B 165 15.54 -44.42 114.14
C TYR B 165 16.74 -43.85 113.41
N ALA B 166 16.54 -42.70 112.74
CA ALA B 166 17.64 -42.09 112.01
C ALA B 166 18.73 -41.62 112.96
N THR B 167 18.35 -40.91 114.02
CA THR B 167 19.35 -40.48 115.00
C THR B 167 20.02 -41.67 115.65
N LYS B 168 19.29 -42.76 115.85
CA LYS B 168 19.87 -43.95 116.46
C LYS B 168 20.92 -44.58 115.56
N GLY B 169 20.64 -44.71 114.27
CA GLY B 169 21.64 -45.19 113.34
C GLY B 169 22.83 -44.25 113.25
N LEU B 170 22.58 -42.95 113.32
CA LEU B 170 23.67 -41.99 113.31
C LEU B 170 24.56 -42.16 114.53
N CYS B 171 23.96 -42.41 115.69
CA CYS B 171 24.76 -42.71 116.88
C CYS B 171 25.49 -44.02 116.71
N LEU B 172 24.93 -44.97 115.97
CA LEU B 172 25.63 -46.20 115.70
C LEU B 172 26.79 -46.00 114.74
N GLU B 173 26.74 -44.95 113.92
CA GLU B 173 27.72 -44.78 112.86
C GLU B 173 28.78 -43.73 113.15
N LYS B 174 28.52 -42.77 114.03
CA LYS B 174 29.51 -41.74 114.30
C LYS B 174 30.68 -42.25 115.14
N LEU B 175 30.57 -43.43 115.71
CA LEU B 175 31.68 -44.09 116.39
C LEU B 175 32.26 -45.20 115.53
N PRO B 176 33.54 -45.55 115.72
CA PRO B 176 34.10 -46.72 115.05
C PRO B 176 33.72 -48.02 115.75
N ASP B 187 27.79 -57.10 114.07
CA ASP B 187 27.85 -56.52 112.72
C ASP B 187 27.21 -55.15 112.68
N ARG B 188 28.03 -54.13 112.43
CA ARG B 188 27.50 -52.77 112.33
C ARG B 188 26.72 -52.59 111.03
N GLU B 189 27.10 -53.32 109.98
CA GLU B 189 26.31 -53.32 108.77
C GLU B 189 24.88 -53.76 109.04
N GLN B 190 24.72 -54.77 109.89
CA GLN B 190 23.37 -55.20 110.27
C GLN B 190 22.66 -54.12 111.07
N ASP B 191 23.40 -53.29 111.79
CA ASP B 191 22.78 -52.18 112.50
C ASP B 191 22.32 -51.10 111.53
N VAL B 192 23.10 -50.87 110.47
CA VAL B 192 22.65 -49.97 109.42
C VAL B 192 21.38 -50.52 108.78
N ILE B 193 21.35 -51.84 108.57
CA ILE B 193 20.15 -52.51 108.07
C ILE B 193 18.98 -52.25 109.00
N THR B 194 19.20 -52.39 110.30
CA THR B 194 18.11 -52.26 111.27
C THR B 194 17.58 -50.84 111.32
N CYS B 195 18.43 -49.89 111.72
CA CYS B 195 17.94 -48.54 111.97
C CYS B 195 17.60 -47.81 110.69
N TYR B 196 18.28 -48.14 109.59
CA TYR B 196 18.04 -47.41 108.36
C TYR B 196 16.97 -48.04 107.49
N GLU B 197 16.84 -49.37 107.54
CA GLU B 197 15.74 -50.00 106.81
C GLU B 197 14.44 -49.84 107.57
N LYS B 198 14.48 -49.98 108.89
CA LYS B 198 13.32 -49.63 109.70
C LYS B 198 13.03 -48.15 109.63
N ALA B 199 14.07 -47.31 109.59
CA ALA B 199 13.85 -45.88 109.40
C ALA B 199 13.19 -45.60 108.06
N GLY B 200 13.52 -46.39 107.04
CA GLY B 200 12.93 -46.16 105.74
C GLY B 200 11.49 -46.62 105.67
N ASP B 201 11.22 -47.84 106.13
CA ASP B 201 9.85 -48.36 106.05
C ASP B 201 8.92 -47.57 106.96
N ILE B 202 9.35 -47.27 108.18
CA ILE B 202 8.51 -46.54 109.12
C ILE B 202 8.47 -45.07 108.78
N ALA B 203 9.50 -44.56 108.09
CA ALA B 203 9.44 -43.19 107.60
C ALA B 203 8.43 -43.06 106.48
N LEU B 204 8.45 -44.01 105.53
CA LEU B 204 7.40 -44.06 104.52
C LEU B 204 6.03 -44.22 105.18
N LEU B 205 5.98 -45.00 106.25
CA LEU B 205 4.73 -45.12 107.00
C LEU B 205 4.31 -43.79 107.59
N TYR B 206 5.27 -42.94 107.97
CA TYR B 206 4.91 -41.63 108.48
C TYR B 206 4.47 -40.69 107.37
N LEU B 207 5.03 -40.83 106.18
CA LEU B 207 4.65 -39.92 105.11
C LEU B 207 3.28 -40.29 104.54
N GLN B 208 3.08 -41.56 104.21
CA GLN B 208 1.74 -42.02 103.87
C GLN B 208 0.78 -41.79 105.02
N GLU B 209 1.30 -41.86 106.25
CA GLU B 209 0.49 -41.59 107.43
C GLU B 209 -0.04 -40.17 107.42
N ILE B 210 0.86 -39.20 107.24
CA ILE B 210 0.47 -37.81 107.34
C ILE B 210 -0.32 -37.38 106.13
N GLU B 211 -0.08 -37.98 104.97
CA GLU B 211 -0.98 -37.75 103.85
C GLU B 211 -2.34 -38.37 104.13
N ARG B 212 -2.36 -39.46 104.90
CA ARG B 212 -3.62 -40.08 105.26
C ARG B 212 -4.39 -39.23 106.25
N VAL B 213 -3.69 -38.45 107.06
CA VAL B 213 -4.34 -37.62 108.08
C VAL B 213 -4.75 -36.28 107.52
N ILE B 214 -3.88 -35.64 106.74
CA ILE B 214 -4.19 -34.32 106.19
C ILE B 214 -5.37 -34.42 105.22
N LEU B 215 -5.43 -35.50 104.45
CA LEU B 215 -6.59 -35.70 103.60
C LEU B 215 -7.83 -36.06 104.41
N SER B 216 -7.65 -36.50 105.64
CA SER B 216 -8.78 -36.81 106.52
C SER B 216 -9.27 -35.55 107.22
N GLU B 233 6.36 -30.89 103.59
CA GLU B 233 7.57 -30.33 104.20
C GLU B 233 8.49 -31.43 104.69
N LEU B 234 9.75 -31.37 104.26
CA LEU B 234 10.70 -32.45 104.46
C LEU B 234 11.70 -32.11 105.56
N GLY B 235 12.10 -33.11 106.33
CA GLY B 235 13.04 -32.95 107.40
C GLY B 235 14.41 -33.54 107.08
N PHE B 236 15.36 -33.24 107.98
CA PHE B 236 16.74 -33.69 107.77
C PHE B 236 16.88 -35.18 108.02
N PHE B 237 16.31 -35.68 109.11
CA PHE B 237 16.47 -37.09 109.43
C PHE B 237 15.72 -37.99 108.46
N LEU B 238 14.68 -37.48 107.80
CA LEU B 238 14.06 -38.25 106.73
C LEU B 238 15.03 -38.46 105.58
N GLU B 239 15.75 -37.40 105.22
CA GLU B 239 16.78 -37.53 104.20
C GLU B 239 17.91 -38.43 104.67
N THR B 240 18.24 -38.38 105.96
CA THR B 240 19.33 -39.20 106.47
C THR B 240 18.97 -40.68 106.41
N GLY B 241 17.81 -41.04 106.95
CA GLY B 241 17.41 -42.43 106.96
C GLY B 241 17.06 -42.97 105.59
N LEU B 242 16.48 -42.13 104.73
CA LEU B 242 16.10 -42.59 103.40
C LEU B 242 17.31 -42.73 102.49
N GLN B 243 18.17 -41.71 102.45
CA GLN B 243 19.30 -41.74 101.54
C GLN B 243 20.44 -42.60 102.06
N ARG B 244 20.75 -42.45 103.35
CA ARG B 244 21.97 -43.02 103.92
C ARG B 244 21.99 -44.53 103.78
N ALA B 245 20.81 -45.17 103.81
CA ALA B 245 20.76 -46.63 103.72
C ALA B 245 21.30 -47.13 102.40
N HIS B 246 20.62 -46.81 101.30
CA HIS B 246 21.06 -47.33 100.01
C HIS B 246 22.40 -46.73 99.61
N VAL B 247 22.69 -45.49 100.00
CA VAL B 247 23.98 -44.90 99.68
C VAL B 247 25.10 -45.72 100.32
N LEU B 248 24.93 -46.05 101.60
CA LEU B 248 25.89 -46.94 102.23
C LEU B 248 25.90 -48.31 101.58
N TYR B 249 24.75 -48.73 101.04
CA TYR B 249 24.68 -50.07 100.46
C TYR B 249 25.54 -50.16 99.21
N PHE B 250 25.52 -49.12 98.39
CA PHE B 250 26.40 -49.06 97.24
C PHE B 250 27.82 -48.66 97.63
N LYS B 251 27.99 -48.09 98.82
CA LYS B 251 29.35 -47.98 99.35
C LYS B 251 29.91 -49.35 99.71
N ASN B 252 29.04 -50.27 100.12
CA ASN B 252 29.47 -51.59 100.56
C ASN B 252 29.64 -52.58 99.42
N GLY B 253 29.15 -52.26 98.24
CA GLY B 253 28.99 -53.26 97.21
C GLY B 253 27.74 -54.09 97.36
N ASN B 254 26.81 -53.67 98.22
CA ASN B 254 25.57 -54.40 98.44
C ASN B 254 24.58 -54.02 97.33
N LEU B 255 24.87 -54.51 96.13
CA LEU B 255 24.06 -54.19 94.97
C LEU B 255 22.64 -54.72 95.13
N THR B 256 22.52 -55.95 95.62
CA THR B 256 21.23 -56.61 95.68
C THR B 256 20.27 -55.86 96.60
N ARG B 257 20.73 -55.51 97.80
CA ARG B 257 19.90 -54.73 98.71
C ARG B 257 19.78 -53.29 98.30
N GLY B 258 20.69 -52.79 97.46
CA GLY B 258 20.50 -51.47 96.89
C GLY B 258 19.29 -51.44 95.98
N VAL B 259 19.25 -52.38 95.03
CA VAL B 259 18.07 -52.47 94.17
C VAL B 259 16.84 -52.82 94.98
N GLY B 260 17.00 -53.63 96.03
CA GLY B 260 15.86 -53.96 96.86
C GLY B 260 15.29 -52.75 97.57
N ARG B 261 16.16 -51.92 98.14
CA ARG B 261 15.68 -50.71 98.80
C ARG B 261 15.13 -49.71 97.80
N PHE B 262 15.69 -49.69 96.58
CA PHE B 262 15.11 -48.83 95.55
C PHE B 262 13.69 -49.26 95.24
N ARG B 263 13.48 -50.55 95.05
CA ARG B 263 12.14 -51.01 94.74
C ARG B 263 11.22 -50.92 95.95
N GLU B 264 11.77 -50.90 97.15
CA GLU B 264 10.93 -50.67 98.33
C GLU B 264 10.48 -49.23 98.39
N LEU B 265 11.40 -48.30 98.19
CA LEU B 265 11.04 -46.89 98.20
C LEU B 265 10.18 -46.52 97.00
N LEU B 266 10.20 -47.34 95.95
CA LEU B 266 9.43 -47.04 94.76
C LEU B 266 8.07 -47.74 94.73
N ARG B 267 7.97 -48.96 95.25
CA ARG B 267 6.69 -49.63 95.30
C ARG B 267 5.76 -49.04 96.35
N ALA B 268 6.28 -48.17 97.21
CA ALA B 268 5.42 -47.42 98.10
C ALA B 268 4.56 -46.43 97.31
N VAL B 269 3.36 -46.16 97.81
CA VAL B 269 2.46 -45.23 97.14
C VAL B 269 3.01 -43.81 97.25
N GLU B 270 2.82 -43.02 96.20
CA GLU B 270 3.45 -41.72 96.09
C GLU B 270 2.96 -40.75 97.16
N THR B 271 3.89 -40.26 97.97
CA THR B 271 3.64 -39.14 98.85
C THR B 271 3.99 -37.84 98.14
N ARG B 272 3.17 -36.81 98.36
CA ARG B 272 3.37 -35.54 97.67
C ARG B 272 4.70 -34.88 98.04
N THR B 273 5.31 -35.25 99.15
CA THR B 273 6.60 -34.72 99.53
C THR B 273 7.75 -35.65 99.18
N THR B 274 7.46 -36.83 98.65
CA THR B 274 8.49 -37.76 98.19
C THR B 274 8.65 -37.73 96.67
N GLN B 275 7.90 -36.84 96.00
CA GLN B 275 7.98 -36.77 94.54
C GLN B 275 9.37 -36.39 94.09
N ASN B 276 10.03 -35.49 94.81
CA ASN B 276 11.45 -35.26 94.55
C ASN B 276 12.25 -36.53 94.78
N LEU B 277 12.01 -37.18 95.92
CA LEU B 277 12.75 -38.39 96.23
C LEU B 277 12.44 -39.48 95.22
N ARG B 278 11.17 -39.61 94.83
CA ARG B 278 10.82 -40.65 93.88
C ARG B 278 11.41 -40.38 92.50
N MET B 279 11.46 -39.11 92.10
CA MET B 279 12.05 -38.80 90.80
C MET B 279 13.54 -39.08 90.81
N THR B 280 14.23 -38.64 91.86
CA THR B 280 15.67 -38.87 91.95
C THR B 280 16.00 -40.35 92.04
N ILE B 281 15.18 -41.11 92.77
CA ILE B 281 15.46 -42.53 92.91
C ILE B 281 15.08 -43.28 91.64
N ALA B 282 14.10 -42.80 90.89
CA ALA B 282 13.82 -43.36 89.59
C ALA B 282 14.95 -43.07 88.63
N ARG B 283 15.57 -41.90 88.77
CA ARG B 283 16.74 -41.57 87.95
C ARG B 283 17.90 -42.50 88.27
N GLN B 284 18.23 -42.63 89.55
CA GLN B 284 19.40 -43.42 89.91
C GLN B 284 19.16 -44.90 89.62
N LEU B 285 17.98 -45.39 89.95
CA LEU B 285 17.66 -46.77 89.66
C LEU B 285 17.63 -47.03 88.17
N ALA B 286 17.16 -46.06 87.38
CA ALA B 286 17.21 -46.23 85.93
C ALA B 286 18.66 -46.30 85.47
N GLU B 287 19.52 -45.45 86.04
CA GLU B 287 20.96 -45.52 85.76
C GLU B 287 21.49 -46.92 85.98
N ILE B 288 21.28 -47.46 87.17
CA ILE B 288 21.85 -48.76 87.49
C ILE B 288 21.17 -49.85 86.66
N LEU B 289 19.92 -49.63 86.23
CA LEU B 289 19.27 -50.59 85.35
C LEU B 289 19.92 -50.61 83.98
N LEU B 290 20.46 -49.48 83.53
CA LEU B 290 21.00 -49.41 82.19
C LEU B 290 22.51 -49.59 82.12
N ARG B 291 23.22 -49.42 83.23
CA ARG B 291 24.68 -49.41 83.20
C ARG B 291 25.33 -50.53 84.00
N GLY B 292 24.57 -51.28 84.80
CA GLY B 292 25.17 -52.34 85.58
C GLY B 292 24.48 -53.69 85.45
N MET B 293 23.24 -53.69 84.97
CA MET B 293 22.39 -54.86 84.99
C MET B 293 22.00 -55.28 83.58
N CYS B 294 21.73 -56.56 83.43
CA CYS B 294 21.25 -57.15 82.18
C CYS B 294 19.92 -57.84 82.43
N GLU B 295 19.44 -58.56 81.42
CA GLU B 295 18.19 -59.30 81.58
C GLU B 295 18.41 -60.61 82.32
N GLN B 296 19.59 -61.21 82.20
CA GLN B 296 19.89 -62.41 82.98
C GLN B 296 20.16 -62.08 84.44
N SER B 297 20.69 -60.89 84.72
CA SER B 297 20.85 -60.42 86.09
C SER B 297 19.65 -59.61 86.55
N TYR B 298 18.48 -59.87 85.99
CA TYR B 298 17.27 -59.14 86.31
C TYR B 298 16.32 -60.04 87.09
N TRP B 299 15.55 -59.42 87.99
CA TRP B 299 14.43 -60.09 88.65
C TRP B 299 13.29 -59.10 88.77
N ASN B 300 12.07 -59.63 88.72
CA ASN B 300 10.89 -58.78 88.80
C ASN B 300 10.79 -58.16 90.19
N PRO B 301 10.17 -56.99 90.30
CA PRO B 301 9.93 -56.39 91.61
C PRO B 301 9.01 -57.22 92.49
N LEU B 302 8.23 -58.12 91.90
CA LEU B 302 7.41 -59.05 92.67
C LEU B 302 8.18 -60.29 93.09
N GLU B 303 9.45 -60.41 92.71
CA GLU B 303 10.20 -61.65 92.86
C GLU B 303 11.38 -61.45 93.80
N ASP B 304 12.22 -62.48 93.88
CA ASP B 304 13.32 -62.59 94.80
C ASP B 304 14.66 -62.39 94.08
N PRO B 305 15.63 -61.78 94.75
CA PRO B 305 16.97 -61.70 94.19
C PRO B 305 17.69 -63.02 94.35
N PRO B 306 18.74 -63.25 93.56
CA PRO B 306 19.56 -64.45 93.74
C PRO B 306 20.45 -64.31 94.97
N CYS B 307 21.07 -65.43 95.33
CA CYS B 307 21.95 -65.50 96.49
C CYS B 307 23.43 -65.40 96.13
N GLN B 308 23.84 -66.05 95.05
CA GLN B 308 25.22 -66.01 94.57
C GLN B 308 25.23 -65.17 93.29
N SER B 309 25.34 -63.86 93.45
CA SER B 309 25.28 -62.94 92.33
C SER B 309 26.52 -62.06 92.29
N PRO B 310 26.99 -61.68 91.10
CA PRO B 310 28.06 -60.69 91.04
C PRO B 310 27.66 -59.34 91.58
N LEU B 311 26.39 -58.95 91.42
CA LEU B 311 25.90 -57.69 91.98
C LEU B 311 25.29 -57.93 93.35
N ASN B 320 24.09 -61.39 100.48
CA ASN B 320 23.43 -60.91 101.69
C ASN B 320 22.12 -61.66 101.91
N THR B 321 21.67 -61.70 103.17
CA THR B 321 20.46 -62.43 103.53
C THR B 321 19.65 -61.59 104.50
N LYS B 322 18.34 -61.54 104.29
CA LYS B 322 17.47 -60.74 105.13
C LYS B 322 17.37 -61.35 106.53
N THR B 323 17.36 -60.47 107.54
CA THR B 323 17.30 -60.92 108.93
C THR B 323 15.87 -60.94 109.46
N TYR B 324 15.19 -59.80 109.43
CA TYR B 324 13.91 -59.65 110.09
C TYR B 324 12.81 -59.38 109.09
N THR B 325 11.61 -59.16 109.62
CA THR B 325 10.45 -58.75 108.85
C THR B 325 9.56 -57.94 109.77
N LEU B 326 9.25 -56.71 109.39
CA LEU B 326 8.54 -55.81 110.28
C LEU B 326 7.07 -56.20 110.40
N THR B 327 6.41 -55.63 111.40
CA THR B 327 4.99 -55.88 111.61
C THR B 327 4.11 -55.06 110.70
N ARG B 328 4.66 -54.03 110.06
CA ARG B 328 3.87 -53.12 109.25
C ARG B 328 4.80 -52.39 108.30
N ARG B 329 4.38 -52.26 107.05
CA ARG B 329 5.12 -51.53 106.03
C ARG B 329 4.23 -50.46 105.42
N ALA B 330 4.74 -49.78 104.40
CA ALA B 330 3.96 -48.82 103.67
C ALA B 330 3.04 -49.53 102.69
N ARG B 331 2.22 -48.76 101.97
CA ARG B 331 1.32 -49.30 100.97
C ARG B 331 2.10 -49.67 99.72
N VAL B 332 2.22 -50.97 99.44
CA VAL B 332 2.95 -51.48 98.29
C VAL B 332 1.96 -51.78 97.18
N TYR B 333 2.31 -51.40 95.94
CA TYR B 333 1.43 -51.61 94.81
C TYR B 333 1.38 -53.09 94.45
N SER B 334 0.16 -53.60 94.26
CA SER B 334 -0.08 -54.95 93.76
C SER B 334 -1.51 -55.02 93.24
N GLY B 335 -1.96 -56.22 92.86
CA GLY B 335 -3.30 -56.43 92.36
C GLY B 335 -3.26 -57.13 91.02
N GLU B 336 -4.35 -57.00 90.27
CA GLU B 336 -4.49 -57.69 89.00
C GLU B 336 -4.29 -56.79 87.80
N ASN B 337 -4.50 -55.48 87.93
CA ASN B 337 -4.36 -54.53 86.84
C ASN B 337 -2.98 -53.86 86.83
N ILE B 338 -2.03 -54.34 87.62
CA ILE B 338 -0.70 -53.75 87.66
C ILE B 338 0.12 -54.25 86.49
N PHE B 339 1.24 -53.59 86.22
CA PHE B 339 2.19 -54.04 85.23
C PHE B 339 3.51 -54.34 85.92
N CYS B 340 4.03 -55.54 85.69
CA CYS B 340 5.33 -55.91 86.23
C CYS B 340 6.31 -56.03 85.07
N PRO B 341 7.30 -55.14 84.97
CA PRO B 341 8.28 -55.22 83.88
C PRO B 341 9.14 -56.46 84.02
N GLN B 342 9.15 -57.29 82.97
CA GLN B 342 9.83 -58.57 83.01
C GLN B 342 11.29 -58.49 82.59
N GLU B 343 11.79 -57.30 82.26
CA GLU B 343 13.21 -57.12 81.99
C GLU B 343 13.58 -55.68 82.31
N ASN B 344 14.88 -55.43 82.42
CA ASN B 344 15.36 -54.17 82.97
C ASN B 344 14.97 -52.98 82.09
N THR B 345 14.87 -53.18 80.78
CA THR B 345 14.59 -52.06 79.90
C THR B 345 13.17 -51.56 80.07
N GLU B 346 12.20 -52.46 80.24
CA GLU B 346 10.84 -52.03 80.48
C GLU B 346 10.75 -51.25 81.78
N GLU B 347 11.45 -51.71 82.82
CA GLU B 347 11.38 -51.02 84.10
C GLU B 347 12.07 -49.67 84.04
N ALA B 348 13.17 -49.57 83.30
CA ALA B 348 13.76 -48.27 83.07
C ALA B 348 12.79 -47.35 82.33
N LEU B 349 12.07 -47.91 81.35
CA LEU B 349 11.12 -47.10 80.59
C LEU B 349 10.00 -46.59 81.49
N LEU B 350 9.55 -47.42 82.42
CA LEU B 350 8.52 -46.94 83.35
C LEU B 350 9.09 -45.88 84.27
N LEU B 351 10.28 -46.13 84.81
CA LEU B 351 10.91 -45.19 85.73
C LEU B 351 11.10 -43.83 85.09
N LEU B 352 11.44 -43.82 83.81
CA LEU B 352 11.77 -42.58 83.12
C LEU B 352 10.57 -41.94 82.43
N LEU B 353 9.50 -42.69 82.18
CA LEU B 353 8.26 -42.03 81.84
C LEU B 353 7.69 -41.31 83.05
N ILE B 354 7.73 -41.96 84.21
CA ILE B 354 7.37 -41.29 85.45
C ILE B 354 8.28 -40.09 85.67
N SER B 355 9.58 -40.27 85.46
CA SER B 355 10.51 -39.17 85.60
C SER B 355 10.29 -38.09 84.56
N GLU B 356 9.65 -38.42 83.45
CA GLU B 356 9.33 -37.39 82.45
C GLU B 356 8.14 -36.56 82.92
N SER B 357 7.10 -37.22 83.43
CA SER B 357 5.97 -36.47 83.98
C SER B 357 6.42 -35.59 85.14
N MET B 358 7.14 -36.18 86.09
CA MET B 358 7.62 -35.38 87.22
C MET B 358 8.63 -34.34 86.77
N ALA B 359 9.34 -34.60 85.67
CA ALA B 359 10.20 -33.56 85.11
C ALA B 359 9.49 -32.35 84.58
N ASN B 360 8.27 -32.52 84.08
CA ASN B 360 7.45 -31.36 83.75
C ASN B 360 6.79 -30.72 84.97
N ARG B 361 6.66 -31.49 86.05
CA ARG B 361 6.05 -30.94 87.25
C ARG B 361 7.11 -30.07 87.92
N ASP B 362 8.36 -30.50 87.88
CA ASP B 362 9.46 -29.74 88.49
C ASP B 362 10.05 -28.70 87.55
N ALA B 363 9.46 -28.51 86.38
CA ALA B 363 10.03 -27.60 85.40
C ALA B 363 9.71 -26.16 85.74
N VAL B 364 10.71 -25.28 85.57
CA VAL B 364 10.46 -23.85 85.59
C VAL B 364 10.33 -23.30 84.18
N LEU B 365 10.79 -24.06 83.19
CA LEU B 365 10.71 -23.65 81.80
C LEU B 365 11.48 -22.36 81.54
N SER B 366 12.57 -22.14 82.26
CA SER B 366 13.41 -20.96 82.04
C SER B 366 12.64 -19.63 82.04
N ARG B 367 11.84 -19.40 83.08
CA ARG B 367 11.02 -18.21 83.07
C ARG B 367 11.99 -17.06 82.95
N ILE B 368 13.03 -17.15 83.77
CA ILE B 368 14.19 -16.25 83.77
C ILE B 368 14.05 -14.73 83.87
N PRO B 369 13.04 -14.19 84.60
CA PRO B 369 13.10 -12.72 84.66
C PRO B 369 14.35 -12.36 85.48
N GLU B 370 14.45 -13.05 86.61
CA GLU B 370 15.57 -13.00 87.51
C GLU B 370 15.51 -14.38 88.13
N HIS B 371 15.65 -15.42 87.31
CA HIS B 371 15.60 -16.75 87.87
C HIS B 371 16.36 -17.82 87.09
N LYS B 372 17.64 -17.97 87.40
CA LYS B 372 18.54 -18.71 86.53
C LYS B 372 19.18 -19.90 87.20
N SER B 373 19.76 -19.71 88.39
CA SER B 373 20.44 -20.81 89.06
C SER B 373 19.47 -21.83 89.62
N ASP B 374 18.21 -21.47 89.80
CA ASP B 374 17.18 -22.42 90.18
C ASP B 374 16.48 -23.02 88.97
N ARG B 375 16.98 -22.72 87.77
CA ARG B 375 16.45 -23.24 86.52
C ARG B 375 17.39 -24.25 85.88
N LEU B 376 18.69 -23.99 85.90
CA LEU B 376 19.64 -24.84 85.20
C LEU B 376 19.73 -26.24 85.78
N ILE B 377 19.43 -26.40 87.07
CA ILE B 377 19.40 -27.74 87.62
C ILE B 377 18.17 -28.48 87.12
N SER B 378 17.05 -27.78 87.01
CA SER B 378 15.85 -28.36 86.42
C SER B 378 16.08 -28.79 84.98
N LEU B 379 17.02 -28.13 84.30
CA LEU B 379 17.34 -28.48 82.93
C LEU B 379 18.32 -29.65 82.88
N GLN B 380 19.35 -29.61 83.72
CA GLN B 380 20.36 -30.65 83.69
C GLN B 380 19.78 -31.99 84.11
N SER B 381 18.91 -31.98 85.13
CA SER B 381 18.29 -33.23 85.58
C SER B 381 17.47 -33.87 84.47
N ALA B 382 16.62 -33.06 83.81
CA ALA B 382 15.88 -33.57 82.68
C ALA B 382 16.80 -34.05 81.58
N SER B 383 17.95 -33.40 81.42
CA SER B 383 18.92 -33.86 80.42
C SER B 383 19.41 -35.27 80.73
N VAL B 384 19.71 -35.53 82.01
CA VAL B 384 20.07 -36.88 82.40
C VAL B 384 18.93 -37.84 82.07
N VAL B 385 17.71 -37.41 82.35
CA VAL B 385 16.55 -38.26 82.16
C VAL B 385 16.43 -38.67 80.70
N TYR B 386 16.31 -37.68 79.83
CA TYR B 386 16.12 -37.98 78.42
C TYR B 386 17.32 -38.63 77.78
N ASP B 387 18.54 -38.40 78.30
CA ASP B 387 19.67 -39.18 77.82
C ASP B 387 19.47 -40.65 78.11
N LEU B 388 18.99 -40.95 79.32
CA LEU B 388 18.66 -42.34 79.64
C LEU B 388 17.54 -42.85 78.75
N LEU B 389 16.53 -42.03 78.45
CA LEU B 389 15.50 -42.46 77.52
C LEU B 389 16.10 -42.76 76.15
N THR B 390 17.10 -41.98 75.74
CA THR B 390 17.76 -42.20 74.47
C THR B 390 18.45 -43.55 74.44
N ILE B 391 19.12 -43.91 75.52
CA ILE B 391 19.71 -45.24 75.56
C ILE B 391 18.62 -46.31 75.56
N ALA B 392 17.55 -46.06 76.30
CA ALA B 392 16.51 -47.08 76.49
C ALA B 392 15.82 -47.40 75.18
N LEU B 393 15.13 -46.42 74.61
CA LEU B 393 14.49 -46.66 73.32
C LEU B 393 15.50 -46.81 72.19
N GLY B 394 16.77 -46.52 72.44
CA GLY B 394 17.80 -46.67 71.43
C GLY B 394 18.26 -48.09 71.24
N ARG B 395 18.67 -48.74 72.32
CA ARG B 395 19.11 -50.13 72.20
C ARG B 395 17.98 -51.05 71.76
N ARG B 396 16.73 -50.62 71.91
CA ARG B 396 15.57 -51.39 71.46
C ARG B 396 15.04 -50.92 70.10
N GLY B 397 15.63 -49.88 69.53
CA GLY B 397 15.24 -49.49 68.19
C GLY B 397 13.85 -48.89 68.06
N GLN B 398 13.30 -48.31 69.12
CA GLN B 398 11.97 -47.71 69.08
C GLN B 398 12.12 -46.20 68.99
N TYR B 399 12.29 -45.70 67.77
CA TYR B 399 12.68 -44.32 67.56
C TYR B 399 11.52 -43.39 67.30
N GLU B 400 10.37 -43.90 66.87
CA GLU B 400 9.21 -43.03 66.80
C GLU B 400 8.76 -42.62 68.19
N MET B 401 8.74 -43.58 69.11
CA MET B 401 8.43 -43.24 70.50
C MET B 401 9.50 -42.34 71.08
N LEU B 402 10.76 -42.54 70.68
CA LEU B 402 11.81 -41.65 71.13
C LEU B 402 11.57 -40.24 70.63
N SER B 403 11.13 -40.10 69.39
CA SER B 403 10.82 -38.78 68.86
C SER B 403 9.64 -38.16 69.59
N GLU B 404 8.68 -38.97 70.01
CA GLU B 404 7.58 -38.40 70.78
C GLU B 404 8.05 -37.97 72.16
N CYS B 405 8.99 -38.70 72.75
CA CYS B 405 9.48 -38.35 74.07
C CYS B 405 10.29 -37.07 74.03
N LEU B 406 11.24 -36.98 73.10
CA LEU B 406 12.02 -35.76 72.99
C LEU B 406 11.16 -34.60 72.51
N GLU B 407 10.14 -34.90 71.71
CA GLU B 407 9.19 -33.86 71.35
C GLU B 407 8.43 -33.37 72.57
N ARG B 408 8.22 -34.24 73.57
CA ARG B 408 7.72 -33.75 74.84
C ARG B 408 8.81 -33.03 75.63
N ALA B 409 10.08 -33.31 75.32
CA ALA B 409 11.19 -32.63 75.97
C ALA B 409 11.42 -31.24 75.41
N MET B 410 10.88 -30.94 74.25
CA MET B 410 11.18 -29.67 73.61
C MET B 410 10.53 -28.48 74.29
N LYS B 411 9.84 -28.58 75.41
CA LYS B 411 9.33 -27.37 76.06
C LYS B 411 10.41 -26.60 76.80
N PHE B 412 11.63 -27.13 76.86
CA PHE B 412 12.70 -26.55 77.65
C PHE B 412 13.62 -25.65 76.83
N ALA B 413 14.12 -26.16 75.71
CA ALA B 413 15.20 -25.50 74.99
C ALA B 413 14.66 -24.23 74.33
N PHE B 414 15.17 -23.08 74.75
CA PHE B 414 14.95 -21.85 74.01
C PHE B 414 16.14 -21.57 73.11
N GLU B 415 17.33 -21.54 73.69
CA GLU B 415 18.57 -21.54 72.93
C GLU B 415 19.40 -22.78 73.21
N GLU B 416 18.85 -23.73 73.96
CA GLU B 416 19.61 -24.89 74.43
C GLU B 416 19.81 -25.87 73.29
N PHE B 417 21.04 -25.98 72.81
CA PHE B 417 21.31 -26.62 71.53
C PHE B 417 21.17 -28.13 71.59
N HIS B 418 21.62 -28.74 72.68
CA HIS B 418 21.68 -30.20 72.75
C HIS B 418 20.30 -30.83 72.62
N LEU B 419 19.28 -30.17 73.17
CA LEU B 419 17.94 -30.73 73.06
C LEU B 419 17.44 -30.69 71.63
N TRP B 420 17.67 -29.57 70.92
CA TRP B 420 17.27 -29.50 69.52
C TRP B 420 18.00 -30.53 68.71
N TYR B 421 19.28 -30.74 68.99
CA TYR B 421 20.06 -31.60 68.13
C TYR B 421 19.71 -33.07 68.36
N GLN B 422 19.60 -33.48 69.62
CA GLN B 422 19.15 -34.83 69.88
C GLN B 422 17.75 -35.05 69.37
N PHE B 423 16.89 -34.03 69.47
CA PHE B 423 15.58 -34.14 68.89
C PHE B 423 15.66 -34.34 67.39
N ALA B 424 16.61 -33.68 66.74
CA ALA B 424 16.74 -33.80 65.29
C ALA B 424 17.21 -35.19 64.92
N LEU B 425 18.24 -35.70 65.59
CA LEU B 425 18.66 -37.06 65.31
C LEU B 425 17.57 -38.04 65.62
N SER B 426 16.74 -37.74 66.60
CA SER B 426 15.64 -38.63 66.93
C SER B 426 14.62 -38.65 65.79
N LEU B 427 14.28 -37.50 65.24
CA LEU B 427 13.39 -37.48 64.09
C LEU B 427 14.02 -38.15 62.88
N MET B 428 15.35 -38.09 62.78
CA MET B 428 16.01 -38.62 61.59
C MET B 428 16.10 -40.13 61.63
N ALA B 429 16.38 -40.70 62.80
CA ALA B 429 16.48 -42.16 62.89
C ALA B 429 15.14 -42.83 62.68
N ALA B 430 14.04 -42.11 62.87
CA ALA B 430 12.70 -42.67 62.74
C ALA B 430 12.06 -42.36 61.39
N GLY B 431 12.86 -42.05 60.37
CA GLY B 431 12.35 -41.85 59.04
C GLY B 431 11.64 -40.54 58.79
N LYS B 432 11.34 -39.77 59.83
CA LYS B 432 10.77 -38.44 59.61
C LYS B 432 11.83 -37.54 59.00
N SER B 433 11.54 -37.01 57.82
CA SER B 433 12.55 -36.30 57.04
C SER B 433 12.28 -34.82 56.88
N ALA B 434 11.03 -34.42 56.65
CA ALA B 434 10.76 -33.00 56.46
C ALA B 434 10.97 -32.22 57.76
N ARG B 435 10.30 -32.66 58.82
CA ARG B 435 10.48 -32.02 60.12
C ARG B 435 11.93 -32.06 60.54
N ALA B 436 12.63 -33.13 60.22
CA ALA B 436 14.05 -33.19 60.53
C ALA B 436 14.82 -32.08 59.82
N VAL B 437 14.42 -31.75 58.59
CA VAL B 437 15.11 -30.67 57.91
C VAL B 437 14.77 -29.35 58.57
N LYS B 438 13.53 -29.17 59.03
CA LYS B 438 13.21 -27.93 59.73
C LYS B 438 14.05 -27.80 60.99
N VAL B 439 14.09 -28.86 61.79
CA VAL B 439 14.83 -28.83 63.04
C VAL B 439 16.30 -28.61 62.79
N LEU B 440 16.83 -29.16 61.70
CA LEU B 440 18.21 -28.87 61.36
C LEU B 440 18.39 -27.44 60.93
N LYS B 441 17.36 -26.83 60.37
CA LYS B 441 17.44 -25.40 60.13
C LYS B 441 17.60 -24.65 61.45
N GLU B 442 16.77 -25.01 62.44
CA GLU B 442 16.89 -24.35 63.74
C GLU B 442 18.24 -24.65 64.39
N CYS B 443 18.79 -25.83 64.15
CA CYS B 443 20.09 -26.14 64.71
C CYS B 443 21.20 -25.39 64.01
N ILE B 444 21.02 -25.07 62.74
CA ILE B 444 21.93 -24.15 62.08
C ILE B 444 21.83 -22.77 62.72
N ARG B 445 20.60 -22.35 63.03
CA ARG B 445 20.42 -21.06 63.67
C ARG B 445 21.09 -21.03 65.03
N LEU B 446 21.04 -22.13 65.76
CA LEU B 446 21.64 -22.16 67.09
C LEU B 446 23.15 -22.21 66.99
N LYS B 447 23.68 -23.28 66.42
CA LYS B 447 25.13 -23.48 66.34
C LYS B 447 25.56 -23.57 64.89
N PRO B 448 26.16 -22.53 64.32
CA PRO B 448 26.72 -22.64 62.98
C PRO B 448 28.08 -23.31 62.93
N ASP B 449 28.62 -23.71 64.07
CA ASP B 449 29.97 -24.28 64.08
C ASP B 449 30.01 -25.74 63.61
N ASP B 450 28.85 -26.37 63.42
CA ASP B 450 28.80 -27.78 63.08
C ASP B 450 28.40 -27.96 61.63
N ALA B 451 29.19 -28.72 60.90
CA ALA B 451 28.84 -29.08 59.53
C ALA B 451 27.95 -30.31 59.46
N THR B 452 27.89 -31.11 60.53
CA THR B 452 27.05 -32.30 60.52
C THR B 452 25.59 -31.95 60.33
N ILE B 453 25.18 -30.78 60.80
CA ILE B 453 23.78 -30.38 60.76
C ILE B 453 23.35 -30.09 59.33
N PRO B 454 23.98 -29.14 58.63
CA PRO B 454 23.60 -28.91 57.22
C PRO B 454 24.02 -30.05 56.33
N LEU B 455 24.95 -30.88 56.77
CA LEU B 455 25.29 -32.07 56.01
C LEU B 455 24.16 -33.08 56.08
N LEU B 456 23.58 -33.27 57.25
CA LEU B 456 22.44 -34.17 57.35
C LEU B 456 21.23 -33.58 56.64
N ALA B 457 21.03 -32.28 56.78
CA ALA B 457 19.94 -31.65 56.04
C ALA B 457 20.12 -31.84 54.55
N ALA B 458 21.36 -31.75 54.07
CA ALA B 458 21.62 -32.02 52.67
C ALA B 458 21.37 -33.49 52.35
N LYS B 459 21.59 -34.37 53.32
CA LYS B 459 21.32 -35.78 53.07
C LYS B 459 19.83 -36.05 52.91
N LEU B 460 19.02 -35.44 53.78
CA LEU B 460 17.58 -35.66 53.70
C LEU B 460 16.95 -34.88 52.57
N CYS B 461 17.58 -33.81 52.11
CA CYS B 461 17.00 -33.04 51.02
C CYS B 461 17.26 -33.68 49.66
N MET B 462 18.38 -34.40 49.53
CA MET B 462 18.65 -35.15 48.30
C MET B 462 18.15 -36.58 48.38
N GLY B 463 17.56 -36.98 49.50
CA GLY B 463 17.06 -38.32 49.64
C GLY B 463 15.60 -38.43 49.23
N SER B 464 14.77 -38.94 50.12
CA SER B 464 13.38 -39.17 49.79
C SER B 464 12.60 -37.88 49.62
N LEU B 465 13.02 -36.80 50.27
CA LEU B 465 12.31 -35.54 50.10
C LEU B 465 12.51 -35.00 48.70
N HIS B 466 13.73 -35.13 48.18
CA HIS B 466 14.07 -34.60 46.87
C HIS B 466 13.84 -33.10 46.82
N TRP B 467 14.58 -32.39 47.67
CA TRP B 467 14.61 -30.93 47.67
C TRP B 467 16.00 -30.54 47.20
N LEU B 468 16.17 -30.43 45.89
CA LEU B 468 17.51 -30.21 45.35
C LEU B 468 17.97 -28.78 45.55
N GLU B 469 17.06 -27.82 45.43
CA GLU B 469 17.43 -26.44 45.69
C GLU B 469 17.88 -26.26 47.13
N GLU B 470 17.06 -26.75 48.08
CA GLU B 470 17.43 -26.69 49.48
C GLU B 470 18.73 -27.42 49.74
N ALA B 471 18.89 -28.60 49.14
CA ALA B 471 20.13 -29.34 49.30
C ALA B 471 21.32 -28.54 48.82
N GLU B 472 21.12 -27.75 47.76
CA GLU B 472 22.17 -26.86 47.32
C GLU B 472 22.48 -25.81 48.37
N LYS B 473 21.45 -25.26 49.00
CA LYS B 473 21.71 -24.22 49.99
C LYS B 473 22.43 -24.78 51.21
N PHE B 474 21.94 -25.89 51.75
CA PHE B 474 22.60 -26.49 52.90
C PHE B 474 24.02 -26.88 52.56
N ALA B 475 24.25 -27.43 51.37
CA ALA B 475 25.61 -27.77 50.98
C ALA B 475 26.48 -26.53 50.89
N LYS B 476 25.91 -25.41 50.42
CA LYS B 476 26.66 -24.17 50.40
C LYS B 476 27.02 -23.74 51.82
N THR B 477 26.13 -23.95 52.77
CA THR B 477 26.43 -23.66 54.16
C THR B 477 27.40 -24.65 54.77
N VAL B 478 27.59 -25.82 54.15
CA VAL B 478 28.69 -26.66 54.56
C VAL B 478 30.00 -26.12 54.00
N VAL B 479 29.99 -25.71 52.75
CA VAL B 479 31.21 -25.21 52.12
C VAL B 479 31.64 -23.91 52.76
N ASP B 480 30.70 -23.13 53.29
CA ASP B 480 31.10 -21.90 53.97
C ASP B 480 31.85 -22.20 55.26
N VAL B 481 31.58 -23.35 55.86
CA VAL B 481 32.26 -23.73 57.09
C VAL B 481 33.51 -24.55 56.78
N THR B 485 37.55 -30.13 59.76
CA THR B 485 38.61 -30.77 58.97
C THR B 485 38.14 -31.03 57.55
N SER B 486 39.02 -31.64 56.75
CA SER B 486 38.69 -31.97 55.38
C SER B 486 37.78 -33.18 55.26
N GLU B 487 37.67 -33.99 56.32
CA GLU B 487 36.80 -35.15 56.24
C GLU B 487 35.34 -34.75 56.23
N PHE B 488 35.01 -33.56 56.70
CA PHE B 488 33.65 -33.05 56.63
C PHE B 488 33.42 -32.18 55.40
N LYS B 489 34.36 -31.31 55.06
CA LYS B 489 34.17 -30.49 53.87
C LYS B 489 34.25 -31.33 52.61
N ALA B 490 34.97 -32.45 52.65
CA ALA B 490 34.93 -33.39 51.55
C ALA B 490 33.52 -33.91 51.35
N LYS B 491 32.83 -34.21 52.45
CA LYS B 491 31.41 -34.49 52.36
C LYS B 491 30.63 -33.26 51.93
N GLY B 492 31.16 -32.07 52.14
CA GLY B 492 30.46 -30.88 51.70
C GLY B 492 30.42 -30.78 50.19
N TYR B 493 31.57 -30.96 49.55
CA TYR B 493 31.59 -30.99 48.10
C TYR B 493 30.98 -32.26 47.57
N LEU B 494 30.93 -33.31 48.38
CA LEU B 494 30.28 -34.53 47.92
C LEU B 494 28.78 -34.35 47.86
N ALA B 495 28.21 -33.75 48.90
CA ALA B 495 26.78 -33.47 48.89
C ALA B 495 26.46 -32.38 47.88
N LEU B 496 27.36 -31.42 47.71
CA LEU B 496 27.14 -30.40 46.71
C LEU B 496 27.20 -31.00 45.32
N GLY B 497 28.04 -32.01 45.14
CA GLY B 497 28.21 -32.65 43.85
C GLY B 497 27.05 -33.56 43.54
N LEU B 498 26.63 -34.38 44.49
CA LEU B 498 25.42 -35.17 44.29
C LEU B 498 24.23 -34.28 44.07
N THR B 499 24.18 -33.13 44.74
CA THR B 499 23.09 -32.19 44.51
C THR B 499 23.11 -31.68 43.09
N TYR B 500 24.28 -31.28 42.61
CA TYR B 500 24.40 -30.81 41.24
C TYR B 500 24.04 -31.91 40.25
N SER B 501 24.40 -33.15 40.56
CA SER B 501 24.13 -34.24 39.64
C SER B 501 22.64 -34.53 39.58
N LEU B 502 21.98 -34.56 40.74
CA LEU B 502 20.54 -34.76 40.75
C LEU B 502 19.83 -33.60 40.07
N GLN B 503 20.37 -32.39 40.18
CA GLN B 503 19.81 -31.29 39.41
C GLN B 503 20.08 -31.47 37.93
N ALA B 504 21.18 -32.12 37.59
CA ALA B 504 21.51 -32.35 36.20
C ALA B 504 20.54 -33.33 35.58
N THR B 505 20.10 -34.32 36.36
CA THR B 505 19.16 -35.29 35.82
C THR B 505 17.81 -34.65 35.56
N ASP B 506 17.39 -33.73 36.41
CA ASP B 506 16.03 -33.23 36.41
C ASP B 506 15.88 -31.91 35.70
N ALA B 507 16.81 -31.57 34.83
CA ALA B 507 16.75 -30.32 34.08
C ALA B 507 16.21 -30.57 32.68
N SER B 508 15.66 -29.52 32.06
CA SER B 508 15.02 -29.65 30.75
C SER B 508 16.01 -29.41 29.61
N LEU B 509 16.62 -28.24 29.56
CA LEU B 509 17.51 -27.94 28.44
C LEU B 509 18.74 -28.80 28.45
N ARG B 510 19.32 -28.93 27.26
CA ARG B 510 20.60 -29.62 27.16
C ARG B 510 21.71 -28.81 27.81
N GLY B 511 21.75 -27.51 27.54
CA GLY B 511 22.85 -26.71 28.03
C GLY B 511 22.89 -26.62 29.54
N MET B 512 21.72 -26.47 30.16
CA MET B 512 21.69 -26.43 31.61
C MET B 512 22.11 -27.76 32.20
N GLN B 513 21.67 -28.85 31.57
CA GLN B 513 22.07 -30.18 32.03
C GLN B 513 23.58 -30.35 31.96
N GLU B 514 24.19 -29.84 30.90
CA GLU B 514 25.63 -29.98 30.76
C GLU B 514 26.35 -29.06 31.74
N VAL B 515 25.78 -27.89 32.02
CA VAL B 515 26.33 -27.01 33.04
C VAL B 515 26.38 -27.75 34.37
N LEU B 516 25.25 -28.33 34.77
CA LEU B 516 25.18 -29.00 36.06
C LEU B 516 26.03 -30.25 36.07
N GLN B 517 26.17 -30.92 34.93
CA GLN B 517 27.04 -32.07 34.86
C GLN B 517 28.48 -31.66 35.08
N ARG B 518 28.89 -30.56 34.48
CA ARG B 518 30.25 -30.09 34.70
C ARG B 518 30.44 -29.61 36.13
N LYS B 519 29.39 -29.03 36.71
CA LYS B 519 29.48 -28.62 38.11
C LYS B 519 29.71 -29.81 39.01
N ALA B 520 28.86 -30.84 38.88
CA ALA B 520 29.00 -32.00 39.73
C ALA B 520 30.30 -32.74 39.44
N LEU B 521 30.74 -32.75 38.19
CA LEU B 521 32.01 -33.37 37.85
C LEU B 521 33.16 -32.65 38.54
N LEU B 522 33.09 -31.31 38.55
CA LEU B 522 34.09 -30.51 39.24
C LEU B 522 34.06 -30.75 40.74
N ALA B 523 32.88 -30.72 41.34
CA ALA B 523 32.77 -30.92 42.78
C ALA B 523 33.22 -32.31 43.17
N PHE B 524 32.93 -33.31 42.35
CA PHE B 524 33.39 -34.66 42.63
C PHE B 524 34.90 -34.77 42.49
N GLN B 525 35.47 -34.02 41.55
CA GLN B 525 36.93 -33.95 41.50
C GLN B 525 37.48 -33.31 42.77
N ARG B 526 36.79 -32.29 43.29
CA ARG B 526 37.23 -31.62 44.51
C ARG B 526 37.20 -32.58 45.69
N ALA B 527 36.06 -33.25 45.89
CA ALA B 527 35.96 -34.21 46.97
C ALA B 527 36.88 -35.41 46.78
N HIS B 528 37.22 -35.72 45.53
CA HIS B 528 38.18 -36.80 45.29
C HIS B 528 39.59 -36.37 45.65
N SER B 529 39.92 -35.10 45.42
CA SER B 529 41.22 -34.59 45.81
C SER B 529 41.31 -34.48 47.33
N LEU B 530 40.27 -33.95 47.97
CA LEU B 530 40.34 -33.65 49.39
C LEU B 530 40.43 -34.90 50.24
N SER B 531 40.01 -36.05 49.72
CA SER B 531 40.05 -37.29 50.49
C SER B 531 40.69 -38.38 49.63
N PRO B 532 41.81 -38.95 50.06
CA PRO B 532 42.36 -40.11 49.34
C PRO B 532 41.75 -41.43 49.75
N THR B 533 41.04 -41.50 50.86
CA THR B 533 40.51 -42.77 51.39
C THR B 533 38.99 -42.75 51.45
N ASP B 534 38.34 -42.25 50.41
CA ASP B 534 36.89 -42.17 50.35
C ASP B 534 36.40 -42.96 49.14
N HIS B 535 35.68 -44.06 49.41
CA HIS B 535 35.09 -44.83 48.34
C HIS B 535 33.91 -44.12 47.71
N GLN B 536 33.35 -43.10 48.37
CA GLN B 536 32.24 -42.36 47.80
C GLN B 536 32.69 -41.22 46.91
N ALA B 537 33.83 -40.58 47.23
CA ALA B 537 34.38 -39.60 46.31
C ALA B 537 34.86 -40.26 45.03
N ALA B 538 35.64 -41.34 45.18
CA ALA B 538 36.08 -42.08 44.02
C ALA B 538 34.91 -42.72 43.29
N PHE B 539 33.97 -43.29 44.04
CA PHE B 539 32.90 -44.03 43.40
C PHE B 539 31.94 -43.11 42.66
N TYR B 540 31.41 -42.10 43.35
CA TYR B 540 30.48 -41.20 42.68
C TYR B 540 31.19 -40.30 41.67
N LEU B 541 32.49 -40.09 41.84
CA LEU B 541 33.25 -39.49 40.75
C LEU B 541 33.24 -40.40 39.52
N ALA B 542 33.47 -41.70 39.74
CA ALA B 542 33.42 -42.65 38.63
C ALA B 542 32.03 -42.75 38.03
N LEU B 543 31.00 -42.48 38.82
CA LEU B 543 29.63 -42.56 38.35
C LEU B 543 29.25 -41.32 37.55
N GLN B 544 29.72 -40.16 37.99
CA GLN B 544 29.46 -38.96 37.21
C GLN B 544 30.28 -38.96 35.93
N LEU B 545 31.46 -39.57 35.97
CA LEU B 545 32.23 -39.73 34.74
C LEU B 545 31.60 -40.79 33.86
N ALA B 546 30.93 -41.76 34.46
CA ALA B 546 30.23 -42.76 33.67
C ALA B 546 29.02 -42.16 32.97
N ILE B 547 28.32 -41.25 33.64
CA ILE B 547 27.29 -40.49 32.95
C ILE B 547 27.92 -39.59 31.91
N SER B 548 29.15 -39.16 32.15
CA SER B 548 29.92 -38.41 31.17
C SER B 548 30.51 -39.29 30.09
N ARG B 549 30.25 -40.59 30.14
CA ARG B 549 30.53 -41.54 29.06
C ARG B 549 32.01 -41.79 28.84
N GLN B 550 32.89 -41.23 29.67
CA GLN B 550 34.33 -41.45 29.54
C GLN B 550 34.66 -42.70 30.33
N ILE B 551 34.75 -43.82 29.62
CA ILE B 551 34.64 -45.15 30.22
C ILE B 551 35.91 -45.56 30.95
N PRO B 552 37.07 -45.59 30.29
CA PRO B 552 38.26 -46.13 30.97
C PRO B 552 38.69 -45.32 32.15
N GLU B 553 38.46 -44.00 32.15
CA GLU B 553 38.79 -43.20 33.32
C GLU B 553 37.92 -43.59 34.50
N ALA B 554 36.61 -43.64 34.28
CA ALA B 554 35.70 -44.13 35.31
C ALA B 554 36.09 -45.52 35.76
N LEU B 555 36.60 -46.36 34.84
CA LEU B 555 37.12 -47.65 35.23
C LEU B 555 38.31 -47.52 36.16
N GLY B 556 39.17 -46.54 35.91
CA GLY B 556 40.29 -46.32 36.80
C GLY B 556 39.82 -45.97 38.19
N TYR B 557 38.90 -45.02 38.30
CA TYR B 557 38.38 -44.67 39.60
C TYR B 557 37.61 -45.81 40.24
N VAL B 558 37.00 -46.69 39.45
CA VAL B 558 36.37 -47.86 40.02
C VAL B 558 37.41 -48.82 40.55
N ARG B 559 38.54 -48.93 39.86
CA ARG B 559 39.65 -49.70 40.38
C ARG B 559 40.17 -49.10 41.67
N GLN B 560 40.02 -47.79 41.82
CA GLN B 560 40.38 -47.17 43.09
C GLN B 560 39.35 -47.49 44.15
N ALA B 561 38.08 -47.55 43.78
CA ALA B 561 37.02 -47.85 44.75
C ALA B 561 37.17 -49.27 45.26
N LEU B 562 37.20 -50.25 44.35
CA LEU B 562 37.44 -51.62 44.78
C LEU B 562 38.84 -51.79 45.35
N GLN B 563 39.77 -50.92 44.96
CA GLN B 563 41.05 -50.90 45.64
C GLN B 563 40.87 -50.57 47.11
N LEU B 564 39.91 -49.70 47.42
CA LEU B 564 39.59 -49.43 48.82
C LEU B 564 38.83 -50.59 49.44
N GLN B 565 37.65 -50.89 48.90
CA GLN B 565 36.79 -51.94 49.42
C GLN B 565 36.40 -52.83 48.26
N GLY B 566 36.85 -54.08 48.29
CA GLY B 566 36.52 -55.04 47.26
C GLY B 566 35.28 -55.87 47.55
N ASP B 567 34.42 -55.46 48.47
CA ASP B 567 33.25 -56.22 48.85
C ASP B 567 32.02 -55.35 48.86
N ASP B 568 31.86 -54.56 47.81
CA ASP B 568 30.77 -53.60 47.70
C ASP B 568 29.80 -54.04 46.61
N ALA B 569 28.55 -53.64 46.77
CA ALA B 569 27.53 -53.93 45.76
C ALA B 569 27.59 -52.93 44.62
N ASN B 570 27.61 -51.64 44.94
CA ASN B 570 27.59 -50.63 43.90
C ASN B 570 28.92 -50.54 43.17
N SER B 571 30.02 -50.79 43.87
CA SER B 571 31.32 -50.73 43.22
C SER B 571 31.48 -51.87 42.22
N LEU B 572 31.21 -53.09 42.67
CA LEU B 572 31.21 -54.21 41.73
C LEU B 572 30.17 -54.02 40.64
N HIS B 573 29.04 -53.41 40.98
CA HIS B 573 28.01 -53.19 39.98
C HIS B 573 28.48 -52.23 38.90
N LEU B 574 29.18 -51.16 39.30
CA LEU B 574 29.68 -50.23 38.30
C LEU B 574 30.81 -50.84 37.51
N LEU B 575 31.61 -51.69 38.14
CA LEU B 575 32.63 -52.43 37.40
C LEU B 575 32.00 -53.27 36.30
N ALA B 576 30.95 -54.01 36.65
CA ALA B 576 30.32 -54.87 35.67
C ALA B 576 29.61 -54.08 34.60
N LEU B 577 28.98 -52.96 34.95
CA LEU B 577 28.31 -52.16 33.93
C LEU B 577 29.31 -51.55 32.98
N LEU B 578 30.44 -51.07 33.51
CA LEU B 578 31.46 -50.53 32.62
C LEU B 578 32.08 -51.62 31.76
N LEU B 579 32.24 -52.83 32.30
CA LEU B 579 32.73 -53.93 31.48
C LEU B 579 31.68 -54.38 30.46
N SER B 580 30.42 -54.05 30.69
CA SER B 580 29.39 -54.25 29.68
C SER B 580 29.32 -53.08 28.73
N ALA B 581 29.99 -51.97 29.06
CA ALA B 581 30.10 -50.85 28.15
C ALA B 581 31.27 -51.02 27.20
N GLN B 582 32.36 -51.62 27.67
CA GLN B 582 33.47 -52.00 26.80
C GLN B 582 33.29 -53.39 26.22
N LYS B 583 32.11 -53.98 26.40
CA LYS B 583 31.74 -55.22 25.74
C LYS B 583 32.65 -56.37 26.16
N HIS B 584 32.95 -56.43 27.44
CA HIS B 584 33.59 -57.59 28.04
C HIS B 584 32.48 -58.38 28.72
N TYR B 585 31.90 -59.31 27.97
CA TYR B 585 30.64 -59.93 28.38
C TYR B 585 30.85 -60.93 29.50
N HIS B 586 31.68 -61.95 29.27
CA HIS B 586 31.87 -62.96 30.29
C HIS B 586 32.69 -62.43 31.46
N ASP B 587 33.52 -61.43 31.23
CA ASP B 587 34.20 -60.77 32.34
C ASP B 587 33.18 -60.13 33.28
N ALA B 588 32.33 -59.27 32.73
CA ALA B 588 31.32 -58.62 33.55
C ALA B 588 30.36 -59.63 34.15
N LEU B 589 30.02 -60.67 33.40
CA LEU B 589 29.12 -61.68 33.93
C LEU B 589 29.77 -62.43 35.08
N ASN B 590 31.09 -62.59 35.04
CA ASN B 590 31.78 -63.20 36.17
C ASN B 590 31.83 -62.25 37.35
N ILE B 591 31.95 -60.94 37.09
CA ILE B 591 31.88 -59.97 38.18
C ILE B 591 30.51 -60.05 38.85
N ILE B 592 29.46 -60.26 38.05
CA ILE B 592 28.14 -60.46 38.65
C ILE B 592 28.06 -61.80 39.32
N ASP B 593 28.84 -62.77 38.88
CA ASP B 593 28.83 -64.07 39.52
C ASP B 593 29.44 -64.00 40.91
N MET B 594 30.55 -63.29 41.05
CA MET B 594 31.13 -63.08 42.36
C MET B 594 30.25 -62.19 43.20
N ALA B 595 29.81 -61.07 42.63
CA ALA B 595 29.00 -60.10 43.37
C ALA B 595 27.68 -60.69 43.83
N LEU B 596 27.15 -61.69 43.11
CA LEU B 596 25.98 -62.39 43.59
C LEU B 596 26.34 -63.60 44.43
N SER B 597 27.57 -64.10 44.32
CA SER B 597 28.01 -65.17 45.21
C SER B 597 28.19 -64.66 46.62
N GLU B 598 28.49 -63.37 46.76
CA GLU B 598 28.57 -62.75 48.09
C GLU B 598 27.33 -61.97 48.45
N TYR B 599 26.64 -61.40 47.47
CA TYR B 599 25.40 -60.65 47.68
C TYR B 599 24.30 -61.32 46.88
N PRO B 600 23.72 -62.41 47.39
CA PRO B 600 22.71 -63.12 46.61
C PRO B 600 21.40 -62.38 46.50
N GLU B 601 20.85 -61.90 47.62
CA GLU B 601 19.52 -61.30 47.61
C GLU B 601 19.52 -59.87 47.10
N ASN B 602 20.63 -59.38 46.57
CA ASN B 602 20.62 -58.04 46.00
C ASN B 602 19.87 -58.06 44.68
N PHE B 603 18.86 -57.21 44.58
CA PHE B 603 18.02 -57.21 43.39
C PHE B 603 18.80 -56.69 42.18
N ILE B 604 19.51 -55.58 42.35
CA ILE B 604 19.99 -54.88 41.17
C ILE B 604 21.10 -55.64 40.49
N LEU B 605 21.95 -56.31 41.27
CA LEU B 605 22.92 -57.21 40.66
C LEU B 605 22.22 -58.32 39.90
N LEU B 606 21.07 -58.77 40.39
CA LEU B 606 20.32 -59.80 39.67
C LEU B 606 19.79 -59.25 38.35
N PHE B 607 19.32 -58.01 38.32
CA PHE B 607 18.94 -57.42 37.05
C PHE B 607 20.13 -57.38 36.11
N SER B 608 21.32 -57.05 36.64
CA SER B 608 22.52 -57.07 35.81
C SER B 608 22.80 -58.47 35.28
N LYS B 609 22.53 -59.49 36.09
CA LYS B 609 22.66 -60.86 35.61
C LYS B 609 21.68 -61.13 34.49
N VAL B 610 20.49 -60.56 34.58
CA VAL B 610 19.48 -60.72 33.54
C VAL B 610 19.98 -60.13 32.23
N LYS B 611 20.47 -58.89 32.28
CA LYS B 611 20.88 -58.24 31.05
C LYS B 611 22.13 -58.92 30.47
N LEU B 612 23.10 -59.24 31.32
CA LEU B 612 24.31 -59.88 30.80
C LEU B 612 24.01 -61.26 30.24
N GLN B 613 23.08 -61.99 30.85
CA GLN B 613 22.65 -63.24 30.26
C GLN B 613 21.90 -63.02 28.96
N SER B 614 21.22 -61.88 28.83
CA SER B 614 20.66 -61.53 27.53
C SER B 614 21.76 -61.20 26.52
N LEU B 615 22.93 -60.79 26.99
CA LEU B 615 24.02 -60.51 26.07
C LEU B 615 24.68 -61.79 25.61
N CYS B 616 25.28 -62.54 26.53
CA CYS B 616 26.16 -63.65 26.16
C CYS B 616 25.65 -64.99 26.69
N ARG B 617 24.37 -65.09 27.02
CA ARG B 617 23.88 -66.39 27.46
C ARG B 617 22.63 -66.81 26.71
N GLY B 618 21.81 -65.84 26.33
CA GLY B 618 20.60 -66.15 25.62
C GLY B 618 19.40 -66.13 26.53
N PRO B 619 18.23 -66.44 25.98
CA PRO B 619 16.98 -66.21 26.72
C PRO B 619 16.66 -67.27 27.76
N ASP B 620 17.20 -68.48 27.63
CA ASP B 620 16.84 -69.54 28.56
C ASP B 620 17.33 -69.24 29.95
N GLU B 621 18.64 -69.06 30.11
CA GLU B 621 19.20 -68.75 31.41
C GLU B 621 18.68 -67.42 31.93
N ALA B 622 18.35 -66.50 31.04
CA ALA B 622 17.75 -65.25 31.48
C ALA B 622 16.41 -65.50 32.13
N LEU B 623 15.57 -66.33 31.52
CA LEU B 623 14.31 -66.68 32.15
C LEU B 623 14.55 -67.43 33.46
N LEU B 624 15.61 -68.23 33.52
CA LEU B 624 15.96 -68.89 34.77
C LEU B 624 16.27 -67.88 35.86
N THR B 625 17.00 -66.82 35.50
CA THR B 625 17.31 -65.78 36.47
C THR B 625 16.05 -65.00 36.85
N CYS B 626 15.13 -64.82 35.90
CA CYS B 626 13.91 -64.09 36.19
C CYS B 626 13.04 -64.85 37.18
N LYS B 627 12.83 -66.13 36.93
CA LYS B 627 12.07 -66.92 37.90
C LYS B 627 12.84 -67.06 39.20
N HIS B 628 14.16 -67.05 39.13
CA HIS B 628 14.95 -67.04 40.36
C HIS B 628 14.68 -65.78 41.17
N MET B 629 14.52 -64.65 40.50
CA MET B 629 14.16 -63.42 41.18
C MET B 629 12.72 -63.44 41.64
N LEU B 630 11.85 -64.22 40.98
CA LEU B 630 10.53 -64.45 41.55
C LEU B 630 10.66 -65.21 42.86
N GLN B 631 11.58 -66.18 42.91
CA GLN B 631 11.83 -66.89 44.15
C GLN B 631 12.36 -65.96 45.23
N ILE B 632 13.16 -64.97 44.84
CA ILE B 632 13.75 -64.11 45.85
C ILE B 632 12.77 -63.03 46.31
N TRP B 633 11.89 -62.57 45.41
CA TRP B 633 10.89 -61.61 45.84
C TRP B 633 9.81 -62.28 46.68
N LYS B 634 9.39 -63.47 46.28
CA LYS B 634 8.48 -64.24 47.13
C LYS B 634 9.15 -64.67 48.43
N SER B 635 10.48 -64.80 48.41
CA SER B 635 11.20 -65.15 49.62
C SER B 635 11.22 -63.96 50.59
N CYS B 636 11.74 -62.83 50.14
CA CYS B 636 11.96 -61.70 51.03
C CYS B 636 10.68 -60.95 51.37
N TYR B 637 9.57 -61.20 50.67
CA TYR B 637 8.36 -60.42 50.88
C TYR B 637 7.14 -61.32 50.75
N ASN B 638 5.98 -60.74 50.99
CA ASN B 638 4.71 -61.45 50.89
C ASN B 638 3.92 -60.99 49.68
N GLY B 707 3.25 -55.38 50.94
CA GLY B 707 3.82 -54.62 52.04
C GLY B 707 4.16 -53.18 51.67
N PRO B 708 5.45 -52.85 51.68
CA PRO B 708 5.87 -51.50 51.28
C PRO B 708 5.76 -51.31 49.77
N LEU B 709 6.00 -50.08 49.34
CA LEU B 709 5.65 -49.69 47.98
C LEU B 709 6.65 -50.24 46.96
N HIS B 710 7.94 -49.97 47.16
CA HIS B 710 8.96 -50.29 46.17
C HIS B 710 9.09 -51.78 45.83
N PRO B 711 8.74 -52.74 46.70
CA PRO B 711 8.69 -54.12 46.21
C PRO B 711 7.65 -54.35 45.13
N TRP B 712 6.56 -53.58 45.11
CA TRP B 712 5.65 -53.63 43.97
C TRP B 712 6.38 -53.27 42.69
N MET B 713 7.17 -52.19 42.75
CA MET B 713 7.91 -51.77 41.58
C MET B 713 9.00 -52.76 41.23
N THR B 714 9.59 -53.42 42.22
CA THR B 714 10.64 -54.38 41.93
C THR B 714 10.06 -55.60 41.22
N LEU B 715 8.90 -56.05 41.69
CA LEU B 715 8.22 -57.14 41.00
C LEU B 715 7.88 -56.73 39.57
N ALA B 716 7.34 -55.51 39.40
CA ALA B 716 7.05 -55.04 38.05
C ALA B 716 8.31 -55.01 37.19
N GLN B 717 9.46 -54.70 37.80
CA GLN B 717 10.72 -54.80 37.08
C GLN B 717 10.99 -56.24 36.65
N ILE B 718 10.65 -57.20 37.50
CA ILE B 718 10.90 -58.59 37.13
C ILE B 718 10.01 -58.99 35.97
N TRP B 719 8.71 -58.67 36.05
CA TRP B 719 7.80 -59.00 34.97
C TRP B 719 8.23 -58.34 33.67
N LEU B 720 8.68 -57.10 33.74
CA LEU B 720 9.01 -56.41 32.51
C LEU B 720 10.36 -56.86 31.95
N HIS B 721 11.29 -57.28 32.80
CA HIS B 721 12.53 -57.82 32.28
C HIS B 721 12.29 -59.17 31.61
N ALA B 722 11.49 -60.02 32.25
CA ALA B 722 11.11 -61.28 31.61
C ALA B 722 10.39 -61.02 30.29
N ALA B 723 9.47 -60.05 30.28
CA ALA B 723 8.78 -59.70 29.05
C ALA B 723 9.76 -59.22 28.00
N GLU B 724 10.82 -58.54 28.43
CA GLU B 724 11.86 -58.18 27.48
C GLU B 724 12.57 -59.40 26.94
N VAL B 725 12.65 -60.47 27.74
CA VAL B 725 13.25 -61.69 27.20
C VAL B 725 12.35 -62.30 26.15
N TYR B 726 11.06 -62.42 26.45
CA TYR B 726 10.14 -63.00 25.48
C TYR B 726 10.09 -62.17 24.21
N ILE B 727 10.24 -60.85 24.33
CA ILE B 727 10.40 -60.03 23.14
C ILE B 727 11.70 -60.34 22.45
N GLY B 728 12.76 -60.58 23.23
CA GLY B 728 14.05 -60.90 22.63
C GLY B 728 14.01 -62.16 21.81
N ILE B 729 13.14 -63.09 22.17
CA ILE B 729 12.88 -64.23 21.31
C ILE B 729 12.00 -63.82 20.14
N GLY B 730 10.87 -63.16 20.44
CA GLY B 730 9.90 -62.84 19.43
C GLY B 730 8.56 -63.50 19.70
N LYS B 731 8.25 -63.72 20.98
CA LYS B 731 7.03 -64.42 21.36
C LYS B 731 6.07 -63.44 22.01
N PRO B 732 5.06 -62.97 21.29
CA PRO B 732 4.24 -61.86 21.79
C PRO B 732 3.25 -62.24 22.87
N ALA B 733 2.78 -63.49 22.90
CA ALA B 733 1.74 -63.83 23.86
C ALA B 733 2.31 -63.95 25.27
N GLU B 734 3.46 -64.60 25.42
CA GLU B 734 4.07 -64.74 26.73
C GLU B 734 4.45 -63.39 27.31
N ALA B 735 5.06 -62.54 26.48
CA ALA B 735 5.35 -61.18 26.92
C ALA B 735 4.06 -60.41 27.19
N THR B 736 2.99 -60.73 26.48
CA THR B 736 1.72 -60.07 26.78
C THR B 736 1.21 -60.46 28.15
N ALA B 737 1.42 -61.73 28.53
CA ALA B 737 1.05 -62.15 29.87
C ALA B 737 1.93 -61.49 30.91
N CYS B 738 3.24 -61.45 30.67
CA CYS B 738 4.15 -60.87 31.65
C CYS B 738 3.85 -59.39 31.86
N THR B 739 3.71 -58.65 30.77
CA THR B 739 3.37 -57.24 30.88
C THR B 739 1.94 -57.02 31.33
N GLN B 740 1.09 -58.05 31.27
CA GLN B 740 -0.22 -57.90 31.89
C GLN B 740 -0.14 -58.05 33.40
N GLU B 741 0.72 -58.97 33.88
CA GLU B 741 0.91 -59.12 35.31
C GLU B 741 1.66 -57.94 35.90
N ALA B 742 2.54 -57.32 35.12
CA ALA B 742 3.10 -56.04 35.53
C ALA B 742 2.04 -54.96 35.47
N ALA B 743 1.18 -55.00 34.45
CA ALA B 743 0.15 -53.99 34.28
C ALA B 743 -0.82 -54.00 35.44
N ASN B 744 -1.02 -55.17 36.04
CA ASN B 744 -1.88 -55.24 37.22
C ASN B 744 -1.30 -54.41 38.35
N LEU B 745 0.02 -54.38 38.48
CA LEU B 745 0.62 -53.62 39.56
C LEU B 745 0.46 -52.13 39.33
N PHE B 746 1.02 -51.63 38.23
CA PHE B 746 1.00 -50.20 37.92
C PHE B 746 0.45 -50.02 36.52
N PRO B 747 -0.84 -49.71 36.38
CA PRO B 747 -1.44 -49.72 35.04
C PRO B 747 -0.98 -48.58 34.17
N MET B 748 -0.69 -47.42 34.74
CA MET B 748 -0.31 -46.25 33.96
C MET B 748 1.19 -46.01 34.00
N SER B 749 1.97 -47.00 34.42
CA SER B 749 3.41 -46.86 34.39
C SER B 749 3.89 -46.79 32.95
N HIS B 750 4.76 -45.82 32.68
CA HIS B 750 5.21 -45.62 31.32
C HIS B 750 6.05 -46.78 30.82
N ASN B 751 6.76 -47.47 31.69
CA ASN B 751 7.52 -48.61 31.20
C ASN B 751 6.61 -49.72 30.76
N VAL B 752 5.50 -49.92 31.48
CA VAL B 752 4.56 -50.96 31.08
C VAL B 752 3.92 -50.60 29.75
N LEU B 753 3.49 -49.35 29.59
CA LEU B 753 2.94 -48.93 28.31
C LEU B 753 3.97 -49.06 27.19
N TYR B 754 5.24 -48.84 27.52
CA TYR B 754 6.29 -48.98 26.54
C TYR B 754 6.45 -50.42 26.10
N MET B 755 6.43 -51.35 27.06
CA MET B 755 6.49 -52.75 26.70
C MET B 755 5.26 -53.17 25.90
N ARG B 756 4.09 -52.66 26.30
CA ARG B 756 2.90 -52.94 25.52
C ARG B 756 3.06 -52.44 24.10
N GLY B 757 3.73 -51.30 23.92
CA GLY B 757 3.99 -50.81 22.59
C GLY B 757 4.98 -51.66 21.84
N GLN B 758 5.97 -52.20 22.53
CA GLN B 758 6.91 -53.11 21.87
C GLN B 758 6.21 -54.36 21.40
N ILE B 759 5.30 -54.89 22.21
CA ILE B 759 4.52 -56.05 21.77
C ILE B 759 3.63 -55.68 20.59
N ALA B 760 3.03 -54.50 20.62
CA ALA B 760 2.26 -54.06 19.46
C ALA B 760 3.15 -53.86 18.24
N GLU B 761 4.45 -53.66 18.43
CA GLU B 761 5.38 -53.73 17.32
C GLU B 761 5.59 -55.17 16.88
N LEU B 762 5.58 -56.11 17.83
CA LEU B 762 5.86 -57.48 17.47
C LEU B 762 4.71 -58.11 16.71
N ARG B 763 3.48 -57.69 17.00
CA ARG B 763 2.32 -58.24 16.34
C ARG B 763 1.96 -57.46 15.08
N GLY B 764 2.88 -56.63 14.58
CA GLY B 764 2.70 -56.00 13.29
C GLY B 764 1.62 -54.94 13.24
N SER B 765 1.34 -54.29 14.36
CA SER B 765 0.34 -53.21 14.42
C SER B 765 1.09 -51.91 14.70
N MET B 766 1.49 -51.22 13.63
CA MET B 766 2.20 -49.95 13.80
C MET B 766 1.27 -48.88 14.35
N ASP B 767 -0.02 -48.95 14.04
CA ASP B 767 -0.95 -47.97 14.56
C ASP B 767 -1.17 -48.18 16.05
N GLU B 768 -1.32 -49.42 16.48
CA GLU B 768 -1.46 -49.67 17.91
C GLU B 768 -0.20 -49.27 18.65
N ALA B 769 0.96 -49.62 18.11
CA ALA B 769 2.21 -49.23 18.75
C ALA B 769 2.33 -47.72 18.83
N ARG B 770 1.91 -47.02 17.77
CA ARG B 770 1.88 -45.58 17.83
C ARG B 770 0.97 -45.11 18.94
N ARG B 771 -0.18 -45.77 19.10
CA ARG B 771 -1.12 -45.37 20.14
C ARG B 771 -0.51 -45.52 21.52
N TRP B 772 0.07 -46.68 21.81
CA TRP B 772 0.65 -46.88 23.13
C TRP B 772 1.87 -46.00 23.35
N TYR B 773 2.62 -45.70 22.29
CA TYR B 773 3.78 -44.83 22.43
C TYR B 773 3.37 -43.39 22.64
N GLU B 774 2.19 -43.00 22.19
CA GLU B 774 1.63 -41.74 22.66
C GLU B 774 0.96 -41.87 24.01
N GLU B 775 0.58 -43.09 24.39
CA GLU B 775 0.09 -43.31 25.75
C GLU B 775 1.18 -42.97 26.75
N ALA B 776 2.41 -43.42 26.48
CA ALA B 776 3.49 -43.23 27.43
C ALA B 776 3.99 -41.81 27.45
N LEU B 777 3.91 -41.10 26.33
CA LEU B 777 4.49 -39.76 26.29
C LEU B 777 3.59 -38.71 26.89
N ALA B 778 2.36 -39.07 27.28
CA ALA B 778 1.59 -38.21 28.16
C ALA B 778 1.81 -38.53 29.62
N ILE B 779 2.27 -39.75 29.93
CA ILE B 779 2.65 -40.07 31.30
C ILE B 779 3.92 -39.31 31.67
N SER B 780 4.98 -39.54 30.92
CA SER B 780 6.21 -38.77 31.08
C SER B 780 6.64 -38.28 29.71
N PRO B 781 6.45 -36.99 29.40
CA PRO B 781 6.96 -36.46 28.14
C PRO B 781 8.48 -36.46 28.05
N THR B 782 9.17 -36.65 29.17
CA THR B 782 10.61 -36.73 29.16
C THR B 782 11.13 -38.14 28.98
N HIS B 783 10.26 -39.12 28.81
CA HIS B 783 10.75 -40.47 28.51
C HIS B 783 11.31 -40.51 27.11
N VAL B 784 12.40 -41.24 26.95
CA VAL B 784 13.18 -41.15 25.72
C VAL B 784 12.80 -42.21 24.72
N LYS B 785 12.73 -43.46 25.16
CA LYS B 785 12.55 -44.55 24.21
C LYS B 785 11.20 -44.46 23.51
N SER B 786 10.18 -43.95 24.20
CA SER B 786 8.89 -43.80 23.57
C SER B 786 8.93 -42.78 22.45
N MET B 787 9.73 -41.74 22.61
CA MET B 787 9.91 -40.81 21.51
C MET B 787 10.70 -41.45 20.38
N GLN B 788 11.65 -42.33 20.73
CA GLN B 788 12.43 -43.02 19.70
C GLN B 788 11.54 -43.86 18.81
N ARG B 789 10.83 -44.82 19.41
CA ARG B 789 10.03 -45.73 18.60
C ARG B 789 8.76 -45.08 18.08
N LEU B 790 8.22 -44.11 18.81
CA LEU B 790 7.09 -43.35 18.29
C LEU B 790 7.48 -42.62 17.02
N ALA B 791 8.51 -41.78 17.10
CA ALA B 791 8.95 -41.06 15.91
C ALA B 791 9.52 -41.99 14.86
N LEU B 792 9.90 -43.21 15.21
CA LEU B 792 10.27 -44.17 14.19
C LEU B 792 9.03 -44.65 13.45
N ILE B 793 7.92 -44.84 14.17
CA ILE B 793 6.66 -45.09 13.51
C ILE B 793 6.28 -43.92 12.62
N LEU B 794 6.50 -42.70 13.10
CA LEU B 794 6.23 -41.53 12.27
C LEU B 794 7.15 -41.50 11.07
N HIS B 795 8.34 -42.05 11.19
CA HIS B 795 9.21 -42.17 10.03
C HIS B 795 8.68 -43.20 9.06
N GLN B 796 7.95 -44.19 9.57
CA GLN B 796 7.34 -45.18 8.71
C GLN B 796 6.09 -44.63 8.02
N LEU B 797 5.27 -43.88 8.76
CA LEU B 797 3.99 -43.40 8.25
C LEU B 797 4.09 -42.12 7.44
N GLY B 798 5.30 -41.69 7.10
CA GLY B 798 5.48 -40.58 6.19
C GLY B 798 5.31 -39.20 6.78
N ARG B 799 4.70 -39.06 7.96
CA ARG B 799 4.54 -37.76 8.59
C ARG B 799 5.90 -37.28 9.09
N TYR B 800 6.71 -36.80 8.16
CA TYR B 800 8.09 -36.48 8.50
C TYR B 800 8.18 -35.27 9.42
N SER B 801 7.15 -34.43 9.44
CA SER B 801 7.20 -33.23 10.26
C SER B 801 7.19 -33.57 11.74
N LEU B 802 6.20 -34.38 12.15
CA LEU B 802 6.11 -34.75 13.56
C LEU B 802 7.33 -35.52 14.00
N ALA B 803 7.86 -36.39 13.14
CA ALA B 803 9.08 -37.12 13.51
C ALA B 803 10.24 -36.15 13.71
N GLU B 804 10.33 -35.14 12.84
CA GLU B 804 11.35 -34.11 13.02
C GLU B 804 11.21 -33.43 14.36
N LYS B 805 10.00 -32.95 14.68
CA LYS B 805 9.78 -32.22 15.92
C LYS B 805 10.08 -33.09 17.13
N ILE B 806 9.40 -34.23 17.23
CA ILE B 806 9.51 -35.07 18.41
C ILE B 806 10.93 -35.59 18.57
N LEU B 807 11.64 -35.79 17.47
CA LEU B 807 13.03 -36.17 17.61
C LEU B 807 13.89 -35.00 18.08
N ARG B 808 13.53 -33.78 17.68
CA ARG B 808 14.26 -32.63 18.22
C ARG B 808 14.02 -32.50 19.71
N ASP B 809 12.77 -32.67 20.14
CA ASP B 809 12.47 -32.59 21.57
C ASP B 809 13.13 -33.72 22.33
N ALA B 810 13.24 -34.90 21.71
CA ALA B 810 13.96 -36.00 22.35
C ALA B 810 15.45 -35.68 22.43
N VAL B 811 15.95 -34.86 21.51
CA VAL B 811 17.31 -34.37 21.65
C VAL B 811 17.41 -33.42 22.84
N GLN B 812 16.40 -32.57 23.00
CA GLN B 812 16.42 -31.60 24.08
C GLN B 812 16.33 -32.26 25.45
N VAL B 813 15.55 -33.32 25.57
CA VAL B 813 15.43 -34.00 26.85
C VAL B 813 16.70 -34.74 27.17
N ASN B 814 17.13 -35.61 26.27
CA ASN B 814 18.33 -36.41 26.50
C ASN B 814 18.97 -36.68 25.14
N SER B 815 19.98 -35.90 24.80
CA SER B 815 20.70 -36.10 23.56
C SER B 815 21.76 -37.18 23.66
N THR B 816 21.86 -37.87 24.79
CA THR B 816 22.88 -38.91 24.96
C THR B 816 22.36 -40.30 24.67
N ALA B 817 21.13 -40.43 24.22
CA ALA B 817 20.57 -41.71 23.81
C ALA B 817 20.69 -41.84 22.30
N HIS B 818 21.33 -42.93 21.85
CA HIS B 818 21.75 -43.02 20.46
C HIS B 818 20.59 -43.22 19.50
N GLU B 819 19.56 -43.96 19.90
CA GLU B 819 18.50 -44.25 18.95
C GLU B 819 17.68 -43.03 18.61
N VAL B 820 17.71 -42.00 19.46
CA VAL B 820 17.19 -40.70 19.05
C VAL B 820 17.90 -40.22 17.80
N TRP B 821 19.24 -40.33 17.81
CA TRP B 821 20.01 -39.85 16.67
C TRP B 821 19.90 -40.79 15.48
N ASN B 822 19.66 -42.08 15.71
CA ASN B 822 19.36 -42.96 14.60
C ASN B 822 18.07 -42.54 13.92
N GLY B 823 17.02 -42.32 14.71
CA GLY B 823 15.74 -41.97 14.12
C GLY B 823 15.77 -40.62 13.44
N LEU B 824 16.38 -39.63 14.08
CA LEU B 824 16.48 -38.32 13.48
C LEU B 824 17.37 -38.36 12.25
N GLY B 825 18.44 -39.16 12.30
CA GLY B 825 19.31 -39.29 11.15
C GLY B 825 18.62 -39.94 9.98
N GLU B 826 17.68 -40.85 10.25
CA GLU B 826 16.93 -41.47 9.18
C GLU B 826 15.77 -40.61 8.71
N VAL B 827 15.32 -39.67 9.54
CA VAL B 827 14.42 -38.64 9.03
C VAL B 827 15.17 -37.69 8.12
N LEU B 828 16.40 -37.36 8.49
CA LEU B 828 17.24 -36.54 7.62
C LEU B 828 17.57 -37.28 6.33
N GLN B 829 17.76 -38.59 6.42
CA GLN B 829 17.92 -39.37 5.19
C GLN B 829 16.61 -39.42 4.42
N ALA B 830 15.48 -39.30 5.11
CA ALA B 830 14.18 -39.11 4.47
C ALA B 830 13.96 -37.68 4.03
N GLN B 831 14.93 -36.81 4.24
CA GLN B 831 14.85 -35.43 3.76
C GLN B 831 15.95 -35.09 2.77
N GLY B 832 17.09 -35.79 2.81
CA GLY B 832 18.16 -35.60 1.87
C GLY B 832 19.37 -34.88 2.42
N ASN B 833 19.27 -34.29 3.60
CA ASN B 833 20.36 -33.48 4.16
C ASN B 833 21.42 -34.41 4.75
N ASP B 834 22.26 -34.93 3.85
CA ASP B 834 23.12 -36.05 4.19
C ASP B 834 24.33 -35.64 5.03
N ALA B 835 24.68 -34.36 5.06
CA ALA B 835 25.79 -33.94 5.91
C ALA B 835 25.44 -34.13 7.37
N ALA B 836 24.42 -33.41 7.85
CA ALA B 836 23.98 -33.61 9.23
C ALA B 836 23.37 -34.98 9.44
N ALA B 837 22.95 -35.65 8.36
CA ALA B 837 22.47 -37.02 8.50
C ALA B 837 23.60 -37.94 8.94
N THR B 838 24.71 -37.90 8.20
CA THR B 838 25.86 -38.70 8.59
C THR B 838 26.49 -38.18 9.88
N GLU B 839 26.26 -36.91 10.22
CA GLU B 839 26.69 -36.45 11.54
C GLU B 839 25.83 -37.05 12.65
N CYS B 840 24.54 -37.26 12.38
CA CYS B 840 23.67 -37.91 13.34
C CYS B 840 23.98 -39.39 13.46
N PHE B 841 24.33 -40.02 12.34
CA PHE B 841 24.70 -41.43 12.39
C PHE B 841 26.04 -41.62 13.07
N LEU B 842 26.97 -40.70 12.89
CA LEU B 842 28.21 -40.74 13.65
C LEU B 842 27.96 -40.45 15.12
N THR B 843 27.00 -39.56 15.40
CA THR B 843 26.55 -39.33 16.76
C THR B 843 26.08 -40.62 17.41
N ALA B 844 25.15 -41.30 16.75
CA ALA B 844 24.61 -42.55 17.28
C ALA B 844 25.68 -43.62 17.38
N LEU B 845 26.64 -43.64 16.45
CA LEU B 845 27.71 -44.63 16.54
C LEU B 845 28.59 -44.39 17.75
N GLU B 846 29.00 -43.15 17.97
CA GLU B 846 29.86 -42.89 19.11
C GLU B 846 29.11 -43.11 20.42
N LEU B 847 27.85 -42.67 20.49
CA LEU B 847 27.07 -42.92 21.69
C LEU B 847 26.89 -44.41 21.92
N GLU B 848 26.70 -45.18 20.86
CA GLU B 848 26.65 -46.62 20.98
C GLU B 848 27.98 -47.18 21.47
N ALA B 849 29.09 -46.53 21.10
CA ALA B 849 30.37 -46.93 21.65
C ALA B 849 30.46 -46.62 23.13
N SER B 850 29.65 -45.68 23.61
CA SER B 850 29.62 -45.31 25.02
C SER B 850 28.35 -45.79 25.72
N SER B 851 27.86 -46.97 25.35
CA SER B 851 26.58 -47.41 25.87
C SER B 851 26.74 -48.61 26.79
N PRO B 852 26.10 -48.58 27.95
CA PRO B 852 26.16 -49.73 28.85
C PRO B 852 25.05 -50.72 28.56
N ALA B 853 24.97 -51.77 29.37
CA ALA B 853 23.80 -52.64 29.35
C ALA B 853 22.63 -52.00 30.07
N VAL B 854 22.82 -51.69 31.35
CA VAL B 854 21.82 -50.93 32.10
C VAL B 854 22.30 -49.50 32.21
N PRO B 855 21.41 -48.51 32.12
CA PRO B 855 21.86 -47.12 32.24
C PRO B 855 22.45 -46.85 33.61
N PHE B 856 23.46 -45.98 33.63
CA PHE B 856 24.25 -45.81 34.83
C PHE B 856 23.51 -45.08 35.93
N THR B 857 22.34 -44.54 35.67
CA THR B 857 21.56 -43.93 36.74
C THR B 857 20.90 -44.95 37.64
N ILE B 858 21.07 -46.24 37.35
CA ILE B 858 20.46 -47.26 38.17
C ILE B 858 21.17 -47.43 39.50
N ILE B 859 22.43 -47.02 39.61
CA ILE B 859 23.17 -47.10 40.86
C ILE B 859 22.87 -45.82 41.65
N PRO B 860 22.35 -45.93 42.86
CA PRO B 860 21.73 -44.76 43.50
C PRO B 860 22.74 -43.73 43.94
N ARG B 861 22.35 -42.46 43.84
CA ARG B 861 23.15 -41.34 44.30
C ARG B 861 22.65 -40.93 45.69
N VAL B 862 23.09 -41.67 46.69
CA VAL B 862 22.67 -41.43 48.06
C VAL B 862 23.91 -41.33 48.94
N LEU B 863 23.96 -40.29 49.77
CA LEU B 863 25.05 -40.12 50.72
C LEU B 863 25.16 -41.32 51.65
N GLY C 10 53.06 -75.78 74.39
CA GLY C 10 51.82 -75.15 74.79
C GLY C 10 51.13 -75.84 75.94
N VAL C 11 50.85 -75.08 77.00
CA VAL C 11 50.14 -75.65 78.13
C VAL C 11 48.71 -75.98 77.74
N VAL C 12 48.09 -75.13 76.93
CA VAL C 12 46.73 -75.39 76.49
C VAL C 12 46.71 -76.58 75.54
N GLU C 13 47.81 -76.83 74.85
CA GLU C 13 47.91 -78.05 74.05
C GLU C 13 47.86 -79.28 74.94
N GLU C 14 48.51 -79.21 76.10
CA GLU C 14 48.37 -80.28 77.08
C GLU C 14 46.96 -80.35 77.63
N TRP C 15 46.29 -79.20 77.74
CA TRP C 15 44.90 -79.20 78.20
C TRP C 15 44.00 -79.93 77.22
N LEU C 16 44.11 -79.61 75.93
CA LEU C 16 43.33 -80.31 74.92
C LEU C 16 43.75 -81.77 74.84
N SER C 17 45.01 -82.08 75.13
CA SER C 17 45.46 -83.46 75.13
C SER C 17 44.89 -84.23 76.30
N GLU C 18 44.58 -83.56 77.40
CA GLU C 18 44.09 -84.24 78.59
C GLU C 18 42.58 -84.31 78.66
N PHE C 19 41.88 -83.34 78.06
CA PHE C 19 40.42 -83.36 78.17
C PHE C 19 39.82 -84.41 77.25
N LYS C 20 40.01 -84.26 75.95
CA LYS C 20 39.44 -85.18 74.98
C LYS C 20 40.25 -86.47 74.89
N LEU C 27 29.45 -84.39 85.96
CA LEU C 27 29.71 -83.81 84.65
C LEU C 27 29.73 -82.28 84.63
N PRO C 28 28.91 -81.62 85.45
CA PRO C 28 29.14 -80.20 85.73
C PRO C 28 30.37 -79.94 86.59
N ASN C 29 30.97 -80.98 87.18
CA ASN C 29 32.19 -80.79 87.96
C ASN C 29 33.40 -80.49 87.09
N TYR C 30 33.33 -80.73 85.79
CA TYR C 30 34.43 -80.43 84.89
C TYR C 30 34.52 -78.94 84.57
N ALA C 31 33.62 -78.12 85.10
CA ALA C 31 33.65 -76.69 84.82
C ALA C 31 34.82 -76.02 85.51
N THR C 32 35.03 -76.32 86.79
CA THR C 32 36.15 -75.75 87.53
C THR C 32 36.56 -76.69 88.65
N LYS C 37 38.22 -71.69 86.63
CA LYS C 37 39.54 -72.05 86.10
C LYS C 37 40.26 -70.83 85.57
N SER C 38 41.26 -70.35 86.32
CA SER C 38 42.08 -69.23 85.89
C SER C 38 43.40 -69.66 85.27
N SER C 39 43.70 -70.95 85.29
CA SER C 39 44.95 -71.41 84.69
C SER C 39 44.89 -71.40 83.17
N LEU C 40 43.71 -71.61 82.60
CA LEU C 40 43.57 -71.56 81.16
C LEU C 40 43.59 -70.13 80.62
N VAL C 41 43.28 -69.14 81.45
CA VAL C 41 43.35 -67.77 80.98
C VAL C 41 44.80 -67.28 80.99
N SER C 42 45.54 -67.60 82.06
CA SER C 42 46.95 -67.25 82.09
C SER C 42 47.73 -68.03 81.05
N SER C 43 47.48 -69.34 80.95
CA SER C 43 48.10 -70.13 79.89
C SER C 43 47.59 -69.72 78.52
N LEU C 44 46.43 -69.05 78.45
CA LEU C 44 46.03 -68.38 77.21
C LEU C 44 46.87 -67.15 76.96
N TYR C 45 47.30 -66.48 78.03
CA TYR C 45 48.17 -65.32 77.86
C TYR C 45 49.57 -65.72 77.45
N LYS C 46 50.02 -66.91 77.86
CA LYS C 46 51.37 -67.37 77.55
C LYS C 46 51.41 -68.42 76.46
N VAL C 47 50.26 -68.80 75.89
CA VAL C 47 50.25 -69.75 74.79
C VAL C 47 49.46 -69.19 73.61
N ILE C 48 48.27 -68.65 73.86
CA ILE C 48 47.37 -68.24 72.77
C ILE C 48 47.26 -66.71 72.75
N GLN C 49 48.33 -66.02 73.13
CA GLN C 49 48.41 -64.60 72.83
C GLN C 49 48.57 -64.36 71.34
N GLU C 50 49.36 -65.20 70.66
CA GLU C 50 49.56 -65.07 69.22
C GLU C 50 48.41 -65.73 68.47
N PRO C 51 47.82 -65.02 67.50
CA PRO C 51 46.79 -65.64 66.65
C PRO C 51 47.34 -66.34 65.42
N GLN C 52 48.65 -66.27 65.18
CA GLN C 52 49.26 -66.85 63.98
C GLN C 52 49.55 -68.33 64.18
N SER C 53 48.49 -69.04 64.57
CA SER C 53 48.53 -70.49 64.68
C SER C 53 47.14 -70.99 64.36
N GLU C 54 47.06 -71.95 63.43
CA GLU C 54 45.78 -72.43 62.94
C GLU C 54 45.21 -73.55 63.78
N LEU C 55 45.77 -73.81 64.95
CA LEU C 55 45.18 -74.78 65.86
C LEU C 55 44.17 -74.14 66.81
N LEU C 56 43.89 -72.83 66.65
CA LEU C 56 42.82 -72.20 67.40
C LEU C 56 41.44 -72.62 66.92
N GLU C 57 41.36 -73.22 65.74
CA GLU C 57 40.05 -73.56 65.17
C GLU C 57 39.36 -74.69 65.94
N PRO C 58 39.97 -75.86 66.10
CA PRO C 58 39.23 -76.95 66.76
C PRO C 58 38.98 -76.70 68.23
N VAL C 59 39.91 -76.04 68.93
CA VAL C 59 39.68 -75.73 70.33
C VAL C 59 38.52 -74.76 70.46
N CYS C 60 38.34 -73.89 69.47
CA CYS C 60 37.15 -73.07 69.42
C CYS C 60 35.90 -73.93 69.31
N HIS C 61 35.97 -74.98 68.49
CA HIS C 61 34.91 -75.97 68.47
C HIS C 61 34.77 -76.64 69.82
N GLN C 62 35.89 -76.83 70.52
CA GLN C 62 35.81 -77.27 71.90
C GLN C 62 35.09 -76.23 72.76
N LEU C 63 35.34 -74.95 72.49
CA LEU C 63 34.54 -73.90 73.10
C LEU C 63 33.10 -73.97 72.64
N PHE C 64 32.85 -74.53 71.46
CA PHE C 64 31.49 -74.84 71.06
C PHE C 64 30.89 -75.90 71.96
N GLU C 65 31.71 -76.87 72.39
CA GLU C 65 31.24 -77.89 73.31
C GLU C 65 30.83 -77.25 74.64
N PHE C 66 31.64 -76.33 75.16
CA PHE C 66 31.21 -75.57 76.33
C PHE C 66 29.98 -74.74 76.05
N TYR C 67 29.74 -74.40 74.78
CA TYR C 67 28.50 -73.74 74.38
C TYR C 67 27.39 -74.74 74.08
N ARG C 68 27.74 -76.00 73.88
CA ARG C 68 26.77 -76.99 73.41
C ARG C 68 25.69 -77.25 74.46
N SER C 69 26.10 -77.51 75.70
CA SER C 69 25.14 -77.82 76.74
C SER C 69 24.48 -76.55 77.26
N GLY C 70 23.47 -76.72 78.09
CA GLY C 70 22.77 -75.62 78.72
C GLY C 70 23.42 -75.06 79.96
N GLU C 71 24.65 -75.49 80.27
CA GLU C 71 25.35 -74.99 81.46
C GLU C 71 25.78 -73.55 81.22
N GLU C 72 25.29 -72.64 82.07
CA GLU C 72 25.61 -71.23 81.90
C GLU C 72 27.01 -70.89 82.39
N GLN C 73 27.65 -71.75 83.18
CA GLN C 73 28.97 -71.43 83.71
C GLN C 73 30.03 -71.50 82.61
N LEU C 74 30.13 -72.66 81.94
CA LEU C 74 31.12 -72.83 80.87
C LEU C 74 30.94 -71.79 79.80
N LEU C 75 29.69 -71.48 79.45
CA LEU C 75 29.41 -70.36 78.56
C LEU C 75 29.98 -69.06 79.12
N GLN C 76 29.53 -68.69 80.31
CA GLN C 76 29.78 -67.35 80.83
C GLN C 76 31.19 -67.14 81.37
N PHE C 77 32.10 -68.12 81.28
CA PHE C 77 33.50 -67.73 81.40
C PHE C 77 34.45 -68.55 80.53
N THR C 78 33.94 -69.18 79.46
CA THR C 78 34.80 -69.65 78.39
C THR C 78 34.42 -69.03 77.05
N LEU C 79 33.36 -68.21 77.02
CA LEU C 79 32.97 -67.46 75.85
C LEU C 79 33.78 -66.18 75.69
N GLN C 80 34.69 -65.92 76.63
CA GLN C 80 35.31 -64.62 76.82
C GLN C 80 36.54 -64.40 75.96
N PHE C 81 36.72 -65.14 74.87
CA PHE C 81 37.88 -64.93 74.02
C PHE C 81 37.52 -64.91 72.54
N LEU C 82 36.24 -64.82 72.20
CA LEU C 82 35.81 -64.77 70.80
C LEU C 82 36.06 -63.44 70.09
N PRO C 83 36.03 -62.27 70.75
CA PRO C 83 36.41 -61.05 70.02
C PRO C 83 37.85 -61.06 69.55
N GLU C 84 38.72 -61.84 70.20
CA GLU C 84 40.06 -62.05 69.68
C GLU C 84 40.02 -62.63 68.27
N LEU C 85 39.30 -63.73 68.10
CA LEU C 85 39.20 -64.35 66.78
C LEU C 85 38.29 -63.56 65.84
N ILE C 86 37.44 -62.68 66.37
CA ILE C 86 36.70 -61.76 65.52
C ILE C 86 37.66 -60.78 64.87
N TRP C 87 38.53 -60.16 65.67
CA TRP C 87 39.45 -59.18 65.13
C TRP C 87 40.50 -59.83 64.23
N CYS C 88 41.17 -60.87 64.73
CA CYS C 88 42.23 -61.48 63.92
C CYS C 88 41.63 -62.33 62.81
N TYR C 89 40.81 -63.31 63.18
CA TYR C 89 40.25 -64.23 62.20
C TYR C 89 39.33 -63.50 61.23
N LEU C 90 38.57 -62.53 61.71
CA LEU C 90 37.59 -61.86 60.87
C LEU C 90 38.14 -60.60 60.21
N ALA C 91 39.13 -59.96 60.81
CA ALA C 91 39.79 -58.84 60.16
C ALA C 91 40.74 -59.32 59.08
N VAL C 92 41.38 -60.47 59.29
CA VAL C 92 42.18 -61.07 58.23
C VAL C 92 41.28 -61.75 57.21
N SER C 93 40.24 -62.42 57.67
CA SER C 93 39.37 -63.17 56.77
C SER C 93 38.52 -62.22 55.92
N ALA C 94 37.74 -61.36 56.58
CA ALA C 94 36.81 -60.48 55.87
C ALA C 94 37.52 -59.15 55.59
N SER C 95 38.32 -59.15 54.55
CA SER C 95 39.00 -57.93 54.09
C SER C 95 38.85 -57.77 52.58
N VAL C 98 48.07 -62.83 52.35
CA VAL C 98 47.81 -63.37 53.68
C VAL C 98 46.73 -64.43 53.62
N HIS C 99 46.99 -65.59 54.20
CA HIS C 99 46.08 -66.71 54.09
C HIS C 99 44.95 -66.62 55.11
N SER C 100 43.90 -67.39 54.85
CA SER C 100 42.76 -67.48 55.74
C SER C 100 41.99 -68.74 55.40
N SER C 101 41.47 -69.41 56.43
CA SER C 101 40.80 -70.69 56.23
C SER C 101 39.33 -70.49 55.85
N GLY C 102 38.57 -69.83 56.71
CA GLY C 102 37.18 -69.55 56.43
C GLY C 102 36.22 -70.57 57.01
N CYS C 103 36.37 -70.89 58.28
CA CYS C 103 35.53 -71.91 58.89
C CYS C 103 34.78 -71.43 60.12
N ILE C 104 35.41 -70.60 60.97
CA ILE C 104 34.79 -70.21 62.23
C ILE C 104 33.69 -69.18 62.05
N GLU C 105 33.54 -68.62 60.85
CA GLU C 105 32.33 -67.86 60.55
C GLU C 105 31.10 -68.74 60.66
N ALA C 106 31.22 -70.01 60.26
CA ALA C 106 30.14 -70.96 60.41
C ALA C 106 30.01 -71.45 61.84
N LEU C 107 31.07 -71.34 62.64
CA LEU C 107 30.97 -71.69 64.04
C LEU C 107 30.21 -70.61 64.80
N LEU C 108 30.59 -69.36 64.58
CA LEU C 108 29.83 -68.24 65.13
C LEU C 108 28.41 -68.23 64.59
N LEU C 109 28.24 -68.62 63.34
CA LEU C 109 26.90 -68.72 62.77
C LEU C 109 26.12 -69.85 63.42
N GLY C 110 26.81 -70.92 63.80
CA GLY C 110 26.14 -71.98 64.56
C GLY C 110 25.74 -71.49 65.93
N VAL C 111 26.57 -70.67 66.55
CA VAL C 111 26.18 -70.03 67.81
C VAL C 111 24.97 -69.15 67.59
N TYR C 112 24.92 -68.48 66.44
CA TYR C 112 23.76 -67.66 66.11
C TYR C 112 22.52 -68.52 65.99
N ASN C 113 22.63 -69.65 65.32
CA ASN C 113 21.49 -70.54 65.17
C ASN C 113 21.04 -71.08 66.53
N LEU C 114 21.99 -71.46 67.37
CA LEU C 114 21.66 -71.97 68.70
C LEU C 114 21.19 -70.87 69.63
N GLU C 115 21.34 -69.62 69.24
CA GLU C 115 20.75 -68.55 70.03
C GLU C 115 19.36 -68.20 69.55
N ILE C 116 19.12 -68.21 68.24
CA ILE C 116 17.82 -67.81 67.73
C ILE C 116 16.83 -68.96 67.81
N VAL C 117 17.31 -70.19 67.80
CA VAL C 117 16.47 -71.37 67.76
C VAL C 117 16.57 -72.18 69.05
N ASP C 118 17.80 -72.54 69.43
CA ASP C 118 17.99 -73.53 70.49
C ASP C 118 17.71 -72.90 71.85
N LYS C 119 16.43 -72.73 72.15
CA LYS C 119 15.95 -72.64 73.52
C LYS C 119 15.05 -73.81 73.86
N GLN C 120 14.02 -74.04 73.06
CA GLN C 120 13.23 -75.26 73.09
C GLN C 120 13.05 -75.90 71.72
N GLY C 121 13.20 -75.14 70.64
CA GLY C 121 12.97 -75.66 69.30
C GLY C 121 12.26 -74.66 68.42
N HIS C 122 11.96 -73.49 68.96
CA HIS C 122 11.30 -72.42 68.23
C HIS C 122 12.27 -71.27 68.00
N THR C 123 11.95 -70.44 67.02
CA THR C 123 12.68 -69.19 66.81
C THR C 123 12.33 -68.20 67.90
N LYS C 124 13.27 -67.30 68.17
CA LYS C 124 13.13 -66.33 69.25
C LYS C 124 12.57 -65.03 68.71
N VAL C 125 11.44 -64.59 69.27
CA VAL C 125 10.77 -63.35 68.87
C VAL C 125 10.79 -62.41 70.07
N LEU C 126 11.80 -61.53 70.13
CA LEU C 126 11.88 -60.56 71.20
C LEU C 126 10.87 -59.45 70.98
N SER C 127 10.09 -59.14 72.02
CA SER C 127 9.09 -58.08 71.91
C SER C 127 8.68 -57.67 73.30
N PHE C 128 8.84 -56.40 73.62
CA PHE C 128 8.32 -55.88 74.86
C PHE C 128 6.99 -55.18 74.59
N THR C 129 6.42 -54.61 75.64
CA THR C 129 5.24 -53.78 75.54
C THR C 129 5.53 -52.45 76.22
N ILE C 130 5.04 -51.37 75.63
CA ILE C 130 5.33 -50.04 76.14
C ILE C 130 4.49 -49.75 77.37
N PRO C 131 5.04 -49.07 78.36
CA PRO C 131 4.24 -48.62 79.50
C PRO C 131 3.31 -47.50 79.06
N SER C 132 2.59 -46.96 80.05
CA SER C 132 1.68 -45.86 79.79
C SER C 132 1.41 -45.13 81.10
N LEU C 133 1.17 -43.82 80.99
CA LEU C 133 0.66 -43.05 82.11
C LEU C 133 -0.85 -43.12 82.20
N SER C 134 -1.51 -43.74 81.22
CA SER C 134 -2.94 -43.97 81.27
C SER C 134 -3.30 -45.33 81.84
N LYS C 135 -2.32 -46.03 82.42
CA LYS C 135 -2.51 -47.39 82.91
C LYS C 135 -2.10 -47.48 84.37
N PRO C 136 -2.88 -48.16 85.20
CA PRO C 136 -2.39 -48.52 86.53
C PRO C 136 -1.20 -49.45 86.40
N SER C 137 -0.20 -49.24 87.24
CA SER C 137 1.03 -50.01 87.15
C SER C 137 1.58 -50.23 88.56
N VAL C 138 2.75 -50.88 88.62
CA VAL C 138 3.37 -51.21 89.89
C VAL C 138 3.91 -49.98 90.62
N TYR C 139 3.97 -48.83 89.95
CA TYR C 139 4.65 -47.68 90.53
C TYR C 139 3.80 -46.44 90.66
N HIS C 140 2.61 -46.38 90.07
CA HIS C 140 1.84 -45.15 90.09
C HIS C 140 0.37 -45.51 89.89
N GLU C 141 -0.46 -44.47 89.75
CA GLU C 141 -1.86 -44.64 89.50
C GLU C 141 -2.31 -43.50 88.59
N PRO C 142 -3.12 -43.78 87.58
CA PRO C 142 -3.58 -42.71 86.68
C PRO C 142 -4.92 -42.12 87.07
N SER C 143 -5.59 -42.70 88.07
CA SER C 143 -7.00 -42.37 88.31
C SER C 143 -7.16 -41.07 89.10
N SER C 144 -6.41 -40.91 90.19
CA SER C 144 -6.59 -39.74 91.02
C SER C 144 -5.99 -38.48 90.40
N ILE C 145 -5.13 -38.64 89.40
CA ILE C 145 -4.51 -37.50 88.73
C ILE C 145 -5.51 -36.89 87.77
N GLY C 146 -5.27 -35.66 87.34
CA GLY C 146 -6.18 -34.95 86.48
C GLY C 146 -6.23 -35.55 85.09
N SER C 147 -6.80 -34.77 84.17
CA SER C 147 -7.07 -35.19 82.80
C SER C 147 -5.86 -35.05 81.89
N MET C 148 -4.64 -34.96 82.43
CA MET C 148 -3.45 -34.97 81.58
C MET C 148 -3.25 -36.35 80.98
N ALA C 149 -3.01 -37.34 81.82
CA ALA C 149 -2.60 -38.66 81.41
C ALA C 149 -3.76 -39.62 81.16
N LEU C 150 -5.00 -39.10 81.14
CA LEU C 150 -6.13 -39.98 80.89
C LEU C 150 -6.19 -40.39 79.42
N THR C 151 -5.92 -39.45 78.51
CA THR C 151 -5.86 -39.75 77.09
C THR C 151 -4.95 -38.78 76.35
N GLN C 157 -3.97 -42.46 72.90
CA GLN C 157 -2.68 -43.10 73.06
C GLN C 157 -2.82 -44.61 73.23
N HIS C 158 -1.92 -45.35 72.60
CA HIS C 158 -1.98 -46.81 72.55
C HIS C 158 -1.44 -47.40 73.85
N GLY C 159 -2.33 -47.61 74.81
CA GLY C 159 -1.96 -48.24 76.05
C GLY C 159 -2.05 -49.76 75.98
N LEU C 160 -1.36 -50.41 76.93
CA LEU C 160 -1.38 -51.87 77.09
C LEU C 160 -1.17 -52.61 75.78
N SER C 161 -0.34 -52.05 74.89
CA SER C 161 -0.10 -52.63 73.59
C SER C 161 1.35 -53.08 73.47
N LYS C 162 1.57 -54.03 72.58
CA LYS C 162 2.87 -54.68 72.42
C LYS C 162 3.54 -54.21 71.14
N VAL C 163 4.87 -54.18 71.17
CA VAL C 163 5.69 -53.89 70.01
C VAL C 163 6.79 -54.93 69.91
N VAL C 164 7.30 -55.08 68.70
CA VAL C 164 8.34 -56.06 68.38
C VAL C 164 9.63 -55.29 68.10
N TYR C 165 10.72 -55.70 68.74
CA TYR C 165 12.01 -55.08 68.50
C TYR C 165 13.06 -56.02 67.94
N SER C 166 12.91 -57.33 68.11
CA SER C 166 13.81 -58.27 67.45
C SER C 166 13.04 -59.56 67.20
N GLY C 167 12.52 -59.69 65.98
CA GLY C 167 11.84 -60.90 65.57
C GLY C 167 10.84 -60.65 64.46
N PRO C 168 10.58 -61.68 63.65
CA PRO C 168 11.26 -62.97 63.70
C PRO C 168 12.50 -63.00 62.82
N HIS C 169 13.46 -63.88 63.11
CA HIS C 169 14.75 -63.87 62.44
C HIS C 169 15.15 -65.28 62.00
N PRO C 170 15.20 -65.55 60.70
CA PRO C 170 15.57 -66.89 60.24
C PRO C 170 17.05 -67.17 60.45
N GLN C 171 17.44 -68.39 60.15
CA GLN C 171 18.79 -68.86 60.35
C GLN C 171 19.64 -68.55 59.11
N ARG C 172 20.87 -69.07 59.09
CA ARG C 172 21.74 -68.93 57.93
C ARG C 172 22.68 -70.13 57.89
N GLU C 173 23.00 -70.57 56.68
CA GLU C 173 23.81 -71.78 56.53
C GLU C 173 25.30 -71.47 56.69
N MET C 174 25.83 -70.64 55.81
CA MET C 174 27.23 -70.22 55.86
C MET C 174 27.31 -68.71 55.79
N LEU C 175 28.23 -68.13 56.54
CA LEU C 175 28.24 -66.68 56.71
C LEU C 175 28.73 -66.00 55.44
N THR C 176 27.88 -65.14 54.89
CA THR C 176 28.27 -64.30 53.76
C THR C 176 28.17 -62.84 54.17
N ALA C 177 28.44 -61.95 53.21
CA ALA C 177 28.60 -60.54 53.48
C ALA C 177 27.30 -59.78 53.46
N GLN C 178 26.18 -60.43 53.19
CA GLN C 178 24.91 -59.72 53.35
C GLN C 178 24.51 -59.65 54.81
N ASN C 179 24.58 -60.75 55.53
CA ASN C 179 24.19 -60.80 56.93
C ASN C 179 25.35 -61.17 57.84
N ARG C 180 26.57 -60.75 57.48
CA ARG C 180 27.68 -60.97 58.40
C ARG C 180 27.55 -60.08 59.61
N PHE C 181 27.03 -58.87 59.43
CA PHE C 181 26.84 -57.94 60.53
C PHE C 181 25.42 -57.96 61.07
N GLU C 182 24.51 -58.69 60.43
CA GLU C 182 23.27 -59.05 61.10
C GLU C 182 23.53 -60.15 62.13
N VAL C 183 24.32 -61.15 61.71
CA VAL C 183 24.72 -62.22 62.61
C VAL C 183 25.62 -61.67 63.71
N LEU C 184 26.55 -60.81 63.34
CA LEU C 184 27.43 -60.18 64.31
C LEU C 184 26.54 -59.34 65.22
N THR C 185 25.54 -58.72 64.61
CA THR C 185 24.63 -57.84 65.34
C THR C 185 23.85 -58.55 66.46
N PHE C 186 23.36 -59.75 66.18
CA PHE C 186 22.63 -60.48 67.21
C PHE C 186 23.53 -61.33 68.10
N LEU C 187 24.72 -61.71 67.64
CA LEU C 187 25.71 -62.25 68.55
C LEU C 187 26.22 -61.18 69.50
N LEU C 188 26.15 -59.91 69.08
CA LEU C 188 26.33 -58.80 70.00
C LEU C 188 25.10 -58.61 70.88
N LEU C 189 23.91 -58.92 70.35
CA LEU C 189 22.71 -58.87 71.16
C LEU C 189 22.72 -59.96 72.23
N CYS C 190 23.50 -61.02 72.02
CA CYS C 190 23.73 -61.99 73.08
C CYS C 190 24.44 -61.35 74.26
N TYR C 191 25.33 -60.40 73.98
CA TYR C 191 25.97 -59.67 75.05
C TYR C 191 25.12 -58.52 75.57
N ASN C 192 23.96 -58.28 74.96
CA ASN C 192 22.99 -57.31 75.44
C ASN C 192 22.07 -57.91 76.50
N ALA C 193 22.25 -59.19 76.81
CA ALA C 193 21.45 -59.88 77.80
C ALA C 193 22.28 -60.47 78.94
N ALA C 194 23.60 -60.39 78.86
CA ALA C 194 24.50 -61.02 79.82
C ALA C 194 25.54 -60.03 80.30
N LEU C 195 25.08 -58.83 80.63
CA LEU C 195 25.99 -57.75 80.99
C LEU C 195 26.64 -58.00 82.35
N THR C 196 25.83 -58.18 83.38
CA THR C 196 26.37 -58.22 84.74
C THR C 196 27.26 -59.44 84.95
N TYR C 197 27.00 -60.53 84.24
CA TYR C 197 27.78 -61.73 84.40
C TYR C 197 29.16 -61.65 83.76
N MET C 198 29.48 -60.55 83.10
CA MET C 198 30.76 -60.44 82.41
C MET C 198 31.89 -60.21 83.41
N PRO C 199 33.12 -60.53 83.00
CA PRO C 199 34.29 -60.05 83.76
C PRO C 199 34.76 -58.71 83.23
N SER C 200 35.71 -58.09 83.91
CA SER C 200 36.24 -56.80 83.45
C SER C 200 37.09 -56.97 82.21
N VAL C 201 37.80 -58.09 82.09
CA VAL C 201 38.65 -58.30 80.92
C VAL C 201 37.80 -58.35 79.66
N SER C 202 36.56 -58.85 79.79
CA SER C 202 35.67 -58.88 78.65
C SER C 202 35.38 -57.47 78.14
N LEU C 203 35.16 -56.53 79.05
CA LEU C 203 34.99 -55.15 78.62
C LEU C 203 36.31 -54.57 78.13
N GLN C 204 37.43 -55.06 78.66
CA GLN C 204 38.74 -54.58 78.22
C GLN C 204 38.97 -54.90 76.74
N SER C 205 39.06 -56.18 76.42
CA SER C 205 39.33 -56.57 75.04
C SER C 205 38.14 -56.22 74.15
N LEU C 206 36.92 -56.43 74.64
CA LEU C 206 35.74 -56.16 73.82
C LEU C 206 35.63 -54.71 73.45
N CYS C 207 35.96 -53.82 74.38
CA CYS C 207 35.82 -52.39 74.12
C CYS C 207 37.05 -51.77 73.50
N GLN C 208 38.22 -52.42 73.62
CA GLN C 208 39.37 -51.96 72.86
C GLN C 208 39.24 -52.35 71.39
N ILE C 209 38.91 -53.62 71.13
CA ILE C 209 38.72 -54.07 69.76
C ILE C 209 37.52 -53.37 69.14
N CYS C 210 36.41 -53.25 69.87
CA CYS C 210 35.29 -52.48 69.36
C CYS C 210 35.60 -50.99 69.32
N SER C 211 36.63 -50.55 70.01
CA SER C 211 37.07 -49.17 69.88
C SER C 211 37.82 -48.94 68.58
N ARG C 212 38.56 -49.95 68.12
CA ARG C 212 39.34 -49.78 66.90
C ARG C 212 38.61 -50.20 65.64
N ILE C 213 37.49 -50.92 65.73
CA ILE C 213 36.83 -51.36 64.50
C ILE C 213 36.15 -50.20 63.80
N CYS C 214 35.85 -49.12 64.51
CA CYS C 214 34.95 -48.10 63.98
C CYS C 214 35.67 -47.02 63.18
N VAL C 215 36.90 -46.68 63.53
CA VAL C 215 37.61 -45.63 62.84
C VAL C 215 38.82 -46.22 62.14
N CYS C 216 38.71 -47.49 61.74
CA CYS C 216 39.88 -48.24 61.31
C CYS C 216 40.43 -47.77 59.97
N GLY C 217 39.60 -47.19 59.11
CA GLY C 217 40.08 -46.77 57.82
C GLY C 217 39.95 -45.28 57.60
N TYR C 218 40.18 -44.51 58.65
CA TYR C 218 39.89 -43.09 58.67
C TYR C 218 41.07 -42.33 59.23
N PRO C 219 41.06 -40.99 59.10
CA PRO C 219 42.10 -40.19 59.75
C PRO C 219 41.99 -40.12 61.27
N ARG C 220 41.00 -40.78 61.88
CA ARG C 220 40.91 -40.78 63.34
C ARG C 220 41.80 -41.87 63.96
N GLN C 221 42.00 -42.98 63.26
CA GLN C 221 42.94 -43.99 63.75
C GLN C 221 44.38 -43.50 63.63
N HIS C 222 44.65 -42.52 62.77
CA HIS C 222 45.96 -41.90 62.77
C HIS C 222 46.25 -41.24 64.10
N VAL C 223 45.23 -40.65 64.72
CA VAL C 223 45.40 -40.10 66.06
C VAL C 223 45.39 -41.24 67.09
N ARG C 224 44.52 -42.22 66.89
CA ARG C 224 44.48 -43.34 67.82
C ARG C 224 45.71 -44.22 67.70
N LYS C 225 46.30 -44.30 66.51
CA LYS C 225 47.49 -45.12 66.26
C LYS C 225 47.27 -46.57 66.66
N TYR C 226 46.05 -47.06 66.47
CA TYR C 226 45.73 -48.46 66.73
C TYR C 226 46.25 -49.28 65.55
N LYS C 227 47.23 -50.13 65.80
CA LYS C 227 47.86 -50.86 64.72
C LYS C 227 46.95 -51.99 64.24
N GLY C 228 47.22 -52.43 63.02
CA GLY C 228 46.46 -53.45 62.35
C GLY C 228 46.29 -53.12 60.89
N ILE C 229 45.39 -53.84 60.23
CA ILE C 229 45.10 -53.54 58.83
C ILE C 229 44.40 -52.19 58.74
N SER C 230 44.78 -51.40 57.75
CA SER C 230 44.25 -50.05 57.61
C SER C 230 43.03 -50.02 56.70
N SER C 231 42.04 -50.85 57.01
CA SER C 231 40.83 -50.98 56.20
C SER C 231 39.54 -50.48 56.87
N ARG C 232 38.71 -49.81 56.09
CA ARG C 232 37.38 -49.45 56.60
C ARG C 232 36.37 -50.59 56.64
N ILE C 233 35.88 -50.91 57.82
CA ILE C 233 35.03 -52.08 58.03
C ILE C 233 33.59 -51.58 57.97
N PRO C 234 32.76 -52.12 57.10
CA PRO C 234 31.42 -51.58 56.87
C PRO C 234 30.41 -52.03 57.92
N VAL C 235 30.66 -51.68 59.18
CA VAL C 235 29.73 -52.03 60.23
C VAL C 235 28.49 -51.15 60.13
N SER C 236 27.36 -51.69 60.56
CA SER C 236 26.06 -51.08 60.30
C SER C 236 25.56 -50.32 61.52
N SER C 237 24.39 -49.69 61.36
CA SER C 237 23.88 -48.80 62.39
C SER C 237 23.43 -49.57 63.62
N GLY C 238 22.68 -50.65 63.44
CA GLY C 238 22.25 -51.43 64.59
C GLY C 238 23.41 -51.99 65.37
N PHE C 239 24.46 -52.41 64.67
CA PHE C 239 25.68 -52.87 65.33
C PHE C 239 26.27 -51.78 66.20
N MET C 240 26.16 -50.53 65.74
CA MET C 240 26.70 -49.43 66.53
C MET C 240 25.81 -49.12 67.72
N VAL C 241 24.49 -49.22 67.57
CA VAL C 241 23.62 -48.99 68.72
C VAL C 241 23.85 -50.03 69.78
N GLN C 242 23.72 -51.30 69.41
CA GLN C 242 23.93 -52.39 70.36
C GLN C 242 25.40 -52.63 70.66
N MET C 243 26.33 -51.82 70.14
CA MET C 243 27.63 -51.74 70.76
C MET C 243 27.76 -50.53 71.66
N LEU C 244 26.92 -49.51 71.44
CA LEU C 244 26.88 -48.39 72.37
C LEU C 244 26.29 -48.80 73.70
N THR C 245 25.34 -49.74 73.70
CA THR C 245 24.89 -50.28 74.99
C THR C 245 26.05 -50.94 75.72
N GLY C 246 26.94 -51.60 74.98
CA GLY C 246 28.07 -52.27 75.61
C GLY C 246 29.10 -51.29 76.15
N ILE C 247 29.41 -50.25 75.37
CA ILE C 247 30.29 -49.21 75.88
C ILE C 247 29.67 -48.58 77.12
N TYR C 248 28.36 -48.35 77.07
CA TYR C 248 27.65 -47.73 78.19
C TYR C 248 27.65 -48.62 79.42
N PHE C 249 27.80 -49.93 79.26
CA PHE C 249 28.08 -50.78 80.41
C PHE C 249 29.57 -50.75 80.77
N ALA C 250 30.43 -50.39 79.84
CA ALA C 250 31.86 -50.36 80.12
C ALA C 250 32.31 -49.11 80.87
N PHE C 251 31.52 -48.02 80.80
CA PHE C 251 31.87 -46.83 81.58
C PHE C 251 31.89 -47.12 83.06
N TYR C 252 30.92 -47.89 83.53
CA TYR C 252 30.64 -48.04 84.95
C TYR C 252 31.21 -49.31 85.53
N ASN C 253 32.39 -49.71 85.05
CA ASN C 253 33.16 -50.77 85.69
C ASN C 253 34.63 -50.38 85.73
N GLY C 254 34.90 -49.09 85.92
CA GLY C 254 36.24 -48.56 86.00
C GLY C 254 36.86 -48.19 84.67
N GLU C 255 36.40 -48.81 83.59
CA GLU C 255 36.94 -48.56 82.25
C GLU C 255 36.33 -47.25 81.75
N TRP C 256 36.88 -46.15 82.25
CA TRP C 256 36.30 -44.84 81.97
C TRP C 256 36.89 -44.21 80.71
N ASP C 257 38.21 -44.06 80.67
CA ASP C 257 38.82 -43.34 79.56
C ASP C 257 38.74 -44.13 78.26
N LEU C 258 38.91 -45.45 78.33
CA LEU C 258 38.80 -46.24 77.12
C LEU C 258 37.40 -46.17 76.55
N ALA C 259 36.38 -46.29 77.40
CA ALA C 259 35.01 -46.18 76.92
C ALA C 259 34.72 -44.77 76.45
N GLN C 260 35.36 -43.78 77.04
CA GLN C 260 35.14 -42.39 76.65
C GLN C 260 35.68 -42.12 75.27
N LYS C 261 36.95 -42.50 75.04
CA LYS C 261 37.54 -42.30 73.73
C LYS C 261 36.88 -43.19 72.68
N ALA C 262 36.46 -44.38 73.08
CA ALA C 262 35.75 -45.26 72.16
C ALA C 262 34.44 -44.64 71.72
N LEU C 263 33.65 -44.17 72.68
CA LEU C 263 32.38 -43.56 72.32
C LEU C 263 32.59 -42.28 71.53
N ASP C 264 33.68 -41.57 71.79
CA ASP C 264 34.00 -40.42 70.95
C ASP C 264 34.26 -40.85 69.51
N ASP C 265 34.97 -41.97 69.35
CA ASP C 265 35.20 -42.48 68.01
C ASP C 265 33.90 -42.90 67.35
N ILE C 266 32.97 -43.46 68.12
CA ILE C 266 31.66 -43.78 67.57
C ILE C 266 30.95 -42.51 67.14
N ILE C 267 31.13 -41.42 67.90
CA ILE C 267 30.53 -40.15 67.50
C ILE C 267 31.12 -39.69 66.19
N TYR C 268 32.43 -39.86 66.02
CA TYR C 268 33.06 -39.40 64.78
C TYR C 268 32.62 -40.25 63.60
N ARG C 269 32.64 -41.57 63.77
CA ARG C 269 32.23 -42.44 62.69
C ARG C 269 30.77 -42.17 62.34
N ALA C 270 29.92 -41.96 63.35
CA ALA C 270 28.52 -41.65 63.06
C ALA C 270 28.38 -40.31 62.37
N GLN C 271 29.31 -39.38 62.60
CA GLN C 271 29.19 -38.09 61.96
C GLN C 271 29.63 -38.15 60.50
N LEU C 272 30.69 -38.88 60.21
CA LEU C 272 31.09 -38.99 58.82
C LEU C 272 30.17 -39.92 58.05
N GLU C 273 29.65 -40.94 58.70
CA GLU C 273 28.84 -41.92 58.00
C GLU C 273 27.38 -41.51 57.96
N LEU C 274 27.00 -40.52 58.76
CA LEU C 274 25.65 -39.95 58.74
C LEU C 274 24.60 -40.96 59.18
N TYR C 275 24.97 -41.90 60.04
CA TYR C 275 23.96 -42.71 60.71
C TYR C 275 23.31 -41.89 61.81
N PRO C 276 22.01 -41.64 61.74
CA PRO C 276 21.38 -40.79 62.76
C PRO C 276 21.42 -41.37 64.15
N GLU C 277 20.91 -42.58 64.34
CA GLU C 277 20.67 -43.04 65.69
C GLU C 277 21.94 -43.33 66.49
N PRO C 278 23.06 -43.77 65.90
CA PRO C 278 24.24 -43.93 66.76
C PRO C 278 24.80 -42.61 67.24
N LEU C 279 24.75 -41.56 66.43
CA LEU C 279 25.13 -40.25 66.92
C LEU C 279 24.09 -39.71 67.89
N LEU C 280 22.83 -40.09 67.70
CA LEU C 280 21.78 -39.74 68.65
C LEU C 280 22.09 -40.32 70.03
N VAL C 281 22.29 -41.64 70.09
CA VAL C 281 22.54 -42.33 71.36
C VAL C 281 23.86 -41.90 71.96
N ALA C 282 24.92 -41.97 71.16
CA ALA C 282 26.25 -41.66 71.67
C ALA C 282 26.33 -40.23 72.13
N ASN C 283 25.71 -39.31 71.41
CA ASN C 283 25.68 -37.93 71.89
C ASN C 283 24.89 -37.83 73.17
N ALA C 284 23.81 -38.61 73.29
CA ALA C 284 23.07 -38.64 74.55
C ALA C 284 23.92 -39.19 75.67
N ILE C 285 24.94 -40.00 75.34
CA ILE C 285 25.90 -40.41 76.34
C ILE C 285 26.84 -39.27 76.68
N LYS C 286 27.27 -38.52 75.66
CA LYS C 286 28.21 -37.44 75.88
C LYS C 286 27.61 -36.38 76.78
N ALA C 287 26.30 -36.17 76.70
CA ALA C 287 25.61 -35.26 77.60
C ALA C 287 25.04 -35.95 78.82
N SER C 288 25.57 -37.13 79.16
CA SER C 288 25.08 -37.85 80.33
C SER C 288 26.22 -38.35 81.22
N LEU C 289 27.42 -37.81 81.05
CA LEU C 289 28.51 -38.23 81.92
C LEU C 289 28.94 -37.09 82.82
N PRO C 290 29.27 -37.38 84.09
CA PRO C 290 29.71 -36.34 85.03
C PRO C 290 31.14 -35.87 84.74
N UNK D 1 28.85 35.73 -23.31
CA UNK D 1 29.55 36.77 -22.59
C UNK D 1 30.90 37.10 -23.21
N UNK D 2 31.66 36.08 -23.60
CA UNK D 2 32.96 36.34 -24.22
C UNK D 2 32.81 36.97 -25.60
N UNK D 3 31.75 36.62 -26.32
CA UNK D 3 31.46 37.30 -27.57
C UNK D 3 31.02 38.73 -27.32
N UNK D 4 30.42 38.99 -26.17
CA UNK D 4 30.06 40.36 -25.83
C UNK D 4 31.30 41.19 -25.51
N UNK D 5 32.27 40.60 -24.81
CA UNK D 5 33.49 41.32 -24.50
C UNK D 5 34.35 41.50 -25.74
N UNK D 6 34.35 40.52 -26.63
CA UNK D 6 35.07 40.67 -27.89
C UNK D 6 34.39 41.69 -28.78
N UNK D 7 33.06 41.76 -28.75
CA UNK D 7 32.37 42.80 -29.49
C UNK D 7 32.62 44.17 -28.88
N UNK D 8 32.85 44.23 -27.57
CA UNK D 8 33.13 45.51 -26.93
C UNK D 8 34.56 45.97 -27.21
N UNK D 9 35.51 45.04 -27.27
CA UNK D 9 36.83 45.39 -27.75
C UNK D 9 36.81 45.73 -29.22
N UNK D 10 35.85 45.18 -29.96
CA UNK D 10 35.60 45.63 -31.32
C UNK D 10 35.01 47.04 -31.33
N UNK D 11 34.32 47.40 -30.25
CA UNK D 11 33.83 48.78 -30.11
C UNK D 11 34.96 49.73 -29.80
N UNK D 12 35.94 49.30 -29.00
CA UNK D 12 37.13 50.11 -28.78
C UNK D 12 38.01 50.16 -30.02
N UNK D 13 38.00 49.10 -30.81
CA UNK D 13 38.67 49.12 -32.11
C UNK D 13 37.97 50.07 -33.07
N UNK D 14 36.63 50.16 -32.97
CA UNK D 14 35.91 51.13 -33.78
C UNK D 14 36.18 52.54 -33.29
N UNK D 15 36.43 52.68 -31.99
CA UNK D 15 36.85 53.97 -31.44
C UNK D 15 38.31 54.26 -31.78
N UNK D 16 39.05 53.25 -32.25
CA UNK D 16 40.41 53.43 -32.70
C UNK D 16 40.47 54.08 -34.08
N UNK D 17 39.33 54.20 -34.76
CA UNK D 17 39.28 54.80 -36.08
C UNK D 17 39.28 56.32 -35.98
N UNK D 18 19.00 55.23 -25.37
CA UNK D 18 19.51 54.51 -24.22
C UNK D 18 19.17 53.04 -24.31
N UNK D 19 18.57 52.63 -25.43
CA UNK D 19 17.92 51.33 -25.47
C UNK D 19 18.90 50.16 -25.58
N UNK D 20 19.56 49.99 -26.75
CA UNK D 20 20.30 48.74 -26.89
C UNK D 20 21.41 48.58 -25.85
N UNK D 21 22.19 49.63 -25.61
CA UNK D 21 23.29 49.56 -24.67
C UNK D 21 22.79 49.26 -23.26
N UNK D 22 21.60 49.76 -22.92
CA UNK D 22 21.01 49.41 -21.64
C UNK D 22 20.71 47.93 -21.57
N UNK D 23 20.28 47.34 -22.69
CA UNK D 23 20.15 45.89 -22.72
C UNK D 23 21.50 45.20 -22.54
N UNK D 24 22.56 45.80 -23.09
CA UNK D 24 23.88 45.24 -22.88
C UNK D 24 24.28 45.28 -21.41
N UNK D 25 23.99 46.39 -20.73
CA UNK D 25 24.34 46.50 -19.33
C UNK D 25 23.52 45.54 -18.50
N UNK D 26 22.27 45.32 -18.89
CA UNK D 26 21.48 44.27 -18.26
C UNK D 26 22.14 42.93 -18.44
N UNK D 27 22.71 42.69 -19.63
CA UNK D 27 23.48 41.48 -19.83
C UNK D 27 24.67 41.42 -18.88
N UNK D 28 25.29 42.57 -18.63
CA UNK D 28 26.39 42.61 -17.67
C UNK D 28 25.92 42.26 -16.27
N UNK D 29 24.76 42.79 -15.86
CA UNK D 29 24.24 42.47 -14.54
C UNK D 29 23.85 41.01 -14.43
N UNK D 30 23.39 40.41 -15.53
CA UNK D 30 23.19 38.97 -15.53
C UNK D 30 24.53 38.25 -15.47
N UNK D 31 25.58 38.89 -15.98
CA UNK D 31 26.94 38.40 -15.86
C UNK D 31 27.52 38.67 -14.48
N UNK D 32 26.79 39.37 -13.61
CA UNK D 32 27.31 39.67 -12.29
C UNK D 32 27.53 38.41 -11.48
N UNK D 33 26.61 37.45 -11.58
CA UNK D 33 26.76 36.19 -10.86
C UNK D 33 25.98 35.07 -11.52
N UNK D 34 26.40 54.89 -28.11
CA UNK D 34 26.78 54.31 -29.39
C UNK D 34 27.63 53.06 -29.21
N UNK D 35 28.90 53.17 -29.55
CA UNK D 35 29.87 52.12 -29.27
C UNK D 35 30.57 52.34 -27.94
N UNK D 36 30.87 53.60 -27.64
CA UNK D 36 31.19 54.05 -26.29
C UNK D 36 30.24 53.48 -25.24
N UNK D 37 28.95 53.44 -25.52
CA UNK D 37 28.01 52.89 -24.56
C UNK D 37 28.18 51.39 -24.40
N UNK D 38 28.56 50.70 -25.49
CA UNK D 38 28.91 49.29 -25.37
C UNK D 38 30.19 49.10 -24.60
N UNK D 39 31.09 50.09 -24.65
CA UNK D 39 32.31 50.02 -23.85
C UNK D 39 31.99 50.19 -22.37
N UNK D 40 31.09 51.11 -22.03
CA UNK D 40 30.72 51.30 -20.64
C UNK D 40 29.90 50.14 -20.11
N UNK D 41 29.06 49.55 -20.96
CA UNK D 41 28.32 48.36 -20.55
C UNK D 41 29.25 47.17 -20.40
N UNK D 42 30.27 47.07 -21.24
CA UNK D 42 31.26 46.03 -21.06
C UNK D 42 32.10 46.25 -19.81
N UNK D 43 32.29 47.52 -19.42
CA UNK D 43 33.05 47.80 -18.22
C UNK D 43 32.22 47.52 -16.96
N UNK D 44 30.92 47.79 -17.01
CA UNK D 44 30.05 47.35 -15.93
C UNK D 44 29.93 45.83 -15.92
N UNK D 45 30.11 45.20 -17.08
CA UNK D 45 30.25 43.76 -17.11
C UNK D 45 31.56 43.32 -16.49
N UNK D 46 32.56 44.20 -16.54
CA UNK D 46 33.83 43.91 -15.86
C UNK D 46 33.68 44.04 -14.35
N UNK D 47 32.88 45.00 -13.89
CA UNK D 47 32.57 45.10 -12.47
C UNK D 47 31.67 43.96 -12.02
N UNK D 48 30.80 43.49 -12.92
CA UNK D 48 30.01 42.30 -12.64
C UNK D 48 30.90 41.06 -12.58
N UNK D 49 31.95 41.02 -13.39
CA UNK D 49 32.90 39.92 -13.30
C UNK D 49 33.72 40.02 -12.03
N UNK D 50 33.95 41.25 -11.56
CA UNK D 50 34.57 41.46 -10.26
C UNK D 50 33.61 41.18 -9.12
N UNK D 51 32.32 41.07 -9.43
CA UNK D 51 31.32 40.69 -8.44
C UNK D 51 31.35 39.19 -8.14
N UNK D 52 32.10 38.42 -8.91
CA UNK D 52 32.20 36.99 -8.71
C UNK D 52 33.18 36.67 -7.60
N UNK D 53 46.32 56.76 -24.58
CA UNK D 53 45.00 56.17 -24.79
C UNK D 53 45.09 54.70 -25.21
N UNK D 54 46.02 54.36 -26.11
CA UNK D 54 46.14 52.97 -26.52
C UNK D 54 46.69 52.10 -25.40
N UNK D 55 47.54 52.66 -24.54
CA UNK D 55 47.98 51.93 -23.36
C UNK D 55 46.84 51.78 -22.37
N UNK D 56 45.89 52.72 -22.37
CA UNK D 56 44.72 52.58 -21.52
C UNK D 56 43.81 51.49 -22.02
N UNK D 57 43.63 51.38 -23.33
CA UNK D 57 42.79 50.33 -23.88
C UNK D 57 43.46 48.96 -23.76
N UNK D 58 44.78 48.92 -23.89
CA UNK D 58 45.50 47.67 -23.68
C UNK D 58 45.47 47.27 -22.21
N UNK D 59 45.53 48.24 -21.31
CA UNK D 59 45.38 47.93 -19.89
C UNK D 59 43.97 47.48 -19.57
N UNK D 60 42.98 47.97 -20.32
CA UNK D 60 41.60 47.56 -20.08
C UNK D 60 41.34 46.16 -20.63
N UNK D 61 41.95 45.81 -21.77
CA UNK D 61 41.91 44.43 -22.23
C UNK D 61 42.72 43.54 -21.30
N UNK D 62 43.72 44.10 -20.62
CA UNK D 62 44.38 43.38 -19.54
C UNK D 62 43.46 43.22 -18.35
N UNK D 63 42.50 44.14 -18.19
CA UNK D 63 41.50 43.99 -17.15
C UNK D 63 40.50 42.91 -17.50
N UNK D 64 40.14 42.78 -18.79
CA UNK D 64 39.30 41.67 -19.22
C UNK D 64 40.05 40.36 -19.17
N UNK D 65 41.36 40.40 -19.40
CA UNK D 65 42.20 39.22 -19.21
C UNK D 65 42.28 38.85 -17.74
N UNK D 66 42.27 39.83 -16.85
CA UNK D 66 42.23 39.55 -15.42
C UNK D 66 40.87 39.01 -15.03
N UNK D 67 39.83 39.43 -15.73
CA UNK D 67 38.50 38.86 -15.56
C UNK D 67 38.39 37.48 -16.20
N UNK D 68 39.37 37.12 -17.03
CA UNK D 68 39.43 35.79 -17.62
C UNK D 68 39.95 34.76 -16.63
N UNK D 69 40.44 35.19 -15.47
CA UNK D 69 40.96 34.29 -14.45
C UNK D 69 39.82 33.70 -13.64
N UNK D 70 48.88 50.56 -12.52
CA UNK D 70 49.41 51.05 -13.79
C UNK D 70 49.32 52.58 -13.88
N UNK D 71 50.45 53.25 -13.70
CA UNK D 71 50.48 54.71 -13.70
C UNK D 71 50.49 55.30 -15.11
N UNK D 72 51.07 54.59 -16.07
CA UNK D 72 50.87 54.98 -17.46
C UNK D 72 49.38 54.95 -17.82
N UNK D 73 48.56 54.12 -17.14
CA UNK D 73 47.12 54.24 -17.30
C UNK D 73 46.59 55.61 -16.89
N UNK D 74 47.08 56.15 -15.77
CA UNK D 74 46.61 57.46 -15.34
C UNK D 74 47.10 58.56 -16.29
N UNK D 75 48.28 58.38 -16.87
CA UNK D 75 48.74 59.32 -17.89
C UNK D 75 47.91 59.16 -19.16
N UNK D 76 47.38 57.98 -19.41
CA UNK D 76 46.50 57.79 -20.55
C UNK D 76 45.16 58.48 -20.33
N UNK D 77 44.63 58.41 -19.11
CA UNK D 77 43.37 59.07 -18.82
C UNK D 77 43.53 60.58 -18.77
N UNK D 78 44.69 61.05 -18.28
CA UNK D 78 44.97 62.48 -18.29
C UNK D 78 45.18 62.97 -19.71
N UNK D 79 45.79 62.15 -20.57
CA UNK D 79 45.93 62.52 -21.97
C UNK D 79 44.58 62.51 -22.67
N UNK D 80 43.66 61.65 -22.22
CA UNK D 80 42.34 61.61 -22.83
C UNK D 80 41.48 62.80 -22.38
N UNK D 81 41.63 63.22 -21.13
CA UNK D 81 41.00 64.47 -20.70
C UNK D 81 41.66 65.66 -21.39
N UNK D 82 42.93 65.51 -21.76
CA UNK D 82 43.57 66.50 -22.62
C UNK D 82 42.99 66.45 -24.02
N UNK D 83 42.47 65.29 -24.42
CA UNK D 83 41.78 65.18 -25.70
C UNK D 83 40.42 65.83 -25.64
N UNK D 84 39.73 65.73 -24.50
CA UNK D 84 38.47 66.45 -24.33
C UNK D 84 38.72 67.95 -24.18
N UNK D 85 39.86 68.32 -23.60
CA UNK D 85 40.27 69.72 -23.57
C UNK D 85 40.59 70.22 -24.97
N UNK D 86 41.16 69.36 -25.82
CA UNK D 86 41.39 69.75 -27.20
C UNK D 86 40.08 69.84 -27.96
N UNK D 87 39.09 69.04 -27.55
CA UNK D 87 37.75 69.15 -28.10
C UNK D 87 37.02 70.36 -27.52
N UNK D 88 37.55 70.94 -26.45
CA UNK D 88 37.01 72.17 -25.89
C UNK D 88 37.38 73.39 -26.71
N UNK D 89 38.28 73.25 -27.67
CA UNK D 89 38.70 74.35 -28.53
C UNK D 89 37.69 74.60 -29.62
N UNK D 90 29.25 69.35 -26.73
CA UNK D 90 29.90 68.12 -27.18
C UNK D 90 31.13 67.75 -26.33
N UNK D 91 31.98 68.73 -26.04
CA UNK D 91 33.19 68.46 -25.28
C UNK D 91 32.87 67.94 -23.89
N UNK D 92 31.76 68.41 -23.30
CA UNK D 92 31.32 67.86 -22.03
C UNK D 92 30.97 66.38 -22.17
N UNK D 93 30.37 66.01 -23.30
CA UNK D 93 30.17 64.59 -23.56
C UNK D 93 31.48 63.85 -23.69
N UNK D 94 32.50 64.51 -24.26
CA UNK D 94 33.81 63.89 -24.35
C UNK D 94 34.39 63.68 -22.96
N UNK D 95 34.25 64.65 -22.08
CA UNK D 95 34.78 64.50 -20.73
C UNK D 95 34.03 63.44 -19.96
N UNK D 96 32.72 63.31 -20.21
CA UNK D 96 31.99 62.19 -19.66
C UNK D 96 32.56 60.88 -20.16
N UNK D 97 32.95 60.84 -21.43
CA UNK D 97 33.63 59.66 -21.94
C UNK D 97 34.92 59.42 -21.19
N UNK D 98 35.63 60.49 -20.83
CA UNK D 98 36.85 60.33 -20.05
C UNK D 98 36.55 59.76 -18.67
N UNK D 99 35.48 60.24 -18.02
CA UNK D 99 35.12 59.72 -16.72
C UNK D 99 34.68 58.27 -16.80
N UNK D 100 34.04 57.88 -17.91
CA UNK D 100 33.78 56.46 -18.12
C UNK D 100 35.08 55.71 -18.37
N UNK D 101 36.08 56.40 -18.92
CA UNK D 101 37.41 55.87 -19.06
C UNK D 101 38.19 55.88 -17.75
N UNK D 102 37.61 56.43 -16.68
CA UNK D 102 38.32 56.49 -15.42
C UNK D 102 38.59 55.10 -14.87
N UNK D 103 37.62 54.19 -15.00
CA UNK D 103 37.80 52.83 -14.52
C UNK D 103 36.87 51.86 -15.25
N UNK D 104 41.48 50.07 -4.37
CA UNK D 104 40.08 50.51 -4.32
C UNK D 104 39.96 51.96 -3.88
N UNK D 105 40.72 52.38 -2.87
CA UNK D 105 40.63 53.77 -2.43
C UNK D 105 41.21 54.73 -3.47
N UNK D 106 42.22 54.28 -4.21
CA UNK D 106 42.70 55.08 -5.32
C UNK D 106 41.69 55.12 -6.46
N UNK D 107 40.87 54.08 -6.58
CA UNK D 107 39.80 54.10 -7.56
C UNK D 107 38.70 55.08 -7.17
N UNK D 108 38.36 55.13 -5.88
CA UNK D 108 37.35 56.08 -5.44
C UNK D 108 37.86 57.51 -5.46
N UNK D 109 39.15 57.70 -5.18
CA UNK D 109 39.73 59.03 -5.29
C UNK D 109 39.84 59.46 -6.74
N UNK D 110 40.11 58.51 -7.64
CA UNK D 110 40.10 58.83 -9.05
C UNK D 110 38.69 59.13 -9.55
N UNK D 111 37.69 58.51 -8.93
CA UNK D 111 36.31 58.78 -9.33
C UNK D 111 35.83 60.13 -8.81
N UNK D 112 36.26 60.51 -7.61
CA UNK D 112 36.01 61.86 -7.15
C UNK D 112 36.81 62.87 -7.96
N UNK D 113 37.94 62.45 -8.51
CA UNK D 113 38.64 63.25 -9.50
C UNK D 113 37.85 63.33 -10.80
N UNK D 114 37.04 62.31 -11.07
CA UNK D 114 36.15 62.37 -12.23
C UNK D 114 35.00 63.32 -11.99
N UNK D 115 34.48 63.38 -10.76
CA UNK D 115 33.47 64.37 -10.43
C UNK D 115 34.06 65.78 -10.37
N UNK D 116 35.34 65.87 -9.98
CA UNK D 116 36.05 67.14 -10.06
C UNK D 116 36.26 67.55 -11.50
N UNK D 117 36.48 66.59 -12.40
CA UNK D 117 36.58 66.91 -13.82
C UNK D 117 35.22 67.29 -14.37
N UNK D 118 34.15 66.74 -13.80
CA UNK D 118 32.80 67.17 -14.14
C UNK D 118 32.46 68.51 -13.51
N UNK D 119 33.28 68.95 -12.56
CA UNK D 119 33.12 70.27 -11.95
C UNK D 119 33.62 71.38 -12.87
N UNK D 120 34.30 71.02 -13.95
CA UNK D 120 34.83 72.00 -14.90
C UNK D 120 33.74 72.48 -15.84
N UNK D 121 47.61 58.14 0.32
CA UNK D 121 47.20 59.47 0.74
C UNK D 121 47.31 60.44 -0.42
N UNK D 122 46.55 60.19 -1.48
CA UNK D 122 46.54 61.05 -2.66
C UNK D 122 45.50 62.15 -2.61
N UNK D 123 45.13 62.62 -1.42
CA UNK D 123 44.05 63.59 -1.28
C UNK D 123 44.48 64.99 -1.69
N UNK D 124 45.69 65.42 -1.29
CA UNK D 124 46.14 66.75 -1.68
C UNK D 124 46.43 66.84 -3.17
N UNK D 125 46.88 65.73 -3.77
CA UNK D 125 47.02 65.70 -5.21
C UNK D 125 45.66 65.71 -5.90
N UNK D 126 44.65 65.17 -5.23
CA UNK D 126 43.29 65.24 -5.77
C UNK D 126 42.76 66.66 -5.74
N UNK D 127 43.02 67.39 -4.65
CA UNK D 127 42.56 68.77 -4.56
C UNK D 127 43.34 69.68 -5.48
N UNK D 128 44.63 69.40 -5.67
CA UNK D 128 45.43 70.17 -6.63
C UNK D 128 44.99 69.86 -8.05
N UNK D 129 44.62 68.61 -8.32
CA UNK D 129 44.09 68.27 -9.64
C UNK D 129 42.73 68.91 -9.85
N UNK D 130 41.97 69.12 -8.78
CA UNK D 130 40.66 69.76 -8.92
C UNK D 130 40.80 71.26 -9.11
N UNK D 131 41.78 71.88 -8.46
CA UNK D 131 42.09 73.27 -8.78
C UNK D 131 42.69 73.39 -10.16
N UNK D 132 43.33 72.32 -10.64
CA UNK D 132 43.71 72.26 -12.05
C UNK D 132 42.49 72.12 -12.95
N UNK D 133 41.41 71.55 -12.42
CA UNK D 133 40.17 71.49 -13.16
C UNK D 133 39.50 72.85 -13.21
N UNK D 134 39.59 73.63 -12.14
CA UNK D 134 39.10 75.00 -12.17
C UNK D 134 39.98 75.89 -13.03
N UNK D 135 41.28 75.58 -13.07
CA UNK D 135 42.18 76.26 -14.01
C UNK D 135 41.84 75.90 -15.44
N UNK D 136 41.42 74.66 -15.69
CA UNK D 136 40.97 74.28 -17.01
C UNK D 136 39.65 74.95 -17.35
N UNK D 137 38.83 75.19 -16.33
CA UNK D 137 37.61 75.98 -16.51
C UNK D 137 37.92 77.46 -16.66
N UNK D 138 39.15 77.87 -16.33
CA UNK D 138 39.59 79.24 -16.53
C UNK D 138 39.91 79.52 -17.99
N UNK D 139 39.95 78.50 -18.83
CA UNK D 139 40.25 78.66 -20.24
C UNK D 139 39.01 79.13 -21.01
N UNK D 140 53.97 59.96 -7.16
CA UNK D 140 55.36 59.67 -7.50
C UNK D 140 55.91 60.74 -8.42
N UNK D 141 55.34 60.87 -9.62
CA UNK D 141 55.72 61.88 -10.60
C UNK D 141 54.78 63.08 -10.52
N UNK D 142 54.40 63.36 -9.30
CA UNK D 142 53.50 64.45 -8.90
C UNK D 142 54.00 65.83 -9.32
N UNK D 143 55.29 66.10 -9.08
CA UNK D 143 55.85 67.41 -9.40
C UNK D 143 55.77 67.68 -10.89
N UNK D 144 55.89 66.64 -11.72
CA UNK D 144 55.69 66.83 -13.15
C UNK D 144 54.28 67.26 -13.45
N UNK D 145 53.31 66.72 -12.71
CA UNK D 145 51.95 67.23 -12.84
C UNK D 145 51.86 68.68 -12.40
N UNK D 146 52.62 69.06 -11.39
CA UNK D 146 52.64 70.46 -10.98
C UNK D 146 53.20 71.34 -12.07
N UNK D 147 54.26 70.90 -12.74
CA UNK D 147 54.84 71.71 -13.81
C UNK D 147 53.90 71.78 -14.99
N UNK D 148 53.16 70.71 -15.24
CA UNK D 148 52.11 70.78 -16.25
C UNK D 148 51.08 71.82 -15.86
N UNK D 149 50.76 71.91 -14.56
CA UNK D 149 49.89 72.97 -14.10
C UNK D 149 50.50 74.33 -14.38
N UNK D 150 51.82 74.45 -14.24
CA UNK D 150 52.48 75.70 -14.55
C UNK D 150 52.36 76.02 -16.03
N UNK D 151 52.54 75.03 -16.90
CA UNK D 151 52.41 75.27 -18.33
C UNK D 151 50.98 75.63 -18.70
N UNK D 152 49.99 75.07 -18.00
CA UNK D 152 48.64 75.54 -18.19
C UNK D 152 48.47 76.96 -17.66
N UNK D 153 49.29 77.32 -16.67
CA UNK D 153 49.36 78.68 -16.16
C UNK D 153 50.15 79.59 -17.09
N UNK D 154 50.74 79.04 -18.15
CA UNK D 154 51.55 79.86 -19.04
C UNK D 154 50.69 80.91 -19.74
N UNK D 155 49.48 80.55 -20.15
CA UNK D 155 48.59 81.50 -20.80
C UNK D 155 47.13 81.07 -20.66
N UNK D 156 40.09 89.98 -10.86
CA UNK D 156 41.39 90.64 -10.95
C UNK D 156 42.25 90.34 -9.74
N UNK D 157 41.62 89.91 -8.66
CA UNK D 157 42.31 89.63 -7.42
C UNK D 157 42.95 88.24 -7.39
N UNK D 158 42.75 87.45 -8.42
CA UNK D 158 43.22 86.08 -8.36
C UNK D 158 44.73 85.94 -8.57
N UNK D 159 45.48 87.01 -8.85
CA UNK D 159 46.87 86.70 -9.15
C UNK D 159 47.67 86.38 -7.89
N UNK D 160 47.48 87.14 -6.82
CA UNK D 160 48.21 86.86 -5.59
C UNK D 160 47.75 85.56 -4.95
N UNK D 161 46.47 85.23 -5.09
CA UNK D 161 46.00 83.93 -4.64
C UNK D 161 46.55 82.82 -5.52
N UNK D 162 46.83 83.12 -6.78
CA UNK D 162 47.47 82.13 -7.64
C UNK D 162 48.91 81.89 -7.24
N UNK D 163 49.63 82.95 -6.88
CA UNK D 163 51.01 82.78 -6.45
C UNK D 163 51.10 82.13 -5.08
N UNK D 164 50.15 82.44 -4.21
CA UNK D 164 50.10 81.77 -2.91
C UNK D 164 49.72 80.31 -3.07
N UNK D 165 48.84 80.00 -4.01
CA UNK D 165 48.52 78.61 -4.29
C UNK D 165 49.71 77.89 -4.92
N UNK D 166 50.55 78.61 -5.66
CA UNK D 166 51.72 77.99 -6.26
C UNK D 166 52.81 77.75 -5.22
N UNK D 167 52.96 78.66 -4.26
CA UNK D 167 53.84 78.40 -3.14
C UNK D 167 53.27 77.30 -2.25
N UNK D 168 51.94 77.14 -2.26
CA UNK D 168 51.34 75.97 -1.65
C UNK D 168 51.65 74.71 -2.45
N UNK D 169 51.89 74.86 -3.75
CA UNK D 169 52.32 73.73 -4.56
C UNK D 169 53.75 73.37 -4.27
N UNK D 170 54.61 74.36 -4.01
CA UNK D 170 55.97 74.08 -3.58
C UNK D 170 55.99 73.52 -2.16
N UNK D 171 55.05 73.95 -1.33
CA UNK D 171 54.89 73.35 -0.01
C UNK D 171 54.41 71.91 -0.11
N UNK D 172 53.58 71.61 -1.11
CA UNK D 172 53.17 70.24 -1.34
C UNK D 172 54.33 69.42 -1.89
N UNK D 173 55.22 70.07 -2.63
CA UNK D 173 56.45 69.43 -3.07
C UNK D 173 57.45 69.31 -1.93
N UNK D 174 57.21 70.01 -0.82
CA UNK D 174 58.03 69.90 0.37
C UNK D 174 57.72 68.63 1.15
N UNK D 175 56.66 67.92 0.79
CA UNK D 175 56.27 66.69 1.47
C UNK D 175 57.11 65.52 0.97
N UNK D 176 33.13 80.88 -11.20
CA UNK D 176 34.29 80.60 -12.06
C UNK D 176 35.60 80.94 -11.35
N UNK D 177 36.01 82.21 -11.39
CA UNK D 177 37.16 82.64 -10.61
C UNK D 177 36.93 82.37 -9.14
N UNK D 178 35.70 82.58 -8.67
CA UNK D 178 35.38 82.31 -7.26
C UNK D 178 35.54 80.84 -6.90
N UNK D 179 35.08 79.94 -7.77
CA UNK D 179 35.21 78.52 -7.47
C UNK D 179 36.66 78.06 -7.54
N UNK D 180 37.45 78.68 -8.42
CA UNK D 180 38.88 78.41 -8.42
C UNK D 180 39.55 78.98 -7.19
N UNK D 181 38.99 80.04 -6.63
CA UNK D 181 39.52 80.58 -5.38
C UNK D 181 39.22 79.66 -4.22
N UNK D 182 38.01 79.08 -4.18
CA UNK D 182 37.67 78.15 -3.11
C UNK D 182 38.42 76.83 -3.26
N UNK D 183 38.64 76.40 -4.49
CA UNK D 183 39.44 75.20 -4.71
C UNK D 183 40.90 75.45 -4.37
N UNK D 184 41.40 76.66 -4.63
CA UNK D 184 42.75 77.00 -4.21
C UNK D 184 42.85 77.11 -2.70
N UNK D 185 41.75 77.49 -2.04
CA UNK D 185 41.77 77.58 -0.59
C UNK D 185 41.70 76.20 0.06
N UNK D 186 40.93 75.28 -0.53
CA UNK D 186 41.00 73.89 -0.09
C UNK D 186 42.33 73.28 -0.42
N UNK D 187 43.01 73.78 -1.45
CA UNK D 187 44.39 73.42 -1.69
C UNK D 187 45.31 74.01 -0.62
N UNK D 188 44.89 75.13 -0.03
CA UNK D 188 45.63 75.68 1.09
C UNK D 188 45.43 74.85 2.35
N UNK D 189 44.23 74.31 2.56
CA UNK D 189 44.00 73.39 3.66
C UNK D 189 44.70 72.06 3.41
N UNK D 190 44.80 71.66 2.15
CA UNK D 190 45.59 70.48 1.80
C UNK D 190 47.07 70.73 2.04
N UNK D 191 47.53 71.96 1.81
CA UNK D 191 48.91 72.30 2.13
C UNK D 191 49.11 72.35 3.64
N UNK D 192 48.06 72.70 4.37
CA UNK D 192 48.10 72.62 5.84
C UNK D 192 47.97 71.19 6.31
N UNK D 193 47.58 70.28 5.42
CA UNK D 193 47.53 68.86 5.74
C UNK D 193 48.91 68.22 5.73
N UNK D 194 49.93 68.94 5.27
CA UNK D 194 51.28 68.43 5.22
C UNK D 194 51.95 68.54 6.59
N UNK D 195 32.48 92.80 -4.62
CA UNK D 195 33.35 91.86 -3.93
C UNK D 195 32.57 90.63 -3.46
N UNK D 196 31.34 90.51 -3.93
CA UNK D 196 30.49 89.38 -3.56
C UNK D 196 31.11 88.07 -4.03
N UNK D 197 31.65 88.08 -5.25
CA UNK D 197 32.28 86.89 -5.80
C UNK D 197 33.49 86.48 -4.96
N UNK D 198 34.26 87.49 -4.54
CA UNK D 198 35.44 87.26 -3.72
C UNK D 198 35.02 86.65 -2.38
N UNK D 199 33.93 87.17 -1.82
CA UNK D 199 33.43 86.67 -0.55
C UNK D 199 32.99 85.20 -0.70
N UNK D 200 32.35 84.89 -1.82
CA UNK D 200 31.90 83.54 -2.10
C UNK D 200 33.11 82.60 -2.22
N UNK D 201 34.16 83.08 -2.86
CA UNK D 201 35.38 82.29 -3.04
C UNK D 201 36.19 82.23 -1.75
N UNK D 202 35.93 83.16 -0.84
CA UNK D 202 36.63 83.22 0.43
C UNK D 202 35.86 82.46 1.49
N UNK D 203 34.54 82.60 1.49
CA UNK D 203 33.68 81.92 2.45
C UNK D 203 33.79 80.42 2.25
N UNK D 204 33.81 79.99 1.00
CA UNK D 204 33.93 78.57 0.72
C UNK D 204 35.27 78.05 1.24
N UNK D 205 36.33 78.83 1.02
CA UNK D 205 37.65 78.44 1.48
C UNK D 205 37.69 78.33 2.99
N UNK D 206 37.05 79.28 3.68
CA UNK D 206 37.01 79.30 5.13
C UNK D 206 36.28 78.08 5.66
N UNK D 207 35.17 77.76 5.01
CA UNK D 207 34.35 76.62 5.38
C UNK D 207 35.22 75.38 5.56
N UNK D 208 35.80 74.91 4.46
CA UNK D 208 36.62 73.71 4.51
C UNK D 208 37.85 73.90 5.40
N UNK D 209 38.52 75.04 5.27
CA UNK D 209 39.69 75.28 6.08
C UNK D 209 39.34 75.30 7.56
N UNK D 210 38.23 75.97 7.87
CA UNK D 210 37.80 76.06 9.26
C UNK D 210 37.49 74.67 9.80
N UNK D 211 51.86 72.77 9.71
CA UNK D 211 51.89 72.79 11.16
C UNK D 211 50.80 73.56 11.82
N UNK D 212 51.32 74.32 12.74
CA UNK D 212 50.68 75.37 13.54
C UNK D 212 50.66 76.73 12.83
N UNK D 213 51.78 77.12 12.23
CA UNK D 213 51.85 78.42 11.57
C UNK D 213 50.86 78.51 10.42
N UNK D 214 50.62 77.39 9.74
CA UNK D 214 49.60 77.38 8.70
C UNK D 214 48.23 77.64 9.29
N UNK D 215 47.97 77.12 10.50
CA UNK D 215 46.74 77.50 11.19
C UNK D 215 46.71 78.97 11.51
N UNK D 216 47.88 79.55 11.85
CA UNK D 216 47.93 80.98 12.09
C UNK D 216 47.60 81.76 10.83
N UNK D 217 48.13 81.34 9.69
CA UNK D 217 47.84 82.04 8.45
C UNK D 217 46.39 81.89 8.06
N UNK D 218 45.79 80.73 8.36
CA UNK D 218 44.36 80.60 8.19
C UNK D 218 43.62 81.59 9.06
N UNK D 219 44.13 81.82 10.28
CA UNK D 219 43.56 82.85 11.12
C UNK D 219 43.68 84.21 10.45
N UNK D 220 44.80 84.46 9.77
CA UNK D 220 44.96 85.71 9.05
C UNK D 220 43.95 85.83 7.93
N UNK D 221 43.72 84.75 7.19
CA UNK D 221 42.74 84.80 6.11
C UNK D 221 41.34 84.99 6.64
N UNK D 222 41.04 84.44 7.83
CA UNK D 222 39.78 84.77 8.47
C UNK D 222 39.77 86.22 8.91
N UNK D 223 40.94 86.77 9.20
CA UNK D 223 41.11 88.19 9.49
C UNK D 223 41.07 89.04 8.23
N UNK D 224 41.00 88.41 7.06
CA UNK D 224 40.98 89.17 5.82
C UNK D 224 39.74 90.06 5.72
N UNK D 225 38.60 89.55 6.14
CA UNK D 225 37.37 90.32 6.11
C UNK D 225 36.34 89.80 7.12
N UNK D 226 31.36 86.58 8.70
CA UNK D 226 31.13 88.00 8.50
C UNK D 226 29.66 88.33 8.67
N UNK D 227 29.39 89.42 9.40
CA UNK D 227 28.00 89.81 9.64
C UNK D 227 27.34 90.30 8.36
N UNK D 228 28.08 91.01 7.52
CA UNK D 228 27.52 91.50 6.26
C UNK D 228 27.22 90.37 5.29
N UNK D 229 27.75 89.17 5.52
CA UNK D 229 27.41 88.05 4.67
C UNK D 229 25.97 87.63 4.85
N UNK D 230 25.54 87.44 6.10
CA UNK D 230 24.14 87.15 6.38
C UNK D 230 23.27 88.40 6.36
N UNK D 231 23.90 89.58 6.42
CA UNK D 231 23.13 90.82 6.32
C UNK D 231 22.73 91.07 4.87
N UNK D 232 23.71 91.10 3.97
CA UNK D 232 23.40 91.26 2.56
C UNK D 232 22.75 90.02 1.97
N UNK D 233 23.09 88.84 2.49
CA UNK D 233 22.42 87.63 2.04
C UNK D 233 20.99 87.58 2.54
N UNK D 234 20.76 88.02 3.77
CA UNK D 234 19.40 88.11 4.27
C UNK D 234 18.62 89.18 3.51
N UNK D 235 19.30 90.22 3.05
CA UNK D 235 18.64 91.25 2.27
C UNK D 235 18.27 90.74 0.88
N UNK D 236 19.16 89.97 0.26
CA UNK D 236 18.87 89.42 -1.06
C UNK D 236 17.91 88.23 -1.00
N UNK D 237 17.62 87.72 0.20
CA UNK D 237 16.77 86.55 0.34
C UNK D 237 15.30 86.91 0.48
N UNK D 238 14.94 88.16 0.25
CA UNK D 238 13.56 88.58 0.35
C UNK D 238 12.97 88.85 -1.04
N UNK D 239 20.44 83.21 2.19
CA UNK D 239 20.43 81.76 2.31
C UNK D 239 21.83 81.17 2.18
N UNK D 240 22.63 81.66 1.24
CA UNK D 240 23.98 81.14 1.09
C UNK D 240 24.87 81.51 2.26
N UNK D 241 24.63 82.69 2.86
CA UNK D 241 25.34 83.05 4.07
C UNK D 241 24.86 82.19 5.23
N UNK D 242 23.62 81.72 5.19
CA UNK D 242 23.14 80.81 6.23
C UNK D 242 23.79 79.45 6.10
N UNK D 243 23.96 78.96 4.87
CA UNK D 243 24.62 77.67 4.68
C UNK D 243 26.11 77.75 4.96
N UNK D 244 26.73 78.89 4.64
CA UNK D 244 28.13 79.08 4.98
C UNK D 244 28.30 79.21 6.48
N UNK D 245 27.35 79.84 7.16
CA UNK D 245 27.40 79.90 8.62
C UNK D 245 27.17 78.54 9.24
N UNK D 246 26.39 77.69 8.56
CA UNK D 246 26.15 76.35 9.08
C UNK D 246 27.35 75.45 8.87
N UNK D 247 28.06 75.60 7.74
CA UNK D 247 29.33 74.93 7.58
C UNK D 247 30.36 75.49 8.53
N UNK D 248 30.22 76.75 8.92
CA UNK D 248 31.02 77.29 10.01
C UNK D 248 30.62 76.67 11.34
N UNK D 249 29.37 76.22 11.45
CA UNK D 249 28.96 75.49 12.64
C UNK D 249 29.54 74.09 12.66
N UNK D 250 29.65 73.45 11.49
CA UNK D 250 30.34 72.16 11.43
C UNK D 250 31.83 72.32 11.63
N UNK D 251 32.38 73.46 11.19
CA UNK D 251 33.77 73.77 11.48
C UNK D 251 33.98 74.02 12.97
N UNK D 252 32.98 74.61 13.64
CA UNK D 252 33.06 74.76 15.09
C UNK D 252 32.91 73.42 15.78
N UNK D 253 32.17 72.51 15.17
CA UNK D 253 32.09 71.14 15.66
C UNK D 253 33.36 70.36 15.33
N UNK D 254 34.19 70.89 14.44
CA UNK D 254 35.48 70.30 14.13
C UNK D 254 36.50 70.57 15.21
N UNK D 255 36.20 71.44 16.17
CA UNK D 255 37.11 71.77 17.25
C UNK D 255 37.06 70.69 18.34
N UNK D 256 48.95 69.41 19.18
CA UNK D 256 47.85 69.24 20.11
C UNK D 256 47.21 70.59 20.40
N UNK D 257 47.98 71.50 21.01
CA UNK D 257 47.45 72.82 21.31
C UNK D 257 47.17 73.67 20.06
N UNK D 258 47.69 73.23 18.88
CA UNK D 258 47.33 73.95 17.67
C UNK D 258 45.82 74.04 17.44
N UNK D 259 45.12 72.90 17.62
CA UNK D 259 43.68 72.87 17.38
C UNK D 259 42.95 73.81 18.34
N UNK D 260 43.46 73.97 19.56
CA UNK D 260 42.87 74.94 20.47
C UNK D 260 43.03 76.34 19.93
N UNK D 261 44.16 76.62 19.29
CA UNK D 261 44.29 77.90 18.60
C UNK D 261 43.29 78.02 17.46
N UNK D 262 43.00 76.91 16.78
CA UNK D 262 41.99 76.94 15.75
C UNK D 262 40.62 77.26 16.32
N UNK D 263 40.28 76.66 17.46
CA UNK D 263 38.99 76.92 18.07
C UNK D 263 38.91 78.35 18.56
N UNK D 264 40.03 78.89 19.05
CA UNK D 264 40.07 80.31 19.36
C UNK D 264 39.79 81.14 18.13
N UNK D 265 40.32 80.71 16.98
CA UNK D 265 39.97 81.36 15.73
C UNK D 265 38.49 81.29 15.46
N UNK D 266 37.87 80.15 15.79
CA UNK D 266 36.43 80.03 15.62
C UNK D 266 35.69 81.00 16.52
N UNK D 267 36.13 81.13 17.78
CA UNK D 267 35.46 82.05 18.69
C UNK D 267 35.66 83.50 18.23
N UNK D 268 36.80 83.81 17.63
CA UNK D 268 36.93 85.12 17.00
C UNK D 268 36.02 85.23 15.80
N UNK D 269 35.72 84.10 15.16
CA UNK D 269 34.75 84.03 14.09
C UNK D 269 33.32 84.05 14.60
N UNK D 270 33.14 84.04 15.92
CA UNK D 270 31.79 84.03 16.47
C UNK D 270 31.04 85.32 16.12
N UNK D 271 31.72 86.46 16.16
CA UNK D 271 31.09 87.72 15.82
C UNK D 271 32.13 88.75 15.37
N UNK D 272 19.79 92.50 14.39
CA UNK D 272 20.82 91.86 15.21
C UNK D 272 20.39 90.49 15.68
N UNK D 273 19.46 89.90 14.94
CA UNK D 273 19.20 88.50 15.16
C UNK D 273 20.41 87.61 14.83
N UNK D 274 21.43 88.05 14.05
CA UNK D 274 22.11 86.99 13.32
C UNK D 274 23.22 86.33 14.14
N UNK D 275 24.01 87.13 14.85
CA UNK D 275 25.08 86.54 15.66
C UNK D 275 24.52 85.76 16.85
N UNK D 276 23.38 86.21 17.38
CA UNK D 276 22.71 85.43 18.41
C UNK D 276 22.12 84.15 17.83
N UNK D 277 21.76 84.17 16.54
CA UNK D 277 21.29 82.96 15.90
C UNK D 277 22.42 81.97 15.70
N UNK D 278 23.61 82.45 15.32
CA UNK D 278 24.74 81.56 15.15
C UNK D 278 25.25 81.04 16.48
N UNK D 279 25.20 81.88 17.52
CA UNK D 279 25.57 81.43 18.85
C UNK D 279 24.56 80.42 19.39
N UNK D 280 23.28 80.62 19.08
CA UNK D 280 22.28 79.64 19.46
C UNK D 280 22.45 78.34 18.68
N UNK D 281 22.97 78.42 17.45
CA UNK D 281 23.18 77.22 16.67
C UNK D 281 24.42 76.47 17.15
N UNK D 282 25.46 77.18 17.57
CA UNK D 282 26.57 76.52 18.24
C UNK D 282 26.15 75.99 19.59
N UNK D 283 25.14 76.60 20.21
CA UNK D 283 24.51 76.01 21.38
C UNK D 283 23.73 74.76 21.02
N UNK D 284 23.26 74.69 19.77
CA UNK D 284 22.61 73.48 19.31
C UNK D 284 23.63 72.37 19.06
N UNK D 285 24.82 72.71 18.57
CA UNK D 285 25.89 71.74 18.45
C UNK D 285 26.43 71.33 19.81
N UNK D 286 26.41 72.27 20.76
CA UNK D 286 26.74 71.94 22.14
C UNK D 286 25.70 71.02 22.75
N UNK D 287 24.43 71.19 22.38
CA UNK D 287 23.39 70.28 22.83
C UNK D 287 23.54 68.93 22.17
N UNK D 288 24.07 68.92 20.94
CA UNK D 288 24.41 67.67 20.28
C UNK D 288 25.68 67.06 20.84
N UNK D 289 26.44 67.84 21.62
CA UNK D 289 27.61 67.33 22.31
C UNK D 289 27.25 66.50 23.53
N UNK D 290 25.98 66.51 23.93
CA UNK D 290 25.53 65.75 25.09
C UNK D 290 25.32 64.29 24.72
N UNK D 291 41.77 68.35 28.19
CA UNK D 291 41.34 69.71 28.49
C UNK D 291 39.84 69.90 28.38
N UNK D 292 39.11 69.12 29.15
CA UNK D 292 37.72 69.46 29.37
C UNK D 292 37.58 70.82 30.10
N UNK D 293 38.56 71.24 30.94
CA UNK D 293 38.73 72.61 31.41
C UNK D 293 38.72 73.62 30.27
N UNK D 294 39.39 73.31 29.16
CA UNK D 294 39.39 74.25 28.04
C UNK D 294 38.02 74.33 27.38
N UNK D 295 37.28 73.21 27.37
CA UNK D 295 35.90 73.27 26.90
C UNK D 295 35.02 74.05 27.87
N UNK D 296 35.38 74.06 29.14
CA UNK D 296 34.64 74.88 30.10
C UNK D 296 34.90 76.35 29.88
N UNK D 297 36.15 76.72 29.59
CA UNK D 297 36.47 78.12 29.33
C UNK D 297 35.91 78.58 27.99
N UNK D 298 35.89 77.69 27.00
CA UNK D 298 35.27 78.03 25.73
C UNK D 298 33.77 78.14 25.87
N UNK D 299 33.17 77.31 26.72
CA UNK D 299 31.75 77.44 26.99
C UNK D 299 31.44 78.72 27.76
N UNK D 300 32.39 79.17 28.58
CA UNK D 300 32.18 80.40 29.33
C UNK D 300 32.35 81.63 28.44
N UNK D 301 33.28 81.58 27.49
CA UNK D 301 33.34 82.63 26.48
C UNK D 301 32.12 82.56 25.56
N UNK D 302 31.53 81.38 25.41
CA UNK D 302 30.24 81.28 24.76
C UNK D 302 29.14 81.88 25.62
N UNK D 303 29.34 81.90 26.93
CA UNK D 303 28.41 82.58 27.82
C UNK D 303 28.55 84.08 27.71
N UNK D 304 29.78 84.59 27.53
CA UNK D 304 29.97 86.01 27.28
C UNK D 304 29.48 86.38 25.88
N UNK D 305 29.58 85.45 24.93
CA UNK D 305 28.99 85.67 23.62
C UNK D 305 27.47 85.68 23.70
N UNK D 306 26.89 84.88 24.59
CA UNK D 306 25.46 84.93 24.82
C UNK D 306 25.07 86.21 25.51
N UNK D 307 25.96 86.75 26.34
CA UNK D 307 25.76 88.06 26.93
C UNK D 307 26.00 89.17 25.92
N UNK D 308 26.61 88.85 24.78
CA UNK D 308 26.79 89.80 23.71
C UNK D 308 25.51 90.03 22.92
N UNK D 309 24.48 89.22 23.17
CA UNK D 309 23.21 89.36 22.48
C UNK D 309 22.36 90.47 23.10
N UNK D 310 27.86 66.11 29.50
CA UNK D 310 26.79 66.40 30.44
C UNK D 310 26.85 67.83 30.97
N UNK D 311 28.05 68.32 31.29
CA UNK D 311 28.15 69.68 31.80
C UNK D 311 27.87 70.70 30.70
N UNK D 312 28.20 70.38 29.46
CA UNK D 312 27.82 71.23 28.35
C UNK D 312 26.32 71.17 28.12
N UNK D 313 25.69 70.05 28.46
CA UNK D 313 24.24 69.97 28.36
C UNK D 313 23.56 70.82 29.42
N UNK D 314 24.11 70.83 30.64
CA UNK D 314 23.54 71.65 31.70
C UNK D 314 23.81 73.12 31.46
N UNK D 315 24.97 73.45 30.89
CA UNK D 315 25.24 74.83 30.54
C UNK D 315 24.37 75.29 29.38
N UNK D 316 24.09 74.39 28.44
CA UNK D 316 23.17 74.72 27.37
C UNK D 316 21.75 74.86 27.89
N UNK D 317 21.41 74.14 28.95
CA UNK D 317 20.08 74.27 29.52
C UNK D 317 19.93 75.55 30.32
N UNK D 318 20.99 75.96 31.02
CA UNK D 318 20.98 77.28 31.64
C UNK D 318 21.01 78.37 30.59
N UNK D 319 21.56 78.07 29.41
CA UNK D 319 21.42 78.96 28.27
C UNK D 319 19.99 78.97 27.76
N UNK D 320 19.26 77.87 27.98
CA UNK D 320 17.85 77.84 27.64
C UNK D 320 17.03 78.67 28.62
N UNK D 321 17.41 78.66 29.90
CA UNK D 321 16.76 79.53 30.87
C UNK D 321 17.15 80.98 30.64
N UNK D 322 18.36 81.21 30.15
CA UNK D 322 18.77 82.56 29.74
C UNK D 322 17.98 83.00 28.52
N UNK D 323 17.67 82.08 27.61
CA UNK D 323 16.83 82.41 26.48
C UNK D 323 15.40 82.66 26.93
N UNK D 324 14.98 81.99 28.00
CA UNK D 324 13.69 82.27 28.61
C UNK D 324 13.72 83.56 29.41
N UNK D 325 14.92 84.08 29.67
CA UNK D 325 15.06 85.37 30.34
C UNK D 325 14.79 86.53 29.40
N UNK D 326 14.67 86.27 28.10
CA UNK D 326 14.41 87.30 27.11
C UNK D 326 12.93 87.67 27.09
N UNK D 327 10.45 88.63 19.45
CA UNK D 327 10.99 87.93 20.60
C UNK D 327 10.77 86.44 20.49
N UNK D 328 9.60 86.06 20.02
CA UNK D 328 9.23 84.66 19.87
C UNK D 328 10.27 83.83 19.15
N UNK D 329 10.64 84.25 17.94
CA UNK D 329 11.60 83.51 17.14
C UNK D 329 12.78 83.08 17.98
N UNK D 330 13.12 83.84 19.03
CA UNK D 330 14.17 83.43 19.93
C UNK D 330 13.76 82.23 20.77
N UNK D 331 12.51 82.22 21.23
CA UNK D 331 12.02 81.09 22.02
C UNK D 331 11.83 79.86 21.15
N UNK D 332 11.41 80.05 19.90
CA UNK D 332 11.30 78.92 18.98
C UNK D 332 12.67 78.40 18.60
N UNK D 333 13.66 79.28 18.48
CA UNK D 333 15.02 78.83 18.24
C UNK D 333 15.58 78.12 19.46
N UNK D 334 15.14 78.50 20.65
CA UNK D 334 15.61 77.84 21.87
C UNK D 334 14.97 76.47 22.04
N UNK D 335 13.69 76.34 21.67
CA UNK D 335 13.09 75.02 21.61
C UNK D 335 13.70 74.19 20.49
N UNK D 336 14.20 74.85 19.45
CA UNK D 336 15.01 74.16 18.46
C UNK D 336 16.35 73.75 19.05
N UNK D 337 16.82 74.46 20.05
CA UNK D 337 18.03 74.06 20.76
C UNK D 337 17.77 72.86 21.64
N UNK D 338 16.59 72.79 22.26
CA UNK D 338 16.21 71.59 23.02
C UNK D 338 15.94 70.42 22.09
N UNK D 339 15.43 70.72 20.89
CA UNK D 339 15.29 69.69 19.87
C UNK D 339 16.64 69.19 19.39
N UNK D 340 17.63 70.08 19.33
CA UNK D 340 18.99 69.67 19.00
C UNK D 340 19.60 68.88 20.14
N UNK D 341 19.19 69.18 21.37
CA UNK D 341 19.59 68.37 22.52
C UNK D 341 18.82 67.06 22.57
N UNK D 342 17.75 66.95 21.78
CA UNK D 342 17.01 65.70 21.66
C UNK D 342 17.73 64.69 20.78
N UNK D 343 18.78 65.10 20.10
CA UNK D 343 19.55 64.21 19.23
C UNK D 343 20.52 63.36 20.04
N UNK D 344 20.71 65.76 31.71
CA UNK D 344 20.72 64.35 31.35
C UNK D 344 19.80 64.09 30.19
N UNK D 345 19.72 62.82 29.80
CA UNK D 345 18.61 62.44 28.94
C UNK D 345 17.28 62.60 29.70
N UNK D 346 17.10 61.90 30.84
CA UNK D 346 15.73 61.70 31.30
C UNK D 346 15.17 62.91 32.03
N UNK D 347 15.98 63.54 32.89
CA UNK D 347 15.49 64.71 33.60
C UNK D 347 15.31 65.90 32.66
N UNK D 348 16.15 66.00 31.63
CA UNK D 348 15.93 67.01 30.61
C UNK D 348 14.69 66.70 29.78
N UNK D 349 14.35 65.42 29.66
CA UNK D 349 13.11 65.05 28.98
C UNK D 349 11.90 65.43 29.79
N UNK D 350 11.95 65.23 31.11
CA UNK D 350 10.83 65.61 31.95
C UNK D 350 10.71 67.12 32.09
N UNK D 351 11.85 67.82 32.10
CA UNK D 351 11.81 69.28 32.11
C UNK D 351 11.30 69.83 30.79
N UNK D 352 11.65 69.17 29.68
CA UNK D 352 11.09 69.56 28.40
C UNK D 352 9.61 69.26 28.32
N UNK D 353 9.15 68.22 29.02
CA UNK D 353 7.73 67.90 29.02
C UNK D 353 6.94 68.87 29.89
N UNK D 354 7.51 69.30 31.01
CA UNK D 354 6.89 70.38 31.77
C UNK D 354 6.96 71.69 31.00
N UNK D 355 7.96 71.84 30.13
CA UNK D 355 7.96 72.94 29.18
C UNK D 355 6.86 72.77 28.14
N UNK D 356 6.47 71.53 27.87
CA UNK D 356 5.33 71.28 26.99
C UNK D 356 4.03 71.64 27.68
N UNK D 357 3.91 71.37 28.98
CA UNK D 357 2.75 71.80 29.73
C UNK D 357 2.74 73.31 29.91
N UNK D 358 3.92 73.92 30.01
CA UNK D 358 4.01 75.37 30.01
C UNK D 358 3.62 75.95 28.66
N UNK D 359 3.92 75.24 27.58
CA UNK D 359 3.47 75.68 26.27
C UNK D 359 1.97 75.49 26.13
N UNK D 360 1.41 74.48 26.81
CA UNK D 360 -0.02 74.32 26.89
C UNK D 360 -0.66 75.33 27.83
N UNK D 361 0.15 76.01 28.64
CA UNK D 361 -0.32 77.08 29.50
C UNK D 361 -0.58 78.36 28.72
N UNK D 362 -0.17 78.42 27.46
CA UNK D 362 -0.36 79.59 26.63
C UNK D 362 -1.78 79.63 26.08
N UNK D 363 4.48 84.28 22.35
CA UNK D 363 5.11 82.93 22.27
C UNK D 363 4.11 81.91 21.77
N UNK D 364 3.30 82.30 20.81
CA UNK D 364 2.53 81.29 20.10
C UNK D 364 3.35 80.56 19.06
N UNK D 365 4.16 81.29 18.28
CA UNK D 365 4.97 80.63 17.27
C UNK D 365 6.07 79.78 17.89
N UNK D 366 6.59 80.21 19.04
CA UNK D 366 7.53 79.38 19.77
C UNK D 366 6.84 78.15 20.35
N UNK D 367 5.54 78.27 20.65
CA UNK D 367 4.79 77.11 21.11
C UNK D 367 4.58 76.11 19.98
N UNK D 368 4.29 76.59 18.78
CA UNK D 368 4.11 75.69 17.65
C UNK D 368 5.43 75.09 17.20
N UNK D 369 6.51 75.85 17.30
CA UNK D 369 7.83 75.30 16.99
C UNK D 369 8.25 74.29 18.05
N UNK D 370 7.90 74.52 19.30
CA UNK D 370 8.16 73.54 20.34
C UNK D 370 7.31 72.30 20.15
N UNK D 371 6.12 72.45 19.58
CA UNK D 371 5.26 71.30 19.33
C UNK D 371 5.74 70.48 18.14
N UNK D 372 6.26 71.16 17.11
CA UNK D 372 6.93 70.43 16.04
C UNK D 372 8.23 69.82 16.53
N UNK D 373 8.83 70.40 17.56
CA UNK D 373 9.94 69.75 18.24
C UNK D 373 9.45 68.54 19.03
N UNK D 374 8.19 68.56 19.44
CA UNK D 374 7.60 67.39 20.08
C UNK D 374 7.33 66.29 19.08
N UNK D 375 6.93 66.64 17.85
CA UNK D 375 6.79 65.66 16.80
C UNK D 375 8.14 65.16 16.33
N UNK D 376 9.15 66.02 16.38
CA UNK D 376 10.52 65.59 16.11
C UNK D 376 11.02 64.65 17.20
N UNK D 377 10.60 64.88 18.45
CA UNK D 377 10.94 63.96 19.52
C UNK D 377 10.19 62.64 19.35
N UNK D 378 8.99 62.70 18.77
CA UNK D 378 8.26 61.50 18.42
C UNK D 378 8.83 60.84 17.18
N UNK D 379 9.70 61.54 16.46
CA UNK D 379 10.41 60.98 15.32
C UNK D 379 11.56 60.07 15.76
N UNK D 380 11.90 60.07 17.04
CA UNK D 380 12.97 59.24 17.56
C UNK D 380 12.49 57.81 17.77
N UNK D 381 13.51 53.41 26.72
CA UNK D 381 13.88 53.75 25.38
C UNK D 381 12.92 54.76 24.83
N UNK D 382 12.32 54.41 23.69
CA UNK D 382 11.29 55.27 23.16
C UNK D 382 9.95 55.13 23.92
N UNK D 383 9.73 53.98 24.61
CA UNK D 383 8.35 53.66 24.99
C UNK D 383 7.82 54.56 26.13
N UNK D 384 8.64 54.74 27.17
CA UNK D 384 8.21 55.55 28.31
C UNK D 384 7.92 56.97 27.90
N UNK D 385 8.66 57.50 26.93
CA UNK D 385 8.34 58.83 26.41
C UNK D 385 6.98 58.84 25.75
N UNK D 386 6.62 57.75 25.08
CA UNK D 386 5.24 57.64 24.58
C UNK D 386 4.25 57.61 25.73
N UNK D 387 4.61 56.97 26.84
CA UNK D 387 3.74 56.97 28.00
C UNK D 387 3.55 58.38 28.54
N UNK D 388 4.63 59.15 28.62
CA UNK D 388 4.53 60.50 29.13
C UNK D 388 3.72 61.37 28.19
N UNK D 389 3.85 61.13 26.88
CA UNK D 389 2.96 61.80 25.94
C UNK D 389 1.51 61.44 26.22
N UNK D 390 1.26 60.18 26.58
CA UNK D 390 -0.08 59.80 27.00
C UNK D 390 -0.50 60.60 28.23
N UNK D 391 0.43 60.84 29.14
CA UNK D 391 0.12 61.65 30.31
C UNK D 391 -0.24 63.07 29.92
N UNK D 392 0.52 63.66 28.98
CA UNK D 392 0.23 65.01 28.55
C UNK D 392 -1.11 65.08 27.82
N UNK D 393 -1.47 64.02 27.10
CA UNK D 393 -2.82 63.96 26.55
C UNK D 393 -3.84 63.81 27.67
N UNK D 394 -3.43 63.19 28.78
CA UNK D 394 -4.24 63.11 29.98
C UNK D 394 -4.25 64.41 30.76
N UNK D 395 -3.48 65.41 30.31
CA UNK D 395 -3.43 66.67 31.04
C UNK D 395 -4.78 67.37 31.02
N UNK D 396 -5.48 67.34 29.89
CA UNK D 396 -6.78 67.95 29.80
C UNK D 396 -7.63 67.33 28.69
N UNK D 397 -4.57 69.06 18.94
CA UNK D 397 -4.75 67.63 19.15
C UNK D 397 -4.01 66.82 18.10
N UNK D 398 -3.98 67.31 16.86
CA UNK D 398 -3.27 66.60 15.80
C UNK D 398 -1.77 66.61 16.01
N UNK D 399 -1.25 67.47 16.89
CA UNK D 399 0.17 67.45 17.18
C UNK D 399 0.56 66.19 17.93
N UNK D 400 -0.17 65.86 19.00
CA UNK D 400 0.07 64.60 19.71
C UNK D 400 -0.58 63.42 19.02
N UNK D 401 -1.51 63.68 18.08
CA UNK D 401 -2.10 62.59 17.31
C UNK D 401 -1.12 62.10 16.26
N UNK D 402 -0.65 63.00 15.40
CA UNK D 402 0.34 62.62 14.41
C UNK D 402 1.69 62.34 15.05
N UNK D 403 2.02 63.02 16.15
CA UNK D 403 3.26 62.72 16.83
C UNK D 403 3.17 61.37 17.54
N UNK D 404 2.01 61.06 18.11
CA UNK D 404 1.82 59.74 18.69
C UNK D 404 1.83 58.67 17.61
N UNK D 405 1.38 59.02 16.41
CA UNK D 405 1.41 58.06 15.31
C UNK D 405 2.82 57.82 14.82
N UNK D 406 3.63 58.88 14.73
CA UNK D 406 5.01 58.73 14.31
C UNK D 406 5.90 58.16 15.40
N UNK D 407 5.40 58.05 16.62
CA UNK D 407 6.21 57.58 17.74
C UNK D 407 6.14 56.07 17.92
N UNK D 408 5.55 55.36 16.97
CA UNK D 408 5.45 53.92 17.06
C UNK D 408 6.39 53.24 16.06
N UNK D 409 2.63 45.36 17.85
CA UNK D 409 2.05 46.53 18.50
C UNK D 409 2.02 47.73 17.56
N UNK D 410 2.67 47.57 16.41
CA UNK D 410 2.73 48.63 15.40
C UNK D 410 1.33 48.98 14.90
N UNK D 411 0.50 47.96 14.71
CA UNK D 411 -0.88 48.11 14.29
C UNK D 411 -1.66 48.88 15.35
N UNK D 412 -1.38 48.58 16.62
CA UNK D 412 -2.03 49.27 17.73
C UNK D 412 -1.68 50.75 17.66
N UNK D 413 -0.41 51.06 17.39
CA UNK D 413 -0.01 52.45 17.27
C UNK D 413 -0.74 53.10 16.10
N UNK D 414 -0.83 52.38 14.99
CA UNK D 414 -1.50 52.90 13.81
C UNK D 414 -3.03 52.91 13.92
N UNK D 415 -3.65 51.92 14.58
CA UNK D 415 -5.09 52.07 14.69
C UNK D 415 -5.46 53.51 14.97
N UNK D 416 -4.66 54.19 15.80
CA UNK D 416 -4.88 55.61 16.01
C UNK D 416 -4.72 56.37 14.71
N UNK D 417 -3.76 55.97 13.87
CA UNK D 417 -3.60 56.61 12.57
C UNK D 417 -4.82 56.39 11.70
N UNK D 418 -5.37 55.17 11.69
CA UNK D 418 -6.55 54.91 10.88
C UNK D 418 -7.76 55.67 11.40
N UNK D 419 -7.84 55.87 12.71
CA UNK D 419 -8.86 56.77 13.22
C UNK D 419 -8.57 58.21 12.81
N UNK D 420 -7.29 58.52 12.61
CA UNK D 420 -6.88 59.80 12.07
C UNK D 420 -7.09 59.89 10.56
N UNK D 421 -7.52 58.79 9.94
CA UNK D 421 -7.70 58.81 8.49
C UNK D 421 -8.80 59.78 8.09
N UNK D 422 -9.88 59.84 8.86
CA UNK D 422 -10.97 60.77 8.55
C UNK D 422 -11.78 61.10 9.80
N UNK D 423 -13.15 63.15 22.59
CA UNK D 423 -13.73 61.97 23.21
C UNK D 423 -12.96 60.69 22.89
N UNK D 424 -12.30 60.66 21.74
CA UNK D 424 -11.54 59.47 21.34
C UNK D 424 -10.29 59.30 22.21
N UNK D 425 -9.80 60.42 22.71
CA UNK D 425 -8.58 60.65 23.49
C UNK D 425 -8.49 59.81 24.77
N UNK D 426 -9.60 59.74 25.51
CA UNK D 426 -9.59 58.98 26.76
C UNK D 426 -9.31 57.51 26.52
N UNK D 427 -9.77 56.98 25.39
CA UNK D 427 -9.44 55.61 25.03
C UNK D 427 -7.94 55.46 24.82
N UNK D 428 -7.31 56.47 24.25
CA UNK D 428 -5.85 56.45 24.18
C UNK D 428 -5.23 56.49 25.57
N UNK D 429 -5.85 57.22 26.49
CA UNK D 429 -5.37 57.23 27.86
C UNK D 429 -5.47 55.85 28.50
N UNK D 430 -6.58 55.16 28.26
CA UNK D 430 -6.75 53.84 28.84
C UNK D 430 -5.77 52.86 28.21
N UNK D 431 -5.49 53.03 26.93
CA UNK D 431 -4.42 52.24 26.32
C UNK D 431 -3.10 52.51 27.01
N UNK D 432 -2.86 53.77 27.38
CA UNK D 432 -1.68 54.08 28.17
C UNK D 432 -1.71 53.34 29.49
N UNK D 433 -2.89 53.21 30.09
CA UNK D 433 -3.00 52.46 31.33
C UNK D 433 -2.67 51.00 31.12
N UNK D 434 -3.17 50.41 30.02
CA UNK D 434 -2.87 49.02 29.74
C UNK D 434 -1.39 48.81 29.45
N UNK D 435 -0.74 49.79 28.84
CA UNK D 435 0.71 49.73 28.72
C UNK D 435 1.37 49.88 30.08
N UNK D 436 0.70 50.58 31.00
CA UNK D 436 1.12 50.68 32.37
C UNK D 436 0.78 49.43 33.17
N UNK D 437 0.10 48.47 32.55
CA UNK D 437 -0.27 47.26 33.28
C UNK D 437 0.95 46.46 33.70
N UNK D 438 1.96 46.39 32.83
CA UNK D 438 3.19 45.67 33.16
C UNK D 438 4.36 46.17 32.32
N UNK D 439 -23.97 55.18 32.04
CA UNK D 439 -23.61 55.00 30.65
C UNK D 439 -22.10 54.85 30.47
N UNK D 440 -21.36 55.01 31.56
CA UNK D 440 -19.90 54.87 31.50
C UNK D 440 -19.52 53.44 31.10
N UNK D 441 -20.24 52.47 31.67
CA UNK D 441 -19.98 51.07 31.36
C UNK D 441 -20.24 50.80 29.88
N UNK D 442 -21.32 51.38 29.37
CA UNK D 442 -21.67 51.23 27.96
C UNK D 442 -20.60 51.86 27.08
N UNK D 443 -20.06 53.01 27.51
CA UNK D 443 -19.01 53.68 26.76
C UNK D 443 -17.78 52.79 26.70
N UNK D 444 -17.46 52.03 27.73
CA UNK D 444 -16.28 51.18 27.56
C UNK D 444 -16.49 50.23 26.38
N UNK D 445 -17.70 49.66 26.29
CA UNK D 445 -18.04 48.73 25.22
C UNK D 445 -18.00 49.34 23.82
N UNK D 446 -18.50 50.56 23.69
CA UNK D 446 -18.51 51.23 22.38
C UNK D 446 -17.08 51.45 21.89
N UNK D 447 -16.23 51.85 22.82
CA UNK D 447 -14.83 52.08 22.50
C UNK D 447 -14.22 50.78 22.07
N UNK D 448 -14.52 49.69 22.79
CA UNK D 448 -13.97 48.39 22.42
C UNK D 448 -14.40 48.01 21.00
N UNK D 449 -15.66 48.23 20.66
CA UNK D 449 -16.15 47.93 19.33
C UNK D 449 -15.51 48.76 18.20
N UNK D 450 -15.32 50.06 18.42
CA UNK D 450 -14.72 50.88 17.35
C UNK D 450 -13.29 50.51 16.98
N UNK D 451 -12.51 50.22 18.01
CA UNK D 451 -11.10 49.87 17.98
C UNK D 451 -10.88 48.52 17.30
N UNK D 452 -11.70 47.53 17.64
CA UNK D 452 -11.60 46.23 17.00
C UNK D 452 -11.85 46.33 15.51
N UNK D 453 -12.89 47.06 15.11
CA UNK D 453 -13.19 47.20 13.69
C UNK D 453 -12.02 47.83 12.94
N UNK D 454 -11.42 48.85 13.53
CA UNK D 454 -10.27 49.49 12.89
C UNK D 454 -9.11 48.51 12.77
N UNK D 455 -8.72 47.88 13.87
CA UNK D 455 -7.59 46.97 13.87
C UNK D 455 -7.78 45.83 12.87
N UNK D 456 -9.03 45.40 12.68
CA UNK D 456 -9.30 44.29 11.76
C UNK D 456 -8.97 44.69 10.33
N UNK D 457 -9.35 45.90 9.92
CA UNK D 457 -9.04 46.36 8.58
C UNK D 457 -7.56 46.67 8.38
N UNK D 458 -6.76 46.54 9.45
CA UNK D 458 -5.32 46.76 9.47
C UNK D 458 -4.60 45.53 8.96
N UNK D 459 -3.31 45.44 9.22
CA UNK D 459 -2.51 44.33 8.71
C UNK D 459 -1.90 43.58 9.86
N UNK D 460 -2.16 42.27 9.91
CA UNK D 460 -1.48 41.36 10.81
C UNK D 460 -1.89 39.94 10.44
N UNK D 461 -1.04 38.98 10.79
CA UNK D 461 -1.36 37.59 10.52
C UNK D 461 -2.52 37.11 11.37
N UNK D 462 -2.50 37.41 12.66
CA UNK D 462 -3.61 37.06 13.54
C UNK D 462 -4.70 38.08 13.31
N UNK D 463 -5.65 37.74 12.43
CA UNK D 463 -6.76 38.65 12.17
C UNK D 463 -7.89 38.56 13.17
N UNK D 464 -8.62 37.43 13.19
CA UNK D 464 -9.76 37.22 14.07
C UNK D 464 -9.32 37.26 15.52
N UNK D 465 -8.41 36.35 15.85
CA UNK D 465 -8.09 35.87 17.19
C UNK D 465 -8.21 36.93 18.28
N UNK D 466 -7.75 38.16 17.99
CA UNK D 466 -7.89 39.27 18.94
C UNK D 466 -9.25 39.28 19.63
N UNK D 467 -10.31 39.18 18.84
CA UNK D 467 -11.66 39.18 19.40
C UNK D 467 -11.87 38.03 20.38
N UNK D 468 -11.39 36.84 20.05
CA UNK D 468 -11.46 35.73 21.00
C UNK D 468 -10.74 36.08 22.28
N UNK D 469 -9.59 36.75 22.17
CA UNK D 469 -8.91 37.27 23.34
C UNK D 469 -9.79 38.24 24.11
N UNK D 470 -10.50 39.13 23.41
CA UNK D 470 -11.44 39.99 24.11
C UNK D 470 -12.53 39.17 24.75
N UNK D 471 -12.92 38.07 24.11
CA UNK D 471 -13.88 37.15 24.71
C UNK D 471 -13.33 36.57 26.00
N UNK D 472 -12.02 36.39 26.07
CA UNK D 472 -11.36 35.94 27.29
C UNK D 472 -11.27 37.01 28.38
N UNK D 473 -11.90 38.18 28.23
CA UNK D 473 -11.84 39.22 29.24
C UNK D 473 -13.11 39.40 30.05
N UNK D 474 -14.28 39.04 29.50
CA UNK D 474 -15.51 39.12 30.26
C UNK D 474 -15.67 37.96 31.22
N UNK D 475 -15.00 36.83 30.95
CA UNK D 475 -14.88 35.82 31.98
C UNK D 475 -14.07 36.36 33.14
N UNK D 476 -12.98 37.06 32.83
CA UNK D 476 -12.21 37.77 33.86
C UNK D 476 -12.81 39.16 34.07
N UNK D 477 -14.08 39.15 34.42
CA UNK D 477 -14.84 40.39 34.60
C UNK D 477 -16.14 40.12 35.35
N MET D 478 -20.57 42.84 30.37
CA MET D 478 -21.21 41.60 29.95
C MET D 478 -20.50 41.03 28.74
N MET D 479 -20.33 39.71 28.73
CA MET D 479 -19.60 39.07 27.64
C MET D 479 -20.41 39.05 26.35
N GLN D 480 -21.73 39.16 26.43
CA GLN D 480 -22.55 39.16 25.23
C GLN D 480 -22.33 40.39 24.37
N CYS D 481 -21.64 41.41 24.87
CA CYS D 481 -21.29 42.58 24.06
C CYS D 481 -19.99 42.38 23.30
N VAL D 482 -19.02 41.66 23.87
CA VAL D 482 -17.85 41.28 23.11
C VAL D 482 -18.21 40.22 22.09
N ILE D 483 -18.98 39.21 22.51
CA ILE D 483 -19.41 38.16 21.60
C ILE D 483 -20.35 38.71 20.55
N ALA D 484 -21.23 39.61 20.95
CA ALA D 484 -22.18 40.16 20.00
C ALA D 484 -21.49 41.12 19.04
N VAL D 485 -20.76 42.10 19.59
CA VAL D 485 -20.17 43.13 18.76
C VAL D 485 -18.98 42.62 17.95
N ALA D 486 -18.35 41.53 18.39
CA ALA D 486 -17.28 40.97 17.57
C ALA D 486 -17.80 40.39 16.26
N ASP D 487 -19.10 40.15 16.13
CA ASP D 487 -19.64 39.66 14.88
C ASP D 487 -19.45 40.68 13.77
N LYS D 488 -19.62 41.95 14.08
CA LYS D 488 -19.37 42.98 13.07
C LYS D 488 -17.91 42.94 12.62
N VAL D 489 -17.00 42.70 13.57
CA VAL D 489 -15.58 42.59 13.22
C VAL D 489 -15.35 41.37 12.34
N PHE D 490 -16.02 40.28 12.64
CA PHE D 490 -15.83 39.07 11.86
C PHE D 490 -16.37 39.25 10.46
N ASP D 491 -17.49 39.94 10.32
CA ASP D 491 -18.09 40.08 9.00
C ASP D 491 -17.38 41.13 8.17
N ALA D 492 -16.88 42.18 8.81
CA ALA D 492 -15.96 43.06 8.11
C ALA D 492 -14.72 42.32 7.70
N PHE D 493 -14.29 41.35 8.50
CA PHE D 493 -13.18 40.52 8.08
C PHE D 493 -13.55 39.67 6.87
N LEU D 494 -14.79 39.17 6.83
CA LEU D 494 -15.21 38.42 5.66
C LEU D 494 -15.18 39.31 4.43
N ASN D 495 -15.75 40.51 4.53
CA ASN D 495 -15.78 41.40 3.39
C ASN D 495 -14.39 41.84 2.98
N MET D 496 -13.46 41.89 3.93
CA MET D 496 -12.09 42.21 3.57
C MET D 496 -11.40 41.04 2.91
N MET D 497 -11.72 39.81 3.33
CA MET D 497 -11.10 38.67 2.70
C MET D 497 -11.62 38.45 1.30
N ALA D 498 -12.92 38.71 1.08
CA ALA D 498 -13.51 38.40 -0.20
C ALA D 498 -13.04 39.33 -1.31
N ASP D 499 -12.52 40.50 -0.95
CA ASP D 499 -12.22 41.53 -1.93
C ASP D 499 -10.74 41.66 -2.25
N LYS D 500 -9.87 40.90 -1.59
CA LYS D 500 -8.45 41.12 -1.82
C LYS D 500 -8.02 40.60 -3.18
N ALA D 501 -8.09 39.29 -3.36
CA ALA D 501 -7.57 38.65 -4.55
C ALA D 501 -7.89 37.17 -4.45
N LYS D 502 -7.39 36.41 -5.43
CA LYS D 502 -7.44 34.96 -5.40
C LYS D 502 -6.03 34.38 -5.39
N THR D 503 -5.15 35.04 -4.65
CA THR D 503 -3.75 34.65 -4.59
C THR D 503 -3.59 33.43 -3.68
N LYS D 504 -2.36 32.93 -3.64
CA LYS D 504 -2.07 31.73 -2.85
C LYS D 504 -2.09 32.05 -1.37
N GLU D 505 -1.34 33.07 -0.96
CA GLU D 505 -1.25 33.40 0.45
C GLU D 505 -2.61 33.81 1.01
N ASN D 506 -3.46 34.40 0.17
CA ASN D 506 -4.78 34.75 0.67
C ASN D 506 -5.60 33.50 0.95
N GLU D 507 -5.31 32.40 0.24
CA GLU D 507 -5.94 31.14 0.57
C GLU D 507 -5.37 30.57 1.86
N GLU D 508 -4.04 30.62 2.01
CA GLU D 508 -3.45 30.06 3.21
C GLU D 508 -3.90 30.82 4.46
N GLU D 509 -4.14 32.12 4.32
CA GLU D 509 -4.69 32.91 5.41
C GLU D 509 -6.00 32.31 5.88
N LEU D 510 -6.90 32.06 4.93
CA LEU D 510 -8.18 31.47 5.28
C LEU D 510 -8.03 30.06 5.79
N GLU D 511 -6.97 29.36 5.40
CA GLU D 511 -6.76 28.04 5.96
C GLU D 511 -6.36 28.13 7.41
N ARG D 512 -5.51 29.10 7.75
CA ARG D 512 -5.12 29.25 9.13
C ARG D 512 -6.32 29.66 9.99
N HIS D 513 -7.13 30.59 9.49
CA HIS D 513 -8.33 30.94 10.25
C HIS D 513 -9.26 29.75 10.38
N ALA D 514 -9.33 28.92 9.33
CA ALA D 514 -10.09 27.68 9.42
C ALA D 514 -9.58 26.82 10.57
N GLN D 515 -8.27 26.63 10.65
CA GLN D 515 -7.71 25.83 11.73
C GLN D 515 -8.00 26.45 13.08
N PHE D 516 -7.94 27.78 13.16
CA PHE D 516 -8.27 28.48 14.39
C PHE D 516 -9.69 28.15 14.84
N LEU D 517 -10.64 28.20 13.92
CA LEU D 517 -12.00 27.86 14.28
C LEU D 517 -12.17 26.38 14.55
N LEU D 518 -11.34 25.53 13.96
CA LEU D 518 -11.45 24.11 14.25
C LEU D 518 -11.01 23.83 15.68
N VAL D 519 -9.86 24.35 16.07
CA VAL D 519 -9.38 24.14 17.43
C VAL D 519 -10.31 24.80 18.42
N ASN D 520 -10.78 26.00 18.14
CA ASN D 520 -11.63 26.73 19.08
C ASN D 520 -12.95 26.01 19.22
N PHE D 521 -13.42 25.42 18.14
CA PHE D 521 -14.66 24.69 18.16
C PHE D 521 -14.71 23.66 19.30
N ASN D 522 -13.72 22.77 19.32
CA ASN D 522 -13.69 21.75 20.37
C ASN D 522 -13.07 22.31 21.64
N HIS D 523 -13.88 23.06 22.39
CA HIS D 523 -13.45 23.68 23.64
C HIS D 523 -14.48 23.45 24.74
N ILE D 524 -14.02 23.48 25.99
CA ILE D 524 -14.89 23.27 27.14
C ILE D 524 -15.99 24.30 27.33
N HIS D 525 -15.67 25.58 27.11
CA HIS D 525 -16.65 26.65 27.27
C HIS D 525 -17.79 26.53 26.25
N LYS D 526 -19.00 26.86 26.69
CA LYS D 526 -20.15 26.78 25.82
C LYS D 526 -20.24 28.12 25.14
N ARG D 527 -19.70 29.15 25.78
CA ARG D 527 -19.74 30.47 25.19
C ARG D 527 -18.66 30.59 24.09
N ILE D 528 -17.46 29.99 24.24
CA ILE D 528 -16.48 30.21 23.18
C ILE D 528 -16.77 29.35 21.98
N ARG D 529 -16.96 28.05 22.19
CA ARG D 529 -17.09 27.16 21.07
C ARG D 529 -18.40 27.35 20.32
N ARG D 530 -19.40 27.95 20.95
CA ARG D 530 -20.64 28.22 20.22
C ARG D 530 -20.40 29.24 19.12
N VAL D 531 -19.78 30.37 19.48
CA VAL D 531 -19.50 31.39 18.48
C VAL D 531 -18.37 30.99 17.55
N ALA D 532 -17.43 30.17 18.02
CA ALA D 532 -16.47 29.62 17.07
C ALA D 532 -17.18 28.73 16.07
N ASP D 533 -18.22 28.02 16.51
CA ASP D 533 -19.06 27.27 15.60
C ASP D 533 -19.72 28.20 14.59
N LYS D 534 -20.21 29.35 15.06
CA LYS D 534 -20.77 30.34 14.15
C LYS D 534 -19.76 30.77 13.11
N TYR D 535 -18.56 31.18 13.55
CA TYR D 535 -17.55 31.67 12.63
C TYR D 535 -17.17 30.61 11.63
N LEU D 536 -17.08 29.36 12.07
CA LEU D 536 -16.65 28.31 11.15
C LEU D 536 -17.71 28.06 10.09
N SER D 537 -18.96 27.84 10.53
CA SER D 537 -20.00 27.51 9.56
C SER D 537 -20.22 28.67 8.59
N GLY D 538 -20.24 29.90 9.11
CA GLY D 538 -20.34 31.04 8.22
C GLY D 538 -19.15 31.15 7.29
N LEU D 539 -17.98 30.77 7.77
CA LEU D 539 -16.78 30.86 6.96
C LEU D 539 -16.88 29.94 5.75
N VAL D 540 -17.09 28.64 6.00
CA VAL D 540 -17.18 27.70 4.90
C VAL D 540 -18.39 28.00 4.04
N ASP D 541 -19.44 28.59 4.62
CA ASP D 541 -20.56 29.00 3.79
C ASP D 541 -20.19 30.15 2.87
N LYS D 542 -19.20 30.95 3.25
CA LYS D 542 -18.78 32.01 2.34
C LYS D 542 -17.61 31.60 1.47
N PHE D 543 -16.65 30.86 2.01
CA PHE D 543 -15.47 30.46 1.25
C PHE D 543 -15.47 28.95 1.09
N PRO D 544 -16.04 28.43 0.02
CA PRO D 544 -16.30 26.99 -0.05
C PRO D 544 -15.06 26.13 -0.20
N HIS D 545 -13.96 26.68 -0.68
CA HIS D 545 -12.78 25.85 -0.89
C HIS D 545 -12.07 25.50 0.42
N LEU D 546 -12.57 26.00 1.55
CA LEU D 546 -12.07 25.55 2.84
C LEU D 546 -12.62 24.20 3.23
N LEU D 547 -13.55 23.64 2.47
CA LEU D 547 -14.07 22.32 2.76
C LEU D 547 -13.09 21.24 2.35
N TRP D 548 -12.67 21.25 1.09
CA TRP D 548 -11.77 20.24 0.57
C TRP D 548 -10.32 20.68 0.60
N SER D 549 -9.99 21.63 1.47
CA SER D 549 -8.62 22.10 1.53
C SER D 549 -7.71 20.98 2.02
N GLY D 550 -6.43 21.09 1.64
CA GLY D 550 -5.50 20.01 1.93
C GLY D 550 -5.20 19.87 3.41
N THR D 551 -5.13 20.99 4.12
CA THR D 551 -4.76 20.95 5.53
C THR D 551 -5.94 20.98 6.45
N VAL D 552 -7.08 21.53 6.02
CA VAL D 552 -8.27 21.48 6.86
C VAL D 552 -8.67 20.04 7.10
N LEU D 553 -8.62 19.22 6.05
CA LEU D 553 -9.04 17.84 6.21
C LEU D 553 -8.09 17.09 7.14
N LYS D 554 -6.79 17.37 7.08
CA LYS D 554 -5.89 16.75 8.02
C LYS D 554 -6.13 17.26 9.44
N THR D 555 -6.47 18.54 9.57
CA THR D 555 -6.65 19.11 10.89
C THR D 555 -7.86 18.53 11.58
N MET D 556 -8.95 18.35 10.83
CA MET D 556 -10.14 17.72 11.39
C MET D 556 -9.81 16.37 11.99
N LEU D 557 -8.97 15.62 11.30
CA LEU D 557 -8.73 14.24 11.68
C LEU D 557 -7.68 14.13 12.77
N ASP D 558 -6.75 15.07 12.85
CA ASP D 558 -5.81 15.02 13.96
C ASP D 558 -6.47 15.51 15.23
N ILE D 559 -7.28 16.56 15.13
CA ILE D 559 -8.05 17.00 16.29
C ILE D 559 -8.95 15.90 16.78
N LEU D 560 -9.65 15.25 15.87
CA LEU D 560 -10.48 14.12 16.25
C LEU D 560 -9.63 13.01 16.84
N GLN D 561 -8.40 12.85 16.35
CA GLN D 561 -7.53 11.80 16.86
C GLN D 561 -7.17 12.05 18.31
N THR D 562 -6.69 13.25 18.61
CA THR D 562 -6.31 13.56 19.98
C THR D 562 -7.51 13.56 20.91
N LEU D 563 -8.66 14.05 20.43
CA LEU D 563 -9.87 13.96 21.22
C LEU D 563 -10.17 12.53 21.61
N SER D 564 -10.30 11.64 20.62
CA SER D 564 -10.64 10.27 20.98
C SER D 564 -9.51 9.59 21.73
N LEU D 565 -8.31 10.13 21.67
CA LEU D 565 -7.20 9.60 22.45
C LEU D 565 -7.29 10.02 23.91
N SER D 566 -7.95 11.14 24.21
CA SER D 566 -8.14 11.53 25.59
C SER D 566 -9.14 10.64 26.31
N LEU D 567 -9.94 9.87 25.58
CA LEU D 567 -10.93 9.04 26.25
C LEU D 567 -10.27 7.93 27.05
N SER D 568 -9.20 7.37 26.53
CA SER D 568 -8.64 6.18 27.13
C SER D 568 -7.74 6.52 28.32
N ALA D 569 -7.02 7.62 28.24
CA ALA D 569 -6.09 7.97 29.31
C ALA D 569 -6.85 8.31 30.58
N ASP D 570 -6.17 8.14 31.72
CA ASP D 570 -6.81 8.38 33.00
C ASP D 570 -6.83 9.86 33.33
N ILE D 571 -7.99 10.31 33.81
CA ILE D 571 -8.21 11.73 34.04
C ILE D 571 -7.34 12.25 35.17
N HIS D 572 -7.05 11.44 36.17
CA HIS D 572 -6.59 12.02 37.42
C HIS D 572 -5.11 12.35 37.40
N LYS D 573 -4.30 11.59 36.68
CA LYS D 573 -2.88 11.84 36.66
C LYS D 573 -2.38 12.35 35.32
N ASP D 574 -3.28 12.83 34.46
CA ASP D 574 -2.92 13.27 33.12
C ASP D 574 -3.37 14.71 32.91
N GLN D 575 -2.45 15.55 32.43
CA GLN D 575 -2.83 16.91 32.11
C GLN D 575 -3.72 16.90 30.88
N PRO D 576 -4.63 17.88 30.78
CA PRO D 576 -5.62 17.85 29.70
C PRO D 576 -5.10 18.35 28.37
N TYR D 577 -3.94 18.98 28.33
CA TYR D 577 -3.51 19.70 27.14
C TYR D 577 -2.91 18.73 26.14
N TYR D 578 -3.44 18.74 24.92
CA TYR D 578 -2.95 17.88 23.86
C TYR D 578 -2.45 18.73 22.72
N ASP D 579 -1.31 18.36 22.16
CA ASP D 579 -0.73 19.10 21.06
C ASP D 579 -1.11 18.47 19.73
N ILE D 580 -1.60 19.28 18.81
CA ILE D 580 -1.97 18.76 17.49
C ILE D 580 -0.70 18.43 16.71
N PRO D 581 -0.69 17.33 15.96
CA PRO D 581 0.56 16.92 15.30
C PRO D 581 1.04 17.87 14.23
N ASP D 582 0.17 18.65 13.61
CA ASP D 582 0.57 19.56 12.55
C ASP D 582 0.13 21.00 12.74
N ALA D 583 -0.81 21.26 13.60
CA ALA D 583 -1.17 22.63 13.84
C ALA D 583 -0.43 23.17 15.05
N PRO D 584 -0.32 24.49 15.19
CA PRO D 584 0.35 25.03 16.36
C PRO D 584 -0.43 24.83 17.64
N TYR D 585 -1.73 25.05 17.60
CA TYR D 585 -2.48 25.24 18.82
C TYR D 585 -2.93 23.95 19.49
N ARG D 586 -3.16 24.03 20.80
CA ARG D 586 -3.40 22.88 21.64
C ARG D 586 -4.82 22.83 22.16
N ILE D 587 -5.20 21.67 22.67
CA ILE D 587 -6.56 21.37 23.08
C ILE D 587 -6.58 21.24 24.58
N THR D 588 -7.61 21.79 25.20
CA THR D 588 -7.87 21.67 26.63
C THR D 588 -9.08 20.75 26.79
N VAL D 589 -8.84 19.47 27.02
CA VAL D 589 -9.93 18.51 27.09
C VAL D 589 -10.63 18.62 28.44
N PRO D 590 -11.87 18.22 28.52
CA PRO D 590 -12.68 18.56 29.69
C PRO D 590 -12.45 17.66 30.88
N ASP D 591 -13.29 17.86 31.90
CA ASP D 591 -13.05 17.35 33.24
C ASP D 591 -13.40 15.87 33.39
N THR D 592 -14.52 15.45 32.80
CA THR D 592 -15.04 14.11 33.05
C THR D 592 -15.19 13.36 31.75
N TYR D 593 -15.08 12.03 31.85
CA TYR D 593 -15.22 11.17 30.69
C TYR D 593 -16.54 11.38 29.98
N GLU D 594 -17.59 11.75 30.72
CA GLU D 594 -18.83 12.07 30.05
C GLU D 594 -18.71 13.33 29.23
N ALA D 595 -17.82 14.24 29.62
CA ALA D 595 -17.63 15.47 28.87
C ALA D 595 -16.67 15.30 27.71
N ARG D 596 -15.61 14.51 27.90
CA ARG D 596 -14.78 14.13 26.77
C ARG D 596 -15.59 13.35 25.74
N GLU D 597 -16.35 12.36 26.21
CA GLU D 597 -17.23 11.60 25.35
C GLU D 597 -18.23 12.50 24.64
N SER D 598 -18.80 13.46 25.36
CA SER D 598 -19.74 14.37 24.75
C SER D 598 -19.10 15.20 23.67
N ILE D 599 -17.90 15.69 23.92
CA ILE D 599 -17.30 16.63 22.98
C ILE D 599 -16.72 15.92 21.78
N VAL D 600 -16.32 14.67 21.93
CA VAL D 600 -15.81 13.93 20.78
C VAL D 600 -16.96 13.40 19.94
N LYS D 601 -18.05 12.95 20.56
CA LYS D 601 -19.21 12.63 19.75
C LYS D 601 -19.82 13.89 19.15
N ASP D 602 -19.54 15.05 19.75
CA ASP D 602 -19.88 16.32 19.10
C ASP D 602 -18.98 16.57 17.90
N PHE D 603 -17.70 16.26 18.02
CA PHE D 603 -16.77 16.61 16.96
C PHE D 603 -16.87 15.66 15.78
N ALA D 604 -17.25 14.41 16.02
CA ALA D 604 -17.47 13.49 14.92
C ALA D 604 -18.57 13.99 14.00
N ALA D 605 -19.55 14.71 14.56
CA ALA D 605 -20.63 15.20 13.74
C ALA D 605 -20.15 16.27 12.78
N ARG D 606 -19.35 17.21 13.26
CA ARG D 606 -18.82 18.24 12.35
C ARG D 606 -17.83 17.65 11.37
N CYS D 607 -16.99 16.71 11.82
CA CYS D 607 -16.00 16.15 10.92
C CYS D 607 -16.66 15.36 9.81
N GLY D 608 -17.60 14.50 10.16
CA GLY D 608 -18.37 13.83 9.12
C GLY D 608 -19.18 14.80 8.29
N MET D 609 -19.64 15.88 8.90
CA MET D 609 -20.36 16.90 8.15
C MET D 609 -19.51 17.43 7.02
N ILE D 610 -18.44 18.13 7.36
CA ILE D 610 -17.66 18.78 6.32
C ILE D 610 -16.87 17.79 5.48
N LEU D 611 -16.75 16.55 5.93
CA LEU D 611 -16.24 15.54 5.01
C LEU D 611 -17.28 15.22 3.95
N GLN D 612 -18.56 15.15 4.34
CA GLN D 612 -19.57 14.94 3.33
C GLN D 612 -19.68 16.15 2.42
N GLU D 613 -19.58 17.36 2.99
CA GLU D 613 -19.64 18.57 2.20
C GLU D 613 -18.50 18.61 1.20
N ALA D 614 -17.28 18.40 1.69
CA ALA D 614 -16.12 18.35 0.82
C ALA D 614 -16.19 17.20 -0.15
N MET D 615 -17.05 16.22 0.11
CA MET D 615 -17.23 15.13 -0.83
C MET D 615 -18.18 15.52 -1.95
N LYS D 616 -19.18 16.34 -1.66
CA LYS D 616 -20.23 16.57 -2.64
C LYS D 616 -19.74 17.40 -3.81
N TRP D 617 -19.22 18.61 -3.56
CA TRP D 617 -18.82 19.46 -4.66
C TRP D 617 -17.62 18.91 -5.41
N ALA D 618 -16.75 18.15 -4.74
CA ALA D 618 -15.54 17.66 -5.37
C ALA D 618 -15.19 16.32 -4.77
N PRO D 619 -15.70 15.23 -5.35
CA PRO D 619 -15.35 13.92 -4.79
C PRO D 619 -13.90 13.56 -4.99
N THR D 620 -13.36 13.76 -6.20
CA THR D 620 -12.07 13.18 -6.51
C THR D 620 -10.93 13.87 -5.79
N VAL D 621 -11.02 15.18 -5.60
CA VAL D 621 -9.90 15.83 -4.94
C VAL D 621 -9.98 15.61 -3.45
N THR D 622 -11.18 15.52 -2.91
CA THR D 622 -11.29 15.19 -1.50
C THR D 622 -10.75 13.79 -1.26
N LYS D 623 -11.19 12.83 -2.07
CA LYS D 623 -10.71 11.46 -1.91
C LYS D 623 -9.24 11.31 -2.21
N SER D 624 -8.67 12.18 -3.02
CA SER D 624 -7.23 12.18 -3.17
C SER D 624 -6.57 12.76 -1.93
N HIS D 625 -7.20 13.74 -1.29
CA HIS D 625 -6.62 14.32 -0.10
C HIS D 625 -6.63 13.33 1.05
N LEU D 626 -7.80 12.81 1.40
CA LEU D 626 -7.88 11.79 2.43
C LEU D 626 -7.05 10.59 2.05
N GLN D 627 -7.11 10.21 0.79
CA GLN D 627 -6.36 9.07 0.30
C GLN D 627 -4.86 9.28 0.46
N GLU D 628 -4.43 10.54 0.49
CA GLU D 628 -3.08 10.83 0.91
C GLU D 628 -2.95 10.79 2.41
N TYR D 629 -4.04 11.11 3.13
CA TYR D 629 -3.95 11.13 4.59
C TYR D 629 -3.76 9.74 5.16
N LEU D 630 -4.36 8.73 4.53
CA LEU D 630 -4.20 7.37 5.02
C LEU D 630 -2.77 6.87 4.86
N ASN D 631 -1.97 7.52 4.01
CA ASN D 631 -0.62 7.07 3.75
C ASN D 631 0.40 7.69 4.68
N LYS D 632 -0.05 8.38 5.71
CA LYS D 632 0.87 8.87 6.73
C LYS D 632 1.36 7.71 7.56
N HIS D 633 2.68 7.59 7.72
CA HIS D 633 3.21 6.47 8.46
C HIS D 633 3.23 6.72 9.94
N GLN D 634 2.95 7.95 10.36
CA GLN D 634 2.76 8.21 11.78
C GLN D 634 1.62 7.37 12.33
N ASN D 635 0.62 7.10 11.51
CA ASN D 635 -0.63 6.56 12.01
C ASN D 635 -0.69 5.04 11.98
N TRP D 636 -0.09 4.42 10.97
CA TRP D 636 -0.24 2.98 10.79
C TRP D 636 0.29 2.23 12.00
N VAL D 637 1.46 2.65 12.48
CA VAL D 637 2.12 2.00 13.61
C VAL D 637 1.17 1.93 14.79
N SER D 638 0.47 3.01 15.08
CA SER D 638 -0.60 3.00 16.05
C SER D 638 -1.94 2.66 15.44
N GLY D 639 -1.94 2.27 14.16
CA GLY D 639 -3.20 2.03 13.49
C GLY D 639 -3.86 0.72 13.87
N LEU D 640 -3.07 -0.27 14.27
CA LEU D 640 -3.66 -1.53 14.67
C LEU D 640 -4.44 -1.40 15.97
N SER D 641 -4.20 -0.33 16.71
CA SER D 641 -5.07 0.10 17.79
C SER D 641 -6.26 0.83 17.20
N GLN D 642 -7.02 1.54 18.04
CA GLN D 642 -8.22 2.22 17.55
C GLN D 642 -7.89 3.23 16.47
N HIS D 643 -7.07 4.22 16.80
CA HIS D 643 -6.67 5.29 15.89
C HIS D 643 -7.87 5.91 15.16
N THR D 644 -8.68 6.61 15.94
CA THR D 644 -9.98 7.09 15.51
C THR D 644 -9.92 7.91 14.21
N GLY D 645 -8.79 8.53 13.92
CA GLY D 645 -8.77 9.50 12.85
C GLY D 645 -8.73 8.87 11.47
N LEU D 646 -7.70 8.07 11.24
CA LEU D 646 -7.57 7.34 9.99
C LEU D 646 -8.82 6.55 9.69
N ALA D 647 -9.34 5.86 10.69
CA ALA D 647 -10.54 5.07 10.47
C ALA D 647 -11.79 5.94 10.37
N MET D 648 -11.76 7.16 10.88
CA MET D 648 -12.82 8.10 10.57
C MET D 648 -12.79 8.48 9.10
N ALA D 649 -11.59 8.70 8.57
CA ALA D 649 -11.45 8.98 7.16
C ALA D 649 -12.00 7.84 6.33
N THR D 650 -11.56 6.62 6.63
CA THR D 650 -11.95 5.49 5.81
C THR D 650 -13.44 5.23 5.92
N GLU D 651 -13.99 5.39 7.12
CA GLU D 651 -15.44 5.30 7.27
C GLU D 651 -16.13 6.33 6.40
N SER D 652 -15.69 7.58 6.45
CA SER D 652 -16.37 8.61 5.69
C SER D 652 -16.14 8.49 4.19
N ILE D 653 -15.15 7.72 3.78
CA ILE D 653 -14.92 7.52 2.36
C ILE D 653 -15.78 6.39 1.82
N LEU D 654 -15.75 5.25 2.50
CA LEU D 654 -16.52 4.12 2.02
C LEU D 654 -17.97 4.19 2.42
N HIS D 655 -18.34 5.08 3.33
CA HIS D 655 -19.73 5.14 3.76
C HIS D 655 -20.61 5.72 2.65
N PHE D 656 -20.23 6.86 2.11
CA PHE D 656 -20.98 7.51 1.06
C PHE D 656 -20.03 7.89 -0.06
N ALA D 657 -20.48 7.73 -1.31
CA ALA D 657 -19.62 7.98 -2.44
C ALA D 657 -20.44 8.12 -3.71
N GLY D 658 -19.97 8.96 -4.62
CA GLY D 658 -20.52 8.99 -5.95
C GLY D 658 -20.28 7.67 -6.67
N TYR D 659 -21.15 7.37 -7.62
CA TYR D 659 -21.26 5.98 -8.07
C TYR D 659 -20.00 5.47 -8.71
N ASN D 660 -19.73 5.92 -9.93
CA ASN D 660 -18.43 5.76 -10.57
C ASN D 660 -18.48 6.41 -11.94
N LYS D 661 -17.42 6.25 -12.72
CA LYS D 661 -17.48 6.76 -14.07
C LYS D 661 -18.48 6.00 -14.93
N GLN D 662 -18.74 4.73 -14.63
CA GLN D 662 -19.55 3.91 -15.51
C GLN D 662 -21.02 3.91 -15.17
N ASN D 663 -21.39 4.26 -13.94
CA ASN D 663 -22.79 4.26 -13.55
C ASN D 663 -23.30 5.65 -13.19
N THR D 664 -22.47 6.69 -13.35
CA THR D 664 -22.97 8.05 -13.15
C THR D 664 -24.10 8.35 -14.13
N THR D 665 -23.88 8.05 -15.40
CA THR D 665 -24.97 7.87 -16.31
C THR D 665 -25.52 6.46 -16.10
N LEU D 666 -26.83 6.38 -15.86
CA LEU D 666 -27.42 5.21 -15.23
C LEU D 666 -27.15 3.93 -16.02
N GLY D 667 -26.91 2.84 -15.31
CA GLY D 667 -26.88 1.52 -15.90
C GLY D 667 -28.23 0.86 -15.79
N ALA D 668 -28.97 1.19 -14.73
CA ALA D 668 -30.38 0.86 -14.61
C ALA D 668 -31.12 2.11 -14.19
N THR D 669 -32.38 2.20 -14.59
CA THR D 669 -33.20 3.36 -14.23
C THR D 669 -33.34 3.46 -12.72
N GLN D 670 -33.75 2.37 -12.09
CA GLN D 670 -33.92 2.35 -10.65
C GLN D 670 -32.67 1.86 -9.93
N LEU D 671 -31.90 0.96 -10.54
CA LEU D 671 -30.67 0.43 -9.96
C LEU D 671 -30.91 -0.33 -8.67
N SER D 672 -32.16 -0.67 -8.37
CA SER D 672 -32.47 -1.43 -7.18
C SER D 672 -32.45 -2.92 -7.41
N GLU D 673 -32.30 -3.35 -8.66
CA GLU D 673 -32.21 -4.77 -8.93
C GLU D 673 -30.82 -5.29 -8.62
N ARG D 674 -29.82 -4.78 -9.33
CA ARG D 674 -28.49 -5.34 -9.30
C ARG D 674 -27.57 -4.50 -8.43
N PRO D 675 -27.01 -5.06 -7.38
CA PRO D 675 -25.75 -4.53 -6.87
C PRO D 675 -24.64 -5.11 -7.70
N ALA D 676 -24.07 -4.32 -8.61
CA ALA D 676 -22.86 -4.75 -9.29
C ALA D 676 -21.68 -4.17 -8.52
N CYS D 677 -21.41 -4.75 -7.35
CA CYS D 677 -20.40 -4.19 -6.47
C CYS D 677 -21.06 -3.07 -5.64
N VAL D 678 -22.39 -3.13 -5.55
CA VAL D 678 -23.25 -2.19 -4.82
C VAL D 678 -23.20 -0.75 -5.32
N LYS D 679 -22.95 -0.66 -6.63
CA LYS D 679 -22.88 0.56 -7.47
C LYS D 679 -21.95 1.66 -6.97
N LYS D 680 -20.75 1.29 -6.55
CA LYS D 680 -19.83 2.25 -5.99
C LYS D 680 -18.45 2.29 -6.61
N ASP D 681 -17.72 3.34 -6.22
CA ASP D 681 -16.40 3.64 -6.73
C ASP D 681 -15.30 3.10 -5.83
N TYR D 682 -15.63 2.12 -5.00
CA TYR D 682 -14.66 1.58 -4.04
C TYR D 682 -13.42 1.07 -4.74
N SER D 683 -13.56 0.38 -5.85
CA SER D 683 -12.34 -0.09 -6.50
C SER D 683 -11.47 1.05 -6.97
N ASN D 684 -12.03 2.22 -7.23
CA ASN D 684 -11.18 3.35 -7.54
C ASN D 684 -10.36 3.74 -6.34
N PHE D 685 -11.00 3.82 -5.18
CA PHE D 685 -10.32 4.27 -3.98
C PHE D 685 -9.30 3.26 -3.51
N MET D 686 -9.66 1.98 -3.48
CA MET D 686 -8.69 0.99 -3.07
C MET D 686 -7.62 0.80 -4.13
N ALA D 687 -8.00 0.89 -5.39
CA ALA D 687 -7.04 0.72 -6.47
C ALA D 687 -5.96 1.79 -6.40
N SER D 688 -6.38 3.05 -6.47
CA SER D 688 -5.41 4.13 -6.43
C SER D 688 -4.71 4.19 -5.09
N LEU D 689 -5.40 3.81 -4.02
CA LEU D 689 -4.80 3.88 -2.70
C LEU D 689 -3.66 2.88 -2.60
N ASN D 690 -3.93 1.65 -2.99
CA ASN D 690 -2.91 0.63 -2.96
C ASN D 690 -1.81 0.93 -3.95
N LEU D 691 -2.14 1.56 -5.07
CA LEU D 691 -1.10 1.96 -6.00
C LEU D 691 -0.16 2.94 -5.34
N ARG D 692 -0.71 3.95 -4.69
CA ARG D 692 0.10 4.95 -4.02
C ARG D 692 0.98 4.32 -2.97
N ASN D 693 0.41 3.45 -2.14
CA ASN D 693 1.22 2.82 -1.10
C ASN D 693 2.30 1.93 -1.70
N ARG D 694 1.95 1.11 -2.68
CA ARG D 694 2.92 0.15 -3.19
C ARG D 694 4.06 0.85 -3.92
N TYR D 695 3.73 1.76 -4.83
CA TYR D 695 4.79 2.35 -5.61
C TYR D 695 5.51 3.43 -4.83
N ALA D 696 4.88 4.01 -3.81
CA ALA D 696 5.66 4.76 -2.84
C ALA D 696 6.64 3.83 -2.13
N GLY D 697 6.23 2.60 -1.87
CA GLY D 697 7.14 1.66 -1.24
C GLY D 697 8.28 1.25 -2.14
N GLU D 698 7.98 0.98 -3.41
CA GLU D 698 9.03 0.60 -4.34
C GLU D 698 9.97 1.76 -4.61
N VAL D 699 9.43 2.98 -4.68
CA VAL D 699 10.30 4.13 -4.90
C VAL D 699 11.17 4.36 -3.68
N TYR D 700 10.63 4.13 -2.49
CA TYR D 700 11.44 4.25 -1.29
C TYR D 700 12.51 3.17 -1.25
N GLY D 701 12.16 1.95 -1.65
CA GLY D 701 13.15 0.89 -1.70
C GLY D 701 14.25 1.17 -2.70
N MET D 702 13.92 1.79 -3.82
CA MET D 702 14.95 2.18 -4.76
C MET D 702 15.78 3.34 -4.23
N ILE D 703 15.17 4.22 -3.43
CA ILE D 703 15.94 5.30 -2.83
C ILE D 703 16.92 4.76 -1.80
N ARG D 704 16.67 3.57 -1.27
CA ARG D 704 17.52 3.04 -0.22
C ARG D 704 18.95 2.82 -0.69
N PHE D 705 19.17 2.66 -1.99
CA PHE D 705 20.53 2.39 -2.46
C PHE D 705 21.07 3.57 -3.27
N ASP D 714 20.71 11.05 -11.55
CA ASP D 714 21.05 9.93 -10.68
C ASP D 714 20.03 8.81 -10.86
N LEU D 715 18.95 8.89 -10.10
CA LEU D 715 17.89 7.91 -10.17
C LEU D 715 16.72 8.40 -11.00
N ASN D 716 16.65 9.69 -11.30
CA ASN D 716 15.61 10.20 -12.18
C ASN D 716 15.78 9.67 -13.59
N LYS D 717 17.02 9.48 -14.04
CA LYS D 717 17.23 8.96 -15.37
C LYS D 717 16.73 7.53 -15.48
N MET D 718 16.71 6.79 -14.38
CA MET D 718 16.14 5.46 -14.41
C MET D 718 14.63 5.52 -14.64
N MET D 719 13.95 6.45 -13.97
CA MET D 719 12.52 6.56 -14.16
C MET D 719 12.19 7.05 -15.57
N VAL D 720 12.88 8.08 -16.04
CA VAL D 720 12.60 8.61 -17.36
C VAL D 720 12.91 7.57 -18.43
N GLN D 721 14.02 6.85 -18.27
CA GLN D 721 14.39 5.88 -19.29
C GLN D 721 13.49 4.65 -19.23
N ASP D 722 12.99 4.29 -18.05
CA ASP D 722 12.06 3.19 -17.98
C ASP D 722 10.70 3.56 -18.55
N LEU D 723 10.25 4.79 -18.30
CA LEU D 723 9.04 5.24 -18.95
C LEU D 723 9.22 5.29 -20.47
N HIS D 724 10.40 5.73 -20.92
CA HIS D 724 10.70 5.67 -22.34
C HIS D 724 10.58 4.24 -22.86
N SER D 725 11.14 3.27 -22.13
CA SER D 725 11.10 1.90 -22.62
C SER D 725 9.69 1.35 -22.61
N ALA D 726 8.88 1.70 -21.63
CA ALA D 726 7.53 1.18 -21.60
C ALA D 726 6.66 1.84 -22.66
N LEU D 727 6.92 3.10 -22.97
CA LEU D 727 6.19 3.73 -24.07
C LEU D 727 6.61 3.15 -25.41
N ASP D 728 7.91 3.00 -25.62
CA ASP D 728 8.40 2.52 -26.91
C ASP D 728 8.00 1.07 -27.13
N ARG D 729 8.06 0.27 -26.08
CA ARG D 729 7.56 -1.10 -26.17
C ARG D 729 6.05 -1.15 -26.15
N SER D 730 5.40 -0.10 -25.66
CA SER D 730 3.95 -0.05 -25.61
C SER D 730 3.40 -1.21 -24.78
N HIS D 731 4.11 -1.56 -23.73
CA HIS D 731 3.61 -2.52 -22.76
C HIS D 731 2.81 -1.77 -21.70
N PRO D 732 1.50 -2.00 -21.59
CA PRO D 732 0.71 -1.16 -20.69
C PRO D 732 1.08 -1.34 -19.23
N GLN D 733 1.32 -2.57 -18.79
CA GLN D 733 1.61 -2.79 -17.39
C GLN D 733 2.89 -2.09 -16.98
N HIS D 734 3.95 -2.22 -17.76
CA HIS D 734 5.17 -1.50 -17.45
C HIS D 734 4.98 0.00 -17.59
N TYR D 735 4.06 0.44 -18.43
CA TYR D 735 3.74 1.85 -18.48
C TYR D 735 3.19 2.31 -17.13
N THR D 736 2.19 1.59 -16.63
CA THR D 736 1.59 1.92 -15.34
C THR D 736 2.63 1.90 -14.23
N GLN D 737 3.41 0.82 -14.16
CA GLN D 737 4.39 0.66 -13.11
C GLN D 737 5.42 1.78 -13.18
N ALA D 738 5.94 2.04 -14.36
CA ALA D 738 6.98 3.03 -14.50
C ALA D 738 6.46 4.43 -14.22
N MET D 739 5.21 4.69 -14.55
CA MET D 739 4.69 6.03 -14.33
C MET D 739 4.36 6.28 -12.88
N PHE D 740 3.84 5.27 -12.18
CA PHE D 740 3.65 5.47 -10.75
C PHE D 740 4.97 5.60 -10.03
N LYS D 741 5.98 4.84 -10.46
CA LYS D 741 7.29 5.06 -9.87
C LYS D 741 7.80 6.45 -10.21
N LEU D 742 7.46 6.95 -11.40
CA LEU D 742 7.88 8.30 -11.76
C LEU D 742 7.24 9.32 -10.85
N THR D 743 5.94 9.16 -10.59
CA THR D 743 5.23 10.15 -9.79
C THR D 743 5.66 10.07 -8.34
N ALA D 744 5.87 8.87 -7.83
CA ALA D 744 6.35 8.73 -6.47
C ALA D 744 7.77 9.23 -6.34
N MET D 745 8.57 9.19 -7.40
CA MET D 745 9.84 9.87 -7.35
C MET D 745 9.63 11.38 -7.33
N LEU D 746 8.65 11.86 -8.09
CA LEU D 746 8.38 13.28 -8.12
C LEU D 746 7.93 13.79 -6.76
N ILE D 747 7.20 12.97 -6.01
CA ILE D 747 6.66 13.42 -4.74
C ILE D 747 7.78 13.60 -3.73
N SER D 748 8.46 12.51 -3.39
CA SER D 748 9.47 12.54 -2.33
C SER D 748 10.70 13.29 -2.83
N SER D 749 10.58 14.61 -2.86
CA SER D 749 11.65 15.45 -3.36
C SER D 749 11.44 16.86 -2.84
N LYS D 750 12.42 17.73 -3.11
CA LYS D 750 12.37 19.11 -2.64
C LYS D 750 11.58 20.01 -3.58
N ASP D 751 11.80 19.89 -4.88
CA ASP D 751 11.26 20.85 -5.83
C ASP D 751 10.77 20.10 -7.07
N CYS D 752 10.58 20.86 -8.15
CA CYS D 752 9.85 20.34 -9.30
C CYS D 752 10.70 19.39 -10.12
N ASP D 753 11.92 19.80 -10.47
CA ASP D 753 12.71 19.08 -11.46
C ASP D 753 11.90 18.95 -12.74
N PRO D 754 11.74 20.05 -13.48
CA PRO D 754 10.74 20.10 -14.57
C PRO D 754 10.96 19.09 -15.68
N GLN D 755 12.06 18.34 -15.69
CA GLN D 755 12.11 17.21 -16.59
C GLN D 755 11.14 16.12 -16.16
N LEU D 756 10.96 15.97 -14.85
CA LEU D 756 10.03 14.98 -14.36
C LEU D 756 8.60 15.47 -14.49
N LEU D 757 8.33 16.73 -14.13
CA LEU D 757 6.99 17.26 -14.28
C LEU D 757 6.61 17.35 -15.75
N HIS D 758 7.47 17.99 -16.54
CA HIS D 758 7.30 18.05 -17.98
C HIS D 758 7.08 16.67 -18.57
N HIS D 759 8.07 15.80 -18.40
CA HIS D 759 7.99 14.50 -19.04
C HIS D 759 6.85 13.65 -18.49
N LEU D 760 6.40 13.91 -17.27
CA LEU D 760 5.24 13.21 -16.76
C LEU D 760 3.97 13.69 -17.43
N CYS D 761 3.88 14.98 -17.69
CA CYS D 761 2.72 15.50 -18.41
C CYS D 761 2.73 15.04 -19.86
N TRP D 762 3.90 14.93 -20.47
CA TRP D 762 3.99 14.53 -21.87
C TRP D 762 4.12 13.02 -22.03
N GLY D 763 4.05 12.27 -20.95
CA GLY D 763 4.04 10.83 -21.01
C GLY D 763 2.89 10.24 -21.79
N PRO D 764 1.64 10.52 -21.38
CA PRO D 764 0.50 9.83 -21.98
C PRO D 764 0.28 10.16 -23.45
N LEU D 765 0.94 11.18 -23.99
CA LEU D 765 0.75 11.47 -25.40
C LEU D 765 1.36 10.41 -26.29
N ARG D 766 2.14 9.48 -25.74
CA ARG D 766 2.70 8.41 -26.53
C ARG D 766 1.99 7.08 -26.33
N MET D 767 1.26 6.91 -25.24
CA MET D 767 0.31 5.81 -25.09
C MET D 767 -1.05 6.46 -24.91
N PHE D 768 -1.65 6.86 -26.02
CA PHE D 768 -2.82 7.72 -25.98
C PHE D 768 -4.09 6.87 -26.07
N ASN D 769 -4.21 5.96 -25.12
CA ASN D 769 -5.31 5.02 -25.06
C ASN D 769 -6.21 5.37 -23.88
N GLU D 770 -7.18 4.50 -23.64
CA GLU D 770 -7.94 4.60 -22.40
C GLU D 770 -7.04 4.30 -21.21
N HIS D 771 -6.26 3.22 -21.31
CA HIS D 771 -5.47 2.77 -20.18
C HIS D 771 -4.42 3.80 -19.79
N GLY D 772 -3.67 4.29 -20.77
CA GLY D 772 -2.63 5.26 -20.48
C GLY D 772 -3.17 6.52 -19.87
N MET D 773 -4.38 6.91 -20.24
CA MET D 773 -4.97 8.11 -19.67
C MET D 773 -5.56 7.85 -18.29
N GLU D 774 -6.03 6.63 -18.02
CA GLU D 774 -6.46 6.35 -16.66
C GLU D 774 -5.28 6.36 -15.71
N THR D 775 -4.17 5.72 -16.10
CA THR D 775 -2.96 5.83 -15.31
C THR D 775 -2.53 7.29 -15.19
N ALA D 776 -2.70 8.06 -16.27
CA ALA D 776 -2.31 9.46 -16.25
C ALA D 776 -3.12 10.23 -15.22
N LEU D 777 -4.42 10.02 -15.18
CA LEU D 777 -5.25 10.77 -14.25
C LEU D 777 -5.05 10.30 -12.83
N ALA D 778 -4.66 9.04 -12.62
CA ALA D 778 -4.31 8.62 -11.27
C ALA D 778 -3.05 9.33 -10.80
N CYS D 779 -1.97 9.24 -11.58
CA CYS D 779 -0.72 9.85 -11.18
C CYS D 779 -0.86 11.36 -11.00
N TRP D 780 -1.58 12.03 -11.91
CA TRP D 780 -1.74 13.48 -11.81
C TRP D 780 -2.70 13.87 -10.72
N GLU D 781 -3.63 12.99 -10.38
CA GLU D 781 -4.41 13.24 -9.18
C GLU D 781 -3.49 13.23 -7.98
N TRP D 782 -2.58 12.25 -7.94
CA TRP D 782 -1.77 12.06 -6.76
C TRP D 782 -0.74 13.15 -6.59
N LEU D 783 -0.08 13.58 -7.66
CA LEU D 783 0.94 14.59 -7.44
C LEU D 783 0.36 15.97 -7.15
N LEU D 784 -0.91 16.21 -7.44
CA LEU D 784 -1.54 17.41 -6.92
C LEU D 784 -2.12 17.20 -5.54
N ALA D 785 -2.41 15.96 -5.16
CA ALA D 785 -2.88 15.73 -3.80
C ALA D 785 -1.73 15.71 -2.81
N GLY D 786 -0.53 15.35 -3.27
CA GLY D 786 0.55 14.99 -2.38
C GLY D 786 1.63 16.02 -2.18
N LYS D 787 2.12 16.63 -3.27
CA LYS D 787 3.24 17.54 -3.16
C LYS D 787 2.73 18.97 -3.15
N ASP D 788 3.35 19.80 -2.32
CA ASP D 788 2.82 21.13 -2.08
C ASP D 788 3.36 22.13 -3.10
N GLY D 789 2.50 23.08 -3.47
CA GLY D 789 2.93 24.19 -4.28
C GLY D 789 3.29 23.85 -5.71
N VAL D 790 2.74 22.76 -6.25
CA VAL D 790 3.06 22.31 -7.60
C VAL D 790 1.88 22.53 -8.53
N GLU D 791 0.82 23.19 -8.07
CA GLU D 791 -0.39 23.33 -8.86
C GLU D 791 -0.11 24.08 -10.17
N VAL D 792 0.29 25.34 -10.07
CA VAL D 792 0.35 26.22 -11.22
C VAL D 792 1.42 25.80 -12.22
N PRO D 793 2.60 25.33 -11.83
CA PRO D 793 3.50 24.82 -12.87
C PRO D 793 2.96 23.58 -13.53
N PHE D 794 2.26 22.74 -12.77
CA PHE D 794 1.63 21.58 -13.37
C PHE D 794 0.60 21.99 -14.41
N MET D 795 -0.25 22.95 -14.07
CA MET D 795 -1.29 23.33 -15.00
C MET D 795 -0.71 24.04 -16.21
N ARG D 796 0.38 24.79 -16.03
CA ARG D 796 1.04 25.38 -17.18
C ARG D 796 1.58 24.31 -18.10
N GLU D 797 2.33 23.36 -17.54
CA GLU D 797 2.91 22.29 -18.32
C GLU D 797 1.83 21.48 -19.03
N MET D 798 0.83 21.07 -18.27
CA MET D 798 -0.22 20.25 -18.84
C MET D 798 -0.98 21.01 -19.91
N ALA D 799 -1.20 22.30 -19.72
CA ALA D 799 -1.77 23.12 -20.77
C ALA D 799 -0.93 23.05 -22.02
N GLY D 800 0.40 23.03 -21.86
CA GLY D 800 1.26 22.78 -23.00
C GLY D 800 0.95 21.46 -23.67
N ALA D 801 0.76 20.41 -22.86
CA ALA D 801 0.48 19.10 -23.46
C ALA D 801 -0.82 19.12 -24.24
N TRP D 802 -1.89 19.63 -23.63
CA TRP D 802 -3.17 19.71 -24.30
C TRP D 802 -3.06 20.48 -25.59
N HIS D 803 -2.37 21.62 -25.56
CA HIS D 803 -2.27 22.42 -26.76
C HIS D 803 -1.45 21.73 -27.83
N MET D 804 -0.52 20.86 -27.47
CA MET D 804 0.15 20.11 -28.54
C MET D 804 -0.72 18.97 -29.05
N THR D 805 -1.66 18.48 -28.25
CA THR D 805 -2.64 17.56 -28.80
C THR D 805 -3.60 18.27 -29.74
N VAL D 806 -3.84 19.56 -29.51
CA VAL D 806 -4.52 20.37 -30.52
C VAL D 806 -3.63 20.51 -31.74
N GLU D 807 -2.37 20.83 -31.54
CA GLU D 807 -1.56 21.21 -32.68
C GLU D 807 -1.19 20.00 -33.52
N GLN D 808 -0.88 18.89 -32.86
CA GLN D 808 -0.51 17.69 -33.56
C GLN D 808 -1.73 16.90 -34.00
N LYS D 809 -2.92 17.34 -33.59
CA LYS D 809 -4.18 16.83 -34.12
C LYS D 809 -4.41 15.36 -33.76
N PHE D 810 -4.19 15.04 -32.49
CA PHE D 810 -4.62 13.75 -31.99
C PHE D 810 -6.12 13.74 -31.78
N GLY D 811 -6.73 12.59 -32.07
CA GLY D 811 -8.04 12.27 -31.55
C GLY D 811 -9.12 13.30 -31.85
N LEU D 812 -9.51 14.01 -30.79
CA LEU D 812 -10.57 15.00 -30.87
C LEU D 812 -10.29 16.04 -31.94
N PHE D 813 -9.03 16.42 -32.09
CA PHE D 813 -8.65 17.47 -33.03
C PHE D 813 -8.16 16.90 -34.35
N SER D 814 -8.49 15.65 -34.64
CA SER D 814 -8.12 15.09 -35.92
C SER D 814 -8.99 15.67 -37.03
N ALA D 815 -8.48 15.58 -38.25
CA ALA D 815 -9.27 16.01 -39.39
C ALA D 815 -10.39 15.02 -39.66
N GLU D 816 -11.42 15.49 -40.36
CA GLU D 816 -12.49 14.62 -40.78
C GLU D 816 -11.97 13.60 -41.79
N ILE D 817 -12.20 12.32 -41.52
CA ILE D 817 -11.87 11.30 -42.50
C ILE D 817 -12.89 11.35 -43.63
N LYS D 818 -12.41 11.33 -44.86
CA LYS D 818 -13.31 11.31 -46.01
C LYS D 818 -13.97 9.94 -46.09
N GLU D 819 -15.29 9.92 -45.90
CA GLU D 819 -16.05 8.68 -45.91
C GLU D 819 -16.67 8.46 -47.28
N ALA D 820 -16.58 7.23 -47.77
CA ALA D 820 -17.07 6.92 -49.10
C ALA D 820 -18.59 7.00 -49.14
N ASP D 821 -19.10 7.64 -50.18
CA ASP D 821 -20.54 7.74 -50.33
C ASP D 821 -21.13 6.36 -50.62
N PRO D 822 -22.27 6.03 -50.02
CA PRO D 822 -22.92 4.78 -50.36
C PRO D 822 -23.47 4.76 -51.77
N LEU D 823 -23.67 5.92 -52.38
CA LEU D 823 -24.28 5.97 -53.70
C LEU D 823 -23.29 5.69 -54.82
N ALA D 824 -22.00 5.92 -54.60
CA ALA D 824 -20.98 5.57 -55.55
C ALA D 824 -19.95 4.76 -54.79
N ALA D 825 -20.19 3.47 -54.69
CA ALA D 825 -19.38 2.58 -53.87
C ALA D 825 -18.67 1.60 -54.80
N SER D 826 -17.37 1.73 -54.89
CA SER D 826 -16.56 0.85 -55.72
C SER D 826 -15.69 -0.03 -54.84
N GLU D 827 -14.89 -0.86 -55.49
CA GLU D 827 -13.93 -1.67 -54.77
C GLU D 827 -12.89 -0.80 -54.07
N ALA D 828 -12.56 0.34 -54.65
CA ALA D 828 -11.53 1.18 -54.08
C ALA D 828 -12.02 1.89 -52.82
N SER D 829 -13.30 2.26 -52.79
CA SER D 829 -13.88 2.98 -51.66
C SER D 829 -15.15 2.25 -51.26
N GLN D 830 -15.02 1.28 -50.39
CA GLN D 830 -16.23 0.68 -49.85
C GLN D 830 -16.67 1.42 -48.60
N PRO D 831 -17.97 1.65 -48.45
CA PRO D 831 -18.45 2.47 -47.34
C PRO D 831 -18.33 1.74 -46.02
N LYS D 832 -17.67 2.37 -45.06
CA LYS D 832 -17.54 1.91 -43.70
C LYS D 832 -17.53 3.12 -42.79
N PRO D 833 -17.96 2.98 -41.55
CA PRO D 833 -17.97 4.13 -40.64
C PRO D 833 -16.57 4.47 -40.15
N CYS D 834 -16.26 5.77 -40.18
CA CYS D 834 -14.94 6.29 -39.79
C CYS D 834 -15.10 7.26 -38.63
N PRO D 835 -15.19 6.78 -37.41
CA PRO D 835 -15.28 7.67 -36.26
C PRO D 835 -13.91 7.98 -35.73
N PRO D 836 -13.74 9.13 -35.09
CA PRO D 836 -12.48 9.41 -34.39
C PRO D 836 -12.41 8.66 -33.07
N GLU D 837 -11.22 8.63 -32.50
CA GLU D 837 -10.97 8.01 -31.20
C GLU D 837 -10.78 9.14 -30.19
N VAL D 838 -11.84 9.45 -29.45
CA VAL D 838 -11.85 10.63 -28.59
C VAL D 838 -11.97 10.26 -27.11
N THR D 839 -11.86 8.98 -26.77
CA THR D 839 -11.99 8.60 -25.36
C THR D 839 -10.91 9.23 -24.49
N PRO D 840 -9.63 9.16 -24.83
CA PRO D 840 -8.62 9.83 -23.99
C PRO D 840 -8.86 11.32 -23.85
N HIS D 841 -9.21 12.02 -24.93
CA HIS D 841 -9.70 13.37 -24.74
C HIS D 841 -10.92 13.37 -23.84
N TYR D 842 -11.72 12.32 -23.90
CA TYR D 842 -12.98 12.31 -23.19
C TYR D 842 -12.76 12.36 -21.69
N ILE D 843 -11.86 11.53 -21.17
CA ILE D 843 -11.59 11.59 -19.74
C ILE D 843 -10.64 12.70 -19.37
N TRP D 844 -9.78 13.14 -20.30
CA TRP D 844 -9.06 14.38 -20.07
C TRP D 844 -10.02 15.46 -19.65
N ILE D 845 -10.98 15.79 -20.51
CA ILE D 845 -11.82 16.96 -20.31
C ILE D 845 -12.58 16.86 -19.01
N ASP D 846 -12.91 15.65 -18.59
CA ASP D 846 -13.43 15.46 -17.25
C ASP D 846 -12.42 15.94 -16.22
N PHE D 847 -11.14 15.58 -16.40
CA PHE D 847 -10.13 16.03 -15.46
C PHE D 847 -10.05 17.55 -15.41
N LEU D 848 -10.08 18.18 -16.58
CA LEU D 848 -10.11 19.63 -16.61
C LEU D 848 -11.32 20.17 -15.87
N VAL D 849 -12.45 19.50 -15.99
CA VAL D 849 -13.67 19.98 -15.34
C VAL D 849 -13.48 19.99 -13.84
N GLN D 850 -12.87 18.95 -13.29
CA GLN D 850 -12.60 18.97 -11.86
C GLN D 850 -11.65 20.11 -11.52
N ARG D 851 -10.54 20.23 -12.27
CA ARG D 851 -9.52 21.19 -11.86
C ARG D 851 -9.99 22.63 -11.96
N PHE D 852 -10.83 22.97 -12.93
CA PHE D 852 -11.43 24.29 -12.88
C PHE D 852 -12.50 24.37 -11.81
N GLU D 853 -13.14 23.25 -11.50
CA GLU D 853 -14.12 23.24 -10.43
C GLU D 853 -13.49 23.59 -9.10
N ILE D 854 -12.18 23.37 -8.94
CA ILE D 854 -11.49 23.89 -7.77
C ILE D 854 -10.73 25.18 -8.05
N ALA D 855 -10.43 25.47 -9.30
CA ALA D 855 -9.65 26.66 -9.61
C ALA D 855 -10.49 27.92 -9.58
N LYS D 856 -11.81 27.81 -9.81
CA LYS D 856 -12.65 28.98 -9.74
C LYS D 856 -12.68 29.59 -8.35
N TYR D 857 -12.40 28.78 -7.32
CA TYR D 857 -12.23 29.29 -5.97
C TYR D 857 -10.78 29.43 -5.57
N CYS D 858 -9.91 28.58 -6.10
CA CYS D 858 -8.57 28.47 -5.54
C CYS D 858 -7.70 29.64 -5.96
N SER D 859 -7.47 29.80 -7.26
CA SER D 859 -6.44 30.71 -7.75
C SER D 859 -6.97 31.56 -8.89
N SER D 860 -6.30 32.69 -9.09
CA SER D 860 -6.50 33.49 -10.28
C SER D 860 -5.38 33.32 -11.31
N ASP D 861 -4.23 32.82 -10.88
CA ASP D 861 -3.18 32.42 -11.81
C ASP D 861 -3.61 31.21 -12.61
N GLN D 862 -4.34 30.30 -11.98
CA GLN D 862 -4.73 29.05 -12.60
C GLN D 862 -5.77 29.29 -13.69
N VAL D 863 -6.76 30.13 -13.38
CA VAL D 863 -7.87 30.34 -14.31
C VAL D 863 -7.37 30.95 -15.60
N GLU D 864 -6.35 31.81 -15.53
CA GLU D 864 -5.82 32.37 -16.76
C GLU D 864 -5.15 31.30 -17.61
N ILE D 865 -4.50 30.33 -16.97
CA ILE D 865 -3.96 29.23 -17.74
C ILE D 865 -5.08 28.46 -18.41
N PHE D 866 -6.22 28.32 -17.74
CA PHE D 866 -7.33 27.65 -18.38
C PHE D 866 -7.85 28.44 -19.58
N SER D 867 -8.01 29.76 -19.42
CA SER D 867 -8.49 30.57 -20.53
C SER D 867 -7.52 30.53 -21.70
N SER D 868 -6.22 30.38 -21.42
CA SER D 868 -5.28 30.17 -22.51
C SER D 868 -5.49 28.81 -23.15
N LEU D 869 -5.80 27.80 -22.33
CA LEU D 869 -5.97 26.47 -22.87
C LEU D 869 -7.16 26.41 -23.81
N LEU D 870 -8.33 26.79 -23.33
CA LEU D 870 -9.52 26.73 -24.18
C LEU D 870 -9.45 27.75 -25.29
N GLN D 871 -8.98 28.95 -24.97
CA GLN D 871 -8.96 30.03 -25.94
C GLN D 871 -7.93 29.81 -27.03
N ARG D 872 -6.91 28.98 -26.78
CA ARG D 872 -6.05 28.53 -27.87
C ARG D 872 -6.62 27.33 -28.58
N SER D 873 -7.39 26.50 -27.87
CA SER D 873 -7.99 25.34 -28.50
C SER D 873 -9.03 25.77 -29.54
N MET D 874 -10.08 26.44 -29.09
CA MET D 874 -11.19 26.78 -29.96
C MET D 874 -10.75 27.74 -31.05
N SER D 875 -11.57 27.83 -32.10
CA SER D 875 -11.26 28.70 -33.22
C SER D 875 -12.52 29.34 -33.77
N LEU D 876 -12.36 30.55 -34.28
CA LEU D 876 -13.42 31.32 -34.91
C LEU D 876 -13.60 30.95 -36.38
N ASN D 877 -12.84 29.97 -36.86
CA ASN D 877 -12.89 29.59 -38.27
C ASN D 877 -14.21 28.89 -38.54
N ILE D 878 -15.20 29.68 -38.94
CA ILE D 878 -16.62 29.33 -38.77
C ILE D 878 -16.98 28.02 -39.43
N GLY D 879 -16.26 27.62 -40.47
CA GLY D 879 -16.57 26.36 -41.09
C GLY D 879 -15.90 26.21 -42.44
N GLY D 880 -16.26 25.12 -43.10
CA GLY D 880 -15.69 24.79 -44.38
C GLY D 880 -14.39 24.04 -44.21
N ALA D 881 -14.36 23.09 -43.29
CA ALA D 881 -13.17 22.27 -43.04
C ALA D 881 -12.00 23.08 -42.50
N LYS D 882 -12.29 24.26 -41.96
CA LYS D 882 -11.26 25.12 -41.39
C LYS D 882 -11.35 25.18 -39.87
N GLY D 883 -12.26 24.43 -39.27
CA GLY D 883 -12.47 24.50 -37.84
C GLY D 883 -11.37 23.82 -37.05
N SER D 884 -11.54 23.85 -35.73
CA SER D 884 -10.56 23.31 -34.80
C SER D 884 -10.88 21.87 -34.42
N MET D 885 -12.13 21.61 -34.03
CA MET D 885 -12.58 20.29 -33.61
C MET D 885 -13.49 19.70 -34.69
N ASN D 886 -13.28 18.42 -35.01
CA ASN D 886 -14.00 17.88 -36.14
C ASN D 886 -15.48 17.70 -35.82
N ARG D 887 -16.27 17.60 -36.87
CA ARG D 887 -17.72 17.67 -36.78
C ARG D 887 -18.38 16.30 -36.68
N HIS D 888 -17.60 15.23 -36.49
CA HIS D 888 -18.19 13.91 -36.43
C HIS D 888 -18.99 13.77 -35.15
N VAL D 889 -19.93 12.82 -35.17
CA VAL D 889 -20.86 12.65 -34.06
C VAL D 889 -20.28 11.79 -32.94
N ALA D 890 -19.20 11.08 -33.20
CA ALA D 890 -18.57 10.35 -32.11
C ALA D 890 -17.82 11.28 -31.19
N ALA D 891 -17.44 12.46 -31.66
CA ALA D 891 -16.59 13.37 -30.91
C ALA D 891 -17.39 14.43 -30.18
N ILE D 892 -18.72 14.38 -30.23
CA ILE D 892 -19.51 15.37 -29.52
C ILE D 892 -19.41 15.20 -28.01
N GLY D 893 -19.04 14.02 -27.54
CA GLY D 893 -18.88 13.77 -26.13
C GLY D 893 -17.84 14.68 -25.51
N PRO D 894 -16.63 14.70 -26.08
CA PRO D 894 -15.65 15.69 -25.64
C PRO D 894 -16.07 17.11 -26.00
N ARG D 895 -16.57 17.31 -27.20
CA ARG D 895 -16.69 18.63 -27.80
C ARG D 895 -17.48 19.62 -26.97
N PHE D 896 -18.78 19.38 -26.84
CA PHE D 896 -19.62 20.29 -26.10
C PHE D 896 -19.30 20.27 -24.62
N LYS D 897 -18.62 19.22 -24.16
CA LYS D 897 -18.15 19.21 -22.79
C LYS D 897 -17.10 20.29 -22.57
N LEU D 898 -16.08 20.30 -23.43
CA LEU D 898 -15.06 21.33 -23.39
C LEU D 898 -15.68 22.72 -23.55
N LEU D 899 -16.62 22.84 -24.48
CA LEU D 899 -17.33 24.11 -24.60
C LEU D 899 -18.07 24.45 -23.32
N THR D 900 -18.58 23.43 -22.64
CA THR D 900 -19.25 23.64 -21.36
C THR D 900 -18.29 24.23 -20.35
N LEU D 901 -17.07 23.70 -20.32
CA LEU D 901 -16.02 24.30 -19.51
C LEU D 901 -15.83 25.75 -19.88
N GLY D 902 -15.84 26.05 -21.18
CA GLY D 902 -15.73 27.43 -21.60
C GLY D 902 -16.84 28.29 -21.05
N LEU D 903 -18.06 27.77 -21.07
CA LEU D 903 -19.18 28.53 -20.52
C LEU D 903 -18.98 28.80 -19.05
N SER D 904 -18.56 27.79 -18.30
CA SER D 904 -18.36 28.00 -16.87
C SER D 904 -17.25 28.99 -16.59
N LEU D 905 -16.17 28.94 -17.37
CA LEU D 905 -15.14 29.95 -17.23
C LEU D 905 -15.67 31.32 -17.56
N LEU D 906 -16.73 31.40 -18.37
CA LEU D 906 -17.36 32.67 -18.69
C LEU D 906 -18.45 33.06 -17.71
N HIS D 907 -18.90 32.16 -16.85
CA HIS D 907 -19.94 32.47 -15.87
C HIS D 907 -19.39 32.85 -14.51
N ALA D 908 -18.30 32.21 -14.11
CA ALA D 908 -17.77 32.42 -12.76
C ALA D 908 -17.14 33.78 -12.58
N ASP D 909 -17.11 34.62 -13.61
CA ASP D 909 -16.72 36.02 -13.49
C ASP D 909 -15.32 36.12 -12.91
N VAL D 910 -14.41 35.34 -13.47
CA VAL D 910 -13.00 35.39 -13.09
C VAL D 910 -12.20 36.28 -14.02
N VAL D 911 -12.47 36.24 -15.31
CA VAL D 911 -11.80 37.13 -16.25
C VAL D 911 -12.32 38.55 -16.02
N PRO D 912 -11.45 39.48 -15.69
CA PRO D 912 -11.90 40.82 -15.33
C PRO D 912 -12.52 41.58 -16.49
N ASN D 913 -11.82 41.67 -17.61
CA ASN D 913 -12.27 42.63 -18.60
C ASN D 913 -13.35 42.04 -19.49
N ALA D 914 -14.07 42.93 -20.16
CA ALA D 914 -15.11 42.52 -21.09
C ALA D 914 -14.56 42.11 -22.45
N THR D 915 -13.35 42.53 -22.79
CA THR D 915 -12.81 42.17 -24.10
C THR D 915 -12.49 40.70 -24.18
N ILE D 916 -11.74 40.19 -23.22
CA ILE D 916 -11.40 38.78 -23.26
C ILE D 916 -12.65 37.93 -23.11
N ARG D 917 -13.64 38.46 -22.39
CA ARG D 917 -14.94 37.81 -22.35
C ARG D 917 -15.58 37.81 -23.73
N ASN D 918 -15.39 38.88 -24.49
CA ASN D 918 -16.03 38.94 -25.81
C ASN D 918 -15.32 38.03 -26.80
N VAL D 919 -14.01 37.91 -26.67
CA VAL D 919 -13.24 37.06 -27.57
C VAL D 919 -13.53 35.61 -27.30
N LEU D 920 -13.23 35.17 -26.08
CA LEU D 920 -13.53 33.80 -25.67
C LEU D 920 -15.00 33.49 -25.90
N ARG D 921 -15.86 34.46 -25.65
CA ARG D 921 -17.28 34.28 -25.86
C ARG D 921 -17.56 33.98 -27.33
N GLU D 922 -17.07 34.84 -28.22
CA GLU D 922 -17.34 34.65 -29.64
C GLU D 922 -16.75 33.36 -30.16
N LYS D 923 -15.60 32.93 -29.63
CA LYS D 923 -15.05 31.65 -30.06
C LYS D 923 -15.93 30.50 -29.62
N ILE D 924 -16.45 30.54 -28.39
CA ILE D 924 -17.35 29.48 -27.95
C ILE D 924 -18.58 29.43 -28.84
N TYR D 925 -19.21 30.58 -29.06
CA TYR D 925 -20.41 30.59 -29.87
C TYR D 925 -20.11 30.26 -31.33
N SER D 926 -18.86 30.31 -31.75
CA SER D 926 -18.53 29.96 -33.11
C SER D 926 -18.01 28.55 -33.27
N THR D 927 -17.71 27.86 -32.17
CA THR D 927 -17.25 26.49 -32.35
C THR D 927 -18.41 25.53 -32.53
N ALA D 928 -19.53 25.75 -31.84
CA ALA D 928 -20.71 24.96 -32.13
C ALA D 928 -21.24 25.28 -33.52
N PHE D 929 -21.22 26.55 -33.91
CA PHE D 929 -21.48 26.90 -35.29
C PHE D 929 -20.49 26.24 -36.22
N ASP D 930 -19.29 25.92 -35.74
CA ASP D 930 -18.41 25.06 -36.52
C ASP D 930 -18.97 23.65 -36.57
N TYR D 931 -19.60 23.19 -35.50
CA TYR D 931 -20.08 21.82 -35.46
C TYR D 931 -21.17 21.58 -36.48
N PHE D 932 -22.21 22.41 -36.45
CA PHE D 932 -23.36 22.11 -37.28
C PHE D 932 -23.11 22.30 -38.77
N SER D 933 -21.91 22.73 -39.16
CA SER D 933 -21.60 22.96 -40.56
C SER D 933 -21.54 21.69 -41.39
N CYS D 934 -21.62 20.53 -40.76
CA CYS D 934 -21.38 19.25 -41.41
C CYS D 934 -22.70 18.62 -41.83
N PRO D 935 -22.69 17.71 -42.81
CA PRO D 935 -23.85 16.87 -43.05
C PRO D 935 -24.18 16.07 -41.81
N PRO D 936 -25.43 16.15 -41.34
CA PRO D 936 -25.80 15.44 -40.12
C PRO D 936 -25.76 13.94 -40.34
N LYS D 937 -25.03 13.24 -39.48
CA LYS D 937 -24.86 11.80 -39.60
C LYS D 937 -25.14 11.15 -38.25
N PHE D 938 -25.03 9.87 -38.20
CA PHE D 938 -25.42 9.12 -37.04
C PHE D 938 -24.20 8.61 -36.29
N PRO D 939 -24.36 8.42 -34.97
CA PRO D 939 -23.20 8.49 -34.07
C PRO D 939 -22.24 7.32 -34.15
N THR D 940 -22.64 6.17 -34.67
CA THR D 940 -21.83 4.93 -34.69
C THR D 940 -21.10 4.71 -33.36
N GLN D 941 -21.89 4.61 -32.31
CA GLN D 941 -21.37 4.39 -30.97
C GLN D 941 -22.09 3.23 -30.31
N GLY D 942 -21.52 2.78 -29.20
CA GLY D 942 -22.25 1.93 -28.31
C GLY D 942 -23.33 2.71 -27.59
N GLU D 943 -24.25 1.98 -26.97
CA GLU D 943 -25.38 2.62 -26.33
C GLU D 943 -24.98 3.31 -25.04
N LYS D 944 -24.37 2.57 -24.13
CA LYS D 944 -24.03 3.11 -22.83
C LYS D 944 -22.83 4.03 -22.87
N ARG D 945 -22.10 4.07 -23.97
CA ARG D 945 -21.09 5.10 -24.17
C ARG D 945 -21.68 6.34 -24.81
N LEU D 946 -22.86 6.22 -25.38
CA LEU D 946 -23.52 7.37 -25.99
C LEU D 946 -24.47 8.06 -25.04
N ARG D 947 -25.01 7.34 -24.06
CA ARG D 947 -25.82 7.96 -23.01
C ARG D 947 -25.10 9.13 -22.37
N GLU D 948 -23.82 8.94 -22.05
CA GLU D 948 -23.06 10.02 -21.44
C GLU D 948 -22.94 11.21 -22.39
N ASP D 949 -22.80 10.97 -23.69
CA ASP D 949 -22.61 12.09 -24.60
C ASP D 949 -23.89 12.89 -24.71
N ILE D 950 -25.03 12.20 -24.80
CA ILE D 950 -26.28 12.93 -24.83
C ILE D 950 -26.52 13.66 -23.51
N SER D 951 -26.06 13.08 -22.40
CA SER D 951 -26.06 13.83 -21.15
C SER D 951 -25.23 15.09 -21.28
N ILE D 952 -24.11 15.02 -22.01
CA ILE D 952 -23.24 16.17 -22.13
C ILE D 952 -23.88 17.24 -22.99
N MET D 953 -24.52 16.84 -24.08
CA MET D 953 -25.20 17.84 -24.88
C MET D 953 -26.39 18.42 -24.13
N ILE D 954 -27.03 17.64 -23.27
CA ILE D 954 -28.09 18.20 -22.45
C ILE D 954 -27.53 19.23 -21.50
N LYS D 955 -26.40 18.92 -20.86
CA LYS D 955 -25.77 19.88 -19.99
C LYS D 955 -25.32 21.12 -20.75
N PHE D 956 -24.92 20.95 -22.00
CA PHE D 956 -24.45 22.09 -22.75
C PHE D 956 -25.60 22.95 -23.24
N TRP D 957 -26.73 22.35 -23.60
CA TRP D 957 -27.89 23.16 -23.93
C TRP D 957 -28.43 23.84 -22.69
N THR D 958 -28.27 23.23 -21.52
CA THR D 958 -28.72 23.89 -20.30
C THR D 958 -27.81 25.07 -19.97
N ALA D 959 -26.50 24.82 -19.90
CA ALA D 959 -25.57 25.89 -19.59
C ALA D 959 -25.62 27.00 -20.64
N MET D 960 -25.80 26.63 -21.90
CA MET D 960 -26.02 27.63 -22.92
C MET D 960 -27.33 28.36 -22.71
N PHE D 961 -28.34 27.64 -22.22
CA PHE D 961 -29.67 28.19 -22.18
C PHE D 961 -29.83 29.19 -21.05
N SER D 962 -29.16 28.98 -19.94
CA SER D 962 -29.12 29.98 -18.89
C SER D 962 -28.15 31.10 -19.22
N ASP D 963 -27.23 30.88 -20.16
CA ASP D 963 -26.29 31.92 -20.57
C ASP D 963 -27.06 32.97 -21.36
N LYS D 964 -27.73 33.85 -20.63
CA LYS D 964 -28.36 35.04 -21.21
C LYS D 964 -27.79 36.24 -20.47
N LYS D 965 -26.83 36.91 -21.09
CA LYS D 965 -26.21 38.08 -20.50
C LYS D 965 -26.02 39.19 -21.51
N ARG D 1023 -22.91 51.32 -28.03
CA ARG D 1023 -22.59 50.31 -29.04
C ARG D 1023 -22.65 48.91 -28.44
N GLY D 1024 -22.69 48.84 -27.10
CA GLY D 1024 -22.69 47.55 -26.45
C GLY D 1024 -23.97 46.78 -26.63
N SER D 1025 -25.11 47.49 -26.68
CA SER D 1025 -26.36 46.81 -26.93
C SER D 1025 -26.41 46.20 -28.33
N GLN D 1026 -25.65 46.75 -29.27
CA GLN D 1026 -25.52 46.11 -30.56
C GLN D 1026 -24.84 44.76 -30.43
N LEU D 1027 -23.87 44.65 -29.52
CA LEU D 1027 -23.22 43.36 -29.31
C LEU D 1027 -24.11 42.41 -28.54
N HIS D 1028 -24.90 42.92 -27.61
CA HIS D 1028 -25.88 42.08 -26.94
C HIS D 1028 -26.88 41.52 -27.95
N LYS D 1029 -27.30 42.36 -28.89
CA LYS D 1029 -28.07 41.88 -30.02
C LYS D 1029 -27.29 40.80 -30.76
N TYR D 1030 -26.00 41.06 -30.99
CA TYR D 1030 -25.17 40.24 -31.87
C TYR D 1030 -25.02 38.83 -31.33
N TYR D 1031 -24.67 38.70 -30.05
CA TYR D 1031 -24.57 37.39 -29.45
C TYR D 1031 -25.93 36.79 -29.15
N MET D 1032 -26.92 37.63 -28.83
CA MET D 1032 -28.21 37.09 -28.43
C MET D 1032 -28.87 36.32 -29.56
N LYS D 1033 -28.89 36.91 -30.75
CA LYS D 1033 -29.47 36.20 -31.89
C LYS D 1033 -28.78 34.87 -32.13
N ARG D 1034 -27.45 34.88 -32.10
CA ARG D 1034 -26.69 33.66 -32.34
C ARG D 1034 -27.01 32.61 -31.30
N ARG D 1035 -27.21 33.00 -30.04
CA ARG D 1035 -27.56 32.00 -29.05
C ARG D 1035 -28.98 31.50 -29.21
N THR D 1036 -29.86 32.31 -29.76
CA THR D 1036 -31.13 31.73 -30.20
C THR D 1036 -30.87 30.61 -31.19
N LEU D 1037 -29.92 30.84 -32.10
CA LEU D 1037 -29.67 29.81 -33.10
C LEU D 1037 -29.09 28.55 -32.48
N LEU D 1038 -28.16 28.70 -31.53
CA LEU D 1038 -27.61 27.51 -30.88
C LEU D 1038 -28.67 26.74 -30.11
N LEU D 1039 -29.55 27.45 -29.40
CA LEU D 1039 -30.64 26.78 -28.71
C LEU D 1039 -31.47 25.95 -29.67
N SER D 1040 -31.81 26.54 -30.82
CA SER D 1040 -32.60 25.81 -31.80
C SER D 1040 -31.86 24.57 -32.29
N LEU D 1041 -30.62 24.75 -32.74
CA LEU D 1041 -29.88 23.64 -33.35
C LEU D 1041 -29.63 22.54 -32.33
N LEU D 1042 -29.19 22.90 -31.14
CA LEU D 1042 -28.93 21.90 -30.11
C LEU D 1042 -30.21 21.18 -29.71
N ALA D 1043 -31.33 21.88 -29.68
CA ALA D 1043 -32.61 21.20 -29.50
C ALA D 1043 -32.78 20.14 -30.56
N THR D 1044 -32.49 20.50 -31.81
CA THR D 1044 -32.61 19.57 -32.91
C THR D 1044 -31.75 18.34 -32.71
N GLU D 1045 -30.48 18.52 -32.39
CA GLU D 1045 -29.61 17.36 -32.33
C GLU D 1045 -29.86 16.52 -31.09
N ILE D 1046 -30.26 17.14 -29.98
CA ILE D 1046 -30.63 16.38 -28.80
C ILE D 1046 -31.80 15.47 -29.11
N GLU D 1047 -32.85 16.03 -29.71
CA GLU D 1047 -33.98 15.18 -30.04
C GLU D 1047 -33.60 14.13 -31.07
N ARG D 1048 -32.63 14.46 -31.93
CA ARG D 1048 -32.22 13.52 -32.97
C ARG D 1048 -31.56 12.30 -32.35
N LEU D 1049 -30.53 12.50 -31.54
CA LEU D 1049 -29.81 11.36 -30.99
C LEU D 1049 -30.63 10.63 -29.94
N ILE D 1050 -31.39 11.39 -29.14
CA ILE D 1050 -32.27 10.76 -28.18
C ILE D 1050 -33.29 9.91 -28.91
N THR D 1051 -33.64 10.31 -30.12
CA THR D 1051 -34.38 9.41 -30.97
C THR D 1051 -33.51 8.22 -31.36
N TRP D 1052 -32.20 8.41 -31.52
CA TRP D 1052 -31.40 7.36 -32.14
C TRP D 1052 -31.19 6.10 -31.30
N TYR D 1053 -30.74 6.24 -30.05
CA TYR D 1053 -30.54 5.04 -29.19
C TYR D 1053 -31.75 4.35 -28.55
N ASN D 1054 -32.84 5.06 -28.33
CA ASN D 1054 -33.97 4.41 -27.72
C ASN D 1054 -35.12 4.60 -28.66
N PRO D 1055 -35.07 3.88 -29.79
CA PRO D 1055 -36.14 3.96 -30.79
C PRO D 1055 -37.33 3.08 -30.48
N LEU D 1056 -37.15 2.02 -29.70
CA LEU D 1056 -38.17 0.98 -29.58
C LEU D 1056 -39.44 1.56 -28.99
N SER D 1057 -39.39 1.92 -27.72
CA SER D 1057 -40.47 2.63 -27.05
C SER D 1057 -39.85 3.85 -26.41
N ALA D 1058 -40.14 5.03 -26.96
CA ALA D 1058 -39.28 6.19 -26.82
C ALA D 1058 -39.15 6.65 -25.36
N PRO D 1059 -40.22 6.81 -24.61
CA PRO D 1059 -40.09 7.13 -23.17
C PRO D 1059 -40.19 5.93 -22.23
N GLU D 1060 -40.23 4.71 -22.73
CA GLU D 1060 -40.56 3.58 -21.87
C GLU D 1060 -39.42 3.25 -20.92
N LEU D 1061 -38.26 2.95 -21.45
CA LEU D 1061 -37.12 2.53 -20.64
C LEU D 1061 -35.97 3.49 -20.86
N GLU D 1062 -34.96 3.38 -19.98
CA GLU D 1062 -33.73 4.16 -20.02
C GLU D 1062 -34.03 5.64 -20.22
N LEU D 1063 -34.89 6.15 -19.36
CA LEU D 1063 -35.21 7.57 -19.35
C LEU D 1063 -33.99 8.35 -18.84
N ASP D 1064 -33.72 9.45 -19.53
CA ASP D 1064 -32.61 10.36 -19.26
C ASP D 1064 -32.85 11.52 -18.28
N GLN D 1065 -31.76 12.16 -17.87
CA GLN D 1065 -31.80 13.26 -16.94
C GLN D 1065 -32.89 14.26 -17.29
N ALA D 1066 -33.53 14.80 -16.27
CA ALA D 1066 -34.56 15.79 -16.48
C ALA D 1066 -33.96 17.05 -17.10
N GLY D 1067 -34.83 17.94 -17.56
CA GLY D 1067 -34.42 19.12 -18.27
C GLY D 1067 -34.57 19.02 -19.77
N GLU D 1068 -34.75 17.82 -20.29
CA GLU D 1068 -35.08 17.71 -21.70
C GLU D 1068 -36.47 18.24 -21.99
N ASN D 1069 -37.32 18.31 -20.96
CA ASN D 1069 -38.59 18.97 -21.12
C ASN D 1069 -38.40 20.42 -21.54
N SER D 1070 -37.37 21.08 -21.01
CA SER D 1070 -37.07 22.41 -21.49
C SER D 1070 -36.64 22.38 -22.94
N VAL D 1071 -35.93 21.33 -23.34
CA VAL D 1071 -35.52 21.22 -24.73
C VAL D 1071 -36.74 21.14 -25.63
N ALA D 1072 -37.69 20.26 -25.30
CA ALA D 1072 -38.94 20.21 -26.06
C ALA D 1072 -39.66 21.55 -26.02
N ASN D 1073 -39.54 22.26 -24.91
CA ASN D 1073 -40.21 23.55 -24.79
C ASN D 1073 -39.67 24.53 -25.82
N TRP D 1074 -38.35 24.73 -25.83
CA TRP D 1074 -37.75 25.59 -26.82
C TRP D 1074 -38.07 25.09 -28.23
N ARG D 1075 -38.08 23.77 -28.41
CA ARG D 1075 -38.36 23.16 -29.70
C ARG D 1075 -39.72 23.61 -30.24
N SER D 1076 -40.75 23.45 -29.40
CA SER D 1076 -42.07 23.97 -29.75
C SER D 1076 -42.02 25.47 -29.96
N LYS D 1077 -41.20 26.16 -29.18
CA LYS D 1077 -41.17 27.62 -29.26
C LYS D 1077 -40.69 28.10 -30.61
N TYR D 1078 -39.74 27.41 -31.24
CA TYR D 1078 -39.34 27.83 -32.58
C TYR D 1078 -40.05 27.07 -33.69
N ILE D 1079 -40.86 26.07 -33.36
CA ILE D 1079 -41.74 25.51 -34.38
C ILE D 1079 -42.86 26.49 -34.71
N SER D 1080 -43.48 27.03 -33.67
CA SER D 1080 -44.79 27.66 -33.82
C SER D 1080 -44.77 28.90 -34.70
N LEU D 1081 -43.62 29.56 -34.85
CA LEU D 1081 -43.62 30.75 -35.66
C LEU D 1081 -43.67 30.40 -37.13
N SER D 1082 -44.18 31.34 -37.91
CA SER D 1082 -44.40 31.12 -39.33
C SER D 1082 -43.21 31.64 -40.12
N GLU D 1083 -43.37 31.71 -41.45
CA GLU D 1083 -42.24 31.98 -42.34
C GLU D 1083 -41.64 33.36 -42.12
N LYS D 1084 -42.43 34.32 -41.66
CA LYS D 1084 -41.91 35.65 -41.41
C LYS D 1084 -41.07 35.64 -40.14
N GLN D 1085 -39.87 36.22 -40.22
CA GLN D 1085 -38.86 36.09 -39.19
C GLN D 1085 -38.54 34.63 -38.90
N TRP D 1086 -38.69 33.80 -39.91
CA TRP D 1086 -37.92 32.57 -39.99
C TRP D 1086 -36.94 32.60 -41.14
N LYS D 1087 -37.22 33.38 -42.18
CA LYS D 1087 -36.27 33.62 -43.25
C LYS D 1087 -35.09 34.44 -42.76
N ASP D 1088 -35.29 35.28 -41.74
CA ASP D 1088 -34.19 36.06 -41.20
C ASP D 1088 -33.27 35.23 -40.31
N ASN D 1089 -33.75 34.11 -39.78
CA ASN D 1089 -32.83 33.18 -39.16
C ASN D 1089 -31.92 32.56 -40.20
N VAL D 1090 -32.44 32.33 -41.40
CA VAL D 1090 -31.58 31.86 -42.48
C VAL D 1090 -30.70 32.99 -42.99
N ASN D 1091 -31.13 34.24 -42.85
CA ASN D 1091 -30.28 35.35 -43.27
C ASN D 1091 -29.11 35.51 -42.31
N LEU D 1092 -29.41 35.54 -41.01
CA LEU D 1092 -28.34 35.58 -40.03
C LEU D 1092 -27.43 34.37 -40.17
N ALA D 1093 -28.03 33.18 -40.26
CA ALA D 1093 -27.23 31.98 -40.42
C ALA D 1093 -26.40 32.02 -41.69
N TRP D 1094 -26.86 32.75 -42.70
CA TRP D 1094 -26.02 33.00 -43.85
C TRP D 1094 -24.86 33.91 -43.50
N SER D 1095 -25.13 34.98 -42.76
CA SER D 1095 -24.08 35.94 -42.42
C SER D 1095 -23.03 35.32 -41.53
N ILE D 1096 -23.42 34.36 -40.69
CA ILE D 1096 -22.47 33.64 -39.88
C ILE D 1096 -21.50 32.88 -40.77
N SER D 1097 -22.04 32.07 -41.66
CA SER D 1097 -21.26 31.40 -42.68
C SER D 1097 -22.24 30.80 -43.67
N PRO D 1098 -21.88 30.72 -44.94
CA PRO D 1098 -22.76 30.07 -45.89
C PRO D 1098 -22.99 28.62 -45.56
N TYR D 1099 -21.96 27.92 -45.06
CA TYR D 1099 -22.08 26.48 -44.85
C TYR D 1099 -23.18 26.15 -43.87
N LEU D 1100 -23.28 26.91 -42.79
CA LEU D 1100 -24.34 26.66 -41.84
C LEU D 1100 -25.70 26.92 -42.46
N ALA D 1101 -25.80 27.94 -43.31
CA ALA D 1101 -27.09 28.21 -43.96
C ALA D 1101 -27.47 27.06 -44.89
N VAL D 1102 -26.48 26.49 -45.58
CA VAL D 1102 -26.77 25.38 -46.48
C VAL D 1102 -27.19 24.16 -45.69
N GLN D 1103 -26.51 23.89 -44.58
CA GLN D 1103 -26.88 22.75 -43.77
C GLN D 1103 -28.20 22.96 -43.06
N LEU D 1104 -28.63 24.22 -42.96
CA LEU D 1104 -29.75 24.55 -42.09
C LEU D 1104 -31.03 23.79 -42.40
N PRO D 1105 -31.42 23.56 -43.67
CA PRO D 1105 -32.67 22.82 -43.90
C PRO D 1105 -32.53 21.32 -43.71
N ALA D 1106 -31.31 20.78 -43.76
CA ALA D 1106 -31.15 19.35 -43.53
C ALA D 1106 -31.70 18.97 -42.18
N ARG D 1107 -31.23 19.64 -41.13
CA ARG D 1107 -31.98 19.67 -39.90
C ARG D 1107 -33.29 20.37 -40.20
N PHE D 1108 -34.37 19.60 -40.25
CA PHE D 1108 -35.53 20.00 -41.04
C PHE D 1108 -36.29 21.15 -40.41
N LYS D 1109 -36.44 22.23 -41.18
CA LYS D 1109 -37.21 23.39 -40.80
C LYS D 1109 -38.39 23.47 -41.77
N ASN D 1110 -39.60 23.25 -41.26
CA ASN D 1110 -40.76 23.05 -42.11
C ASN D 1110 -41.17 24.36 -42.77
N THR D 1111 -40.36 24.79 -43.74
CA THR D 1111 -40.71 25.97 -44.50
C THR D 1111 -40.03 25.91 -45.86
N GLU D 1112 -40.61 26.63 -46.81
CA GLU D 1112 -39.99 26.93 -48.09
C GLU D 1112 -39.03 28.10 -47.99
N ALA D 1113 -39.08 28.86 -46.89
CA ALA D 1113 -38.23 30.03 -46.74
C ALA D 1113 -36.77 29.65 -46.67
N ILE D 1114 -36.46 28.43 -46.26
CA ILE D 1114 -35.10 27.93 -46.40
C ILE D 1114 -34.76 27.79 -47.87
N GLY D 1115 -35.70 27.30 -48.68
CA GLY D 1115 -35.46 27.22 -50.11
C GLY D 1115 -35.47 28.58 -50.75
N ASN D 1116 -36.30 29.48 -50.26
CA ASN D 1116 -36.38 30.82 -50.85
C ASN D 1116 -35.11 31.62 -50.53
N GLU D 1117 -34.59 31.46 -49.33
CA GLU D 1117 -33.46 32.28 -48.89
C GLU D 1117 -32.13 31.66 -49.22
N VAL D 1118 -32.06 30.34 -49.29
CA VAL D 1118 -30.83 29.72 -49.76
C VAL D 1118 -30.80 29.70 -51.28
N THR D 1119 -31.94 29.48 -51.91
CA THR D 1119 -32.01 29.64 -53.35
C THR D 1119 -31.73 31.08 -53.74
N ARG D 1120 -32.20 32.03 -52.95
CA ARG D 1120 -32.06 33.43 -53.29
C ARG D 1120 -30.65 33.92 -52.98
N LEU D 1121 -30.16 33.62 -51.79
CA LEU D 1121 -28.84 34.10 -51.41
C LEU D 1121 -27.74 33.34 -52.12
N VAL D 1122 -27.97 32.09 -52.47
CA VAL D 1122 -27.03 31.41 -53.35
C VAL D 1122 -27.21 31.93 -54.76
N ARG D 1123 -28.41 32.37 -55.10
CA ARG D 1123 -28.61 32.92 -56.43
C ARG D 1123 -27.89 34.25 -56.60
N LEU D 1124 -27.76 35.02 -55.52
CA LEU D 1124 -27.02 36.28 -55.60
C LEU D 1124 -25.54 36.01 -55.75
N ASP D 1125 -24.98 35.18 -54.88
CA ASP D 1125 -23.56 34.83 -54.94
C ASP D 1125 -23.39 33.34 -54.75
N PRO D 1126 -23.32 32.55 -55.83
CA PRO D 1126 -23.10 31.12 -55.68
C PRO D 1126 -21.64 30.77 -55.43
N GLY D 1127 -20.72 31.72 -55.56
CA GLY D 1127 -19.34 31.40 -55.30
C GLY D 1127 -19.02 31.15 -53.86
N ALA D 1128 -19.92 31.52 -52.96
CA ALA D 1128 -19.67 31.31 -51.54
C ALA D 1128 -19.66 29.84 -51.18
N VAL D 1129 -20.44 29.02 -51.88
CA VAL D 1129 -20.62 27.61 -51.53
C VAL D 1129 -20.04 26.76 -52.65
N SER D 1130 -19.06 25.94 -52.32
CA SER D 1130 -18.55 24.92 -53.21
C SER D 1130 -18.57 23.56 -52.53
N ASP D 1131 -19.62 23.33 -51.75
CA ASP D 1131 -19.81 22.05 -51.08
C ASP D 1131 -20.77 21.24 -51.94
N VAL D 1132 -20.37 20.02 -52.24
CA VAL D 1132 -21.15 19.15 -53.12
C VAL D 1132 -22.54 18.68 -52.69
N PRO D 1133 -22.72 18.25 -51.43
CA PRO D 1133 -24.04 17.68 -51.12
C PRO D 1133 -25.24 18.61 -51.24
N GLU D 1134 -25.24 19.77 -50.62
CA GLU D 1134 -26.45 20.57 -50.76
C GLU D 1134 -26.33 21.89 -51.50
N ALA D 1135 -25.13 22.25 -51.92
CA ALA D 1135 -25.00 23.53 -52.57
C ALA D 1135 -25.76 23.68 -53.88
N ILE D 1136 -25.63 22.72 -54.79
CA ILE D 1136 -26.32 22.86 -56.06
C ILE D 1136 -27.83 22.74 -56.03
N LYS D 1137 -28.32 21.73 -55.32
CA LYS D 1137 -29.74 21.47 -55.24
C LYS D 1137 -30.53 22.76 -55.08
N PHE D 1138 -29.96 23.71 -54.35
CA PHE D 1138 -30.62 25.00 -54.13
C PHE D 1138 -30.35 26.01 -55.23
N LEU D 1139 -29.26 25.86 -55.98
CA LEU D 1139 -29.04 26.83 -57.04
C LEU D 1139 -29.63 26.37 -58.37
N VAL D 1140 -29.47 25.09 -58.70
CA VAL D 1140 -29.80 24.61 -60.03
C VAL D 1140 -31.26 24.24 -60.16
N THR D 1141 -32.03 24.28 -59.07
CA THR D 1141 -33.46 24.47 -59.17
C THR D 1141 -33.68 25.96 -59.29
N TRP D 1142 -33.29 26.52 -60.45
CA TRP D 1142 -33.54 27.93 -60.68
C TRP D 1142 -35.02 28.23 -60.59
N HIS D 1143 -35.83 27.28 -61.03
CA HIS D 1143 -37.26 27.09 -60.92
C HIS D 1143 -37.50 25.72 -61.50
N THR D 1144 -38.29 24.91 -60.80
CA THR D 1144 -38.31 23.46 -61.06
C THR D 1144 -38.63 23.15 -62.51
N ILE D 1145 -39.86 23.45 -62.91
CA ILE D 1145 -40.30 23.19 -64.26
C ILE D 1145 -40.65 24.46 -65.00
N ASP D 1146 -40.46 25.63 -64.37
CA ASP D 1146 -40.80 26.87 -65.03
C ASP D 1146 -39.85 27.17 -66.19
N ALA D 1147 -38.57 26.82 -66.02
CA ALA D 1147 -37.58 27.00 -67.07
C ALA D 1147 -37.40 28.48 -67.41
N ASP D 1148 -37.00 29.24 -66.41
CA ASP D 1148 -36.79 30.67 -66.59
C ASP D 1148 -35.37 31.06 -66.25
N ALA D 1149 -34.96 32.20 -66.80
CA ALA D 1149 -33.84 32.98 -66.31
C ALA D 1149 -32.57 32.16 -66.14
N PRO D 1150 -31.92 31.77 -67.23
CA PRO D 1150 -30.62 31.08 -67.13
C PRO D 1150 -29.45 31.98 -66.73
N GLU D 1151 -29.74 33.18 -66.22
CA GLU D 1151 -28.71 34.17 -66.00
C GLU D 1151 -27.81 33.80 -64.84
N LEU D 1152 -26.55 34.20 -64.94
CA LEU D 1152 -25.56 34.13 -63.87
C LEU D 1152 -25.41 32.73 -63.29
N SER D 1153 -25.63 31.71 -64.10
CA SER D 1153 -25.42 30.34 -63.66
C SER D 1153 -24.02 29.90 -64.07
N HIS D 1154 -23.23 29.46 -63.09
CA HIS D 1154 -21.96 28.82 -63.35
C HIS D 1154 -21.94 27.56 -62.48
N VAL D 1155 -22.58 26.51 -62.99
CA VAL D 1155 -22.59 25.22 -62.30
C VAL D 1155 -21.39 24.44 -62.80
N LEU D 1156 -20.58 25.09 -63.62
CA LEU D 1156 -19.47 24.43 -64.29
C LEU D 1156 -18.35 24.07 -63.34
N CYS D 1157 -18.29 24.70 -62.17
CA CYS D 1157 -17.11 24.63 -61.34
C CYS D 1157 -17.33 23.98 -59.98
N TRP D 1158 -18.55 23.55 -59.66
CA TRP D 1158 -18.78 22.98 -58.34
C TRP D 1158 -18.11 21.63 -58.20
N ALA D 1159 -18.01 21.19 -56.96
CA ALA D 1159 -17.55 19.84 -56.69
C ALA D 1159 -18.61 18.85 -57.13
N PRO D 1160 -18.21 17.68 -57.60
CA PRO D 1160 -19.19 16.73 -58.13
C PRO D 1160 -20.03 16.11 -57.03
N THR D 1161 -21.24 15.72 -57.39
CA THR D 1161 -22.20 15.08 -56.52
C THR D 1161 -22.37 13.62 -56.92
N ASP D 1162 -23.35 12.97 -56.30
CA ASP D 1162 -23.66 11.58 -56.57
C ASP D 1162 -24.53 11.45 -57.82
N PRO D 1163 -24.40 10.31 -58.51
CA PRO D 1163 -25.03 10.14 -59.82
C PRO D 1163 -26.54 10.18 -59.78
N PRO D 1164 -27.20 9.71 -58.71
CA PRO D 1164 -28.65 9.95 -58.63
C PRO D 1164 -28.99 11.41 -58.71
N THR D 1165 -28.19 12.27 -58.07
CA THR D 1165 -28.35 13.70 -58.25
C THR D 1165 -27.77 14.15 -59.59
N GLY D 1166 -26.70 13.50 -60.05
CA GLY D 1166 -26.12 13.89 -61.31
C GLY D 1166 -26.96 13.54 -62.51
N LEU D 1167 -27.81 12.53 -62.39
CA LEU D 1167 -28.67 12.13 -63.50
C LEU D 1167 -30.00 12.84 -63.47
N SER D 1168 -30.30 13.59 -62.42
CA SER D 1168 -31.61 14.23 -62.31
C SER D 1168 -31.83 15.19 -63.45
N TYR D 1169 -30.77 15.83 -63.93
CA TYR D 1169 -30.89 16.75 -65.03
C TYR D 1169 -31.00 16.04 -66.36
N PHE D 1170 -30.87 14.73 -66.36
CA PHE D 1170 -31.20 13.90 -67.50
C PHE D 1170 -32.52 13.17 -67.30
N SER D 1171 -33.20 13.47 -66.21
CA SER D 1171 -34.48 12.87 -65.89
C SER D 1171 -35.60 13.72 -66.45
N SER D 1172 -36.83 13.45 -65.99
CA SER D 1172 -38.00 14.14 -66.53
C SER D 1172 -38.17 15.54 -65.95
N MET D 1173 -37.90 15.70 -64.65
CA MET D 1173 -38.33 16.92 -63.98
C MET D 1173 -37.55 18.16 -64.40
N TYR D 1174 -36.35 18.01 -64.86
CA TYR D 1174 -35.73 19.27 -65.17
C TYR D 1174 -35.82 19.58 -66.65
N PRO D 1175 -35.98 20.85 -67.01
CA PRO D 1175 -35.75 21.25 -68.38
C PRO D 1175 -34.28 21.11 -68.73
N PRO D 1176 -33.97 20.58 -69.91
CA PRO D 1176 -32.56 20.45 -70.31
C PRO D 1176 -31.93 21.80 -70.55
N HIS D 1177 -30.71 21.97 -70.03
CA HIS D 1177 -29.96 23.20 -70.10
C HIS D 1177 -28.50 22.81 -70.35
N PRO D 1178 -27.82 23.41 -71.32
CA PRO D 1178 -26.44 23.00 -71.60
C PRO D 1178 -25.51 23.13 -70.41
N LEU D 1179 -25.65 24.17 -69.60
CA LEU D 1179 -24.82 24.29 -68.43
C LEU D 1179 -25.06 23.13 -67.48
N THR D 1180 -26.33 22.88 -67.16
CA THR D 1180 -26.65 21.80 -66.24
C THR D 1180 -26.24 20.45 -66.80
N ALA D 1181 -26.47 20.24 -68.09
CA ALA D 1181 -26.07 18.96 -68.69
C ALA D 1181 -24.57 18.78 -68.61
N GLN D 1182 -23.81 19.85 -68.84
CA GLN D 1182 -22.37 19.75 -68.71
C GLN D 1182 -21.98 19.41 -67.29
N TYR D 1183 -22.71 19.93 -66.30
CA TYR D 1183 -22.41 19.53 -64.94
C TYR D 1183 -22.70 18.06 -64.71
N GLY D 1184 -23.82 17.57 -65.23
CA GLY D 1184 -24.16 16.19 -65.01
C GLY D 1184 -23.15 15.25 -65.61
N VAL D 1185 -22.69 15.56 -66.82
CA VAL D 1185 -21.69 14.71 -67.45
C VAL D 1185 -20.34 14.86 -66.78
N LYS D 1186 -20.05 16.02 -66.20
CA LYS D 1186 -18.86 16.10 -65.36
C LYS D 1186 -19.00 15.16 -64.17
N VAL D 1187 -20.20 15.10 -63.58
CA VAL D 1187 -20.44 14.21 -62.47
C VAL D 1187 -20.20 12.77 -62.87
N LEU D 1188 -20.78 12.36 -63.99
CA LEU D 1188 -20.63 10.98 -64.41
C LEU D 1188 -19.22 10.68 -64.86
N ARG D 1189 -18.49 11.69 -65.30
CA ARG D 1189 -17.09 11.50 -65.64
C ARG D 1189 -16.22 11.45 -64.42
N SER D 1190 -16.72 11.92 -63.28
CA SER D 1190 -15.89 11.98 -62.09
C SER D 1190 -15.65 10.61 -61.48
N PHE D 1191 -16.53 9.67 -61.73
CA PHE D 1191 -16.52 8.47 -60.91
C PHE D 1191 -15.90 7.28 -61.64
N PRO D 1192 -15.41 6.32 -60.88
CA PRO D 1192 -14.76 5.16 -61.50
C PRO D 1192 -15.78 4.24 -62.16
N PRO D 1193 -15.31 3.33 -63.00
CA PRO D 1193 -16.22 2.52 -63.81
C PRO D 1193 -17.03 1.52 -63.02
N ASP D 1194 -16.72 1.30 -61.74
CA ASP D 1194 -17.63 0.47 -60.96
C ASP D 1194 -18.85 1.27 -60.56
N ALA D 1195 -18.64 2.48 -60.03
CA ALA D 1195 -19.76 3.34 -59.70
C ALA D 1195 -20.62 3.61 -60.93
N ILE D 1196 -20.00 3.86 -62.07
CA ILE D 1196 -20.75 3.95 -63.29
C ILE D 1196 -21.43 2.63 -63.60
N LEU D 1197 -20.73 1.53 -63.31
CA LEU D 1197 -21.24 0.21 -63.63
C LEU D 1197 -22.53 -0.10 -62.89
N PHE D 1198 -22.72 0.51 -61.73
CA PHE D 1198 -23.90 0.23 -60.95
C PHE D 1198 -25.16 0.89 -61.49
N TYR D 1199 -25.02 1.92 -62.33
CA TYR D 1199 -26.17 2.72 -62.75
C TYR D 1199 -26.46 2.61 -64.24
N ILE D 1200 -25.90 1.60 -64.91
CA ILE D 1200 -26.14 1.42 -66.34
C ILE D 1200 -27.63 1.30 -66.65
N PRO D 1201 -28.46 0.69 -65.80
CA PRO D 1201 -29.91 0.73 -66.05
C PRO D 1201 -30.51 2.11 -66.06
N GLN D 1202 -29.82 3.13 -65.58
CA GLN D 1202 -30.37 4.48 -65.56
C GLN D 1202 -29.49 5.42 -66.35
N ILE D 1203 -28.93 4.96 -67.47
CA ILE D 1203 -28.18 5.87 -68.31
C ILE D 1203 -28.81 5.86 -69.69
N VAL D 1204 -29.42 4.73 -70.04
CA VAL D 1204 -30.16 4.67 -71.29
C VAL D 1204 -31.43 5.50 -71.21
N GLN D 1205 -32.03 5.59 -70.03
CA GLN D 1205 -33.13 6.52 -69.84
C GLN D 1205 -32.63 7.94 -69.86
N ALA D 1206 -31.37 8.17 -69.48
CA ALA D 1206 -30.77 9.46 -69.71
C ALA D 1206 -30.68 9.76 -71.19
N LEU D 1207 -30.46 8.74 -72.01
CA LEU D 1207 -30.64 8.92 -73.44
C LEU D 1207 -32.08 9.24 -73.75
N ARG D 1208 -33.02 8.66 -72.98
CA ARG D 1208 -34.42 8.84 -73.30
C ARG D 1208 -34.86 10.29 -73.13
N TYR D 1209 -34.23 11.03 -72.22
CA TYR D 1209 -34.61 12.42 -71.99
C TYR D 1209 -33.56 13.40 -72.47
N ASP D 1210 -32.63 12.96 -73.31
CA ASP D 1210 -31.59 13.84 -73.79
C ASP D 1210 -32.00 14.46 -75.11
N LYS D 1211 -31.98 15.79 -75.17
CA LYS D 1211 -32.15 16.47 -76.45
C LYS D 1211 -30.83 16.68 -77.16
N MET D 1212 -29.84 17.25 -76.47
CA MET D 1212 -28.53 17.47 -77.05
C MET D 1212 -27.80 16.12 -77.09
N GLY D 1213 -26.53 16.14 -77.43
CA GLY D 1213 -25.82 14.89 -77.54
C GLY D 1213 -24.87 14.63 -76.41
N TYR D 1214 -25.17 15.17 -75.23
CA TYR D 1214 -24.26 14.98 -74.11
C TYR D 1214 -24.24 13.53 -73.65
N VAL D 1215 -25.40 12.94 -73.43
CA VAL D 1215 -25.44 11.59 -72.89
C VAL D 1215 -24.90 10.59 -73.89
N ARG D 1216 -25.26 10.76 -75.17
CA ARG D 1216 -24.77 9.87 -76.21
C ARG D 1216 -23.26 9.94 -76.29
N GLU D 1217 -22.70 11.15 -76.30
CA GLU D 1217 -21.26 11.31 -76.32
C GLU D 1217 -20.63 10.69 -75.08
N TYR D 1218 -21.31 10.78 -73.94
CA TYR D 1218 -20.78 10.18 -72.73
C TYR D 1218 -20.74 8.68 -72.83
N ILE D 1219 -21.78 8.07 -73.38
CA ILE D 1219 -21.79 6.62 -73.45
C ILE D 1219 -20.76 6.13 -74.44
N LEU D 1220 -20.55 6.88 -75.52
CA LEU D 1220 -19.44 6.55 -76.40
C LEU D 1220 -18.11 6.69 -75.68
N TRP D 1221 -17.99 7.68 -74.80
CA TRP D 1221 -16.75 7.89 -74.09
C TRP D 1221 -16.47 6.74 -73.13
N ALA D 1222 -17.40 6.50 -72.21
CA ALA D 1222 -17.20 5.43 -71.23
C ALA D 1222 -17.11 4.07 -71.91
N ALA D 1223 -17.84 3.89 -73.02
CA ALA D 1223 -17.64 2.68 -73.80
C ALA D 1223 -16.23 2.59 -74.32
N SER D 1224 -15.66 3.72 -74.73
CA SER D 1224 -14.28 3.73 -75.19
C SER D 1224 -13.32 3.44 -74.05
N LYS D 1225 -13.68 3.80 -72.83
CA LYS D 1225 -12.74 3.68 -71.73
C LYS D 1225 -12.58 2.22 -71.30
N SER D 1226 -13.67 1.58 -70.90
CA SER D 1226 -13.63 0.21 -70.41
C SER D 1226 -14.49 -0.70 -71.26
N GLN D 1227 -13.98 -1.90 -71.54
CA GLN D 1227 -14.70 -2.84 -72.38
C GLN D 1227 -15.85 -3.47 -71.62
N LEU D 1228 -15.58 -3.98 -70.43
CA LEU D 1228 -16.62 -4.64 -69.65
C LEU D 1228 -17.79 -3.71 -69.37
N LEU D 1229 -17.46 -2.45 -69.09
CA LEU D 1229 -18.47 -1.42 -68.95
C LEU D 1229 -19.36 -1.38 -70.19
N ALA D 1230 -18.73 -1.31 -71.37
CA ALA D 1230 -19.48 -1.23 -72.62
C ALA D 1230 -20.33 -2.47 -72.83
N HIS D 1231 -19.87 -3.63 -72.37
CA HIS D 1231 -20.64 -4.84 -72.57
C HIS D 1231 -21.87 -4.85 -71.70
N GLN D 1232 -21.74 -4.36 -70.46
CA GLN D 1232 -22.92 -4.16 -69.65
C GLN D 1232 -23.89 -3.21 -70.34
N PHE D 1233 -23.36 -2.13 -70.91
CA PHE D 1233 -24.19 -1.21 -71.71
C PHE D 1233 -24.96 -1.96 -72.78
N ILE D 1234 -24.25 -2.70 -73.64
CA ILE D 1234 -24.89 -3.37 -74.76
C ILE D 1234 -25.91 -4.37 -74.29
N TRP D 1235 -25.67 -4.98 -73.14
CA TRP D 1235 -26.70 -5.82 -72.54
C TRP D 1235 -27.95 -5.02 -72.27
N ASN D 1236 -27.83 -3.90 -71.55
CA ASN D 1236 -29.02 -3.12 -71.25
C ASN D 1236 -29.66 -2.58 -72.52
N MET D 1237 -28.83 -2.21 -73.48
CA MET D 1237 -29.31 -1.72 -74.76
C MET D 1237 -30.20 -2.76 -75.42
N LYS D 1238 -29.60 -3.91 -75.74
CA LYS D 1238 -30.32 -4.99 -76.40
C LYS D 1238 -31.57 -5.37 -75.63
N THR D 1239 -31.50 -5.33 -74.30
CA THR D 1239 -32.70 -5.57 -73.53
C THR D 1239 -33.73 -4.46 -73.71
N ASN D 1240 -33.29 -3.26 -74.08
CA ASN D 1240 -34.20 -2.12 -74.05
C ASN D 1240 -34.59 -1.62 -75.43
N ILE D 1241 -34.13 -2.25 -76.51
CA ILE D 1241 -34.67 -1.91 -77.82
C ILE D 1241 -36.12 -2.35 -77.92
N TYR D 1242 -36.39 -3.61 -77.61
CA TYR D 1242 -37.73 -4.17 -77.69
C TYR D 1242 -38.33 -4.24 -76.31
N LEU D 1243 -39.58 -3.79 -76.20
CA LEU D 1243 -40.26 -3.84 -74.91
C LEU D 1243 -40.48 -5.27 -74.47
N ASP D 1244 -41.11 -6.06 -75.36
CA ASP D 1244 -41.42 -7.50 -75.15
C ASP D 1244 -40.35 -8.54 -75.52
N GLU D 1245 -40.77 -9.77 -75.82
CA GLU D 1245 -39.80 -10.84 -76.04
C GLU D 1245 -38.90 -10.76 -77.28
N GLU D 1246 -39.52 -10.58 -78.44
CA GLU D 1246 -38.79 -10.46 -79.70
C GLU D 1246 -39.25 -9.34 -80.67
N GLY D 1247 -39.03 -8.07 -80.32
CA GLY D 1247 -39.37 -6.98 -81.21
C GLY D 1247 -40.86 -7.02 -81.49
N HIS D 1248 -41.65 -7.63 -80.60
CA HIS D 1248 -43.08 -7.68 -80.77
C HIS D 1248 -43.44 -6.22 -80.71
N GLN D 1249 -42.73 -5.54 -79.82
CA GLN D 1249 -42.88 -4.11 -79.62
C GLN D 1249 -41.50 -3.49 -79.55
N LYS D 1250 -41.14 -2.73 -80.57
CA LYS D 1250 -39.89 -2.01 -80.59
C LYS D 1250 -40.11 -0.60 -80.05
N ASP D 1251 -39.16 -0.12 -79.30
CA ASP D 1251 -39.29 1.20 -78.69
C ASP D 1251 -39.28 2.27 -79.78
N PRO D 1252 -40.36 3.02 -79.97
CA PRO D 1252 -40.34 4.10 -80.96
C PRO D 1252 -39.58 5.31 -80.49
N ASP D 1253 -39.26 5.40 -79.19
CA ASP D 1253 -38.68 6.63 -78.67
C ASP D 1253 -37.19 6.71 -78.98
N ILE D 1254 -36.44 5.67 -78.63
CA ILE D 1254 -35.00 5.72 -78.77
C ILE D 1254 -34.49 4.46 -79.45
N GLY D 1255 -35.40 3.75 -80.12
CA GLY D 1255 -35.03 2.48 -80.73
C GLY D 1255 -33.95 2.64 -81.78
N ASP D 1256 -34.06 3.66 -82.62
CA ASP D 1256 -33.00 3.92 -83.58
C ASP D 1256 -31.77 4.51 -82.90
N LEU D 1257 -31.97 5.29 -81.84
CA LEU D 1257 -30.83 5.77 -81.07
C LEU D 1257 -30.12 4.61 -80.39
N LEU D 1258 -30.90 3.69 -79.81
CA LEU D 1258 -30.29 2.55 -79.12
C LEU D 1258 -29.62 1.63 -80.10
N ASP D 1259 -30.32 1.26 -81.17
CA ASP D 1259 -29.78 0.31 -82.12
C ASP D 1259 -28.57 0.91 -82.83
N GLN D 1260 -28.71 2.13 -83.33
CA GLN D 1260 -27.59 2.81 -83.95
C GLN D 1260 -26.44 2.96 -82.98
N LEU D 1261 -26.76 3.14 -81.69
CA LEU D 1261 -25.71 3.26 -80.70
C LEU D 1261 -25.00 1.93 -80.51
N VAL D 1262 -25.75 0.83 -80.53
CA VAL D 1262 -25.14 -0.49 -80.42
C VAL D 1262 -24.23 -0.74 -81.60
N GLU D 1263 -24.68 -0.36 -82.78
CA GLU D 1263 -23.82 -0.52 -83.95
C GLU D 1263 -22.63 0.43 -83.90
N GLU D 1264 -22.75 1.53 -83.17
CA GLU D 1264 -21.63 2.45 -83.07
C GLU D 1264 -20.59 1.94 -82.09
N ILE D 1265 -21.03 1.44 -80.93
CA ILE D 1265 -20.10 0.83 -79.99
C ILE D 1265 -19.47 -0.41 -80.60
N THR D 1266 -20.28 -1.19 -81.31
CA THR D 1266 -19.77 -2.34 -82.02
C THR D 1266 -18.71 -1.93 -83.03
N GLY D 1267 -18.99 -0.89 -83.81
CA GLY D 1267 -18.00 -0.40 -84.75
C GLY D 1267 -16.76 0.15 -84.06
N SER D 1268 -16.91 0.67 -82.86
CA SER D 1268 -15.79 1.24 -82.14
C SER D 1268 -14.90 0.14 -81.55
N LEU D 1269 -15.50 -0.87 -80.97
CA LEU D 1269 -14.72 -1.95 -80.38
C LEU D 1269 -14.12 -2.81 -81.48
N SER D 1270 -12.82 -3.08 -81.37
CA SER D 1270 -12.13 -3.84 -82.39
C SER D 1270 -11.05 -4.70 -81.74
N GLY D 1271 -10.56 -5.65 -82.51
CA GLY D 1271 -9.52 -6.55 -82.06
C GLY D 1271 -10.02 -7.50 -81.00
N PRO D 1272 -9.30 -7.60 -79.89
CA PRO D 1272 -9.72 -8.51 -78.83
C PRO D 1272 -11.05 -8.16 -78.22
N ALA D 1273 -11.40 -6.87 -78.18
CA ALA D 1273 -12.73 -6.51 -77.72
C ALA D 1273 -13.79 -7.12 -78.63
N LYS D 1274 -13.61 -6.95 -79.93
CA LYS D 1274 -14.64 -7.24 -80.91
C LYS D 1274 -15.08 -8.70 -80.82
N ASP D 1275 -14.13 -9.63 -80.86
CA ASP D 1275 -14.46 -11.03 -80.66
C ASP D 1275 -14.67 -11.37 -79.20
N PHE D 1276 -14.17 -10.55 -78.29
CA PHE D 1276 -14.35 -10.81 -76.87
C PHE D 1276 -15.83 -10.85 -76.52
N TYR D 1277 -16.55 -9.78 -76.81
CA TYR D 1277 -17.99 -9.88 -76.56
C TYR D 1277 -18.72 -10.67 -77.63
N GLN D 1278 -18.04 -11.07 -78.71
CA GLN D 1278 -18.68 -11.96 -79.66
C GLN D 1278 -18.81 -13.37 -79.08
N ARG D 1279 -17.68 -13.95 -78.67
CA ARG D 1279 -17.71 -15.24 -77.99
C ARG D 1279 -18.45 -15.16 -76.67
N GLU D 1280 -18.40 -14.01 -76.00
CA GLU D 1280 -19.14 -13.85 -74.76
C GLU D 1280 -20.64 -13.90 -74.99
N PHE D 1281 -21.14 -12.98 -75.83
CA PHE D 1281 -22.59 -12.86 -75.99
C PHE D 1281 -23.15 -14.08 -76.71
N ASP D 1282 -22.36 -14.70 -77.58
CA ASP D 1282 -22.81 -15.91 -78.27
C ASP D 1282 -22.73 -17.12 -77.36
N PHE D 1283 -21.75 -17.15 -76.48
CA PHE D 1283 -21.63 -18.25 -75.54
C PHE D 1283 -22.83 -18.27 -74.60
N PHE D 1284 -23.05 -17.17 -73.89
CA PHE D 1284 -24.18 -17.13 -72.98
C PHE D 1284 -25.50 -16.94 -73.70
N ASN D 1285 -25.47 -16.57 -74.96
CA ASN D 1285 -26.69 -16.56 -75.74
C ASN D 1285 -27.09 -17.98 -76.10
N LYS D 1286 -26.10 -18.84 -76.34
CA LYS D 1286 -26.39 -20.25 -76.55
C LYS D 1286 -26.83 -20.91 -75.26
N ILE D 1287 -26.21 -20.53 -74.14
CA ILE D 1287 -26.67 -21.03 -72.84
C ILE D 1287 -28.12 -20.61 -72.62
N THR D 1288 -28.42 -19.34 -72.90
CA THR D 1288 -29.80 -18.87 -72.80
C THR D 1288 -30.69 -19.61 -73.77
N ASN D 1289 -30.15 -20.03 -74.91
CA ASN D 1289 -30.94 -20.84 -75.83
C ASN D 1289 -31.24 -22.19 -75.22
N VAL D 1290 -30.28 -22.76 -74.50
CA VAL D 1290 -30.49 -24.02 -73.81
C VAL D 1290 -31.61 -23.88 -72.80
N SER D 1291 -31.65 -22.76 -72.10
CA SER D 1291 -32.78 -22.51 -71.23
C SER D 1291 -34.05 -22.22 -72.02
N ALA D 1292 -33.91 -21.84 -73.29
CA ALA D 1292 -35.07 -21.46 -74.08
C ALA D 1292 -35.80 -22.66 -74.66
N ILE D 1293 -35.07 -23.72 -75.00
CA ILE D 1293 -35.68 -24.87 -75.66
C ILE D 1293 -36.45 -25.77 -74.71
N ILE D 1294 -36.29 -25.59 -73.40
CA ILE D 1294 -36.89 -26.48 -72.41
C ILE D 1294 -38.29 -25.96 -72.14
N LYS D 1295 -39.24 -26.39 -72.96
CA LYS D 1295 -40.66 -26.23 -72.65
C LYS D 1295 -41.48 -27.49 -72.95
N PRO D 1296 -41.01 -28.69 -72.51
CA PRO D 1296 -41.99 -29.76 -72.24
C PRO D 1296 -42.31 -29.83 -70.76
N TYR D 1297 -43.01 -30.88 -70.36
CA TYR D 1297 -43.31 -31.10 -68.95
C TYR D 1297 -42.03 -31.27 -68.14
N PRO D 1298 -42.07 -30.93 -66.85
CA PRO D 1298 -40.81 -30.83 -66.09
C PRO D 1298 -40.18 -32.16 -65.76
N LYS D 1299 -40.97 -33.22 -65.60
CA LYS D 1299 -40.42 -34.50 -65.15
C LYS D 1299 -39.48 -35.09 -66.20
N GLY D 1300 -39.73 -34.82 -67.47
CA GLY D 1300 -38.93 -35.38 -68.54
C GLY D 1300 -37.90 -34.39 -69.05
N ASP D 1301 -37.62 -33.37 -68.27
CA ASP D 1301 -36.58 -32.42 -68.64
C ASP D 1301 -35.18 -32.95 -68.35
N GLU D 1302 -35.09 -34.15 -67.78
CA GLU D 1302 -33.81 -34.85 -67.70
C GLU D 1302 -33.19 -34.98 -69.09
N ARG D 1303 -34.02 -35.34 -70.07
CA ARG D 1303 -33.66 -35.24 -71.48
C ARG D 1303 -32.99 -33.91 -71.79
N LYS D 1304 -33.62 -32.82 -71.35
CA LYS D 1304 -33.13 -31.50 -71.69
C LYS D 1304 -31.77 -31.22 -71.05
N LYS D 1305 -31.53 -31.72 -69.83
CA LYS D 1305 -30.21 -31.54 -69.26
C LYS D 1305 -29.17 -32.40 -69.96
N ALA D 1306 -29.60 -33.55 -70.51
CA ALA D 1306 -28.76 -34.22 -71.49
C ALA D 1306 -28.40 -33.27 -72.63
N CYS D 1307 -29.37 -32.46 -73.08
CA CYS D 1307 -29.06 -31.45 -74.09
C CYS D 1307 -28.04 -30.45 -73.58
N LEU D 1308 -28.13 -30.11 -72.29
CA LEU D 1308 -27.11 -29.29 -71.66
C LEU D 1308 -25.73 -29.90 -71.86
N SER D 1309 -25.60 -31.20 -71.62
CA SER D 1309 -24.33 -31.85 -71.93
C SER D 1309 -24.01 -31.79 -73.40
N ALA D 1310 -25.02 -31.75 -74.27
CA ALA D 1310 -24.73 -31.54 -75.69
C ALA D 1310 -24.04 -30.19 -75.89
N LEU D 1311 -24.46 -29.17 -75.14
CA LEU D 1311 -23.68 -27.94 -75.10
C LEU D 1311 -22.28 -28.21 -74.57
N SER D 1312 -22.14 -29.16 -73.64
CA SER D 1312 -20.81 -29.58 -73.26
C SER D 1312 -20.04 -30.24 -74.40
N GLU D 1313 -20.74 -30.74 -75.43
CA GLU D 1313 -20.03 -31.27 -76.59
C GLU D 1313 -19.58 -30.16 -77.53
N VAL D 1314 -20.42 -29.15 -77.77
CA VAL D 1314 -20.04 -28.14 -78.76
C VAL D 1314 -19.10 -27.09 -78.16
N LYS D 1315 -19.55 -26.39 -77.13
CA LYS D 1315 -18.75 -25.36 -76.45
C LYS D 1315 -18.90 -25.59 -74.95
N VAL D 1316 -17.97 -26.34 -74.37
CA VAL D 1316 -18.08 -26.63 -72.94
C VAL D 1316 -17.58 -25.44 -72.12
N GLN D 1317 -16.40 -24.93 -72.42
CA GLN D 1317 -15.95 -23.78 -71.63
C GLN D 1317 -15.00 -22.82 -72.34
N PRO D 1318 -15.34 -22.31 -73.53
CA PRO D 1318 -14.74 -21.04 -73.94
C PRO D 1318 -15.62 -19.89 -73.48
N GLY D 1319 -15.04 -18.94 -72.78
CA GLY D 1319 -15.79 -17.85 -72.17
C GLY D 1319 -15.00 -17.31 -71.00
N CYS D 1320 -15.16 -16.02 -70.76
CA CYS D 1320 -14.30 -15.33 -69.80
C CYS D 1320 -14.98 -15.02 -68.47
N TYR D 1321 -16.14 -14.36 -68.48
CA TYR D 1321 -16.78 -13.98 -67.24
C TYR D 1321 -18.27 -14.24 -67.31
N LEU D 1322 -18.85 -14.57 -66.17
CA LEU D 1322 -20.29 -14.64 -66.07
C LEU D 1322 -20.88 -13.25 -66.21
N PRO D 1323 -22.06 -13.13 -66.81
CA PRO D 1323 -22.68 -11.81 -66.92
C PRO D 1323 -23.09 -11.24 -65.58
N SER D 1324 -23.63 -12.07 -64.69
CA SER D 1324 -24.06 -11.56 -63.39
C SER D 1324 -22.86 -11.24 -62.51
N ASN D 1325 -21.79 -12.02 -62.62
CA ASN D 1325 -20.59 -11.83 -61.81
C ASN D 1325 -19.43 -11.52 -62.73
N PRO D 1326 -19.17 -10.24 -63.00
CA PRO D 1326 -18.06 -9.90 -63.90
C PRO D 1326 -16.69 -10.15 -63.30
N GLU D 1327 -16.58 -10.30 -61.98
CA GLU D 1327 -15.30 -10.60 -61.38
C GLU D 1327 -15.01 -12.09 -61.32
N ALA D 1328 -16.03 -12.93 -61.46
CA ALA D 1328 -15.84 -14.37 -61.50
C ALA D 1328 -15.53 -14.83 -62.91
N ILE D 1329 -14.57 -15.76 -63.02
CA ILE D 1329 -14.16 -16.33 -64.29
C ILE D 1329 -14.50 -17.81 -64.27
N VAL D 1330 -15.26 -18.24 -65.27
CA VAL D 1330 -15.66 -19.64 -65.35
C VAL D 1330 -14.45 -20.49 -65.71
N LEU D 1331 -14.26 -21.58 -64.99
CA LEU D 1331 -13.22 -22.54 -65.31
C LEU D 1331 -13.74 -23.95 -65.46
N ASP D 1332 -15.00 -24.22 -65.09
CA ASP D 1332 -15.59 -25.54 -65.19
C ASP D 1332 -17.08 -25.38 -65.42
N ILE D 1333 -17.72 -26.48 -65.81
CA ILE D 1333 -19.17 -26.55 -65.84
C ILE D 1333 -19.61 -27.99 -65.62
N ASP D 1334 -20.47 -28.20 -64.64
CA ASP D 1334 -21.01 -29.52 -64.42
C ASP D 1334 -22.08 -29.83 -65.46
N TYR D 1335 -22.55 -31.07 -65.45
CA TYR D 1335 -23.60 -31.49 -66.34
C TYR D 1335 -24.93 -30.90 -65.88
N PRO D 1340 -29.92 -27.73 -62.16
CA PRO D 1340 -30.74 -27.32 -63.29
C PRO D 1340 -32.23 -27.39 -62.99
N MET D 1341 -33.05 -26.93 -63.94
CA MET D 1341 -34.48 -27.21 -63.95
C MET D 1341 -35.18 -26.65 -62.69
N GLN D 1342 -35.18 -25.33 -62.62
CA GLN D 1342 -35.99 -24.68 -61.59
C GLN D 1342 -37.47 -24.83 -61.94
N SER D 1343 -38.33 -24.38 -61.03
CA SER D 1343 -39.75 -24.70 -61.06
C SER D 1343 -40.56 -23.47 -61.48
N ALA D 1344 -40.83 -23.36 -62.77
CA ALA D 1344 -41.75 -22.36 -63.30
C ALA D 1344 -42.12 -22.76 -64.71
N ALA D 1345 -43.19 -22.15 -65.22
CA ALA D 1345 -43.58 -22.40 -66.60
C ALA D 1345 -42.47 -21.99 -67.55
N LYS D 1346 -41.98 -20.76 -67.43
CA LYS D 1346 -40.77 -20.34 -68.10
C LYS D 1346 -39.60 -20.81 -67.24
N ALA D 1347 -38.73 -21.62 -67.81
CA ALA D 1347 -37.84 -22.47 -67.01
C ALA D 1347 -36.39 -22.06 -67.17
N PRO D 1348 -35.73 -21.62 -66.10
CA PRO D 1348 -34.28 -21.51 -66.09
C PRO D 1348 -33.67 -22.79 -65.52
N TYR D 1349 -32.35 -22.88 -65.62
CA TYR D 1349 -31.65 -24.02 -65.08
C TYR D 1349 -30.37 -23.59 -64.37
N LEU D 1350 -30.09 -24.23 -63.24
CA LEU D 1350 -28.89 -23.98 -62.49
C LEU D 1350 -27.70 -24.70 -63.12
N ALA D 1351 -26.56 -24.02 -63.17
CA ALA D 1351 -25.32 -24.59 -63.72
C ALA D 1351 -24.15 -24.25 -62.81
N LYS D 1352 -23.64 -25.24 -62.10
CA LYS D 1352 -22.55 -25.03 -61.16
C LYS D 1352 -21.23 -24.99 -61.93
N PHE D 1353 -20.70 -23.79 -62.13
CA PHE D 1353 -19.42 -23.64 -62.79
C PHE D 1353 -18.26 -23.85 -61.81
N TRP D 1390 -18.11 -24.07 -56.65
CA TRP D 1390 -17.57 -22.86 -57.25
C TRP D 1390 -18.63 -21.79 -57.33
N GLN D 1391 -19.39 -21.78 -58.42
CA GLN D 1391 -20.33 -20.71 -58.67
C GLN D 1391 -21.59 -21.26 -59.32
N ALA D 1392 -22.74 -20.81 -58.85
CA ALA D 1392 -24.00 -21.32 -59.36
C ALA D 1392 -24.90 -20.15 -59.75
N ALA D 1393 -25.49 -20.23 -60.95
CA ALA D 1393 -26.35 -19.18 -61.48
C ALA D 1393 -27.36 -19.81 -62.42
N ILE D 1394 -28.49 -19.13 -62.65
CA ILE D 1394 -29.48 -19.63 -63.58
C ILE D 1394 -29.95 -18.54 -64.52
N PHE D 1395 -30.54 -18.99 -65.62
CA PHE D 1395 -30.69 -18.22 -66.86
C PHE D 1395 -32.18 -18.20 -67.20
N LYS D 1396 -32.81 -17.04 -67.05
CA LYS D 1396 -34.25 -16.90 -67.29
C LYS D 1396 -34.55 -16.37 -68.68
N VAL D 1397 -35.51 -17.00 -69.33
CA VAL D 1397 -35.96 -16.62 -70.66
C VAL D 1397 -37.45 -16.34 -70.63
N GLY D 1398 -37.87 -15.33 -71.39
CA GLY D 1398 -39.27 -14.98 -71.47
C GLY D 1398 -39.75 -14.03 -70.40
N ASP D 1399 -38.89 -13.65 -69.46
CA ASP D 1399 -39.27 -12.81 -68.34
C ASP D 1399 -38.53 -11.47 -68.44
N ASP D 1400 -39.09 -10.46 -67.77
CA ASP D 1400 -38.51 -9.12 -67.79
C ASP D 1400 -37.51 -9.02 -66.64
N CYS D 1401 -36.22 -8.96 -66.99
CA CYS D 1401 -35.15 -9.06 -66.01
C CYS D 1401 -34.73 -7.70 -65.45
N ARG D 1402 -34.85 -6.64 -66.23
CA ARG D 1402 -34.52 -5.33 -65.71
C ARG D 1402 -35.49 -4.89 -64.63
N GLN D 1403 -36.72 -5.40 -64.67
CA GLN D 1403 -37.62 -5.23 -63.53
C GLN D 1403 -36.96 -5.71 -62.25
N ASP D 1404 -36.27 -6.83 -62.32
CA ASP D 1404 -35.48 -7.28 -61.19
C ASP D 1404 -34.31 -6.35 -60.94
N MET D 1405 -33.67 -5.88 -62.01
CA MET D 1405 -32.45 -5.11 -61.84
C MET D 1405 -32.71 -3.79 -61.12
N LEU D 1406 -33.90 -3.22 -61.28
CA LEU D 1406 -34.19 -1.94 -60.64
C LEU D 1406 -34.25 -2.11 -59.12
N ALA D 1407 -35.20 -2.90 -58.64
CA ALA D 1407 -35.35 -3.09 -57.21
C ALA D 1407 -34.11 -3.70 -56.59
N LEU D 1408 -33.45 -4.60 -57.31
CA LEU D 1408 -32.16 -5.10 -56.85
C LEU D 1408 -31.19 -3.95 -56.65
N GLN D 1409 -31.18 -3.01 -57.60
CA GLN D 1409 -30.31 -1.85 -57.50
C GLN D 1409 -30.60 -1.07 -56.23
N ILE D 1410 -31.89 -0.84 -55.93
CA ILE D 1410 -32.26 -0.11 -54.71
C ILE D 1410 -31.78 -0.86 -53.48
N ILE D 1411 -31.86 -2.18 -53.51
CA ILE D 1411 -31.52 -2.95 -52.32
C ILE D 1411 -30.03 -2.96 -52.08
N ASP D 1412 -29.23 -3.08 -53.14
CA ASP D 1412 -27.79 -2.92 -52.98
C ASP D 1412 -27.48 -1.54 -52.43
N LEU D 1413 -28.18 -0.52 -52.93
CA LEU D 1413 -28.01 0.82 -52.42
C LEU D 1413 -28.23 0.86 -50.91
N PHE D 1414 -29.29 0.19 -50.44
CA PHE D 1414 -29.55 0.20 -49.02
C PHE D 1414 -28.51 -0.60 -48.26
N LYS D 1415 -27.92 -1.60 -48.90
CA LYS D 1415 -26.82 -2.29 -48.24
C LYS D 1415 -25.67 -1.32 -48.00
N ASN D 1416 -25.33 -0.54 -49.03
CA ASN D 1416 -24.24 0.40 -48.85
C ASN D 1416 -24.55 1.44 -47.79
N ILE D 1417 -25.79 1.92 -47.72
CA ILE D 1417 -26.13 2.83 -46.63
C ILE D 1417 -25.94 2.13 -45.29
N PHE D 1418 -26.38 0.88 -45.18
CA PHE D 1418 -26.30 0.20 -43.90
C PHE D 1418 -24.86 -0.08 -43.50
N GLN D 1419 -23.96 -0.21 -44.47
CA GLN D 1419 -22.55 -0.31 -44.10
C GLN D 1419 -22.00 1.04 -43.69
N LEU D 1420 -22.44 2.12 -44.33
CA LEU D 1420 -21.91 3.42 -43.98
C LEU D 1420 -22.33 3.82 -42.58
N VAL D 1421 -23.61 3.65 -42.25
CA VAL D 1421 -24.09 4.17 -40.98
C VAL D 1421 -23.56 3.33 -39.83
N GLY D 1422 -23.20 2.08 -40.08
CA GLY D 1422 -22.72 1.19 -39.04
C GLY D 1422 -23.76 0.29 -38.45
N LEU D 1423 -25.00 0.35 -38.90
CA LEU D 1423 -26.04 -0.53 -38.40
C LEU D 1423 -25.72 -1.97 -38.82
N ASP D 1424 -25.93 -2.90 -37.89
CA ASP D 1424 -25.70 -4.31 -38.20
C ASP D 1424 -26.97 -4.89 -38.81
N LEU D 1425 -27.08 -4.70 -40.11
CA LEU D 1425 -28.19 -5.24 -40.88
C LEU D 1425 -27.59 -6.08 -42.00
N PHE D 1426 -28.35 -7.08 -42.43
CA PHE D 1426 -27.87 -8.00 -43.44
C PHE D 1426 -28.71 -7.90 -44.70
N VAL D 1427 -28.04 -7.74 -45.84
CA VAL D 1427 -28.70 -7.74 -47.15
C VAL D 1427 -27.72 -8.32 -48.16
N PHE D 1428 -28.21 -9.22 -48.99
CA PHE D 1428 -27.35 -9.86 -49.97
C PHE D 1428 -27.81 -9.54 -51.38
N PRO D 1429 -26.91 -9.04 -52.23
CA PRO D 1429 -27.32 -8.59 -53.57
C PRO D 1429 -27.74 -9.67 -54.56
N TYR D 1430 -26.90 -10.69 -54.76
CA TYR D 1430 -27.03 -11.68 -55.84
C TYR D 1430 -27.33 -10.98 -57.17
N ARG D 1431 -26.31 -10.24 -57.62
CA ARG D 1431 -26.44 -9.32 -58.75
C ARG D 1431 -27.09 -9.99 -59.95
N VAL D 1432 -27.87 -9.19 -60.70
CA VAL D 1432 -28.76 -9.67 -61.74
C VAL D 1432 -28.52 -8.87 -63.01
N VAL D 1433 -28.32 -9.57 -64.13
CA VAL D 1433 -27.99 -8.92 -65.40
C VAL D 1433 -28.98 -9.40 -66.46
N ALA D 1434 -29.48 -8.45 -67.26
CA ALA D 1434 -30.36 -8.76 -68.37
C ALA D 1434 -29.54 -8.88 -69.65
N THR D 1435 -29.47 -10.09 -70.20
CA THR D 1435 -28.65 -10.32 -71.37
C THR D 1435 -29.35 -9.93 -72.65
N ALA D 1436 -30.56 -10.43 -72.86
CA ALA D 1436 -31.30 -10.23 -74.09
C ALA D 1436 -32.72 -9.85 -73.76
N PRO D 1437 -33.42 -9.23 -74.71
CA PRO D 1437 -34.81 -8.83 -74.45
C PRO D 1437 -35.69 -10.05 -74.19
N GLY D 1438 -36.44 -9.99 -73.10
CA GLY D 1438 -37.16 -11.16 -72.66
C GLY D 1438 -36.27 -12.23 -72.08
N CYS D 1439 -35.02 -11.90 -71.77
CA CYS D 1439 -34.06 -12.85 -71.23
C CYS D 1439 -33.38 -12.20 -70.05
N GLY D 1440 -32.43 -12.93 -69.46
CA GLY D 1440 -31.70 -12.42 -68.32
C GLY D 1440 -30.96 -13.52 -67.60
N VAL D 1441 -30.02 -13.09 -66.79
CA VAL D 1441 -29.22 -13.99 -65.96
C VAL D 1441 -29.31 -13.52 -64.53
N ILE D 1442 -29.76 -14.38 -63.63
CA ILE D 1442 -29.74 -14.11 -62.21
C ILE D 1442 -28.93 -15.20 -61.53
N GLU D 1443 -28.11 -14.80 -60.57
CA GLU D 1443 -27.10 -15.66 -59.95
C GLU D 1443 -27.66 -16.23 -58.67
N CYS D 1444 -27.64 -17.54 -58.52
CA CYS D 1444 -28.22 -18.10 -57.31
C CYS D 1444 -27.21 -18.06 -56.18
N ILE D 1445 -27.68 -17.53 -55.06
CA ILE D 1445 -26.93 -17.36 -53.81
C ILE D 1445 -26.31 -18.71 -53.42
N PRO D 1446 -25.01 -18.77 -53.25
CA PRO D 1446 -24.28 -20.04 -53.03
C PRO D 1446 -24.33 -20.56 -51.59
N ASP D 1447 -25.49 -21.05 -51.23
CA ASP D 1447 -25.79 -21.76 -49.98
C ASP D 1447 -27.12 -22.44 -50.21
N CYS D 1448 -27.34 -23.54 -49.50
CA CYS D 1448 -28.37 -24.50 -49.89
C CYS D 1448 -29.45 -24.58 -48.82
N THR D 1449 -30.60 -23.96 -49.10
CA THR D 1449 -31.91 -24.30 -48.57
C THR D 1449 -32.85 -23.26 -49.14
N SER D 1450 -34.13 -23.60 -49.19
CA SER D 1450 -35.16 -22.70 -49.67
C SER D 1450 -36.14 -22.45 -48.54
N ARG D 1451 -37.22 -21.73 -48.85
CA ARG D 1451 -38.19 -21.29 -47.86
C ARG D 1451 -38.74 -22.44 -47.03
N ASP D 1452 -39.49 -23.33 -47.65
CA ASP D 1452 -40.15 -24.41 -46.92
C ASP D 1452 -39.98 -25.72 -47.67
N GLN D 1453 -38.74 -26.03 -48.05
CA GLN D 1453 -38.48 -27.30 -48.73
C GLN D 1453 -38.87 -28.48 -47.86
N LEU D 1454 -38.74 -28.36 -46.54
CA LEU D 1454 -39.14 -29.44 -45.66
C LEU D 1454 -40.66 -29.48 -45.50
N GLY D 1461 -43.25 -25.84 -40.12
CA GLY D 1461 -42.35 -25.93 -38.98
C GLY D 1461 -40.99 -25.33 -39.27
N MET D 1462 -40.97 -24.03 -39.59
CA MET D 1462 -39.70 -23.36 -39.79
C MET D 1462 -38.88 -23.36 -38.50
N TYR D 1463 -39.57 -23.13 -37.38
CA TYR D 1463 -38.94 -23.24 -36.07
C TYR D 1463 -38.35 -24.63 -35.85
N ASP D 1464 -38.95 -25.65 -36.46
CA ASP D 1464 -38.46 -27.01 -36.30
C ASP D 1464 -37.20 -27.26 -37.13
N TYR D 1465 -37.16 -26.74 -38.35
CA TYR D 1465 -35.94 -26.85 -39.14
C TYR D 1465 -34.81 -26.08 -38.50
N PHE D 1466 -35.12 -24.91 -37.97
CA PHE D 1466 -34.11 -24.14 -37.25
C PHE D 1466 -33.68 -24.87 -35.99
N THR D 1467 -34.59 -25.64 -35.39
CA THR D 1467 -34.31 -26.33 -34.14
C THR D 1467 -33.43 -27.55 -34.36
N ARG D 1468 -33.84 -28.44 -35.25
CA ARG D 1468 -32.99 -29.56 -35.61
C ARG D 1468 -31.68 -29.07 -36.21
N GLN D 1469 -31.73 -27.96 -36.93
CA GLN D 1469 -30.53 -27.46 -37.59
C GLN D 1469 -29.53 -26.92 -36.58
N TYR D 1470 -30.01 -26.25 -35.54
CA TYR D 1470 -29.10 -25.55 -34.64
C TYR D 1470 -29.24 -25.92 -33.18
N GLY D 1471 -30.44 -26.21 -32.70
CA GLY D 1471 -30.61 -26.52 -31.30
C GLY D 1471 -31.81 -25.85 -30.66
N ASP D 1472 -32.55 -26.60 -29.85
CA ASP D 1472 -33.85 -26.13 -29.38
C ASP D 1472 -33.71 -24.97 -28.40
N GLU D 1473 -32.92 -25.19 -27.36
CA GLU D 1473 -32.80 -24.20 -26.31
C GLU D 1473 -31.87 -23.12 -26.75
N SER D 1474 -31.52 -22.24 -25.82
CA SER D 1474 -30.60 -21.17 -26.13
C SER D 1474 -29.15 -21.66 -26.03
N THR D 1475 -28.73 -22.43 -27.02
CA THR D 1475 -27.37 -22.93 -27.15
C THR D 1475 -26.58 -21.91 -28.00
N LEU D 1476 -25.33 -22.19 -28.27
CA LEU D 1476 -24.58 -21.22 -29.07
C LEU D 1476 -25.18 -21.03 -30.46
N ALA D 1477 -25.56 -22.10 -31.15
CA ALA D 1477 -26.12 -21.95 -32.49
C ALA D 1477 -27.44 -21.19 -32.55
N PHE D 1478 -28.35 -21.51 -31.66
CA PHE D 1478 -29.65 -20.86 -31.61
C PHE D 1478 -29.49 -19.36 -31.45
N GLN D 1479 -28.48 -18.95 -30.70
CA GLN D 1479 -28.28 -17.53 -30.43
C GLN D 1479 -27.69 -16.82 -31.64
N GLN D 1480 -26.59 -17.35 -32.18
CA GLN D 1480 -25.92 -16.65 -33.28
C GLN D 1480 -26.76 -16.69 -34.54
N ALA D 1481 -27.29 -17.87 -34.88
CA ALA D 1481 -28.16 -17.97 -36.03
C ALA D 1481 -29.48 -17.26 -35.79
N ARG D 1482 -29.94 -17.21 -34.55
CA ARG D 1482 -31.15 -16.46 -34.28
C ARG D 1482 -30.92 -14.98 -34.50
N TYR D 1483 -29.79 -14.48 -34.02
CA TYR D 1483 -29.47 -13.08 -34.22
C TYR D 1483 -29.28 -12.74 -35.70
N ASN D 1484 -28.55 -13.57 -36.43
CA ASN D 1484 -28.36 -13.30 -37.85
C ASN D 1484 -29.69 -13.35 -38.58
N PHE D 1485 -30.52 -14.32 -38.23
CA PHE D 1485 -31.89 -14.40 -38.72
C PHE D 1485 -32.62 -13.09 -38.49
N ILE D 1486 -32.68 -12.66 -37.24
CA ILE D 1486 -33.43 -11.45 -36.89
C ILE D 1486 -32.83 -10.24 -37.57
N ARG D 1487 -31.50 -10.22 -37.70
CA ARG D 1487 -30.83 -9.11 -38.36
C ARG D 1487 -31.29 -8.97 -39.80
N SER D 1488 -31.12 -10.04 -40.58
CA SER D 1488 -31.53 -10.02 -41.97
C SER D 1488 -33.01 -9.73 -42.11
N MET D 1489 -33.82 -10.39 -41.31
CA MET D 1489 -35.26 -10.26 -41.41
C MET D 1489 -35.65 -8.83 -41.15
N ALA D 1490 -35.02 -8.18 -40.19
CA ALA D 1490 -35.40 -6.81 -39.95
C ALA D 1490 -35.07 -5.98 -41.18
N ALA D 1491 -33.86 -6.17 -41.74
CA ALA D 1491 -33.46 -5.38 -42.91
C ALA D 1491 -34.32 -5.65 -44.11
N TYR D 1492 -34.58 -6.94 -44.36
CA TYR D 1492 -35.41 -7.30 -45.49
C TYR D 1492 -36.84 -6.80 -45.32
N SER D 1493 -37.36 -6.84 -44.09
CA SER D 1493 -38.72 -6.34 -43.84
C SER D 1493 -38.77 -4.84 -44.09
N LEU D 1494 -37.71 -4.13 -43.71
CA LEU D 1494 -37.66 -2.71 -43.95
C LEU D 1494 -37.73 -2.40 -45.44
N LEU D 1495 -36.97 -3.13 -46.25
CA LEU D 1495 -37.03 -2.92 -47.69
C LEU D 1495 -38.37 -3.35 -48.30
N LEU D 1496 -39.00 -4.37 -47.70
CA LEU D 1496 -40.28 -4.85 -48.19
C LEU D 1496 -41.18 -3.66 -48.00
N PHE D 1497 -41.07 -3.01 -46.86
CA PHE D 1497 -41.90 -1.82 -46.68
C PHE D 1497 -41.61 -0.80 -47.78
N LEU D 1498 -40.35 -0.45 -47.93
CA LEU D 1498 -40.02 0.62 -48.85
C LEU D 1498 -40.24 0.24 -50.30
N LEU D 1499 -40.27 -1.06 -50.59
CA LEU D 1499 -40.50 -1.52 -51.96
C LEU D 1499 -41.89 -2.05 -52.35
N GLN D 1500 -42.81 -2.14 -51.38
CA GLN D 1500 -44.16 -2.56 -51.70
C GLN D 1500 -44.30 -3.88 -52.47
N ILE D 1501 -43.83 -5.00 -51.90
CA ILE D 1501 -43.93 -6.32 -52.55
C ILE D 1501 -45.32 -6.97 -52.62
N LYS D 1502 -46.30 -6.37 -51.91
CA LYS D 1502 -47.73 -6.76 -51.81
C LYS D 1502 -48.23 -7.80 -50.78
N ASP D 1503 -47.38 -8.18 -49.84
CA ASP D 1503 -47.70 -9.05 -48.67
C ASP D 1503 -47.93 -10.55 -48.87
N ARG D 1504 -47.77 -11.07 -50.07
CA ARG D 1504 -47.97 -12.52 -50.23
C ARG D 1504 -46.84 -13.17 -51.00
N HIS D 1505 -46.22 -14.22 -50.45
CA HIS D 1505 -45.15 -14.89 -51.21
C HIS D 1505 -44.71 -16.15 -50.46
N ASN D 1506 -44.27 -17.20 -51.17
CA ASN D 1506 -43.77 -18.36 -50.44
C ASN D 1506 -42.94 -19.18 -51.40
N GLY D 1507 -41.83 -19.72 -50.89
CA GLY D 1507 -40.84 -20.34 -51.72
C GLY D 1507 -39.86 -19.38 -52.34
N ASN D 1508 -40.19 -18.08 -52.36
CA ASN D 1508 -39.26 -17.06 -52.82
C ASN D 1508 -38.34 -16.56 -51.71
N ILE D 1509 -38.70 -16.77 -50.46
CA ILE D 1509 -37.96 -16.23 -49.32
C ILE D 1509 -37.10 -17.35 -48.77
N MET D 1510 -35.88 -17.44 -49.26
CA MET D 1510 -35.01 -18.55 -48.92
C MET D 1510 -34.14 -18.26 -47.70
N LEU D 1511 -33.93 -19.28 -46.89
CA LEU D 1511 -33.01 -19.24 -45.77
C LEU D 1511 -31.89 -20.25 -45.93
N ASP D 1512 -30.74 -19.98 -45.31
CA ASP D 1512 -29.52 -20.74 -45.55
C ASP D 1512 -28.82 -20.98 -44.22
N LYS D 1513 -27.60 -21.49 -44.30
CA LYS D 1513 -26.73 -21.56 -43.13
C LYS D 1513 -26.63 -20.22 -42.45
N LYS D 1514 -26.48 -20.24 -41.13
CA LYS D 1514 -26.42 -19.03 -40.32
C LYS D 1514 -27.70 -18.22 -40.39
N GLY D 1515 -28.82 -18.88 -40.68
CA GLY D 1515 -30.13 -18.30 -40.46
C GLY D 1515 -30.48 -17.07 -41.26
N HIS D 1516 -29.66 -16.69 -42.23
CA HIS D 1516 -29.95 -15.48 -43.00
C HIS D 1516 -31.17 -15.71 -43.88
N ILE D 1517 -32.19 -14.88 -43.71
CA ILE D 1517 -33.38 -14.93 -44.55
C ILE D 1517 -33.19 -13.99 -45.72
N ILE D 1518 -33.39 -14.51 -46.93
CA ILE D 1518 -33.17 -13.75 -48.15
C ILE D 1518 -34.43 -13.86 -49.00
N HIS D 1519 -34.58 -12.94 -49.95
CA HIS D 1519 -35.80 -12.81 -50.73
C HIS D 1519 -35.48 -12.89 -52.21
N ILE D 1520 -36.27 -13.67 -52.93
CA ILE D 1520 -36.10 -13.78 -54.37
C ILE D 1520 -37.38 -13.38 -55.08
N ASP D 1521 -38.09 -12.42 -54.52
CA ASP D 1521 -39.46 -12.12 -54.92
C ASP D 1521 -39.59 -10.80 -55.66
N PHE D 1522 -38.64 -10.50 -56.54
CA PHE D 1522 -38.52 -9.16 -57.10
C PHE D 1522 -39.27 -9.03 -58.41
N GLY D 1523 -40.07 -10.01 -58.78
CA GLY D 1523 -40.88 -9.87 -59.96
C GLY D 1523 -42.11 -9.01 -59.79
N PHE D 1524 -42.31 -8.51 -58.58
CA PHE D 1524 -43.36 -7.55 -58.26
C PHE D 1524 -42.62 -6.48 -57.45
N MET D 1525 -41.62 -5.83 -58.05
CA MET D 1525 -40.82 -4.84 -57.30
C MET D 1525 -41.47 -3.65 -56.60
N PHE D 1526 -42.37 -2.95 -57.30
CA PHE D 1526 -43.12 -1.85 -56.77
C PHE D 1526 -44.66 -1.94 -56.94
N GLU D 1527 -45.07 -2.16 -58.18
CA GLU D 1527 -46.49 -2.34 -58.50
C GLU D 1527 -46.79 -3.73 -59.04
N SER D 1528 -47.71 -4.44 -58.38
CA SER D 1528 -48.09 -5.78 -58.79
C SER D 1528 -49.58 -5.85 -59.13
N ASP D 1539 -49.56 -5.10 -44.22
CA ASP D 1539 -48.41 -4.86 -45.10
C ASP D 1539 -47.51 -6.08 -45.18
N ILE D 1540 -46.31 -5.97 -44.58
CA ILE D 1540 -45.20 -6.96 -44.62
C ILE D 1540 -45.29 -8.35 -43.96
N LYS D 1541 -44.43 -9.27 -44.44
CA LYS D 1541 -44.38 -10.66 -44.02
C LYS D 1541 -44.21 -10.83 -42.51
N LEU D 1542 -45.22 -11.44 -41.89
CA LEU D 1542 -45.23 -11.74 -40.47
C LEU D 1542 -46.19 -12.89 -40.25
N THR D 1543 -45.73 -13.95 -39.57
CA THR D 1543 -46.56 -15.14 -39.46
C THR D 1543 -46.26 -15.83 -38.14
N ASP D 1544 -46.72 -17.07 -38.04
CA ASP D 1544 -46.69 -17.83 -36.80
C ASP D 1544 -45.30 -18.30 -36.42
N GLU D 1545 -44.72 -19.18 -37.22
CA GLU D 1545 -43.45 -19.78 -36.87
C GLU D 1545 -42.28 -18.84 -37.09
N MET D 1546 -42.48 -17.77 -37.82
CA MET D 1546 -41.43 -16.79 -38.06
C MET D 1546 -41.31 -15.80 -36.93
N VAL D 1547 -42.35 -15.64 -36.12
CA VAL D 1547 -42.26 -14.88 -34.88
C VAL D 1547 -42.10 -15.77 -33.66
N MET D 1548 -42.51 -17.04 -33.75
CA MET D 1548 -42.22 -17.97 -32.67
C MET D 1548 -40.72 -18.20 -32.52
N ILE D 1549 -39.99 -18.24 -33.64
CA ILE D 1549 -38.53 -18.26 -33.58
C ILE D 1549 -38.01 -17.01 -32.89
N MET D 1550 -38.71 -15.88 -33.04
CA MET D 1550 -38.38 -14.71 -32.25
C MET D 1550 -38.71 -14.91 -30.79
N GLY D 1551 -39.81 -15.61 -30.52
CA GLY D 1551 -40.33 -15.69 -29.18
C GLY D 1551 -40.93 -14.39 -28.66
N GLY D 1552 -41.08 -13.38 -29.51
CA GLY D 1552 -41.70 -12.15 -29.07
C GLY D 1552 -43.21 -12.20 -29.13
N LYS D 1553 -43.86 -12.17 -27.97
CA LYS D 1553 -45.31 -12.16 -27.96
C LYS D 1553 -45.84 -10.91 -28.62
N MET D 1554 -45.64 -9.76 -27.98
CA MET D 1554 -45.86 -8.47 -28.63
C MET D 1554 -44.61 -7.61 -28.51
N GLU D 1555 -44.08 -7.52 -27.30
CA GLU D 1555 -42.91 -6.70 -27.00
C GLU D 1555 -42.04 -7.55 -26.08
N ALA D 1556 -41.10 -8.25 -26.71
CA ALA D 1556 -40.14 -9.14 -26.05
C ALA D 1556 -38.72 -8.73 -26.45
N THR D 1557 -37.74 -9.12 -25.64
CA THR D 1557 -36.36 -8.73 -25.86
C THR D 1557 -35.79 -9.18 -27.19
N PRO D 1558 -36.06 -10.42 -27.59
CA PRO D 1558 -35.55 -10.83 -28.89
C PRO D 1558 -36.22 -9.98 -29.95
N PHE D 1559 -37.48 -9.68 -29.68
CA PHE D 1559 -38.36 -8.97 -30.59
C PHE D 1559 -38.06 -7.47 -30.55
N LYS D 1560 -37.85 -6.95 -29.34
CA LYS D 1560 -37.47 -5.55 -29.18
C LYS D 1560 -36.16 -5.24 -29.89
N TRP D 1561 -35.20 -6.16 -29.81
CA TRP D 1561 -33.96 -6.03 -30.59
C TRP D 1561 -34.28 -5.80 -32.05
N PHE D 1562 -35.05 -6.74 -32.62
CA PHE D 1562 -35.46 -6.69 -34.01
C PHE D 1562 -36.05 -5.33 -34.38
N MET D 1563 -37.02 -4.87 -33.59
CA MET D 1563 -37.67 -3.62 -33.96
C MET D 1563 -36.71 -2.45 -33.87
N GLU D 1564 -35.82 -2.48 -32.88
CA GLU D 1564 -34.79 -1.45 -32.77
C GLU D 1564 -33.99 -1.34 -34.05
N MET D 1565 -33.45 -2.47 -34.51
CA MET D 1565 -32.65 -2.47 -35.72
C MET D 1565 -33.47 -2.05 -36.93
N CYS D 1566 -34.72 -2.48 -37.00
CA CYS D 1566 -35.53 -2.15 -38.17
C CYS D 1566 -35.77 -0.64 -38.26
N VAL D 1567 -36.18 -0.04 -37.15
CA VAL D 1567 -36.54 1.36 -37.20
C VAL D 1567 -35.32 2.23 -37.37
N ARG D 1568 -34.19 1.85 -36.77
CA ARG D 1568 -32.97 2.59 -37.05
C ARG D 1568 -32.59 2.46 -38.52
N GLY D 1569 -32.87 1.30 -39.11
CA GLY D 1569 -32.70 1.17 -40.54
C GLY D 1569 -33.53 2.17 -41.30
N TYR D 1570 -34.78 2.39 -40.86
CA TYR D 1570 -35.58 3.43 -41.49
C TYR D 1570 -34.90 4.78 -41.34
N LEU D 1571 -34.28 5.01 -40.19
CA LEU D 1571 -33.62 6.29 -39.95
C LEU D 1571 -32.39 6.48 -40.83
N ALA D 1572 -31.70 5.40 -41.20
CA ALA D 1572 -30.57 5.55 -42.11
C ALA D 1572 -31.03 5.64 -43.56
N VAL D 1573 -32.17 5.02 -43.87
CA VAL D 1573 -32.71 5.09 -45.22
C VAL D 1573 -33.26 6.48 -45.52
N ARG D 1574 -33.75 7.16 -44.51
CA ARG D 1574 -34.41 8.44 -44.75
C ARG D 1574 -33.54 9.46 -45.46
N PRO D 1575 -32.29 9.72 -45.06
CA PRO D 1575 -31.56 10.86 -45.63
C PRO D 1575 -31.28 10.76 -47.11
N TYR D 1576 -31.30 9.57 -47.68
CA TYR D 1576 -31.04 9.40 -49.11
C TYR D 1576 -32.36 9.32 -49.86
N MET D 1577 -33.09 10.43 -49.81
CA MET D 1577 -34.39 10.48 -50.46
C MET D 1577 -34.25 10.51 -51.97
N ASP D 1578 -33.51 11.48 -52.49
CA ASP D 1578 -33.39 11.61 -53.93
C ASP D 1578 -32.56 10.51 -54.55
N ALA D 1579 -31.91 9.67 -53.74
CA ALA D 1579 -31.31 8.47 -54.28
C ALA D 1579 -32.39 7.56 -54.86
N VAL D 1580 -33.30 7.08 -54.02
CA VAL D 1580 -34.31 6.17 -54.51
C VAL D 1580 -35.33 6.89 -55.37
N VAL D 1581 -35.68 8.12 -55.00
CA VAL D 1581 -36.61 8.90 -55.82
C VAL D 1581 -36.03 9.12 -57.20
N SER D 1582 -34.78 9.57 -57.26
CA SER D 1582 -34.18 9.92 -58.52
C SER D 1582 -33.89 8.68 -59.36
N LEU D 1583 -33.56 7.57 -58.72
CA LEU D 1583 -33.26 6.38 -59.49
C LEU D 1583 -34.53 5.74 -60.02
N VAL D 1584 -35.58 5.68 -59.22
CA VAL D 1584 -36.81 5.08 -59.71
C VAL D 1584 -37.50 6.00 -60.71
N THR D 1585 -37.32 7.30 -60.57
CA THR D 1585 -37.96 8.20 -61.51
C THR D 1585 -37.33 8.14 -62.89
N LEU D 1586 -36.12 7.58 -63.01
CA LEU D 1586 -35.50 7.48 -64.32
C LEU D 1586 -36.14 6.37 -65.14
N MET D 1587 -36.21 5.17 -64.59
CA MET D 1587 -36.74 4.03 -65.31
C MET D 1587 -38.25 3.92 -65.18
N LEU D 1588 -38.92 4.96 -64.71
CA LEU D 1588 -40.34 4.82 -64.45
C LEU D 1588 -41.16 4.83 -65.74
N ASP D 1589 -40.76 5.64 -66.71
CA ASP D 1589 -41.53 5.80 -67.93
C ASP D 1589 -41.13 4.75 -68.95
N THR D 1590 -42.07 3.84 -69.26
CA THR D 1590 -41.97 2.84 -70.32
C THR D 1590 -40.92 1.78 -70.05
N GLY D 1591 -40.19 1.84 -68.96
CA GLY D 1591 -39.16 0.86 -68.71
C GLY D 1591 -39.72 -0.43 -68.18
N LEU D 1592 -40.71 -0.33 -67.30
CA LEU D 1592 -41.22 -1.47 -66.55
C LEU D 1592 -42.73 -1.49 -66.58
N PRO D 1593 -43.34 -2.60 -66.16
CA PRO D 1593 -44.79 -2.66 -66.01
C PRO D 1593 -45.32 -1.97 -64.76
N CYS D 1594 -44.45 -1.43 -63.90
CA CYS D 1594 -44.93 -0.68 -62.75
C CYS D 1594 -45.65 0.57 -63.24
N PHE D 1595 -46.96 0.61 -63.05
CA PHE D 1595 -47.79 1.58 -63.75
C PHE D 1595 -47.76 2.93 -63.04
N ARG D 1596 -48.60 3.84 -63.51
CA ARG D 1596 -48.71 5.19 -62.94
C ARG D 1596 -49.71 5.15 -61.80
N GLY D 1597 -49.22 4.80 -60.62
CA GLY D 1597 -50.02 4.92 -59.41
C GLY D 1597 -49.47 6.04 -58.57
N GLN D 1598 -48.99 7.09 -59.22
CA GLN D 1598 -48.26 8.16 -58.55
C GLN D 1598 -47.09 7.57 -57.76
N THR D 1599 -46.19 6.96 -58.52
CA THR D 1599 -45.11 6.17 -57.93
C THR D 1599 -44.19 7.04 -57.10
N ILE D 1600 -43.77 8.18 -57.64
CA ILE D 1600 -42.78 8.99 -56.93
C ILE D 1600 -43.42 9.69 -55.74
N LYS D 1601 -44.72 10.00 -55.80
CA LYS D 1601 -45.36 10.59 -54.64
C LYS D 1601 -45.67 9.55 -53.58
N LEU D 1602 -46.03 8.33 -53.99
CA LEU D 1602 -46.16 7.24 -53.04
C LEU D 1602 -44.83 6.99 -52.33
N LEU D 1603 -43.76 6.85 -53.10
CA LEU D 1603 -42.44 6.63 -52.52
C LEU D 1603 -42.07 7.78 -51.60
N LYS D 1604 -42.32 9.00 -52.05
CA LYS D 1604 -42.12 10.19 -51.21
C LYS D 1604 -42.82 10.01 -49.87
N HIS D 1605 -44.05 9.52 -49.91
CA HIS D 1605 -44.80 9.23 -48.69
C HIS D 1605 -44.59 7.81 -48.21
N ARG D 1606 -43.47 7.21 -48.57
CA ARG D 1606 -42.92 6.10 -47.83
C ARG D 1606 -41.69 6.51 -47.05
N PHE D 1607 -40.89 7.41 -47.61
CA PHE D 1607 -39.85 8.05 -46.82
C PHE D 1607 -40.46 8.96 -45.76
N SER D 1608 -41.54 9.66 -46.10
CA SER D 1608 -42.17 10.62 -45.19
C SER D 1608 -41.19 11.70 -44.75
N PRO D 1609 -40.61 12.46 -45.69
CA PRO D 1609 -39.52 13.37 -45.33
C PRO D 1609 -39.99 14.66 -44.68
N ASN D 1610 -41.28 14.93 -44.64
CA ASN D 1610 -41.74 16.21 -44.16
C ASN D 1610 -41.71 16.29 -42.64
N MET D 1611 -41.44 15.20 -41.94
CA MET D 1611 -41.42 15.17 -40.49
C MET D 1611 -39.99 15.27 -39.97
N THR D 1612 -39.85 15.17 -38.66
CA THR D 1612 -38.54 15.13 -38.04
C THR D 1612 -38.14 13.69 -37.76
N GLU D 1613 -36.88 13.50 -37.40
CA GLU D 1613 -36.38 12.16 -37.10
C GLU D 1613 -37.05 11.58 -35.88
N ARG D 1614 -37.52 12.43 -34.97
CA ARG D 1614 -38.31 11.93 -33.84
C ARG D 1614 -39.55 11.21 -34.34
N GLU D 1615 -40.26 11.81 -35.29
CA GLU D 1615 -41.54 11.24 -35.72
C GLU D 1615 -41.31 9.93 -36.48
N ALA D 1616 -40.28 9.90 -37.33
CA ALA D 1616 -40.14 8.81 -38.28
C ALA D 1616 -40.08 7.45 -37.61
N ALA D 1617 -39.46 7.39 -36.44
CA ALA D 1617 -39.44 6.14 -35.67
C ALA D 1617 -40.86 5.69 -35.37
N ASN D 1618 -41.67 6.59 -34.83
CA ASN D 1618 -43.07 6.25 -34.54
C ASN D 1618 -43.83 5.93 -35.81
N PHE D 1619 -43.41 6.50 -36.95
CA PHE D 1619 -44.03 6.16 -38.21
C PHE D 1619 -43.77 4.70 -38.58
N ILE D 1620 -42.50 4.33 -38.69
CA ILE D 1620 -42.15 2.99 -39.18
C ILE D 1620 -42.55 1.92 -38.19
N MET D 1621 -42.40 2.19 -36.89
CA MET D 1621 -42.88 1.23 -35.90
C MET D 1621 -44.38 1.24 -35.82
N LYS D 1622 -45.01 2.38 -36.11
CA LYS D 1622 -46.46 2.43 -36.15
C LYS D 1622 -46.98 1.52 -37.24
N VAL D 1623 -46.38 1.58 -38.42
CA VAL D 1623 -46.87 0.79 -39.54
C VAL D 1623 -46.50 -0.67 -39.37
N ILE D 1624 -45.32 -0.94 -38.82
CA ILE D 1624 -44.94 -2.34 -38.68
C ILE D 1624 -45.67 -3.00 -37.54
N GLN D 1625 -45.98 -2.25 -36.48
CA GLN D 1625 -46.72 -2.79 -35.36
C GLN D 1625 -48.20 -2.89 -35.67
N SER D 1626 -48.74 -1.93 -36.41
CA SER D 1626 -50.07 -2.11 -36.97
C SER D 1626 -50.10 -3.30 -37.91
N CYS D 1627 -48.97 -3.58 -38.56
CA CYS D 1627 -48.88 -4.78 -39.39
C CYS D 1627 -48.89 -6.04 -38.53
N PHE D 1628 -48.23 -5.99 -37.37
CA PHE D 1628 -48.18 -7.19 -36.55
C PHE D 1628 -49.48 -7.44 -35.81
N LEU D 1629 -50.19 -6.38 -35.45
CA LEU D 1629 -51.42 -6.55 -34.68
C LEU D 1629 -52.49 -7.25 -35.51
N SER D 1630 -52.48 -7.08 -36.83
CA SER D 1630 -53.46 -7.73 -37.69
C SER D 1630 -53.03 -9.17 -37.91
N ASN D 1631 -53.49 -10.05 -37.03
CA ASN D 1631 -53.15 -11.47 -37.13
C ASN D 1631 -54.40 -12.30 -37.43
N SER E 28 -63.14 40.00 -111.16
CA SER E 28 -63.33 40.95 -110.08
C SER E 28 -62.99 40.30 -108.73
N ARG E 29 -63.96 39.59 -108.16
CA ARG E 29 -63.71 38.87 -106.91
C ARG E 29 -62.76 37.70 -107.12
N LEU E 30 -62.84 37.06 -108.29
CA LEU E 30 -61.88 36.01 -108.63
C LEU E 30 -60.46 36.57 -108.65
N GLU E 31 -60.31 37.83 -109.09
CA GLU E 31 -59.01 38.49 -109.03
C GLU E 31 -58.61 38.85 -107.61
N THR E 32 -59.58 38.91 -106.68
CA THR E 32 -59.23 39.16 -105.28
C THR E 32 -58.82 37.88 -104.57
N GLU E 33 -59.40 36.74 -104.95
CA GLU E 33 -58.96 35.47 -104.39
C GLU E 33 -57.62 35.05 -104.98
N ILE E 34 -57.50 35.07 -106.31
CA ILE E 34 -56.23 34.74 -106.94
C ILE E 34 -55.17 35.78 -106.59
N GLU E 35 -55.59 37.04 -106.42
CA GLU E 35 -54.67 38.06 -105.94
C GLU E 35 -54.27 37.79 -104.50
N ARG E 36 -55.15 37.18 -103.70
CA ARG E 36 -54.79 36.77 -102.35
C ARG E 36 -53.80 35.61 -102.39
N CYS E 37 -53.87 34.76 -103.41
CA CYS E 37 -52.90 33.69 -103.55
C CYS E 37 -51.56 34.19 -104.06
N ARG E 38 -51.56 35.23 -104.90
CA ARG E 38 -50.33 35.75 -105.47
C ARG E 38 -49.62 36.73 -104.54
N SER E 39 -50.39 37.43 -103.69
CA SER E 39 -49.77 38.32 -102.71
C SER E 39 -49.06 37.53 -101.63
N GLU E 40 -49.49 36.29 -101.38
CA GLU E 40 -48.86 35.41 -100.42
C GLU E 40 -47.82 34.50 -101.04
N CYS E 41 -47.66 34.54 -102.37
CA CYS E 41 -46.63 33.77 -103.07
C CYS E 41 -46.80 32.27 -102.82
N GLN E 42 -48.03 31.80 -102.98
CA GLN E 42 -48.35 30.39 -102.81
C GLN E 42 -48.28 29.71 -104.18
N TRP E 43 -47.24 28.90 -104.39
CA TRP E 43 -46.95 28.32 -105.71
C TRP E 43 -47.33 26.86 -105.78
N GLU E 44 -48.42 26.48 -105.14
CA GLU E 44 -48.96 25.12 -105.23
C GLU E 44 -50.39 25.07 -105.70
N ARG E 45 -51.08 26.21 -105.83
CA ARG E 45 -52.47 26.26 -106.24
C ARG E 45 -52.68 26.95 -107.58
N ILE E 46 -51.63 27.47 -108.20
CA ILE E 46 -51.75 28.30 -109.41
C ILE E 46 -52.20 27.48 -110.62
N PRO E 47 -51.67 26.28 -110.85
CA PRO E 47 -52.26 25.44 -111.89
C PRO E 47 -53.71 25.05 -111.61
N GLU E 48 -54.12 25.05 -110.34
CA GLU E 48 -55.53 24.86 -110.02
C GLU E 48 -56.34 26.13 -110.29
N LEU E 49 -55.72 27.30 -110.11
CA LEU E 49 -56.42 28.55 -110.37
C LEU E 49 -56.61 28.78 -111.86
N VAL E 50 -55.58 28.52 -112.66
CA VAL E 50 -55.75 28.59 -114.11
C VAL E 50 -56.50 27.37 -114.63
N LYS E 51 -56.54 26.28 -113.85
CA LYS E 51 -57.47 25.21 -114.15
C LYS E 51 -58.91 25.67 -113.99
N GLN E 52 -59.16 26.52 -112.99
CA GLN E 52 -60.44 27.21 -112.89
C GLN E 52 -60.54 28.33 -113.90
N LEU E 53 -59.56 29.24 -113.89
CA LEU E 53 -59.54 30.37 -114.81
C LEU E 53 -58.81 30.03 -116.11
N LEU E 57 -61.81 31.10 -117.24
CA LEU E 57 -63.04 30.36 -117.42
C LEU E 57 -63.52 30.38 -118.86
N ILE E 58 -64.22 31.46 -119.21
CA ILE E 58 -64.82 31.62 -120.54
C ILE E 58 -64.06 32.62 -121.38
N ALA E 59 -63.66 33.74 -120.79
CA ALA E 59 -63.01 34.79 -121.56
C ALA E 59 -61.61 34.37 -121.97
N ASN E 60 -61.24 34.71 -123.20
CA ASN E 60 -59.91 34.39 -123.72
C ASN E 60 -58.89 35.37 -123.12
N ASP E 61 -57.91 34.84 -122.40
CA ASP E 61 -56.93 35.66 -121.72
C ASP E 61 -55.54 35.11 -121.97
N ASP E 62 -54.54 35.89 -121.56
CA ASP E 62 -53.14 35.46 -121.56
C ASP E 62 -52.60 35.33 -120.14
N MET E 63 -53.47 35.30 -119.14
CA MET E 63 -53.04 35.19 -117.75
C MET E 63 -52.52 33.80 -117.42
N ALA E 64 -53.04 32.77 -118.09
CA ALA E 64 -52.63 31.42 -117.76
C ALA E 64 -51.19 31.15 -118.15
N GLU E 65 -50.71 31.75 -119.24
CA GLU E 65 -49.33 31.54 -119.65
C GLU E 65 -48.35 32.24 -118.72
N LEU E 66 -48.72 33.42 -118.21
CA LEU E 66 -47.87 34.12 -117.26
C LEU E 66 -47.88 33.41 -115.90
N LEU E 67 -49.04 32.93 -115.47
CA LEU E 67 -49.13 32.28 -114.16
C LEU E 67 -48.48 30.90 -114.17
N LEU E 68 -48.66 30.15 -115.25
CA LEU E 68 -48.03 28.84 -115.33
C LEU E 68 -46.55 28.95 -115.62
N GLY E 69 -46.16 29.92 -116.47
CA GLY E 69 -44.74 30.10 -116.74
C GLY E 69 -43.98 30.61 -115.54
N GLU E 70 -44.58 31.54 -114.79
CA GLU E 70 -43.95 31.99 -113.55
C GLU E 70 -44.02 30.90 -112.48
N SER E 71 -45.03 30.03 -112.54
CA SER E 71 -45.10 28.89 -111.64
C SER E 71 -44.06 27.84 -111.97
N LYS E 72 -43.57 27.80 -113.20
CA LYS E 72 -42.54 26.86 -113.60
C LYS E 72 -41.14 27.44 -113.42
N LEU E 73 -41.00 28.76 -113.50
CA LEU E 73 -39.72 29.36 -113.14
C LEU E 73 -39.53 29.33 -111.63
N GLU E 74 -40.55 29.75 -110.88
CA GLU E 74 -40.49 29.65 -109.43
C GLU E 74 -40.51 28.20 -108.97
N GLN E 75 -41.16 27.32 -109.73
CA GLN E 75 -41.08 25.89 -109.44
C GLN E 75 -39.68 25.37 -109.67
N TYR E 76 -39.00 25.88 -110.70
CA TYR E 76 -37.61 25.49 -110.94
C TYR E 76 -36.69 26.03 -109.87
N LEU E 77 -36.99 27.22 -109.33
CA LEU E 77 -36.23 27.73 -108.21
C LEU E 77 -36.49 26.92 -106.96
N LYS E 78 -37.72 26.41 -106.80
CA LYS E 78 -38.02 25.51 -105.70
C LYS E 78 -37.38 24.15 -105.90
N GLU E 79 -37.03 23.81 -107.14
CA GLU E 79 -36.30 22.57 -107.42
C GLU E 79 -34.79 22.82 -107.49
N HIS E 80 -34.37 23.67 -108.43
CA HIS E 80 -32.96 23.94 -108.66
C HIS E 80 -32.72 25.44 -108.58
N PRO E 81 -32.33 25.95 -107.43
CA PRO E 81 -32.02 27.38 -107.32
C PRO E 81 -30.76 27.71 -108.09
N LEU E 82 -30.55 29.01 -108.27
CA LEU E 82 -29.38 29.50 -109.01
C LEU E 82 -28.18 29.61 -108.09
N ARG E 83 -27.00 29.34 -108.67
CA ARG E 83 -25.75 29.32 -107.92
C ARG E 83 -24.86 30.47 -108.36
N GLN E 84 -24.09 30.99 -107.42
CA GLN E 84 -23.18 32.09 -107.71
C GLN E 84 -21.98 31.59 -108.48
N GLY E 85 -21.60 32.35 -109.51
CA GLY E 85 -20.51 31.95 -110.36
C GLY E 85 -20.89 30.83 -111.31
N ALA E 86 -22.03 30.99 -111.97
CA ALA E 86 -22.58 29.98 -112.85
C ALA E 86 -22.27 30.30 -114.31
N SER E 87 -22.27 29.25 -115.14
CA SER E 87 -22.00 29.40 -116.56
C SER E 87 -23.25 29.85 -117.31
N PRO E 88 -23.07 30.44 -118.49
CA PRO E 88 -24.23 30.74 -119.35
C PRO E 88 -24.94 29.44 -119.73
N ARG E 89 -26.20 29.34 -119.34
CA ARG E 89 -26.96 28.09 -119.47
C ARG E 89 -27.53 27.98 -120.89
N GLY E 90 -28.35 26.96 -121.11
CA GLY E 90 -29.03 26.77 -122.38
C GLY E 90 -28.35 25.75 -123.26
N PRO E 91 -29.13 25.07 -124.11
CA PRO E 91 -30.59 25.16 -124.19
C PRO E 91 -31.31 24.23 -123.21
N LYS E 92 -32.27 24.78 -122.45
CA LYS E 92 -32.99 23.98 -121.49
C LYS E 92 -34.45 23.82 -121.90
N PRO E 93 -34.99 22.60 -121.82
CA PRO E 93 -36.40 22.40 -122.19
C PRO E 93 -37.37 23.09 -121.25
N GLN E 94 -37.04 23.21 -119.97
CA GLN E 94 -37.90 23.97 -119.06
C GLN E 94 -37.88 25.45 -119.43
N LEU E 95 -36.70 25.97 -119.75
CA LEU E 95 -36.59 27.34 -120.25
C LEU E 95 -37.18 27.49 -121.63
N THR E 96 -37.30 26.39 -122.39
CA THR E 96 -38.04 26.45 -123.64
C THR E 96 -39.54 26.52 -123.37
N GLU E 97 -40.00 25.85 -122.32
CA GLU E 97 -41.40 26.00 -121.89
C GLU E 97 -41.66 27.44 -121.48
N VAL E 98 -40.81 27.99 -120.63
CA VAL E 98 -40.94 29.39 -120.21
C VAL E 98 -40.85 30.31 -121.42
N ARG E 99 -40.05 29.93 -122.43
CA ARG E 99 -40.02 30.69 -123.67
C ARG E 99 -41.36 30.64 -124.36
N LYS E 100 -42.04 29.50 -124.30
CA LYS E 100 -43.37 29.39 -124.87
C LYS E 100 -44.36 30.27 -124.11
N HIS E 101 -44.28 30.27 -122.78
CA HIS E 101 -45.20 31.07 -121.98
C HIS E 101 -44.98 32.56 -122.22
N LEU E 102 -43.72 33.00 -122.23
CA LEU E 102 -43.44 34.42 -122.36
C LEU E 102 -43.66 34.91 -123.78
N THR E 103 -43.24 34.13 -124.78
CA THR E 103 -43.49 34.54 -126.16
C THR E 103 -44.95 34.39 -126.54
N ALA E 104 -45.70 33.57 -125.80
CA ALA E 104 -47.14 33.49 -126.02
C ALA E 104 -47.87 34.68 -125.40
N ALA E 105 -47.53 35.02 -124.16
CA ALA E 105 -48.16 36.17 -123.51
C ALA E 105 -47.77 37.47 -124.19
N LEU E 106 -46.52 37.57 -124.65
CA LEU E 106 -46.12 38.72 -125.44
C LEU E 106 -46.64 38.65 -126.88
N ASP E 107 -46.95 37.44 -127.35
CA ASP E 107 -47.41 37.29 -128.73
C ASP E 107 -48.87 37.70 -128.88
N ARG E 108 -49.74 37.18 -128.00
CA ARG E 108 -51.15 37.52 -128.08
C ARG E 108 -51.41 38.92 -127.53
N GLY E 109 -51.03 39.17 -126.29
CA GLY E 109 -51.19 40.48 -125.70
C GLY E 109 -52.52 40.75 -125.06
N ASN E 110 -53.19 39.73 -124.53
CA ASN E 110 -54.45 39.90 -123.82
C ASN E 110 -54.23 40.08 -122.31
N LEU E 111 -53.37 41.04 -121.96
CA LEU E 111 -53.09 41.36 -120.57
C LEU E 111 -52.83 42.86 -120.44
N LYS E 112 -52.57 43.30 -119.22
CA LYS E 112 -52.21 44.68 -119.00
C LYS E 112 -50.78 44.93 -119.47
N SER E 113 -50.39 46.21 -119.50
CA SER E 113 -49.07 46.56 -119.98
C SER E 113 -47.98 46.22 -118.98
N GLU E 114 -48.27 46.33 -117.68
CA GLU E 114 -47.25 46.05 -116.68
C GLU E 114 -46.95 44.55 -116.58
N PHE E 115 -47.94 43.70 -116.85
CA PHE E 115 -47.67 42.27 -116.89
C PHE E 115 -46.83 41.90 -118.10
N LEU E 116 -46.97 42.64 -119.20
CA LEU E 116 -46.06 42.46 -120.32
C LEU E 116 -44.68 43.03 -120.00
N GLN E 117 -44.62 44.06 -119.16
CA GLN E 117 -43.33 44.55 -118.69
C GLN E 117 -42.62 43.50 -117.87
N GLU E 118 -43.33 42.87 -116.94
CA GLU E 118 -42.72 41.83 -116.12
C GLU E 118 -42.43 40.58 -116.95
N SER E 119 -43.22 40.35 -118.01
CA SER E 119 -42.86 39.29 -118.95
C SER E 119 -41.58 39.63 -119.70
N ASN E 120 -41.33 40.91 -119.96
CA ASN E 120 -40.06 41.33 -120.53
C ASN E 120 -38.94 41.22 -119.50
N LEU E 121 -39.27 41.34 -118.22
CA LEU E 121 -38.26 41.21 -117.18
C LEU E 121 -37.85 39.76 -117.00
N ILE E 122 -38.81 38.83 -117.08
CA ILE E 122 -38.46 37.42 -117.03
C ILE E 122 -37.85 36.97 -118.35
N MET E 123 -38.18 37.66 -119.45
CA MET E 123 -37.53 37.39 -120.72
C MET E 123 -36.06 37.80 -120.67
N ALA E 124 -35.78 39.00 -120.16
CA ALA E 124 -34.40 39.43 -119.98
C ALA E 124 -33.69 38.63 -118.90
N LYS E 125 -34.43 38.08 -117.93
CA LYS E 125 -33.84 37.16 -116.96
C LYS E 125 -33.42 35.87 -117.64
N LEU E 126 -34.26 35.37 -118.55
CA LEU E 126 -33.87 34.24 -119.38
C LEU E 126 -32.65 34.59 -120.21
N ASN E 127 -32.57 35.84 -120.68
CA ASN E 127 -31.39 36.29 -121.41
C ASN E 127 -30.16 36.29 -120.53
N TYR E 128 -30.32 36.59 -119.24
CA TYR E 128 -29.19 36.60 -118.34
C TYR E 128 -28.74 35.18 -118.00
N VAL E 129 -29.69 34.27 -117.83
CA VAL E 129 -29.33 32.89 -117.50
C VAL E 129 -28.71 32.21 -118.71
N GLU E 130 -29.27 32.42 -119.89
CA GLU E 130 -28.74 31.77 -121.09
C GLU E 130 -27.39 32.34 -121.47
N GLY E 131 -27.15 33.62 -121.21
CA GLY E 131 -25.87 34.22 -121.53
C GLY E 131 -25.95 35.32 -122.56
N ASP E 132 -27.09 36.01 -122.63
CA ASP E 132 -27.23 37.16 -123.50
C ASP E 132 -26.80 38.41 -122.74
N TYR E 133 -26.11 39.30 -123.43
CA TYR E 133 -25.53 40.48 -122.81
C TYR E 133 -26.10 41.78 -123.34
N LYS E 134 -26.11 41.97 -124.66
CA LYS E 134 -26.52 43.26 -125.21
C LYS E 134 -28.04 43.41 -125.23
N GLU E 135 -28.76 42.37 -125.65
CA GLU E 135 -30.22 42.47 -125.75
C GLU E 135 -30.86 42.54 -124.37
N ALA E 136 -30.26 41.90 -123.37
CA ALA E 136 -30.74 42.06 -122.01
C ALA E 136 -30.70 43.52 -121.59
N LEU E 137 -29.55 44.16 -121.77
CA LEU E 137 -29.43 45.58 -121.48
C LEU E 137 -30.34 46.42 -122.37
N ASN E 138 -30.68 45.91 -123.56
CA ASN E 138 -31.68 46.58 -124.37
C ASN E 138 -33.05 46.49 -123.73
N ILE E 139 -33.35 45.39 -123.05
CA ILE E 139 -34.64 45.24 -122.39
C ILE E 139 -34.71 46.09 -121.12
N TYR E 140 -33.65 46.06 -120.32
CA TYR E 140 -33.65 46.81 -119.07
C TYR E 140 -33.54 48.30 -119.29
N ALA E 141 -33.10 48.73 -120.47
CA ALA E 141 -33.14 50.15 -120.81
C ALA E 141 -34.50 50.56 -121.34
N ARG E 142 -35.32 49.60 -121.74
CA ARG E 142 -36.60 49.86 -122.40
C ARG E 142 -37.79 49.75 -121.45
N VAL E 143 -37.77 48.81 -120.51
CA VAL E 143 -38.94 48.57 -119.67
C VAL E 143 -39.10 49.71 -118.66
N GLY E 144 -38.13 49.87 -117.77
CA GLY E 144 -38.18 50.97 -116.83
C GLY E 144 -38.89 50.61 -115.54
N LEU E 145 -38.15 50.52 -114.44
CA LEU E 145 -38.75 50.17 -113.16
C LEU E 145 -38.88 51.35 -112.22
N ASP E 146 -38.09 52.39 -112.40
CA ASP E 146 -38.12 53.54 -111.50
C ASP E 146 -39.35 54.41 -111.72
N ASP E 147 -39.94 54.37 -112.92
CA ASP E 147 -41.22 55.03 -113.13
C ASP E 147 -42.37 54.18 -112.61
N LEU E 148 -42.13 52.90 -112.33
CA LEU E 148 -43.16 52.08 -111.70
C LEU E 148 -43.22 52.41 -110.21
N PRO E 149 -44.40 52.73 -109.68
CA PRO E 149 -44.48 53.26 -108.31
C PRO E 149 -44.13 52.21 -107.27
N LEU E 150 -43.97 52.70 -106.04
CA LEU E 150 -43.66 51.86 -104.89
C LEU E 150 -44.76 51.82 -103.85
N THR E 151 -45.68 52.78 -103.87
CA THR E 151 -46.75 52.83 -102.88
C THR E 151 -47.95 52.01 -103.36
N ALA E 152 -48.52 51.23 -102.44
CA ALA E 152 -49.69 50.41 -102.73
C ALA E 152 -49.41 49.45 -103.89
N VAL E 153 -48.34 48.68 -103.75
CA VAL E 153 -47.90 47.74 -104.77
C VAL E 153 -48.12 46.33 -104.24
N PRO E 154 -48.68 45.41 -105.04
CA PRO E 154 -48.85 44.04 -104.56
C PRO E 154 -47.50 43.36 -104.40
N PRO E 155 -47.39 42.39 -103.49
CA PRO E 155 -46.05 41.85 -103.15
C PRO E 155 -45.37 41.13 -104.29
N TYR E 156 -46.09 40.28 -105.04
CA TYR E 156 -45.43 39.55 -106.13
C TYR E 156 -44.84 40.50 -107.15
N ARG E 157 -45.47 41.66 -107.34
CA ARG E 157 -44.88 42.68 -108.20
C ARG E 157 -43.56 43.18 -107.64
N LEU E 158 -43.48 43.37 -106.32
CA LEU E 158 -42.21 43.77 -105.71
C LEU E 158 -41.18 42.68 -105.79
N ARG E 159 -41.62 41.43 -105.82
CA ARG E 159 -40.68 40.31 -105.86
C ARG E 159 -40.08 40.16 -107.25
N VAL E 160 -40.95 40.11 -108.27
CA VAL E 160 -40.46 40.01 -109.64
C VAL E 160 -39.66 41.25 -110.01
N ILE E 161 -40.17 42.44 -109.67
CA ILE E 161 -39.48 43.66 -110.05
C ILE E 161 -38.19 43.82 -109.25
N ALA E 162 -38.17 43.38 -108.00
CA ALA E 162 -36.95 43.45 -107.21
C ALA E 162 -35.88 42.54 -107.78
N GLU E 163 -36.26 41.29 -108.07
CA GLU E 163 -35.33 40.39 -108.76
C GLU E 163 -34.95 40.91 -110.13
N ALA E 164 -35.76 41.81 -110.70
CA ALA E 164 -35.36 42.54 -111.89
C ALA E 164 -34.40 43.67 -111.59
N TYR E 165 -34.41 44.21 -110.36
CA TYR E 165 -33.36 45.15 -109.98
C TYR E 165 -32.03 44.43 -109.85
N ALA E 166 -32.03 43.30 -109.15
CA ALA E 166 -30.79 42.55 -108.97
C ALA E 166 -30.30 41.99 -110.30
N THR E 167 -31.19 41.35 -111.06
CA THR E 167 -30.82 40.85 -112.36
C THR E 167 -30.38 41.97 -113.29
N LYS E 168 -31.00 43.15 -113.15
CA LYS E 168 -30.63 44.28 -113.99
C LYS E 168 -29.22 44.75 -113.69
N GLY E 169 -28.88 44.89 -112.41
CA GLY E 169 -27.52 45.23 -112.05
C GLY E 169 -26.53 44.17 -112.48
N LEU E 170 -26.93 42.90 -112.39
CA LEU E 170 -26.06 41.82 -112.85
C LEU E 170 -25.80 41.93 -114.35
N CYS E 171 -26.83 42.28 -115.12
CA CYS E 171 -26.63 42.51 -116.54
C CYS E 171 -25.76 43.74 -116.77
N LEU E 172 -25.83 44.72 -115.88
CA LEU E 172 -24.95 45.86 -115.99
C LEU E 172 -23.51 45.51 -115.65
N GLU E 173 -23.29 44.46 -114.87
CA GLU E 173 -21.97 44.16 -114.35
C GLU E 173 -21.27 43.01 -115.07
N LYS E 174 -22.01 42.10 -115.71
CA LYS E 174 -21.36 40.98 -116.37
C LYS E 174 -20.65 41.37 -117.66
N LEU E 175 -20.87 42.57 -118.16
CA LEU E 175 -20.14 43.13 -119.28
C LEU E 175 -19.11 44.15 -118.80
N PRO E 176 -18.03 44.36 -119.57
CA PRO E 176 -17.10 45.45 -119.25
C PRO E 176 -17.61 46.80 -119.74
N ASP E 187 -21.12 56.42 -115.80
CA ASP E 187 -20.52 55.82 -114.62
C ASP E 187 -21.22 54.51 -114.25
N ARG E 188 -20.49 53.40 -114.37
CA ARG E 188 -21.06 52.11 -114.00
C ARG E 188 -21.18 51.98 -112.49
N GLU E 189 -20.30 52.64 -111.75
CA GLU E 189 -20.44 52.70 -110.30
C GLU E 189 -21.78 53.29 -109.92
N GLN E 190 -22.20 54.34 -110.63
CA GLN E 190 -23.52 54.92 -110.37
C GLN E 190 -24.63 53.94 -110.72
N ASP E 191 -24.39 53.05 -111.70
CA ASP E 191 -25.38 52.04 -112.00
C ASP E 191 -25.47 50.99 -110.91
N VAL E 192 -24.33 50.65 -110.31
CA VAL E 192 -24.34 49.78 -109.13
C VAL E 192 -25.11 50.44 -108.01
N ILE E 193 -24.90 51.76 -107.85
CA ILE E 193 -25.67 52.54 -106.88
C ILE E 193 -27.16 52.43 -107.17
N THR E 194 -27.54 52.57 -108.43
CA THR E 194 -28.95 52.60 -108.80
C THR E 194 -29.59 51.24 -108.56
N CYS E 195 -29.13 50.21 -109.27
CA CYS E 195 -29.82 48.93 -109.25
C CYS E 195 -29.62 48.22 -107.93
N TYR E 196 -28.49 48.44 -107.26
CA TYR E 196 -28.20 47.71 -106.04
C TYR E 196 -28.71 48.44 -104.81
N GLU E 197 -28.69 49.76 -104.82
CA GLU E 197 -29.27 50.49 -103.70
C GLU E 197 -30.79 50.48 -103.78
N LYS E 198 -31.33 50.66 -104.98
CA LYS E 198 -32.76 50.46 -105.16
C LYS E 198 -33.15 49.01 -104.92
N ALA E 199 -32.30 48.07 -105.34
CA ALA E 199 -32.56 46.67 -105.04
C ALA E 199 -32.57 46.43 -103.54
N GLY E 200 -31.73 47.16 -102.80
CA GLY E 200 -31.68 46.96 -101.35
C GLY E 200 -32.89 47.56 -100.66
N ASP E 201 -33.20 48.81 -100.98
CA ASP E 201 -34.32 49.47 -100.31
C ASP E 201 -35.64 48.82 -100.67
N ILE E 202 -35.83 48.51 -101.95
CA ILE E 202 -37.09 47.90 -102.38
C ILE E 202 -37.13 46.43 -102.01
N ALA E 203 -35.97 45.79 -101.86
CA ALA E 203 -35.94 44.43 -101.37
C ALA E 203 -36.34 44.38 -99.90
N LEU E 204 -35.80 45.29 -99.09
CA LEU E 204 -36.27 45.44 -97.72
C LEU E 204 -37.74 45.77 -97.69
N LEU E 205 -38.20 46.57 -98.65
CA LEU E 205 -39.63 46.84 -98.74
C LEU E 205 -40.41 45.57 -99.04
N TYR E 206 -39.82 44.64 -99.79
CA TYR E 206 -40.52 43.39 -100.06
C TYR E 206 -40.51 42.48 -98.84
N LEU E 207 -39.46 42.53 -98.04
CA LEU E 207 -39.41 41.64 -96.88
C LEU E 207 -40.32 42.13 -95.77
N GLN E 208 -40.21 43.42 -95.42
CA GLN E 208 -41.20 44.01 -94.52
C GLN E 208 -42.59 43.92 -95.11
N GLU E 209 -42.68 43.96 -96.43
CA GLU E 209 -43.96 43.81 -97.12
C GLU E 209 -44.57 42.44 -96.83
N ILE E 210 -43.80 41.38 -97.06
CA ILE E 210 -44.34 40.04 -96.92
C ILE E 210 -44.54 39.67 -95.47
N GLU E 211 -43.74 40.22 -94.57
CA GLU E 211 -44.05 40.06 -93.15
C GLU E 211 -45.32 40.83 -92.80
N ARG E 212 -45.57 41.94 -93.50
CA ARG E 212 -46.78 42.70 -93.29
C ARG E 212 -48.00 41.95 -93.79
N VAL E 213 -47.83 41.12 -94.81
CA VAL E 213 -48.95 40.40 -95.40
C VAL E 213 -49.21 39.09 -94.68
N ILE E 214 -48.16 38.34 -94.36
CA ILE E 214 -48.32 37.06 -93.69
C ILE E 214 -48.92 37.24 -92.31
N LEU E 215 -48.52 38.32 -91.62
CA LEU E 215 -49.14 38.63 -90.34
C LEU E 215 -50.56 39.13 -90.50
N SER E 216 -50.92 39.59 -91.71
CA SER E 216 -52.26 40.04 -91.99
C SER E 216 -53.16 38.86 -92.35
N GLU E 233 -38.18 32.44 -96.07
CA GLU E 233 -37.45 31.76 -97.13
C GLU E 233 -36.73 32.78 -98.02
N LEU E 234 -35.43 32.57 -98.21
CA LEU E 234 -34.56 33.55 -98.84
C LEU E 234 -34.20 33.11 -100.26
N GLY E 235 -34.09 34.10 -101.16
CA GLY E 235 -33.76 33.86 -102.54
C GLY E 235 -32.35 34.28 -102.88
N PHE E 236 -31.94 33.91 -104.10
CA PHE E 236 -30.58 34.20 -104.55
C PHE E 236 -30.41 35.67 -104.88
N PHE E 237 -31.35 36.25 -105.61
CA PHE E 237 -31.21 37.65 -106.00
C PHE E 237 -31.33 38.60 -104.83
N LEU E 238 -32.01 38.20 -103.76
CA LEU E 238 -32.00 39.00 -102.54
C LEU E 238 -30.59 39.07 -101.96
N GLU E 239 -29.90 37.93 -101.94
CA GLU E 239 -28.51 37.92 -101.49
C GLU E 239 -27.62 38.71 -102.45
N THR E 240 -27.92 38.66 -103.75
CA THR E 240 -27.10 39.37 -104.72
C THR E 240 -27.24 40.87 -104.54
N GLY E 241 -28.46 41.37 -104.50
CA GLY E 241 -28.68 42.80 -104.38
C GLY E 241 -28.31 43.33 -103.01
N LEU E 242 -28.53 42.54 -101.96
CA LEU E 242 -28.21 43.01 -100.61
C LEU E 242 -26.71 42.99 -100.36
N GLN E 243 -26.05 41.88 -100.68
CA GLN E 243 -24.62 41.77 -100.37
C GLN E 243 -23.77 42.51 -101.38
N ARG E 244 -24.09 42.35 -102.67
CA ARG E 244 -23.20 42.82 -103.74
C ARG E 244 -22.96 44.31 -103.66
N ALA E 245 -23.94 45.07 -103.17
CA ALA E 245 -23.80 46.52 -103.12
C ALA E 245 -22.66 46.93 -102.20
N HIS E 246 -22.80 46.66 -100.90
CA HIS E 246 -21.78 47.09 -99.96
C HIS E 246 -20.47 46.34 -100.20
N VAL E 247 -20.52 45.09 -100.63
CA VAL E 247 -19.30 44.35 -100.92
C VAL E 247 -18.51 45.05 -102.02
N LEU E 248 -19.20 45.44 -103.10
CA LEU E 248 -18.54 46.24 -104.12
C LEU E 248 -18.11 47.58 -103.58
N TYR E 249 -18.82 48.12 -102.59
CA TYR E 249 -18.47 49.43 -102.07
C TYR E 249 -17.14 49.39 -101.36
N PHE E 250 -16.90 48.34 -100.58
CA PHE E 250 -15.61 48.17 -99.96
C PHE E 250 -14.58 47.63 -100.94
N LYS E 251 -15.01 47.08 -102.06
CA LYS E 251 -14.07 46.83 -103.14
C LYS E 251 -13.59 48.14 -103.76
N ASN E 252 -14.44 49.16 -103.75
CA ASN E 252 -14.12 50.42 -104.37
C ASN E 252 -13.34 51.36 -103.46
N GLY E 253 -13.28 51.07 -102.17
CA GLY E 253 -12.85 52.06 -101.21
C GLY E 253 -13.93 53.03 -100.81
N ASN E 254 -15.18 52.74 -101.14
CA ASN E 254 -16.31 53.60 -100.79
C ASN E 254 -16.73 53.30 -99.35
N LEU E 255 -15.87 53.73 -98.43
CA LEU E 255 -16.10 53.46 -97.02
C LEU E 255 -17.37 54.14 -96.54
N THR E 256 -17.57 55.40 -96.95
CA THR E 256 -18.67 56.19 -96.43
C THR E 256 -20.01 55.58 -96.80
N ARG E 257 -20.19 55.21 -98.07
CA ARG E 257 -21.42 54.56 -98.48
C ARG E 257 -21.49 53.10 -98.02
N GLY E 258 -20.35 52.49 -97.68
CA GLY E 258 -20.41 51.20 -97.04
C GLY E 258 -21.07 51.27 -95.68
N VAL E 259 -20.59 52.19 -94.84
CA VAL E 259 -21.22 52.39 -93.54
C VAL E 259 -22.65 52.88 -93.72
N GLY E 260 -22.89 53.70 -94.74
CA GLY E 260 -24.24 54.17 -94.99
C GLY E 260 -25.19 53.04 -95.32
N ARG E 261 -24.77 52.14 -96.20
CA ARG E 261 -25.63 51.01 -96.54
C ARG E 261 -25.76 50.05 -95.38
N PHE E 262 -24.72 49.94 -94.54
CA PHE E 262 -24.86 49.12 -93.34
C PHE E 262 -25.93 49.69 -92.43
N ARG E 263 -25.90 51.00 -92.20
CA ARG E 263 -26.90 51.59 -91.33
C ARG E 263 -28.26 51.63 -91.99
N GLU E 264 -28.33 51.58 -93.31
CA GLU E 264 -29.62 51.48 -93.97
C GLU E 264 -30.21 50.09 -93.79
N LEU E 265 -29.40 49.06 -94.00
CA LEU E 265 -29.88 47.70 -93.80
C LEU E 265 -30.13 47.40 -92.35
N LEU E 266 -29.55 48.18 -91.43
CA LEU E 266 -29.74 47.94 -90.01
C LEU E 266 -30.84 48.78 -89.39
N ARG E 267 -31.03 50.02 -89.84
CA ARG E 267 -32.12 50.82 -89.32
C ARG E 267 -33.48 50.37 -89.84
N ALA E 268 -33.51 49.47 -90.80
CA ALA E 268 -34.75 48.82 -91.19
C ALA E 268 -35.25 47.92 -90.06
N VAL E 269 -36.57 47.80 -89.96
CA VAL E 269 -37.17 46.96 -88.94
C VAL E 269 -36.89 45.49 -89.25
N GLU E 270 -36.66 44.70 -88.20
CA GLU E 270 -36.19 43.33 -88.35
C GLU E 270 -37.22 42.45 -89.05
N THR E 271 -36.82 41.88 -90.18
CA THR E 271 -37.56 40.81 -90.83
C THR E 271 -37.07 39.46 -90.32
N ARG E 272 -38.00 38.54 -90.11
CA ARG E 272 -37.65 37.24 -89.56
C ARG E 272 -36.71 36.46 -90.46
N THR E 273 -36.63 36.78 -91.75
CA THR E 273 -35.71 36.12 -92.66
C THR E 273 -34.43 36.91 -92.88
N THR E 274 -34.33 38.10 -92.32
CA THR E 274 -33.11 38.90 -92.39
C THR E 274 -32.29 38.81 -91.11
N GLN E 275 -32.74 38.01 -90.15
CA GLN E 275 -32.03 37.88 -88.89
C GLN E 275 -30.62 37.35 -89.09
N ASN E 276 -30.46 36.40 -90.01
CA ASN E 276 -29.11 36.00 -90.41
C ASN E 276 -28.37 37.18 -91.02
N LEU E 277 -29.03 37.88 -91.93
CA LEU E 277 -28.39 39.02 -92.59
C LEU E 277 -28.09 40.11 -91.59
N ARG E 278 -29.02 40.37 -90.66
CA ARG E 278 -28.79 41.42 -89.69
C ARG E 278 -27.67 41.04 -88.71
N MET E 279 -27.57 39.77 -88.34
CA MET E 279 -26.50 39.37 -87.45
C MET E 279 -25.15 39.49 -88.14
N THR E 280 -25.07 39.00 -89.37
CA THR E 280 -23.81 39.07 -90.10
C THR E 280 -23.41 40.51 -90.39
N ILE E 281 -24.38 41.37 -90.67
CA ILE E 281 -24.04 42.75 -90.96
C ILE E 281 -23.72 43.51 -89.69
N ALA E 282 -24.31 43.12 -88.57
CA ALA E 282 -23.90 43.68 -87.28
C ALA E 282 -22.49 43.25 -86.94
N ARG E 283 -22.13 42.03 -87.31
CA ARG E 283 -20.77 41.55 -87.10
C ARG E 283 -19.79 42.35 -87.93
N GLN E 284 -20.05 42.47 -89.22
CA GLN E 284 -19.10 43.14 -90.10
C GLN E 284 -19.01 44.63 -89.78
N LEU E 285 -20.16 45.26 -89.55
CA LEU E 285 -20.17 46.66 -89.19
C LEU E 285 -19.48 46.87 -87.84
N ALA E 286 -19.65 45.94 -86.90
CA ALA E 286 -18.93 46.07 -85.64
C ALA E 286 -17.42 45.97 -85.88
N GLU E 287 -17.01 45.06 -86.77
CA GLU E 287 -15.62 44.96 -87.16
C GLU E 287 -15.09 46.30 -87.64
N ILE E 288 -15.76 46.88 -88.62
CA ILE E 288 -15.26 48.13 -89.19
C ILE E 288 -15.37 49.26 -88.18
N LEU E 289 -16.30 49.17 -87.23
CA LEU E 289 -16.37 50.17 -86.17
C LEU E 289 -15.18 50.08 -85.25
N LEU E 290 -14.63 48.88 -85.06
CA LEU E 290 -13.54 48.73 -84.10
C LEU E 290 -12.15 48.75 -84.74
N ARG E 291 -12.04 48.52 -86.04
CA ARG E 291 -10.74 48.36 -86.67
C ARG E 291 -10.41 49.42 -87.70
N GLY E 292 -11.36 50.26 -88.10
CA GLY E 292 -11.07 51.28 -89.09
C GLY E 292 -11.48 52.68 -88.70
N MET E 293 -12.35 52.80 -87.71
CA MET E 293 -12.98 54.06 -87.37
C MET E 293 -12.65 54.49 -85.96
N CYS E 294 -12.69 55.79 -85.73
CA CYS E 294 -12.48 56.39 -84.42
C CYS E 294 -13.70 57.23 -84.06
N GLU E 295 -13.59 57.98 -82.96
CA GLU E 295 -14.69 58.84 -82.56
C GLU E 295 -14.69 60.14 -83.35
N GLN E 296 -13.52 60.61 -83.80
CA GLN E 296 -13.48 61.78 -84.66
C GLN E 296 -13.93 61.47 -86.08
N SER E 297 -13.73 60.24 -86.54
CA SER E 297 -14.25 59.78 -87.81
C SER E 297 -15.61 59.12 -87.66
N TYR E 298 -16.36 59.49 -86.64
CA TYR E 298 -17.66 58.92 -86.36
C TYR E 298 -18.76 59.92 -86.65
N TRP E 299 -19.91 59.41 -87.09
CA TRP E 299 -21.12 60.21 -87.19
C TRP E 299 -22.30 59.35 -86.75
N ASN E 300 -23.30 60.01 -86.16
CA ASN E 300 -24.47 59.30 -85.68
C ASN E 300 -25.26 58.73 -86.85
N PRO E 301 -25.99 57.64 -86.63
CA PRO E 301 -26.85 57.10 -87.69
C PRO E 301 -27.97 58.05 -88.08
N LEU E 302 -28.30 59.01 -87.23
CA LEU E 302 -29.27 60.04 -87.56
C LEU E 302 -28.65 61.20 -88.31
N GLU E 303 -27.34 61.16 -88.55
CA GLU E 303 -26.61 62.32 -89.06
C GLU E 303 -26.02 62.03 -90.44
N ASP E 304 -25.19 62.96 -90.90
CA ASP E 304 -24.62 62.97 -92.24
C ASP E 304 -23.14 62.62 -92.19
N PRO E 305 -22.65 61.93 -93.21
CA PRO E 305 -21.21 61.68 -93.32
C PRO E 305 -20.50 62.92 -93.83
N PRO E 306 -19.20 63.01 -93.60
CA PRO E 306 -18.43 64.12 -94.17
C PRO E 306 -18.20 63.92 -95.65
N CYS E 307 -17.69 64.97 -96.30
CA CYS E 307 -17.44 64.97 -97.72
C CYS E 307 -15.97 64.70 -98.06
N GLN E 308 -15.04 65.28 -97.30
CA GLN E 308 -13.62 65.08 -97.50
C GLN E 308 -13.11 64.21 -96.35
N SER E 309 -13.24 62.90 -96.51
CA SER E 309 -12.88 61.97 -95.45
C SER E 309 -11.86 60.96 -95.95
N PRO E 310 -10.95 60.50 -95.09
CA PRO E 310 -10.07 59.40 -95.50
C PRO E 310 -10.83 58.10 -95.76
N LEU E 311 -11.91 57.86 -95.03
CA LEU E 311 -12.74 56.67 -95.28
C LEU E 311 -13.86 57.00 -96.24
N ASN E 320 -17.79 60.75 -102.13
CA ASN E 320 -18.98 60.38 -102.90
C ASN E 320 -20.15 61.26 -102.53
N THR E 321 -21.11 61.39 -103.44
CA THR E 321 -22.27 62.26 -103.25
C THR E 321 -23.52 61.53 -103.72
N LYS E 322 -24.59 61.61 -102.93
CA LYS E 322 -25.82 60.94 -103.27
C LYS E 322 -26.48 61.58 -104.49
N THR E 323 -27.03 60.75 -105.36
CA THR E 323 -27.67 61.22 -106.58
C THR E 323 -29.17 61.41 -106.41
N TYR E 324 -29.88 60.35 -106.04
CA TYR E 324 -31.34 60.36 -106.06
C TYR E 324 -31.89 60.20 -104.65
N THR E 325 -33.22 60.12 -104.58
CA THR E 325 -33.93 59.81 -103.35
C THR E 325 -35.23 59.13 -103.75
N LEU E 326 -35.46 57.92 -103.24
CA LEU E 326 -36.59 57.13 -103.69
C LEU E 326 -37.90 57.68 -103.13
N THR E 327 -39.00 57.21 -103.72
CA THR E 327 -40.33 57.62 -103.28
C THR E 327 -40.79 56.88 -102.04
N ARG E 328 -40.12 55.78 -101.69
CA ARG E 328 -40.55 54.95 -100.58
C ARG E 328 -39.37 54.08 -100.13
N ARG E 329 -39.20 53.98 -98.82
CA ARG E 329 -38.16 53.15 -98.23
C ARG E 329 -38.79 52.17 -97.26
N ALA E 330 -37.94 51.41 -96.56
CA ALA E 330 -38.42 50.51 -95.53
C ALA E 330 -38.70 51.30 -94.26
N ARG E 331 -39.19 50.60 -93.23
CA ARG E 331 -39.48 51.22 -91.95
C ARG E 331 -38.17 51.47 -91.20
N VAL E 332 -37.81 52.74 -91.03
CA VAL E 332 -36.57 53.14 -90.35
C VAL E 332 -36.92 53.52 -88.91
N TYR E 333 -36.09 53.07 -87.97
CA TYR E 333 -36.33 53.36 -86.57
C TYR E 333 -36.06 54.83 -86.26
N SER E 334 -37.00 55.45 -85.55
CA SER E 334 -36.84 56.81 -85.04
C SER E 334 -37.87 57.02 -83.93
N GLY E 335 -37.95 58.25 -83.42
CA GLY E 335 -38.89 58.60 -82.37
C GLY E 335 -38.18 59.25 -81.22
N GLU E 336 -38.82 59.22 -80.05
CA GLU E 336 -38.30 59.88 -78.87
C GLU E 336 -37.66 58.94 -77.86
N ASN E 337 -38.07 57.66 -77.86
CA ASN E 337 -37.54 56.69 -76.93
C ASN E 337 -36.39 55.86 -77.51
N ILE E 338 -35.85 56.27 -78.66
CA ILE E 338 -34.76 55.53 -79.29
C ILE E 338 -33.45 55.91 -78.62
N PHE E 339 -32.42 55.13 -78.87
CA PHE E 339 -31.07 55.45 -78.44
C PHE E 339 -30.18 55.62 -79.65
N CYS E 340 -29.49 56.75 -79.72
CA CYS E 340 -28.54 56.98 -80.79
C CYS E 340 -27.14 56.97 -80.22
N PRO E 341 -26.31 55.98 -80.55
CA PRO E 341 -24.94 55.92 -80.01
C PRO E 341 -24.10 57.07 -80.56
N GLN E 342 -23.54 57.87 -79.66
CA GLN E 342 -22.81 59.06 -80.04
C GLN E 342 -21.34 58.81 -80.32
N GLU E 343 -20.87 57.57 -80.22
CA GLU E 343 -19.52 57.23 -80.62
C GLU E 343 -19.49 55.77 -81.03
N ASN E 344 -18.41 55.39 -81.71
CA ASN E 344 -18.38 54.09 -82.38
C ASN E 344 -18.45 52.93 -81.39
N THR E 345 -17.92 53.11 -80.19
CA THR E 345 -17.90 52.00 -79.24
C THR E 345 -19.32 51.84 -78.74
N GLU E 346 -20.00 52.96 -78.52
CA GLU E 346 -21.40 52.89 -78.09
C GLU E 346 -22.20 52.03 -79.08
N GLU E 347 -22.08 52.41 -80.35
CA GLU E 347 -22.66 51.63 -81.44
C GLU E 347 -22.29 50.16 -81.59
N ALA E 348 -20.99 49.87 -81.46
CA ALA E 348 -20.54 48.50 -81.58
C ALA E 348 -21.17 47.64 -80.49
N LEU E 349 -21.23 48.18 -79.28
CA LEU E 349 -21.82 47.47 -78.15
C LEU E 349 -23.26 47.10 -78.42
N LEU E 350 -24.00 47.99 -79.08
CA LEU E 350 -25.38 47.66 -79.43
C LEU E 350 -25.42 46.57 -80.48
N LEU E 351 -24.58 46.70 -81.50
CA LEU E 351 -24.53 45.73 -82.58
C LEU E 351 -24.22 44.33 -82.06
N LEU E 352 -23.34 44.25 -81.06
CA LEU E 352 -22.88 42.97 -80.58
C LEU E 352 -23.69 42.45 -79.40
N LEU E 353 -24.45 43.31 -78.72
CA LEU E 353 -25.46 42.77 -77.83
C LEU E 353 -26.59 42.14 -78.63
N ILE E 354 -27.01 42.81 -79.71
CA ILE E 354 -27.95 42.21 -80.63
C ILE E 354 -27.38 40.93 -81.20
N SER E 355 -26.11 40.96 -81.60
CA SER E 355 -25.48 39.77 -82.14
C SER E 355 -25.32 38.70 -81.07
N GLU E 356 -25.34 39.06 -79.79
CA GLU E 356 -25.29 38.06 -78.74
C GLU E 356 -26.64 37.38 -78.59
N SER E 357 -27.72 38.14 -78.59
CA SER E 357 -29.06 37.55 -78.55
C SER E 357 -29.27 36.65 -79.77
N MET E 358 -29.01 37.18 -80.96
CA MET E 358 -29.17 36.36 -82.16
C MET E 358 -28.20 35.21 -82.18
N ALA E 359 -27.03 35.37 -81.53
CA ALA E 359 -26.13 34.23 -81.39
C ALA E 359 -26.70 33.13 -80.53
N ASN E 360 -27.54 33.48 -79.56
CA ASN E 360 -28.25 32.46 -78.81
C ASN E 360 -29.40 31.87 -79.63
N ARG E 361 -29.95 32.64 -80.56
CA ARG E 361 -31.05 32.12 -81.36
C ARG E 361 -30.52 31.16 -82.40
N ASP E 362 -29.34 31.44 -82.94
CA ASP E 362 -28.72 30.60 -83.96
C ASP E 362 -27.88 29.47 -83.37
N ALA E 363 -27.90 29.31 -82.06
CA ALA E 363 -27.05 28.32 -81.41
C ALA E 363 -27.65 26.93 -81.54
N VAL E 364 -26.82 25.97 -81.93
CA VAL E 364 -27.30 24.59 -82.01
C VAL E 364 -27.03 23.87 -80.69
N LEU E 365 -26.19 24.49 -79.87
CA LEU E 365 -25.74 24.01 -78.56
C LEU E 365 -24.93 22.72 -78.58
N SER E 366 -24.30 22.42 -79.71
CA SER E 366 -23.45 21.25 -79.85
C SER E 366 -24.12 19.94 -79.43
N ARG E 367 -25.36 19.72 -79.84
CA ARG E 367 -26.02 18.48 -79.43
C ARG E 367 -25.24 17.29 -79.96
N ILE E 368 -24.76 17.39 -81.19
CA ILE E 368 -23.90 16.34 -81.76
C ILE E 368 -24.21 14.83 -81.68
N PRO E 369 -25.48 14.42 -81.76
CA PRO E 369 -25.55 12.95 -81.78
C PRO E 369 -24.85 12.54 -83.08
N GLU E 370 -25.24 13.29 -84.10
CA GLU E 370 -24.74 13.27 -85.43
C GLU E 370 -24.79 14.69 -86.02
N HIS E 371 -24.21 15.67 -85.30
CA HIS E 371 -24.41 17.01 -85.84
C HIS E 371 -23.27 17.96 -85.52
N LYS E 372 -22.26 17.97 -86.37
CA LYS E 372 -20.99 18.59 -86.02
C LYS E 372 -20.60 19.72 -86.95
N SER E 373 -20.65 19.50 -88.26
CA SER E 373 -20.23 20.53 -89.19
C SER E 373 -21.23 21.67 -89.29
N ASP E 374 -22.47 21.45 -88.87
CA ASP E 374 -23.45 22.52 -88.77
C ASP E 374 -23.46 23.16 -87.38
N ARG E 375 -22.50 22.78 -86.54
CA ARG E 375 -22.34 23.32 -85.19
C ARG E 375 -21.12 24.21 -85.07
N LEU E 376 -20.00 23.81 -85.67
CA LEU E 376 -18.75 24.52 -85.51
C LEU E 376 -18.79 25.92 -86.09
N ILE E 377 -19.61 26.16 -87.12
CA ILE E 377 -19.75 27.51 -87.63
C ILE E 377 -20.54 28.37 -86.65
N SER E 378 -21.56 27.78 -86.03
CA SER E 378 -22.28 28.47 -84.98
C SER E 378 -21.38 28.83 -83.81
N LEU E 379 -20.32 28.06 -83.60
CA LEU E 379 -19.37 28.35 -82.54
C LEU E 379 -18.36 29.40 -82.97
N GLN E 380 -17.83 29.27 -84.18
CA GLN E 380 -16.80 30.19 -84.65
C GLN E 380 -17.37 31.60 -84.80
N SER E 381 -18.59 31.71 -85.32
CA SER E 381 -19.22 33.03 -85.46
C SER E 381 -19.38 33.72 -84.12
N ALA E 382 -19.91 33.00 -83.13
CA ALA E 382 -20.01 33.56 -81.79
C ALA E 382 -18.63 33.91 -81.25
N SER E 383 -17.61 33.13 -81.60
CA SER E 383 -16.26 33.47 -81.16
C SER E 383 -15.81 34.81 -81.71
N VAL E 384 -16.09 35.08 -82.98
CA VAL E 384 -15.81 36.39 -83.53
C VAL E 384 -16.56 37.45 -82.76
N VAL E 385 -17.83 37.17 -82.44
CA VAL E 385 -18.66 38.14 -81.76
C VAL E 385 -18.06 38.51 -80.43
N TYR E 386 -17.88 37.52 -79.56
CA TYR E 386 -17.39 37.80 -78.22
C TYR E 386 -15.97 38.30 -78.22
N ASP E 387 -15.16 37.96 -79.23
CA ASP E 387 -13.85 38.60 -79.33
C ASP E 387 -14.00 40.09 -79.54
N LEU E 388 -14.93 40.47 -80.41
CA LEU E 388 -15.22 41.88 -80.58
C LEU E 388 -15.75 42.51 -79.29
N LEU E 389 -16.60 41.79 -78.55
CA LEU E 389 -17.04 42.30 -77.26
C LEU E 389 -15.86 42.50 -76.32
N THR E 390 -14.88 41.60 -76.40
CA THR E 390 -13.69 41.72 -75.57
C THR E 390 -12.93 42.99 -75.88
N ILE E 391 -12.79 43.31 -77.16
CA ILE E 391 -12.13 44.57 -77.49
C ILE E 391 -12.98 45.74 -77.02
N ALA E 392 -14.30 45.63 -77.21
CA ALA E 392 -15.18 46.76 -76.93
C ALA E 392 -15.18 47.12 -75.46
N LEU E 393 -15.63 46.21 -74.60
CA LEU E 393 -15.59 46.47 -73.18
C LEU E 393 -14.17 46.50 -72.64
N GLY E 394 -13.18 46.08 -73.43
CA GLY E 394 -11.81 46.09 -72.99
C GLY E 394 -11.15 47.44 -73.07
N ARG E 395 -11.21 48.08 -74.24
CA ARG E 395 -10.62 49.40 -74.37
C ARG E 395 -11.31 50.43 -73.48
N ARG E 396 -12.54 50.15 -73.04
CA ARG E 396 -13.28 51.02 -72.14
C ARG E 396 -13.18 50.58 -70.68
N GLY E 397 -12.52 49.46 -70.39
CA GLY E 397 -12.31 49.08 -69.03
C GLY E 397 -13.53 48.65 -68.27
N GLN E 398 -14.56 48.16 -68.94
CA GLN E 398 -15.79 47.70 -68.29
C GLN E 398 -15.78 46.18 -68.24
N TYR E 399 -15.13 45.64 -67.21
CA TYR E 399 -14.84 44.22 -67.16
C TYR E 399 -15.86 43.41 -66.38
N GLU E 400 -16.62 44.03 -65.50
CA GLU E 400 -17.71 43.29 -64.88
C GLU E 400 -18.77 42.97 -65.91
N MET E 401 -19.11 43.95 -66.75
CA MET E 401 -20.04 43.67 -67.83
C MET E 401 -19.46 42.67 -68.81
N LEU E 402 -18.14 42.73 -69.03
CA LEU E 402 -17.50 41.75 -69.88
C LEU E 402 -17.64 40.35 -69.29
N SER E 403 -17.50 40.24 -67.98
CA SER E 403 -17.68 38.95 -67.33
C SER E 403 -19.10 38.48 -67.44
N GLU E 404 -20.07 39.39 -67.39
CA GLU E 404 -21.44 38.96 -67.57
C GLU E 404 -21.70 38.52 -69.00
N CYS E 405 -21.05 39.16 -69.97
CA CYS E 405 -21.25 38.80 -71.36
C CYS E 405 -20.65 37.43 -71.65
N LEU E 406 -19.41 37.21 -71.25
CA LEU E 406 -18.80 35.91 -71.47
C LEU E 406 -19.46 34.85 -70.63
N GLU E 407 -19.98 35.23 -69.46
CA GLU E 407 -20.78 34.29 -68.68
C GLU E 407 -22.05 33.91 -69.41
N ARG E 408 -22.59 34.82 -70.22
CA ARG E 408 -23.66 34.42 -71.12
C ARG E 408 -23.12 33.61 -72.30
N ALA E 409 -21.84 33.75 -72.60
CA ALA E 409 -21.22 32.96 -73.66
C ALA E 409 -20.91 31.54 -73.23
N MET E 410 -20.89 31.27 -71.94
CA MET E 410 -20.48 29.96 -71.48
C MET E 410 -21.49 28.87 -71.76
N LYS E 411 -22.60 29.07 -72.46
CA LYS E 411 -23.47 27.94 -72.75
C LYS E 411 -22.94 27.08 -73.89
N PHE E 412 -21.83 27.47 -74.51
CA PHE E 412 -21.29 26.80 -75.68
C PHE E 412 -20.21 25.79 -75.34
N ALA E 413 -19.20 26.21 -74.58
CA ALA E 413 -18.00 25.41 -74.41
C ALA E 413 -18.31 24.20 -73.55
N PHE E 414 -18.18 23.01 -74.12
CA PHE E 414 -18.17 21.79 -73.33
C PHE E 414 -16.73 21.37 -73.05
N GLU E 415 -15.95 21.23 -74.11
CA GLU E 415 -14.50 21.06 -73.99
C GLU E 415 -13.77 22.21 -74.65
N GLU E 416 -14.49 23.24 -75.10
CA GLU E 416 -13.90 24.31 -75.88
C GLU E 416 -13.10 25.25 -75.00
N PHE E 417 -11.79 25.20 -75.12
CA PHE E 417 -10.89 25.79 -74.12
C PHE E 417 -10.90 27.30 -74.15
N HIS E 418 -10.91 27.90 -75.35
CA HIS E 418 -10.74 29.33 -75.48
C HIS E 418 -11.83 30.09 -74.75
N LEU E 419 -13.05 29.58 -74.76
CA LEU E 419 -14.13 30.27 -74.07
C LEU E 419 -13.93 30.25 -72.57
N TRP E 420 -13.53 29.10 -72.02
CA TRP E 420 -13.26 29.04 -70.59
C TRP E 420 -12.13 29.96 -70.22
N TYR E 421 -11.11 30.03 -71.05
CA TYR E 421 -9.94 30.79 -70.66
C TYR E 421 -10.18 32.28 -70.75
N GLN E 422 -10.80 32.74 -71.83
CA GLN E 422 -11.18 34.14 -71.90
C GLN E 422 -12.17 34.49 -70.81
N PHE E 423 -13.08 33.57 -70.49
CA PHE E 423 -13.97 33.82 -69.38
C PHE E 423 -13.19 33.98 -68.08
N ALA E 424 -12.14 33.19 -67.92
CA ALA E 424 -11.34 33.26 -66.70
C ALA E 424 -10.61 34.58 -66.61
N LEU E 425 -9.95 34.99 -67.69
CA LEU E 425 -9.30 36.29 -67.67
C LEU E 425 -10.31 37.40 -67.46
N SER E 426 -11.52 37.22 -67.97
CA SER E 426 -12.54 38.23 -67.78
C SER E 426 -12.93 38.34 -66.31
N LEU E 427 -13.11 37.19 -65.64
CA LEU E 427 -13.38 37.25 -64.21
C LEU E 427 -12.20 37.83 -63.44
N MET E 428 -10.98 37.61 -63.94
CA MET E 428 -9.80 38.04 -63.20
C MET E 428 -9.58 39.54 -63.32
N ALA E 429 -9.80 40.10 -64.50
CA ALA E 429 -9.59 41.53 -64.66
C ALA E 429 -10.61 42.35 -63.89
N ALA E 430 -11.75 41.75 -63.53
CA ALA E 430 -12.81 42.45 -62.83
C ALA E 430 -12.81 42.18 -61.33
N GLY E 431 -11.68 41.76 -60.77
CA GLY E 431 -11.55 41.59 -59.35
C GLY E 431 -12.19 40.35 -58.77
N LYS E 432 -13.01 39.64 -59.54
CA LYS E 432 -13.57 38.38 -59.05
C LYS E 432 -12.45 37.35 -58.96
N SER E 433 -12.22 36.83 -57.76
CA SER E 433 -11.05 36.00 -57.50
C SER E 433 -11.37 34.56 -57.20
N ALA E 434 -12.43 34.28 -56.42
CA ALA E 434 -12.74 32.90 -56.09
C ALA E 434 -13.22 32.14 -57.32
N ARG E 435 -14.25 32.67 -57.98
CA ARG E 435 -14.75 32.05 -59.20
C ARG E 435 -13.65 31.94 -60.23
N ALA E 436 -12.76 32.92 -60.30
CA ALA E 436 -11.63 32.83 -61.22
C ALA E 436 -10.76 31.63 -60.89
N VAL E 437 -10.59 31.32 -59.61
CA VAL E 437 -9.79 30.15 -59.28
C VAL E 437 -10.52 28.88 -59.69
N LYS E 438 -11.85 28.86 -59.52
CA LYS E 438 -12.58 27.68 -59.97
C LYS E 438 -12.43 27.49 -61.47
N VAL E 439 -12.64 28.56 -62.24
CA VAL E 439 -12.56 28.48 -63.69
C VAL E 439 -11.16 28.09 -64.12
N LEU E 440 -10.14 28.56 -63.40
CA LEU E 440 -8.80 28.11 -63.72
C LEU E 440 -8.60 26.66 -63.37
N LYS E 441 -9.32 26.14 -62.38
CA LYS E 441 -9.31 24.70 -62.18
C LYS E 441 -9.84 23.99 -63.40
N GLU E 442 -10.97 24.45 -63.92
CA GLU E 442 -11.52 23.82 -65.11
C GLU E 442 -10.61 23.98 -66.31
N CYS E 443 -9.88 25.09 -66.39
CA CYS E 443 -8.95 25.28 -67.48
C CYS E 443 -7.73 24.39 -67.34
N ILE E 444 -7.35 24.06 -66.11
CA ILE E 444 -6.34 23.02 -65.91
C ILE E 444 -6.87 21.69 -66.40
N ARG E 445 -8.14 21.41 -66.11
CA ARG E 445 -8.73 20.15 -66.56
C ARG E 445 -8.76 20.09 -68.08
N LEU E 446 -9.01 21.22 -68.74
CA LEU E 446 -9.08 21.20 -70.20
C LEU E 446 -7.68 21.09 -70.79
N LYS E 447 -6.84 22.08 -70.55
CA LYS E 447 -5.51 22.12 -71.15
C LYS E 447 -4.46 22.14 -70.06
N PRO E 448 -3.79 21.01 -69.78
CA PRO E 448 -2.67 21.03 -68.83
C PRO E 448 -1.38 21.55 -69.42
N ASP E 449 -1.36 21.92 -70.71
CA ASP E 449 -0.12 22.34 -71.33
C ASP E 449 0.29 23.77 -70.98
N ASP E 450 -0.58 24.52 -70.31
CA ASP E 450 -0.33 25.92 -70.02
C ASP E 450 0.00 26.09 -68.54
N ALA E 451 1.12 26.77 -68.27
CA ALA E 451 1.46 27.12 -66.90
C ALA E 451 0.82 28.43 -66.47
N THR E 452 0.39 29.26 -67.42
CA THR E 452 -0.22 30.53 -67.06
C THR E 452 -1.47 30.34 -66.22
N ILE E 453 -2.16 29.23 -66.42
CA ILE E 453 -3.44 28.99 -65.74
C ILE E 453 -3.20 28.71 -64.26
N PRO E 454 -2.43 27.68 -63.89
CA PRO E 454 -2.15 27.46 -62.46
C PRO E 454 -1.26 28.53 -61.88
N LEU E 455 -0.53 29.26 -62.73
CA LEU E 455 0.24 30.39 -62.24
C LEU E 455 -0.69 31.52 -61.81
N LEU E 456 -1.72 31.80 -62.61
CA LEU E 456 -2.67 32.81 -62.19
C LEU E 456 -3.48 32.34 -61.00
N ALA E 457 -3.86 31.07 -60.99
CA ALA E 457 -4.56 30.55 -59.83
C ALA E 457 -3.71 30.68 -58.59
N ALA E 458 -2.40 30.44 -58.71
CA ALA E 458 -1.51 30.66 -57.59
C ALA E 458 -1.43 32.14 -57.25
N LYS E 459 -1.59 33.02 -58.23
CA LYS E 459 -1.55 34.44 -57.92
C LYS E 459 -2.77 34.86 -57.11
N LEU E 460 -3.95 34.37 -57.50
CA LEU E 460 -5.15 34.73 -56.79
C LEU E 460 -5.29 34.00 -55.47
N CYS E 461 -4.63 32.86 -55.32
CA CYS E 461 -4.74 32.13 -54.06
C CYS E 461 -3.82 32.70 -52.99
N MET E 462 -2.70 33.28 -53.39
CA MET E 462 -1.83 33.97 -52.45
C MET E 462 -2.15 35.46 -52.33
N GLY E 463 -3.14 35.94 -53.07
CA GLY E 463 -3.50 37.33 -53.00
C GLY E 463 -4.58 37.59 -51.98
N SER E 464 -5.68 38.21 -52.42
CA SER E 464 -6.73 38.58 -51.49
C SER E 464 -7.49 37.37 -50.95
N LEU E 465 -7.53 36.28 -51.71
CA LEU E 465 -8.21 35.10 -51.19
C LEU E 465 -7.46 34.51 -50.02
N HIS E 466 -6.13 34.48 -50.11
CA HIS E 466 -5.30 33.89 -49.08
C HIS E 466 -5.64 32.43 -48.89
N TRP E 467 -5.44 31.66 -49.95
CA TRP E 467 -5.57 30.21 -49.93
C TRP E 467 -4.17 29.65 -50.14
N LEU E 468 -3.43 29.50 -49.04
CA LEU E 468 -2.04 29.12 -49.16
C LEU E 468 -1.86 27.66 -49.51
N GLU E 469 -2.72 26.80 -48.97
CA GLU E 469 -2.66 25.39 -49.33
C GLU E 469 -2.94 25.20 -50.82
N GLU E 470 -4.03 25.80 -51.30
CA GLU E 470 -4.35 25.74 -52.71
C GLU E 470 -3.23 26.32 -53.55
N ALA E 471 -2.70 27.47 -53.13
CA ALA E 471 -1.59 28.08 -53.85
C ALA E 471 -0.41 27.13 -53.94
N GLU E 472 -0.19 26.35 -52.88
CA GLU E 472 0.85 25.33 -52.94
C GLU E 472 0.53 24.29 -53.99
N LYS E 473 -0.73 23.86 -54.06
CA LYS E 473 -1.06 22.83 -55.03
C LYS E 473 -0.91 23.33 -56.46
N PHE E 474 -1.47 24.51 -56.76
CA PHE E 474 -1.34 25.06 -58.09
C PHE E 474 0.12 25.28 -58.45
N ALA E 475 0.91 25.77 -57.49
CA ALA E 475 2.32 25.95 -57.78
C ALA E 475 3.00 24.62 -58.05
N LYS E 476 2.59 23.56 -57.35
CA LYS E 476 3.13 22.24 -57.64
C LYS E 476 2.77 21.82 -59.06
N THR E 477 1.56 22.16 -59.50
CA THR E 477 1.17 21.86 -60.86
C THR E 477 1.86 22.76 -61.88
N VAL E 478 2.43 23.88 -61.44
CA VAL E 478 3.32 24.61 -62.35
C VAL E 478 4.66 23.91 -62.42
N VAL E 479 5.19 23.48 -61.28
CA VAL E 479 6.49 22.84 -61.26
C VAL E 479 6.46 21.50 -61.98
N ASP E 480 5.29 20.85 -62.01
CA ASP E 480 5.19 19.61 -62.76
C ASP E 480 5.31 19.85 -64.25
N VAL E 481 4.93 21.04 -64.71
CA VAL E 481 5.02 21.37 -66.13
C VAL E 481 6.35 22.05 -66.44
N THR E 485 9.18 27.22 -71.07
CA THR E 485 10.54 27.73 -70.86
C THR E 485 10.80 28.00 -69.39
N SER E 486 12.00 28.48 -69.10
CA SER E 486 12.38 28.82 -67.73
C SER E 486 11.75 30.11 -67.25
N GLU E 487 11.27 30.96 -68.16
CA GLU E 487 10.64 32.21 -67.73
C GLU E 487 9.31 31.97 -67.05
N PHE E 488 8.69 30.83 -67.29
CA PHE E 488 7.46 30.47 -66.60
C PHE E 488 7.72 29.61 -65.37
N LYS E 489 8.61 28.63 -65.47
CA LYS E 489 8.89 27.80 -64.31
C LYS E 489 9.62 28.58 -63.23
N ALA E 490 10.37 29.63 -63.63
CA ALA E 490 10.92 30.54 -62.65
C ALA E 490 9.83 31.22 -61.86
N LYS E 491 8.74 31.61 -62.53
CA LYS E 491 7.57 32.04 -61.81
C LYS E 491 6.92 30.90 -61.04
N GLY E 492 7.18 29.66 -61.44
CA GLY E 492 6.63 28.54 -60.70
C GLY E 492 7.27 28.41 -59.34
N TYR E 493 8.60 28.44 -59.29
CA TYR E 493 9.27 28.43 -58.01
C TYR E 493 9.11 29.76 -57.29
N LEU E 494 8.81 30.83 -58.01
CA LEU E 494 8.58 32.09 -57.35
C LEU E 494 7.25 32.08 -56.62
N ALA E 495 6.21 31.57 -57.26
CA ALA E 495 4.92 31.44 -56.59
C ALA E 495 4.97 30.37 -55.53
N LEU E 496 5.74 29.32 -55.76
CA LEU E 496 5.90 28.30 -54.74
C LEU E 496 6.64 28.85 -53.54
N GLY E 497 7.59 29.77 -53.79
CA GLY E 497 8.37 30.35 -52.73
C GLY E 497 7.59 31.38 -51.95
N LEU E 498 6.87 32.25 -52.64
CA LEU E 498 5.98 33.16 -51.94
C LEU E 498 4.92 32.40 -51.18
N THR E 499 4.46 31.28 -51.72
CA THR E 499 3.49 30.48 -51.00
C THR E 499 4.10 29.91 -49.72
N TYR E 500 5.32 29.38 -49.82
CA TYR E 500 5.99 28.87 -48.63
C TYR E 500 6.24 29.98 -47.62
N SER E 501 6.55 31.18 -48.09
CA SER E 501 6.84 32.28 -47.18
C SER E 501 5.58 32.72 -46.46
N LEU E 502 4.48 32.85 -47.19
CA LEU E 502 3.22 33.19 -46.55
C LEU E 502 2.78 32.10 -45.59
N GLN E 503 3.08 30.86 -45.90
CA GLN E 503 2.80 29.81 -44.93
C GLN E 503 3.74 29.91 -43.74
N ALA E 504 4.94 30.43 -43.97
CA ALA E 504 5.88 30.58 -42.87
C ALA E 504 5.41 31.66 -41.90
N THR E 505 4.78 32.71 -42.43
CA THR E 505 4.28 33.76 -41.56
C THR E 505 3.14 33.26 -40.69
N ASP E 506 2.29 32.41 -41.24
CA ASP E 506 1.03 32.07 -40.61
C ASP E 506 1.07 30.74 -39.87
N ALA E 507 2.26 30.28 -39.50
CA ALA E 507 2.40 29.03 -38.77
C ALA E 507 2.58 29.31 -37.28
N SER E 508 2.26 28.31 -36.46
CA SER E 508 2.31 28.47 -35.01
C SER E 508 3.67 28.10 -34.42
N LEU E 509 4.11 26.87 -34.63
CA LEU E 509 5.37 26.45 -34.03
C LEU E 509 6.56 27.17 -34.61
N ARG E 510 7.63 27.21 -33.82
CA ARG E 510 8.88 27.76 -34.33
C ARG E 510 9.47 26.85 -35.39
N GLY E 511 9.49 25.54 -35.13
CA GLY E 511 10.16 24.63 -36.04
C GLY E 511 9.49 24.57 -37.40
N MET E 512 8.16 24.58 -37.43
CA MET E 512 7.47 24.57 -38.71
C MET E 512 7.73 25.87 -39.45
N GLN E 513 7.74 26.98 -38.73
CA GLN E 513 8.02 28.27 -39.35
C GLN E 513 9.41 28.27 -39.97
N GLU E 514 10.38 27.67 -39.29
CA GLU E 514 11.73 27.65 -39.83
C GLU E 514 11.84 26.68 -41.00
N VAL E 515 11.07 25.59 -40.95
CA VAL E 515 11.00 24.69 -42.10
C VAL E 515 10.52 25.44 -43.32
N LEU E 516 9.40 26.15 -43.18
CA LEU E 516 8.83 26.86 -44.32
C LEU E 516 9.72 28.01 -44.75
N GLN E 517 10.42 28.62 -43.80
CA GLN E 517 11.34 29.68 -44.18
C GLN E 517 12.48 29.13 -45.01
N ARG E 518 13.01 27.96 -44.63
CA ARG E 518 14.05 27.36 -45.43
C ARG E 518 13.52 26.90 -46.77
N LYS E 519 12.26 26.44 -46.81
CA LYS E 519 11.67 26.06 -48.07
C LYS E 519 11.58 27.25 -49.02
N ALA E 520 11.01 28.35 -48.54
CA ALA E 520 10.88 29.53 -49.40
C ALA E 520 12.24 30.10 -49.74
N LEU E 521 13.20 30.03 -48.83
CA LEU E 521 14.54 30.50 -49.12
C LEU E 521 15.17 29.67 -50.23
N LEU E 522 14.95 28.36 -50.18
CA LEU E 522 15.45 27.47 -51.22
C LEU E 522 14.77 27.74 -52.56
N ALA E 523 13.44 27.87 -52.55
CA ALA E 523 12.72 28.11 -53.79
C ALA E 523 13.08 29.46 -54.39
N PHE E 524 13.31 30.46 -53.54
CA PHE E 524 13.73 31.76 -54.05
C PHE E 524 15.14 31.69 -54.60
N GLN E 525 16.00 30.86 -54.01
CA GLN E 525 17.30 30.63 -54.62
C GLN E 525 17.15 29.97 -55.98
N ARG E 526 16.19 29.05 -56.10
CA ARG E 526 15.96 28.36 -57.38
C ARG E 526 15.50 29.35 -58.44
N ALA E 527 14.48 30.15 -58.12
CA ALA E 527 13.99 31.15 -59.06
C ALA E 527 15.02 32.22 -59.34
N HIS E 528 15.92 32.47 -58.39
CA HIS E 528 16.99 33.42 -58.64
C HIS E 528 18.03 32.86 -59.59
N SER E 529 18.30 31.56 -59.49
CA SER E 529 19.21 30.92 -60.42
C SER E 529 18.61 30.83 -61.81
N LEU E 530 17.34 30.43 -61.88
CA LEU E 530 16.71 30.16 -63.17
C LEU E 530 16.55 31.42 -64.01
N SER E 531 16.55 32.60 -63.40
CA SER E 531 16.35 33.85 -64.13
C SER E 531 17.43 34.83 -63.68
N PRO E 532 18.29 35.28 -64.59
CA PRO E 532 19.23 36.36 -64.23
C PRO E 532 18.65 37.75 -64.36
N THR E 533 17.52 37.93 -65.03
CA THR E 533 16.95 39.25 -65.30
C THR E 533 15.57 39.41 -64.66
N ASP E 534 15.42 38.95 -63.42
CA ASP E 534 14.15 39.03 -62.70
C ASP E 534 14.35 39.84 -61.44
N HIS E 535 13.71 41.01 -61.38
CA HIS E 535 13.75 41.81 -60.18
C HIS E 535 12.91 41.22 -59.05
N GLN E 536 12.02 40.29 -59.38
CA GLN E 536 11.21 39.66 -58.34
C GLN E 536 11.89 38.45 -57.73
N ALA E 537 12.68 37.71 -58.50
CA ALA E 537 13.47 36.65 -57.90
C ALA E 537 14.55 37.23 -57.01
N ALA E 538 15.30 38.21 -57.52
CA ALA E 538 16.30 38.88 -56.70
C ALA E 538 15.65 39.61 -55.54
N PHE E 539 14.54 40.29 -55.79
CA PHE E 539 13.97 41.15 -54.76
C PHE E 539 13.35 40.30 -53.65
N TYR E 540 12.46 39.38 -53.99
CA TYR E 540 11.84 38.57 -52.95
C TYR E 540 12.83 37.58 -52.35
N LEU E 541 13.89 37.23 -53.07
CA LEU E 541 14.98 36.53 -52.42
C LEU E 541 15.62 37.40 -51.36
N ALA E 542 15.87 38.67 -51.68
CA ALA E 542 16.44 39.59 -50.71
C ALA E 542 15.49 39.83 -49.55
N LEU E 543 14.18 39.69 -49.78
CA LEU E 543 13.19 39.91 -48.73
C LEU E 543 13.08 38.70 -47.83
N GLN E 544 13.17 37.50 -48.40
CA GLN E 544 13.17 36.32 -47.55
C GLN E 544 14.47 36.21 -46.79
N LEU E 545 15.57 36.68 -47.37
CA LEU E 545 16.82 36.73 -46.62
C LEU E 545 16.78 37.82 -45.57
N ALA E 546 16.01 38.88 -45.84
CA ALA E 546 15.87 39.93 -44.84
C ALA E 546 15.05 39.44 -43.67
N ILE E 547 14.02 38.63 -43.91
CA ILE E 547 13.34 37.98 -42.81
C ILE E 547 14.28 36.98 -42.14
N SER E 548 15.21 36.43 -42.91
CA SER E 548 16.24 35.57 -42.36
C SER E 548 17.35 36.36 -41.68
N ARG E 549 17.24 37.69 -41.64
CA ARG E 549 18.08 38.57 -40.84
C ARG E 549 19.52 38.66 -41.32
N GLN E 550 19.87 38.02 -42.43
CA GLN E 550 21.21 38.08 -42.98
C GLN E 550 21.29 39.31 -43.86
N ILE E 551 21.82 40.40 -43.31
CA ILE E 551 21.59 41.73 -43.83
C ILE E 551 22.43 42.03 -45.06
N PRO E 552 23.76 41.91 -45.00
CA PRO E 552 24.56 42.34 -46.16
C PRO E 552 24.32 41.51 -47.39
N GLU E 553 23.97 40.23 -47.24
CA GLU E 553 23.65 39.43 -48.42
C GLU E 553 22.38 39.93 -49.09
N ALA E 554 21.33 40.13 -48.30
CA ALA E 554 20.11 40.73 -48.81
C ALA E 554 20.40 42.09 -49.43
N LEU E 555 21.36 42.84 -48.87
CA LEU E 555 21.78 44.09 -49.49
C LEU E 555 22.40 43.84 -50.84
N GLY E 556 23.17 42.76 -50.98
CA GLY E 556 23.74 42.45 -52.28
C GLY E 556 22.66 42.19 -53.31
N TYR E 557 21.69 41.35 -52.95
CA TYR E 557 20.60 41.09 -53.87
C TYR E 557 19.75 42.32 -54.12
N VAL E 558 19.67 43.24 -53.16
CA VAL E 558 18.98 44.49 -53.41
C VAL E 558 19.76 45.34 -54.39
N ARG E 559 21.09 45.31 -54.29
CA ARG E 559 21.92 45.98 -55.28
C ARG E 559 21.73 45.35 -56.64
N GLN E 560 21.39 44.06 -56.68
CA GLN E 560 21.07 43.44 -57.95
C GLN E 560 19.70 43.90 -58.45
N ALA E 561 18.75 44.09 -57.53
CA ALA E 561 17.42 44.52 -57.93
C ALA E 561 17.46 45.93 -58.49
N LEU E 562 18.01 46.88 -57.72
CA LEU E 562 18.18 48.23 -58.25
C LEU E 562 19.17 48.25 -59.39
N GLN E 563 20.08 47.28 -59.45
CA GLN E 563 20.91 47.14 -60.63
C GLN E 563 20.05 46.87 -61.85
N LEU E 564 18.96 46.12 -61.68
CA LEU E 564 18.02 45.92 -62.76
C LEU E 564 17.19 47.17 -63.00
N GLN E 565 16.42 47.57 -62.00
CA GLN E 565 15.54 48.72 -62.10
C GLN E 565 15.80 49.64 -60.91
N GLY E 566 16.33 50.82 -61.18
CA GLY E 566 16.60 51.79 -60.14
C GLY E 566 15.47 52.75 -59.85
N ASP E 567 14.25 52.46 -60.28
CA ASP E 567 13.12 53.36 -60.11
C ASP E 567 11.93 52.61 -59.54
N ASP E 568 12.18 51.82 -58.51
CA ASP E 568 11.17 51.00 -57.89
C ASP E 568 10.86 51.50 -56.50
N ALA E 569 9.63 51.24 -56.06
CA ALA E 569 9.21 51.61 -54.71
C ALA E 569 9.67 50.59 -53.69
N ASN E 570 9.40 49.31 -53.96
CA ASN E 570 9.75 48.29 -52.98
C ASN E 570 11.24 48.04 -52.93
N SER E 571 11.93 48.18 -54.07
CA SER E 571 13.37 47.96 -54.06
C SER E 571 14.08 49.05 -53.28
N LEU E 572 13.78 50.31 -53.59
CA LEU E 572 14.32 51.40 -52.79
C LEU E 572 13.87 51.30 -51.34
N HIS E 573 12.65 50.82 -51.11
CA HIS E 573 12.16 50.68 -49.75
C HIS E 573 12.97 49.65 -48.98
N LEU E 574 13.30 48.54 -49.61
CA LEU E 574 14.08 47.53 -48.93
C LEU E 574 15.51 47.98 -48.75
N LEU E 575 16.03 48.77 -49.70
CA LEU E 575 17.35 49.36 -49.52
C LEU E 575 17.37 50.25 -48.29
N ALA E 576 16.36 51.11 -48.13
CA ALA E 576 16.34 52.01 -47.00
C ALA E 576 16.11 51.27 -45.69
N LEU E 577 15.27 50.23 -45.70
CA LEU E 577 15.05 49.49 -44.47
C LEU E 577 16.31 48.74 -44.05
N LEU E 578 17.02 48.16 -45.02
CA LEU E 578 18.27 47.49 -44.68
C LEU E 578 19.32 48.49 -44.22
N LEU E 579 19.35 49.68 -44.81
CA LEU E 579 20.27 50.71 -44.33
C LEU E 579 19.86 51.24 -42.97
N SER E 580 18.59 51.06 -42.58
CA SER E 580 18.16 51.34 -41.23
C SER E 580 18.41 50.15 -40.32
N ALA E 581 18.72 49.00 -40.88
CA ALA E 581 19.12 47.84 -40.08
C ALA E 581 20.61 47.86 -39.77
N GLN E 582 21.43 48.36 -40.70
CA GLN E 582 22.83 48.59 -40.44
C GLN E 582 23.09 49.98 -39.88
N LYS E 583 22.02 50.70 -39.52
CA LYS E 583 22.14 51.95 -38.79
C LYS E 583 22.87 53.01 -39.61
N HIS E 584 22.56 53.06 -40.90
CA HIS E 584 22.99 54.16 -41.75
C HIS E 584 21.78 55.08 -41.87
N TYR E 585 21.71 56.05 -40.97
CA TYR E 585 20.48 56.82 -40.79
C TYR E 585 20.26 57.82 -41.90
N HIS E 586 21.21 58.74 -42.09
CA HIS E 586 21.03 59.75 -43.13
C HIS E 586 21.17 59.15 -44.53
N ASP E 587 21.90 58.05 -44.67
CA ASP E 587 21.92 57.37 -45.95
C ASP E 587 20.53 56.86 -46.31
N ALA E 588 19.93 56.09 -45.40
CA ALA E 588 18.58 55.56 -45.66
C ALA E 588 17.58 56.69 -45.79
N LEU E 589 17.73 57.74 -45.00
CA LEU E 589 16.81 58.86 -45.09
C LEU E 589 16.94 59.56 -46.43
N ASN E 590 18.14 59.57 -47.00
CA ASN E 590 18.30 60.14 -48.33
C ASN E 590 17.72 59.21 -49.39
N ILE E 591 17.81 57.89 -49.17
CA ILE E 591 17.14 56.97 -50.08
C ILE E 591 15.63 57.21 -50.06
N ILE E 592 15.08 57.51 -48.88
CA ILE E 592 13.67 57.86 -48.82
C ILE E 592 13.42 59.22 -49.43
N ASP E 593 14.44 60.09 -49.40
CA ASP E 593 14.27 61.40 -50.01
C ASP E 593 14.17 61.30 -51.51
N MET E 594 15.02 60.48 -52.12
CA MET E 594 14.92 60.24 -53.55
C MET E 594 13.66 59.47 -53.88
N ALA E 595 13.41 58.39 -53.14
CA ALA E 595 12.26 57.54 -53.41
C ALA E 595 10.94 58.27 -53.23
N LEU E 596 10.91 59.30 -52.39
CA LEU E 596 9.72 60.14 -52.30
C LEU E 596 9.79 61.32 -53.25
N SER E 597 10.98 61.69 -53.72
CA SER E 597 11.09 62.72 -54.74
C SER E 597 10.56 62.23 -56.06
N GLU E 598 10.62 60.92 -56.30
CA GLU E 598 10.03 60.34 -57.49
C GLU E 598 8.68 59.69 -57.23
N TYR E 599 8.45 59.17 -56.03
CA TYR E 599 7.17 58.57 -55.64
C TYR E 599 6.63 59.35 -54.45
N PRO E 600 6.02 60.50 -54.68
CA PRO E 600 5.55 61.29 -53.53
C PRO E 600 4.35 60.69 -52.82
N GLU E 601 3.31 60.30 -53.55
CA GLU E 601 2.07 59.85 -52.93
C GLU E 601 2.15 58.43 -52.44
N ASN E 602 3.32 57.80 -52.46
CA ASN E 602 3.42 56.46 -51.91
C ASN E 602 3.36 56.52 -50.39
N PHE E 603 2.41 55.78 -49.82
CA PHE E 603 2.22 55.84 -48.38
C PHE E 603 3.39 55.23 -47.64
N ILE E 604 3.83 54.04 -48.07
CA ILE E 604 4.70 53.26 -47.22
C ILE E 604 6.09 53.89 -47.15
N LEU E 605 6.55 54.48 -48.25
CA LEU E 605 7.78 55.25 -48.16
C LEU E 605 7.63 56.42 -47.20
N LEU E 606 6.44 57.00 -47.12
CA LEU E 606 6.22 58.07 -46.17
C LEU E 606 6.28 57.56 -44.75
N PHE E 607 5.74 56.38 -44.47
CA PHE E 607 5.92 55.80 -43.15
C PHE E 607 7.39 55.61 -42.85
N SER E 608 8.17 55.17 -43.85
CA SER E 608 9.61 55.04 -43.66
C SER E 608 10.26 56.38 -43.36
N LYS E 609 9.76 57.45 -43.98
CA LYS E 609 10.24 58.78 -43.65
C LYS E 609 9.91 59.13 -42.21
N VAL E 610 8.73 58.69 -41.74
CA VAL E 610 8.34 58.93 -40.36
C VAL E 610 9.32 58.26 -39.40
N LYS E 611 9.59 56.98 -39.64
CA LYS E 611 10.44 56.27 -38.71
C LYS E 611 11.87 56.78 -38.77
N LEU E 612 12.39 57.02 -39.97
CA LEU E 612 13.77 57.52 -40.07
C LEU E 612 13.90 58.90 -39.48
N GLN E 613 12.89 59.75 -39.63
CA GLN E 613 12.90 61.01 -38.93
C GLN E 613 12.80 60.84 -37.43
N SER E 614 12.14 59.79 -36.97
CA SER E 614 12.19 59.47 -35.56
C SER E 614 13.58 59.00 -35.15
N LEU E 615 14.37 58.47 -36.08
CA LEU E 615 15.72 58.05 -35.75
C LEU E 615 16.66 59.25 -35.67
N CYS E 616 16.84 59.94 -36.78
CA CYS E 616 17.90 60.95 -36.87
C CYS E 616 17.36 62.34 -37.15
N ARG E 617 16.09 62.59 -36.87
CA ARG E 617 15.60 63.95 -37.09
C ARG E 617 14.88 64.47 -35.86
N GLY E 618 14.22 63.60 -35.12
CA GLY E 618 13.50 64.02 -33.94
C GLY E 618 12.02 64.15 -34.22
N PRO E 619 11.27 64.57 -33.20
CA PRO E 619 9.80 64.50 -33.30
C PRO E 619 9.16 65.61 -34.11
N ASP E 620 9.83 66.75 -34.26
CA ASP E 620 9.20 67.87 -34.95
C ASP E 620 8.98 67.55 -36.42
N GLU E 621 10.05 67.23 -37.15
CA GLU E 621 9.92 66.90 -38.55
C GLU E 621 9.09 65.65 -38.75
N ALA E 622 9.10 64.74 -37.77
CA ALA E 622 8.24 63.57 -37.86
C ALA E 622 6.77 63.98 -37.84
N LEU E 623 6.40 64.89 -36.94
CA LEU E 623 5.03 65.39 -36.94
C LEU E 623 4.74 66.14 -38.24
N LEU E 624 5.73 66.83 -38.80
CA LEU E 624 5.55 67.48 -40.09
C LEU E 624 5.22 66.45 -41.17
N THR E 625 5.92 65.33 -41.15
CA THR E 625 5.63 64.27 -42.12
C THR E 625 4.27 63.65 -41.87
N CYS E 626 3.86 63.55 -40.61
CA CYS E 626 2.57 62.95 -40.30
C CYS E 626 1.44 63.82 -40.80
N LYS E 627 1.49 65.12 -40.52
CA LYS E 627 0.48 66.01 -41.06
C LYS E 627 0.57 66.11 -42.57
N HIS E 628 1.78 65.94 -43.11
CA HIS E 628 1.93 65.87 -44.56
C HIS E 628 1.18 64.68 -45.13
N MET E 629 1.23 63.55 -44.42
CA MET E 629 0.47 62.39 -44.84
C MET E 629 -1.01 62.57 -44.59
N LEU E 630 -1.40 63.42 -43.63
CA LEU E 630 -2.80 63.81 -43.55
C LEU E 630 -3.21 64.59 -44.79
N GLN E 631 -2.30 65.45 -45.28
CA GLN E 631 -2.57 66.16 -46.52
C GLN E 631 -2.68 65.20 -47.70
N ILE E 632 -1.90 64.12 -47.69
CA ILE E 632 -1.94 63.23 -48.83
C ILE E 632 -3.13 62.29 -48.76
N TRP E 633 -3.55 61.89 -47.56
CA TRP E 633 -4.74 61.06 -47.46
C TRP E 633 -5.99 61.86 -47.75
N LYS E 634 -6.06 63.08 -47.23
CA LYS E 634 -7.17 63.95 -47.59
C LYS E 634 -7.11 64.34 -49.06
N SER E 635 -5.92 64.33 -49.65
CA SER E 635 -5.78 64.62 -51.07
C SER E 635 -6.33 63.47 -51.91
N CYS E 636 -5.79 62.28 -51.71
CA CYS E 636 -6.13 61.15 -52.57
C CYS E 636 -7.50 60.56 -52.28
N TYR E 637 -8.12 60.91 -51.16
CA TYR E 637 -9.38 60.27 -50.78
C TYR E 637 -10.29 61.30 -50.14
N ASN E 638 -11.51 60.85 -49.81
CA ASN E 638 -12.51 61.69 -49.17
C ASN E 638 -12.71 61.28 -47.71
N GLY E 707 -14.47 55.82 -48.39
CA GLY E 707 -14.55 55.02 -49.60
C GLY E 707 -14.24 53.55 -49.38
N PRO E 708 -13.14 53.08 -49.97
CA PRO E 708 -12.72 51.68 -49.76
C PRO E 708 -12.16 51.47 -48.37
N LEU E 709 -11.90 50.21 -48.06
CA LEU E 709 -11.61 49.83 -46.67
C LEU E 709 -10.22 50.25 -46.23
N HIS E 710 -9.20 49.84 -46.99
CA HIS E 710 -7.81 50.03 -46.57
C HIS E 710 -7.38 51.49 -46.37
N PRO E 711 -7.99 52.49 -47.00
CA PRO E 711 -7.65 53.86 -46.60
C PRO E 711 -8.06 54.18 -45.17
N TRP E 712 -9.09 53.53 -44.63
CA TRP E 712 -9.38 53.65 -43.21
C TRP E 712 -8.20 53.17 -42.38
N MET E 713 -7.64 52.02 -42.77
CA MET E 713 -6.50 51.50 -42.05
C MET E 713 -5.27 52.35 -42.25
N THR E 714 -5.13 52.96 -43.42
CA THR E 714 -3.96 53.80 -43.66
C THR E 714 -4.03 55.05 -42.80
N LEU E 715 -5.21 55.65 -42.71
CA LEU E 715 -5.39 56.77 -41.82
C LEU E 715 -5.09 56.38 -40.38
N ALA E 716 -5.61 55.23 -39.95
CA ALA E 716 -5.31 54.76 -38.59
C ALA E 716 -3.82 54.57 -38.40
N GLN E 717 -3.11 54.14 -39.45
CA GLN E 717 -1.65 54.09 -39.39
C GLN E 717 -1.06 55.47 -39.18
N ILE E 718 -1.64 56.49 -39.80
CA ILE E 718 -1.11 57.84 -39.61
C ILE E 718 -1.32 58.30 -38.19
N TRP E 719 -2.55 58.13 -37.67
CA TRP E 719 -2.83 58.53 -36.30
C TRP E 719 -1.94 57.80 -35.31
N LEU E 720 -1.70 56.51 -35.55
CA LEU E 720 -0.92 55.76 -34.58
C LEU E 720 0.57 56.06 -34.71
N HIS E 721 1.05 56.39 -35.90
CA HIS E 721 2.45 56.78 -36.01
C HIS E 721 2.68 58.12 -35.34
N ALA E 722 1.78 59.08 -35.57
CA ALA E 722 1.87 60.35 -34.86
C ALA E 722 1.80 60.13 -33.36
N ALA E 723 0.88 59.28 -32.91
CA ALA E 723 0.79 58.97 -31.48
C ALA E 723 2.09 58.35 -30.99
N GLU E 724 2.76 57.58 -31.83
CA GLU E 724 4.07 57.08 -31.44
C GLU E 724 5.07 58.21 -31.31
N VAL E 725 4.90 59.29 -32.08
CA VAL E 725 5.80 60.42 -31.92
C VAL E 725 5.55 61.11 -30.59
N TYR E 726 4.28 61.37 -30.27
CA TYR E 726 3.96 62.02 -29.01
C TYR E 726 4.40 61.16 -27.83
N ILE E 727 4.35 59.84 -27.98
CA ILE E 727 4.92 58.98 -26.96
C ILE E 727 6.44 59.13 -26.94
N GLY E 728 7.05 59.27 -28.12
CA GLY E 728 8.49 59.43 -28.18
C GLY E 728 8.96 60.67 -27.47
N ILE E 729 8.13 61.71 -27.43
CA ILE E 729 8.42 62.84 -26.57
C ILE E 729 8.11 62.51 -25.12
N GLY E 730 6.91 61.98 -24.85
CA GLY E 730 6.47 61.73 -23.51
C GLY E 730 5.24 62.55 -23.16
N LYS E 731 4.41 62.83 -24.16
CA LYS E 731 3.23 63.66 -23.97
C LYS E 731 1.99 62.81 -24.08
N PRO E 732 1.37 62.44 -22.97
CA PRO E 732 0.28 61.44 -23.03
C PRO E 732 -1.04 61.95 -23.55
N ALA E 733 -1.33 63.24 -23.39
CA ALA E 733 -2.65 63.71 -23.79
C ALA E 733 -2.77 63.80 -25.30
N GLU E 734 -1.75 64.33 -25.98
CA GLU E 734 -1.79 64.44 -27.43
C GLU E 734 -1.86 63.07 -28.07
N ALA E 735 -1.04 62.14 -27.60
CA ALA E 735 -1.12 60.77 -28.07
C ALA E 735 -2.46 60.15 -27.71
N THR E 736 -3.07 60.56 -26.61
CA THR E 736 -4.39 60.05 -26.28
C THR E 736 -5.42 60.54 -27.29
N ALA E 737 -5.27 61.77 -27.76
CA ALA E 737 -6.16 62.27 -28.79
C ALA E 737 -5.92 61.53 -30.10
N CYS E 738 -4.66 61.34 -30.48
CA CYS E 738 -4.36 60.69 -31.73
C CYS E 738 -4.88 59.27 -31.74
N THR E 739 -4.59 58.51 -30.70
CA THR E 739 -5.09 57.17 -30.61
C THR E 739 -6.58 57.11 -30.36
N GLN E 740 -7.20 58.22 -29.95
CA GLN E 740 -8.66 58.23 -29.89
C GLN E 740 -9.25 58.41 -31.29
N GLU E 741 -8.60 59.24 -32.13
CA GLU E 741 -9.07 59.41 -33.50
C GLU E 741 -8.81 58.15 -34.32
N ALA E 742 -7.74 57.43 -34.01
CA ALA E 742 -7.56 56.12 -34.59
C ALA E 742 -8.60 55.15 -34.03
N ALA E 743 -8.89 55.26 -32.73
CA ALA E 743 -9.83 54.36 -32.09
C ALA E 743 -11.22 54.51 -32.69
N ASN E 744 -11.54 55.71 -33.16
CA ASN E 744 -12.81 55.89 -33.83
C ASN E 744 -12.91 55.04 -35.07
N LEU E 745 -11.80 54.86 -35.79
CA LEU E 745 -11.85 54.08 -37.01
C LEU E 745 -12.04 52.61 -36.68
N PHE E 746 -11.11 52.02 -35.94
CA PHE E 746 -11.14 50.60 -35.62
C PHE E 746 -11.01 50.44 -34.12
N PRO E 747 -12.11 50.27 -33.40
CA PRO E 747 -12.04 50.32 -31.94
C PRO E 747 -11.36 49.10 -31.33
N MET E 748 -11.49 47.93 -31.94
CA MET E 748 -10.93 46.71 -31.39
C MET E 748 -9.64 46.32 -32.10
N SER E 749 -9.04 47.23 -32.85
CA SER E 749 -7.76 46.92 -33.47
C SER E 749 -6.70 46.77 -32.41
N HIS E 750 -5.90 45.70 -32.53
CA HIS E 750 -4.92 45.43 -31.51
C HIS E 750 -3.83 46.48 -31.47
N ASN E 751 -3.51 47.10 -32.60
CA ASN E 751 -2.49 48.13 -32.53
C ASN E 751 -2.98 49.34 -31.76
N VAL E 752 -4.27 49.67 -31.90
CA VAL E 752 -4.81 50.79 -31.16
C VAL E 752 -4.81 50.47 -29.67
N LEU E 753 -5.26 49.27 -29.30
CA LEU E 753 -5.21 48.89 -27.89
C LEU E 753 -3.78 48.88 -27.38
N TYR E 754 -2.83 48.53 -28.23
CA TYR E 754 -1.43 48.52 -27.83
C TYR E 754 -0.94 49.93 -27.55
N MET E 755 -1.29 50.88 -28.42
CA MET E 755 -0.93 52.25 -28.17
C MET E 755 -1.61 52.79 -26.92
N ARG E 756 -2.87 52.43 -26.72
CA ARG E 756 -3.55 52.81 -25.50
C ARG E 756 -2.81 52.25 -24.28
N GLY E 757 -2.28 51.04 -24.40
CA GLY E 757 -1.48 50.50 -23.32
C GLY E 757 -0.17 51.23 -23.12
N GLN E 758 0.45 51.67 -24.21
CA GLN E 758 1.67 52.44 -24.06
C GLN E 758 1.40 53.76 -23.35
N ILE E 759 0.29 54.41 -23.68
CA ILE E 759 -0.08 55.63 -22.97
C ILE E 759 -0.37 55.33 -21.51
N ALA E 760 -1.05 54.22 -21.22
CA ALA E 760 -1.25 53.84 -19.84
C ALA E 760 0.06 53.53 -19.14
N GLU E 761 1.10 53.18 -19.90
CA GLU E 761 2.44 53.12 -19.33
C GLU E 761 2.98 54.51 -19.07
N LEU E 762 2.64 55.47 -19.94
CA LEU E 762 3.20 56.80 -19.79
C LEU E 762 2.60 57.52 -18.61
N ARG E 763 1.33 57.25 -18.30
CA ARG E 763 0.66 57.90 -17.19
C ARG E 763 0.83 57.15 -15.88
N GLY E 764 1.79 56.21 -15.83
CA GLY E 764 2.13 55.57 -14.59
C GLY E 764 1.08 54.64 -14.03
N SER E 765 0.27 54.03 -14.88
CA SER E 765 -0.75 53.07 -14.45
C SER E 765 -0.36 51.71 -15.01
N MET E 766 0.40 50.94 -14.22
CA MET E 766 0.80 49.62 -14.65
C MET E 766 -0.38 48.66 -14.69
N ASP E 767 -1.37 48.88 -13.84
CA ASP E 767 -2.54 48.02 -13.85
C ASP E 767 -3.39 48.28 -15.08
N GLU E 768 -3.57 49.54 -15.44
CA GLU E 768 -4.31 49.84 -16.65
C GLU E 768 -3.58 49.32 -17.87
N ALA E 769 -2.27 49.53 -17.93
CA ALA E 769 -1.50 49.03 -19.04
C ALA E 769 -1.58 47.52 -19.13
N ARG E 770 -1.55 46.84 -17.98
CA ARG E 770 -1.76 45.40 -17.97
C ARG E 770 -3.12 45.07 -18.55
N ARG E 771 -4.13 45.86 -18.20
CA ARG E 771 -5.48 45.58 -18.67
C ARG E 771 -5.56 45.71 -20.18
N TRP E 772 -5.04 46.81 -20.74
CA TRP E 772 -5.11 46.97 -22.19
C TRP E 772 -4.22 45.97 -22.90
N TYR E 773 -3.11 45.56 -22.29
CA TYR E 773 -2.25 44.58 -22.92
C TYR E 773 -2.85 43.19 -22.89
N GLU E 774 -3.74 42.91 -21.95
CA GLU E 774 -4.58 41.74 -22.06
C GLU E 774 -5.78 41.98 -22.97
N GLU E 775 -6.15 43.25 -23.19
CA GLU E 775 -7.17 43.55 -24.17
C GLU E 775 -6.69 43.11 -25.55
N ALA E 776 -5.44 43.43 -25.88
CA ALA E 776 -4.94 43.15 -27.20
C ALA E 776 -4.65 41.67 -27.41
N LEU E 777 -4.30 40.95 -26.35
CA LEU E 777 -3.91 39.56 -26.54
C LEU E 777 -5.10 38.62 -26.64
N ALA E 778 -6.31 39.13 -26.45
CA ALA E 778 -7.48 38.37 -26.85
C ALA E 778 -7.92 38.70 -28.27
N ILE E 779 -7.52 39.87 -28.78
CA ILE E 779 -7.76 40.18 -30.18
C ILE E 779 -6.90 39.30 -31.06
N SER E 780 -5.59 39.40 -30.89
CA SER E 780 -4.65 38.50 -31.56
C SER E 780 -3.71 37.93 -30.53
N PRO E 781 -3.87 36.66 -30.13
CA PRO E 781 -2.91 36.05 -29.22
C PRO E 781 -1.54 35.89 -29.83
N THR E 782 -1.40 36.03 -31.13
CA THR E 782 -0.11 35.95 -31.79
C THR E 782 0.58 37.29 -31.91
N HIS E 783 -0.01 38.36 -31.38
CA HIS E 783 0.69 39.63 -31.38
C HIS E 783 1.84 39.58 -30.37
N VAL E 784 2.96 40.19 -30.74
CA VAL E 784 4.20 39.97 -30.01
C VAL E 784 4.42 41.05 -28.97
N LYS E 785 4.29 42.32 -29.36
CA LYS E 785 4.68 43.39 -28.45
C LYS E 785 3.79 43.44 -27.23
N SER E 786 2.53 43.05 -27.37
CA SER E 786 1.65 43.03 -26.22
C SER E 786 2.08 41.98 -25.22
N MET E 787 2.61 40.86 -25.69
CA MET E 787 3.16 39.89 -24.76
C MET E 787 4.44 40.42 -24.14
N GLN E 788 5.23 41.19 -24.89
CA GLN E 788 6.46 41.76 -24.35
C GLN E 788 6.15 42.69 -23.17
N ARG E 789 5.36 43.73 -23.42
CA ARG E 789 5.12 44.70 -22.36
C ARG E 789 4.15 44.17 -21.31
N LEU E 790 3.25 43.28 -21.68
CA LEU E 790 2.41 42.65 -20.68
C LEU E 790 3.24 41.84 -19.70
N ALA E 791 4.02 40.90 -20.21
CA ALA E 791 4.87 40.11 -19.35
C ALA E 791 5.96 40.94 -18.68
N LEU E 792 6.26 42.12 -19.21
CA LEU E 792 7.16 43.01 -18.48
C LEU E 792 6.44 43.61 -17.28
N ILE E 793 5.17 43.92 -17.43
CA ILE E 793 4.37 44.31 -16.27
C ILE E 793 4.30 43.16 -15.28
N LEU E 794 4.15 41.93 -15.78
CA LEU E 794 4.17 40.78 -14.88
C LEU E 794 5.51 40.61 -14.22
N HIS E 795 6.59 41.05 -14.89
CA HIS E 795 7.88 41.03 -14.25
C HIS E 795 7.97 42.10 -13.18
N GLN E 796 7.21 43.17 -13.32
CA GLN E 796 7.15 44.20 -12.30
C GLN E 796 6.30 43.76 -11.11
N LEU E 797 5.16 43.13 -11.37
CA LEU E 797 4.21 42.78 -10.33
C LEU E 797 4.52 41.48 -9.63
N GLY E 798 5.70 40.91 -9.86
CA GLY E 798 6.14 39.77 -9.10
C GLY E 798 5.58 38.43 -9.51
N ARG E 799 4.51 38.39 -10.28
CA ARG E 799 3.93 37.12 -10.72
C ARG E 799 4.85 36.51 -11.78
N TYR E 800 5.95 35.93 -11.30
CA TYR E 800 6.98 35.46 -12.22
C TYR E 800 6.51 34.27 -13.05
N SER E 801 5.49 33.55 -12.58
CA SER E 801 5.04 32.37 -13.30
C SER E 801 4.40 32.75 -14.62
N LEU E 802 3.43 33.67 -14.57
CA LEU E 802 2.75 34.09 -15.79
C LEU E 802 3.71 34.73 -16.76
N ALA E 803 4.66 35.52 -16.26
CA ALA E 803 5.65 36.11 -17.15
C ALA E 803 6.48 35.03 -17.83
N GLU E 804 6.86 34.00 -17.07
CA GLU E 804 7.56 32.87 -17.67
C GLU E 804 6.75 32.24 -18.78
N LYS E 805 5.49 31.90 -18.49
CA LYS E 805 4.65 31.24 -19.49
C LYS E 805 4.47 32.09 -20.72
N ILE E 806 3.94 33.30 -20.54
CA ILE E 806 3.60 34.16 -21.66
C ILE E 806 4.83 34.52 -22.47
N LEU E 807 5.99 34.61 -21.81
CA LEU E 807 7.20 34.85 -22.58
C LEU E 807 7.61 33.61 -23.34
N ARG E 808 7.35 32.42 -22.80
CA ARG E 808 7.62 31.21 -23.57
C ARG E 808 6.72 31.15 -24.79
N ASP E 809 5.44 31.46 -24.62
CA ASP E 809 4.53 31.45 -25.75
C ASP E 809 4.89 32.52 -26.75
N ALA E 810 5.39 33.67 -26.29
CA ALA E 810 5.86 34.68 -27.21
C ALA E 810 7.10 34.21 -27.94
N VAL E 811 7.87 33.32 -27.33
CA VAL E 811 8.96 32.70 -28.06
C VAL E 811 8.41 31.78 -29.13
N GLN E 812 7.35 31.04 -28.80
CA GLN E 812 6.77 30.09 -29.75
C GLN E 812 6.14 30.79 -30.94
N VAL E 813 5.51 31.94 -30.72
CA VAL E 813 4.89 32.66 -31.83
C VAL E 813 5.96 33.27 -32.72
N ASN E 814 6.85 34.06 -32.13
CA ASN E 814 7.89 34.74 -32.90
C ASN E 814 9.10 34.90 -31.99
N SER E 815 10.06 34.00 -32.12
CA SER E 815 11.28 34.09 -31.34
C SER E 815 12.29 35.06 -31.93
N THR E 816 11.95 35.76 -33.00
CA THR E 816 12.88 36.68 -33.66
C THR E 816 12.70 38.12 -33.20
N ALA E 817 11.83 38.37 -32.23
CA ALA E 817 11.66 39.69 -31.65
C ALA E 817 12.47 39.78 -30.37
N HIS E 818 13.35 40.77 -30.29
CA HIS E 818 14.37 40.77 -29.24
C HIS E 818 13.79 41.07 -27.87
N GLU E 819 12.78 41.94 -27.78
CA GLU E 819 12.30 42.32 -26.46
C GLU E 819 11.60 41.18 -25.75
N VAL E 820 11.13 40.18 -26.48
CA VAL E 820 10.70 38.94 -25.86
C VAL E 820 11.86 38.35 -25.06
N TRP E 821 13.04 38.31 -25.66
CA TRP E 821 14.19 37.73 -24.99
C TRP E 821 14.74 38.64 -23.91
N ASN E 822 14.56 39.95 -24.04
CA ASN E 822 14.90 40.83 -22.93
C ASN E 822 14.01 40.54 -21.73
N GLY E 823 12.70 40.46 -21.95
CA GLY E 823 11.80 40.23 -20.84
C GLY E 823 11.99 38.86 -20.21
N LEU E 824 12.12 37.84 -21.04
CA LEU E 824 12.34 36.50 -20.50
C LEU E 824 13.70 36.43 -19.81
N GLY E 825 14.70 37.10 -20.37
CA GLY E 825 16.01 37.11 -19.73
C GLY E 825 16.00 37.81 -18.39
N GLU E 826 15.13 38.82 -18.24
CA GLU E 826 15.03 39.48 -16.95
C GLU E 826 14.13 38.74 -15.99
N VAL E 827 13.25 37.88 -16.50
CA VAL E 827 12.57 36.95 -15.61
C VAL E 827 13.55 35.89 -15.12
N LEU E 828 14.44 35.43 -16.00
CA LEU E 828 15.48 34.52 -15.58
C LEU E 828 16.43 35.18 -14.60
N GLN E 829 16.70 36.47 -14.79
CA GLN E 829 17.48 37.19 -13.80
C GLN E 829 16.69 37.36 -12.51
N ALA E 830 15.35 37.38 -12.62
CA ALA E 830 14.48 37.33 -11.45
C ALA E 830 14.31 35.91 -10.92
N GLN E 831 14.99 34.94 -11.52
CA GLN E 831 14.99 33.58 -11.03
C GLN E 831 16.38 33.09 -10.63
N GLY E 832 17.43 33.66 -11.20
CA GLY E 832 18.79 33.33 -10.84
C GLY E 832 19.54 32.51 -11.86
N ASN E 833 18.85 31.95 -12.86
CA ASN E 833 19.48 31.05 -13.83
C ASN E 833 20.25 31.87 -14.85
N ASP E 834 21.45 32.28 -14.45
CA ASP E 834 22.19 33.31 -15.17
C ASP E 834 22.84 32.79 -16.45
N ALA E 835 22.99 31.48 -16.60
CA ALA E 835 23.54 30.96 -17.85
C ALA E 835 22.59 31.22 -19.01
N ALA E 836 21.39 30.63 -18.95
CA ALA E 836 20.41 30.91 -19.98
C ALA E 836 19.92 32.34 -19.92
N ALA E 837 20.10 33.03 -18.80
CA ALA E 837 19.75 34.44 -18.75
C ALA E 837 20.66 35.25 -19.66
N THR E 838 21.98 35.07 -19.52
CA THR E 838 22.91 35.75 -20.40
C THR E 838 22.82 35.20 -21.82
N GLU E 839 22.32 33.97 -21.99
CA GLU E 839 22.06 33.49 -23.34
C GLU E 839 20.86 34.21 -23.95
N CYS E 840 19.87 34.55 -23.14
CA CYS E 840 18.73 35.31 -23.64
C CYS E 840 19.11 36.75 -23.90
N PHE E 841 20.00 37.32 -23.10
CA PHE E 841 20.46 38.68 -23.34
C PHE E 841 21.35 38.75 -24.56
N LEU E 842 22.16 37.71 -24.79
CA LEU E 842 22.92 37.64 -26.03
C LEU E 842 22.00 37.42 -27.22
N THR E 843 20.92 36.66 -27.00
CA THR E 843 19.89 36.50 -28.01
C THR E 843 19.32 37.85 -28.41
N ALA E 844 18.86 38.62 -27.43
CA ALA E 844 18.29 39.91 -27.69
C ALA E 844 19.30 40.88 -28.29
N LEU E 845 20.57 40.76 -27.90
CA LEU E 845 21.59 41.63 -28.48
C LEU E 845 21.79 41.34 -29.95
N GLU E 846 21.92 40.06 -30.30
CA GLU E 846 22.13 39.73 -31.70
C GLU E 846 20.91 40.07 -32.54
N LEU E 847 19.71 39.77 -32.03
CA LEU E 847 18.50 40.13 -32.73
C LEU E 847 18.40 41.64 -32.91
N GLU E 848 18.79 42.39 -31.89
CA GLU E 848 18.85 43.84 -32.02
C GLU E 848 19.87 44.26 -33.07
N ALA E 849 20.94 43.49 -33.22
CA ALA E 849 21.88 43.76 -34.31
C ALA E 849 21.25 43.49 -35.66
N SER E 850 20.21 42.64 -35.70
CA SER E 850 19.51 42.32 -36.93
C SER E 850 18.12 42.94 -36.98
N SER E 851 17.98 44.16 -36.47
CA SER E 851 16.66 44.76 -36.36
C SER E 851 16.52 45.95 -37.29
N PRO E 852 15.43 46.01 -38.03
CA PRO E 852 15.19 47.18 -38.89
C PRO E 852 14.44 48.27 -38.16
N ALA E 853 14.12 49.35 -38.88
CA ALA E 853 13.20 50.34 -38.35
C ALA E 853 11.76 49.84 -38.45
N VAL E 854 11.31 49.55 -39.67
CA VAL E 854 10.01 48.93 -39.86
C VAL E 854 10.23 47.45 -40.14
N PRO E 855 9.39 46.56 -39.63
CA PRO E 855 9.56 45.13 -39.91
C PRO E 855 9.44 44.83 -41.39
N PHE E 856 10.24 43.87 -41.83
CA PHE E 856 10.38 43.64 -43.26
C PHE E 856 9.14 43.02 -43.89
N THR E 857 8.17 42.60 -43.11
CA THR E 857 6.93 42.10 -43.69
C THR E 857 6.05 43.22 -44.22
N ILE E 858 6.47 44.47 -44.07
CA ILE E 858 5.66 45.57 -44.56
C ILE E 858 5.71 45.69 -46.07
N ILE E 859 6.72 45.15 -46.72
CA ILE E 859 6.83 45.18 -48.18
C ILE E 859 6.07 43.97 -48.71
N PRO E 860 5.07 44.16 -49.57
CA PRO E 860 4.11 43.08 -49.82
C PRO E 860 4.70 41.95 -50.64
N ARG E 861 4.24 40.73 -50.34
CA ARG E 861 4.63 39.54 -51.08
C ARG E 861 3.51 39.23 -52.08
N VAL E 862 3.53 39.94 -53.19
CA VAL E 862 2.52 39.77 -54.22
C VAL E 862 3.21 39.56 -55.56
N LEU E 863 2.76 38.55 -56.29
CA LEU E 863 3.29 38.28 -57.63
C LEU E 863 3.08 39.48 -58.54
N GLY F 10 22.25 71.50 -91.80
CA GLY F 10 20.90 71.02 -91.60
C GLY F 10 19.87 71.84 -92.35
N VAL F 11 19.07 71.16 -93.18
CA VAL F 11 18.00 71.85 -93.89
C VAL F 11 16.94 72.33 -92.92
N VAL F 12 16.64 71.51 -91.91
CA VAL F 12 15.64 71.90 -90.93
C VAL F 12 16.17 73.05 -90.07
N GLU F 13 17.50 73.15 -89.94
CA GLU F 13 18.07 74.31 -89.28
C GLU F 13 17.78 75.58 -90.07
N GLU F 14 17.85 75.48 -91.39
CA GLU F 14 17.43 76.60 -92.23
C GLU F 14 15.93 76.85 -92.11
N TRP F 15 15.16 75.79 -91.90
CA TRP F 15 13.72 75.96 -91.71
C TRP F 15 13.42 76.74 -90.44
N LEU F 16 14.05 76.36 -89.33
CA LEU F 16 13.88 77.10 -88.09
C LEU F 16 14.45 78.51 -88.21
N SER F 17 15.48 78.67 -89.03
CA SER F 17 16.05 80.00 -89.23
C SER F 17 15.13 80.88 -90.05
N GLU F 18 14.29 80.28 -90.89
CA GLU F 18 13.43 81.07 -91.76
C GLU F 18 12.04 81.30 -91.17
N PHE F 19 11.56 80.40 -90.31
CA PHE F 19 10.22 80.59 -89.77
C PHE F 19 10.21 81.67 -88.69
N LYS F 20 10.93 81.44 -87.60
CA LYS F 20 10.94 82.38 -86.49
C LYS F 20 11.85 83.56 -86.78
N LEU F 27 -2.84 83.16 -92.01
CA LEU F 27 -2.10 82.49 -90.94
C LEU F 27 -2.26 80.96 -90.91
N PRO F 28 -3.44 80.44 -91.29
CA PRO F 28 -3.51 79.01 -91.63
C PRO F 28 -2.81 78.66 -92.92
N ASN F 29 -2.42 79.64 -93.73
CA ASN F 29 -1.69 79.35 -94.96
C ASN F 29 -0.26 78.89 -94.71
N TYR F 30 0.26 79.08 -93.50
CA TYR F 30 1.61 78.62 -93.16
C TYR F 30 1.66 77.12 -92.91
N ALA F 31 0.52 76.42 -92.99
CA ALA F 31 0.50 74.99 -92.73
C ALA F 31 1.17 74.22 -93.86
N THR F 32 0.83 74.55 -95.09
CA THR F 32 1.45 73.90 -96.25
C THR F 32 1.43 74.83 -97.44
N LYS F 37 3.21 69.60 -96.29
CA LYS F 37 4.65 69.79 -96.40
C LYS F 37 5.39 68.46 -96.22
N SER F 38 5.89 67.91 -97.32
CA SER F 38 6.68 66.69 -97.27
C SER F 38 8.18 66.94 -97.29
N SER F 39 8.60 68.20 -97.47
CA SER F 39 10.03 68.50 -97.48
C SER F 39 10.63 68.42 -96.09
N LEU F 40 9.84 68.73 -95.06
CA LEU F 40 10.34 68.64 -93.70
C LEU F 40 10.43 67.20 -93.21
N VAL F 41 9.67 66.28 -93.81
CA VAL F 41 9.78 64.89 -93.40
C VAL F 41 11.00 64.25 -94.04
N SER F 42 11.24 64.52 -95.32
CA SER F 42 12.44 64.02 -95.96
C SER F 42 13.69 64.67 -95.39
N SER F 43 13.65 65.99 -95.20
CA SER F 43 14.76 66.66 -94.53
C SER F 43 14.86 66.27 -93.06
N LEU F 44 13.77 65.72 -92.49
CA LEU F 44 13.88 65.06 -91.20
C LEU F 44 14.60 63.72 -91.32
N TYR F 45 14.43 63.05 -92.46
CA TYR F 45 15.14 61.79 -92.68
C TYR F 45 16.62 62.03 -92.91
N LYS F 46 16.98 63.17 -93.49
CA LYS F 46 18.38 63.47 -93.82
C LYS F 46 19.01 64.46 -92.86
N VAL F 47 18.28 64.94 -91.85
CA VAL F 47 18.85 65.84 -90.86
C VAL F 47 18.60 65.33 -89.45
N ILE F 48 17.36 64.92 -89.16
CA ILE F 48 16.99 64.58 -87.78
C ILE F 48 16.72 63.08 -87.68
N GLN F 49 17.44 62.29 -88.49
CA GLN F 49 17.45 60.85 -88.24
C GLN F 49 18.22 60.53 -86.97
N GLU F 50 19.33 61.25 -86.72
CA GLU F 50 20.12 61.04 -85.50
C GLU F 50 19.49 61.78 -84.33
N PRO F 51 19.30 61.11 -83.19
CA PRO F 51 18.83 61.80 -81.98
C PRO F 51 19.93 62.39 -81.12
N GLN F 52 21.20 62.17 -81.48
CA GLN F 52 22.33 62.62 -80.67
C GLN F 52 22.67 64.07 -81.00
N SER F 53 21.65 64.91 -80.89
CA SER F 53 21.81 66.34 -81.03
C SER F 53 20.76 66.99 -80.14
N GLU F 54 21.21 67.91 -79.29
CA GLU F 54 20.34 68.50 -78.28
C GLU F 54 19.59 69.72 -78.80
N LEU F 55 19.61 69.96 -80.10
CA LEU F 55 18.79 71.02 -80.68
C LEU F 55 17.42 70.53 -81.08
N LEU F 56 17.08 69.27 -80.80
CA LEU F 56 15.72 68.79 -81.01
C LEU F 56 14.75 69.34 -79.97
N GLU F 57 15.26 69.89 -78.88
CA GLU F 57 14.38 70.36 -77.81
C GLU F 57 13.57 71.59 -78.20
N PRO F 58 14.17 72.69 -78.64
CA PRO F 58 13.35 73.89 -78.92
C PRO F 58 12.47 73.72 -80.12
N VAL F 59 12.92 73.00 -81.15
CA VAL F 59 12.07 72.76 -82.31
C VAL F 59 10.86 71.95 -81.90
N CYS F 60 11.03 71.05 -80.93
CA CYS F 60 9.88 70.36 -80.36
C CYS F 60 8.93 71.36 -79.72
N HIS F 61 9.47 72.36 -79.03
CA HIS F 61 8.63 73.46 -78.56
C HIS F 61 8.02 74.20 -79.72
N GLN F 62 8.73 74.29 -80.85
CA GLN F 62 8.11 74.79 -82.06
C GLN F 62 6.98 73.88 -82.50
N LEU F 63 7.16 72.57 -82.36
CA LEU F 63 6.06 71.64 -82.53
C LEU F 63 4.97 71.85 -81.49
N PHE F 64 5.34 72.39 -80.33
CA PHE F 64 4.33 72.83 -79.38
C PHE F 64 3.53 73.99 -79.95
N GLU F 65 4.18 74.87 -80.69
CA GLU F 65 3.49 75.96 -81.34
C GLU F 65 2.47 75.45 -82.34
N PHE F 66 2.86 74.46 -83.14
CA PHE F 66 1.88 73.80 -84.02
C PHE F 66 0.80 73.10 -83.21
N TYR F 67 1.09 72.73 -81.96
CA TYR F 67 0.09 72.21 -81.05
C TYR F 67 -0.65 73.30 -80.31
N ARG F 68 -0.10 74.51 -80.30
CA ARG F 68 -0.65 75.57 -79.46
C ARG F 68 -2.04 75.99 -79.94
N SER F 69 -2.18 76.27 -81.24
CA SER F 69 -3.46 76.73 -81.76
C SER F 69 -4.42 75.55 -81.93
N GLY F 70 -5.67 75.87 -82.24
CA GLY F 70 -6.69 74.88 -82.48
C GLY F 70 -6.72 74.31 -83.88
N GLU F 71 -5.71 74.62 -84.70
CA GLU F 71 -5.66 74.09 -86.06
C GLU F 71 -5.34 72.60 -86.02
N GLU F 72 -6.25 71.78 -86.55
CA GLU F 72 -6.06 70.34 -86.54
C GLU F 72 -5.05 69.87 -87.57
N GLN F 73 -4.73 70.68 -88.57
CA GLN F 73 -3.82 70.24 -89.62
C GLN F 73 -2.39 70.14 -89.10
N LEU F 74 -1.87 71.26 -88.56
CA LEU F 74 -0.51 71.28 -88.02
C LEU F 74 -0.31 70.21 -86.97
N LEU F 75 -1.31 70.03 -86.11
CA LEU F 75 -1.31 68.92 -85.18
C LEU F 75 -1.21 67.59 -85.91
N GLN F 76 -2.15 67.31 -86.78
CA GLN F 76 -2.33 65.99 -87.34
C GLN F 76 -1.33 65.64 -88.43
N PHE F 77 -0.35 66.51 -88.76
CA PHE F 77 0.79 65.97 -89.48
C PHE F 77 2.11 66.64 -89.12
N THR F 78 2.21 67.28 -87.96
CA THR F 78 3.49 67.60 -87.36
C THR F 78 3.65 66.97 -85.99
N LEU F 79 2.63 66.28 -85.49
CA LEU F 79 2.69 65.52 -84.26
C LEU F 79 3.35 64.16 -84.46
N GLN F 80 3.72 63.84 -85.69
CA GLN F 80 4.04 62.49 -86.12
C GLN F 80 5.48 62.10 -85.88
N PHE F 81 6.20 62.77 -84.99
CA PHE F 81 7.58 62.39 -84.72
C PHE F 81 7.90 62.35 -83.23
N LEU F 82 6.89 62.39 -82.37
CA LEU F 82 7.11 62.33 -80.92
C LEU F 82 7.49 60.95 -80.38
N PRO F 83 7.04 59.82 -80.93
CA PRO F 83 7.55 58.54 -80.44
C PRO F 83 9.04 58.38 -80.64
N GLU F 84 9.62 59.08 -81.61
CA GLU F 84 11.08 59.11 -81.73
C GLU F 84 11.71 59.64 -80.46
N LEU F 85 11.28 60.81 -80.00
CA LEU F 85 11.84 61.37 -78.78
C LEU F 85 11.34 60.65 -77.53
N ILE F 86 10.24 59.91 -77.62
CA ILE F 86 9.85 59.03 -76.52
C ILE F 86 10.86 57.92 -76.35
N TRP F 87 11.22 57.25 -77.44
CA TRP F 87 12.16 56.14 -77.34
C TRP F 87 13.57 56.64 -77.00
N CYS F 88 14.08 57.61 -77.75
CA CYS F 88 15.44 58.07 -77.50
C CYS F 88 15.49 58.93 -76.24
N TYR F 89 14.72 60.01 -76.23
CA TYR F 89 14.75 60.94 -75.11
C TYR F 89 14.26 60.28 -73.83
N LEU F 90 13.26 59.42 -73.92
CA LEU F 90 12.67 58.83 -72.73
C LEU F 90 13.31 57.50 -72.35
N ALA F 91 13.84 56.78 -73.33
CA ALA F 91 14.59 55.57 -73.03
C ALA F 91 15.96 55.89 -72.47
N VAL F 92 16.58 56.97 -72.94
CA VAL F 92 17.83 57.43 -72.35
C VAL F 92 17.55 58.16 -71.04
N SER F 93 16.49 58.97 -71.01
CA SER F 93 16.20 59.77 -69.83
C SER F 93 15.70 58.89 -68.69
N ALA F 94 14.62 58.15 -68.92
CA ALA F 94 14.00 57.35 -67.88
C ALA F 94 14.58 55.93 -67.92
N SER F 95 15.76 55.80 -67.33
CA SER F 95 16.41 54.51 -67.20
C SER F 95 16.92 54.30 -65.78
N VAL F 98 25.85 58.28 -69.65
CA VAL F 98 25.11 58.91 -70.74
C VAL F 98 24.28 60.07 -70.22
N HIS F 99 24.41 61.22 -70.87
CA HIS F 99 23.78 62.44 -70.40
C HIS F 99 22.31 62.50 -70.81
N SER F 100 21.58 63.38 -70.14
CA SER F 100 20.17 63.63 -70.43
C SER F 100 19.78 64.96 -69.81
N SER F 101 18.96 65.72 -70.52
CA SER F 101 18.59 67.06 -70.05
C SER F 101 17.43 67.01 -69.07
N GLY F 102 16.29 66.47 -69.51
CA GLY F 102 15.14 66.34 -68.65
C GLY F 102 14.15 67.48 -68.75
N CYS F 103 13.78 67.82 -69.97
CA CYS F 103 12.88 68.96 -70.17
C CYS F 103 11.62 68.62 -70.94
N ILE F 104 11.71 67.76 -71.96
CA ILE F 104 10.56 67.51 -72.82
C ILE F 104 9.54 66.59 -72.18
N GLU F 105 9.87 65.99 -71.02
CA GLU F 105 8.83 65.36 -70.22
C GLU F 105 7.79 66.39 -69.80
N ALA F 106 8.22 67.61 -69.49
CA ALA F 106 7.29 68.68 -69.16
C ALA F 106 6.62 69.24 -70.40
N LEU F 107 7.21 69.04 -71.58
CA LEU F 107 6.54 69.46 -72.81
C LEU F 107 5.41 68.50 -73.15
N LEU F 108 5.70 67.20 -73.10
CA LEU F 108 4.64 66.22 -73.25
C LEU F 108 3.62 66.34 -72.15
N LEU F 109 4.05 66.69 -70.94
CA LEU F 109 3.12 66.91 -69.85
C LEU F 109 2.27 68.15 -70.11
N GLY F 110 2.84 69.16 -70.77
CA GLY F 110 2.04 70.31 -71.16
C GLY F 110 1.02 69.93 -72.23
N VAL F 111 1.40 69.04 -73.14
CA VAL F 111 0.43 68.51 -74.08
C VAL F 111 -0.66 67.76 -73.35
N TYR F 112 -0.29 67.05 -72.29
CA TYR F 112 -1.27 66.35 -71.47
C TYR F 112 -2.23 67.33 -70.83
N ASN F 113 -1.70 68.42 -70.29
CA ASN F 113 -2.55 69.42 -69.67
C ASN F 113 -3.47 70.05 -70.70
N LEU F 114 -2.95 70.37 -71.88
CA LEU F 114 -3.75 70.97 -72.93
C LEU F 114 -4.71 69.98 -73.55
N GLU F 115 -4.57 68.69 -73.26
CA GLU F 115 -5.56 67.73 -73.70
C GLU F 115 -6.64 67.51 -72.65
N ILE F 116 -6.27 67.50 -71.38
CA ILE F 116 -7.26 67.23 -70.34
C ILE F 116 -8.05 68.48 -69.99
N VAL F 117 -7.46 69.65 -70.21
CA VAL F 117 -8.07 70.91 -69.83
C VAL F 117 -8.43 71.75 -71.04
N ASP F 118 -7.46 72.00 -71.92
CA ASP F 118 -7.64 73.00 -72.97
C ASP F 118 -8.54 72.46 -74.06
N LYS F 119 -9.84 72.45 -73.77
CA LYS F 119 -10.87 72.46 -74.79
C LYS F 119 -11.69 73.74 -74.72
N GLN F 120 -12.24 74.05 -73.55
CA GLN F 120 -12.81 75.35 -73.25
C GLN F 120 -12.30 75.95 -71.94
N GLY F 121 -11.79 75.13 -71.03
CA GLY F 121 -11.35 75.62 -69.73
C GLY F 121 -11.71 74.67 -68.61
N HIS F 122 -12.36 73.57 -68.96
CA HIS F 122 -12.75 72.55 -68.00
C HIS F 122 -11.93 71.29 -68.20
N THR F 123 -11.88 70.46 -67.17
CA THR F 123 -11.29 69.13 -67.28
C THR F 123 -12.18 68.23 -68.10
N LYS F 124 -11.57 67.24 -68.75
CA LYS F 124 -12.28 66.34 -69.65
C LYS F 124 -12.71 65.08 -68.90
N VAL F 125 -14.01 64.80 -68.91
CA VAL F 125 -14.57 63.64 -68.24
C VAL F 125 -15.18 62.75 -69.33
N LEU F 126 -14.42 61.76 -69.80
CA LEU F 126 -14.93 60.82 -70.79
C LEU F 126 -15.86 59.83 -70.14
N SER F 127 -17.05 59.65 -70.73
CA SER F 127 -18.02 58.71 -70.18
C SER F 127 -19.04 58.40 -71.26
N PHE F 128 -19.18 57.13 -71.60
CA PHE F 128 -20.25 56.73 -72.48
C PHE F 128 -21.40 56.18 -71.64
N THR F 129 -22.43 55.71 -72.33
CA THR F 129 -23.54 55.01 -71.72
C THR F 129 -23.73 53.69 -72.45
N ILE F 130 -24.04 52.65 -71.69
CA ILE F 130 -24.16 51.31 -72.25
C ILE F 130 -25.48 51.18 -73.00
N PRO F 131 -25.50 50.47 -74.12
CA PRO F 131 -26.76 50.16 -74.80
C PRO F 131 -27.54 49.14 -73.98
N SER F 132 -28.67 48.72 -74.54
CA SER F 132 -29.50 47.71 -73.90
C SER F 132 -30.40 47.08 -74.95
N LEU F 133 -30.71 45.81 -74.73
CA LEU F 133 -31.75 45.13 -75.51
C LEU F 133 -33.14 45.38 -74.93
N SER F 134 -33.22 46.03 -73.78
CA SER F 134 -34.50 46.42 -73.19
C SER F 134 -34.89 47.83 -73.57
N LYS F 135 -34.19 48.45 -74.52
CA LYS F 135 -34.42 49.82 -74.90
C LYS F 135 -34.67 49.93 -76.40
N PRO F 136 -35.66 50.74 -76.81
CA PRO F 136 -35.75 51.09 -78.22
C PRO F 136 -34.52 51.88 -78.64
N SER F 137 -34.02 51.59 -79.83
CA SER F 137 -32.79 52.22 -80.29
C SER F 137 -32.88 52.43 -81.79
N VAL F 138 -31.79 52.95 -82.36
CA VAL F 138 -31.75 53.25 -83.79
C VAL F 138 -31.73 52.01 -84.66
N TYR F 139 -31.52 50.83 -84.07
CA TYR F 139 -31.29 49.64 -84.88
C TYR F 139 -32.26 48.50 -84.62
N HIS F 140 -33.07 48.56 -83.57
CA HIS F 140 -33.92 47.43 -83.22
C HIS F 140 -35.11 47.93 -82.41
N GLU F 141 -35.90 46.99 -81.91
CA GLU F 141 -37.03 47.30 -81.07
C GLU F 141 -37.16 46.18 -80.04
N PRO F 142 -37.41 46.51 -78.79
CA PRO F 142 -37.56 45.46 -77.78
C PRO F 142 -39.00 45.04 -77.53
N SER F 143 -39.96 45.74 -78.15
CA SER F 143 -41.36 45.57 -77.75
C SER F 143 -42.00 44.33 -78.36
N SER F 144 -41.84 44.14 -79.67
CA SER F 144 -42.49 43.02 -80.33
C SER F 144 -41.82 41.69 -80.02
N ILE F 145 -40.60 41.70 -79.49
CA ILE F 145 -39.90 40.48 -79.16
C ILE F 145 -40.44 39.95 -77.83
N GLY F 146 -40.19 38.68 -77.55
CA GLY F 146 -40.71 38.03 -76.37
C GLY F 146 -40.08 38.57 -75.09
N SER F 147 -40.29 37.82 -74.02
CA SER F 147 -39.88 38.22 -72.68
C SER F 147 -38.41 37.91 -72.38
N MET F 148 -37.58 37.70 -73.40
CA MET F 148 -36.15 37.55 -73.15
C MET F 148 -35.54 38.87 -72.71
N ALA F 149 -35.58 39.87 -73.59
CA ALA F 149 -34.86 41.12 -73.41
C ALA F 149 -35.68 42.18 -72.68
N LEU F 150 -36.84 41.81 -72.13
CA LEU F 150 -37.65 42.79 -71.41
C LEU F 150 -37.02 43.14 -70.08
N THR F 151 -36.49 42.15 -69.37
CA THR F 151 -35.77 42.38 -68.11
C THR F 151 -34.75 41.29 -67.84
N GLN F 157 -31.96 44.68 -65.20
CA GLN F 157 -30.80 45.18 -65.91
C GLN F 157 -30.81 46.70 -66.03
N HIS F 158 -29.64 47.32 -65.86
CA HIS F 158 -29.51 48.77 -65.80
C HIS F 158 -29.53 49.34 -67.21
N GLY F 159 -30.71 49.70 -67.69
CA GLY F 159 -30.84 50.34 -68.98
C GLY F 159 -30.71 51.85 -68.89
N LEU F 160 -30.44 52.45 -70.05
CA LEU F 160 -30.35 53.91 -70.21
C LEU F 160 -29.50 54.57 -69.13
N SER F 161 -28.45 53.89 -68.69
CA SER F 161 -27.60 54.38 -67.62
C SER F 161 -26.20 54.67 -68.15
N LYS F 162 -25.50 55.55 -67.45
CA LYS F 162 -24.19 56.04 -67.88
C LYS F 162 -23.09 55.45 -67.02
N VAL F 163 -21.93 55.27 -67.65
CA VAL F 163 -20.73 54.84 -66.95
C VAL F 163 -19.58 55.76 -67.35
N VAL F 164 -18.57 55.80 -66.48
CA VAL F 164 -17.39 56.63 -66.66
C VAL F 164 -16.22 55.72 -66.96
N TYR F 165 -15.47 56.04 -68.01
CA TYR F 165 -14.29 55.26 -68.36
C TYR F 165 -12.99 56.05 -68.32
N SER F 166 -13.05 57.38 -68.42
CA SER F 166 -11.85 58.19 -68.25
C SER F 166 -12.28 59.54 -67.69
N GLY F 167 -12.20 59.69 -66.36
CA GLY F 167 -12.48 60.94 -65.71
C GLY F 167 -12.92 60.75 -64.28
N PRO F 168 -12.67 61.77 -63.44
CA PRO F 168 -11.93 62.98 -63.80
C PRO F 168 -10.44 62.84 -63.55
N HIS F 169 -9.61 63.61 -64.24
CA HIS F 169 -8.16 63.44 -64.20
C HIS F 169 -7.45 64.77 -63.99
N PRO F 170 -6.82 64.98 -62.85
CA PRO F 170 -6.13 66.25 -62.61
C PRO F 170 -4.86 66.36 -63.45
N GLN F 171 -4.24 67.53 -63.36
CA GLN F 171 -3.06 67.86 -64.14
C GLN F 171 -1.80 67.41 -63.39
N ARG F 172 -0.64 67.79 -63.91
CA ARG F 172 0.63 67.50 -63.26
C ARG F 172 1.62 68.58 -63.64
N GLU F 173 2.49 68.94 -62.69
CA GLU F 173 3.42 70.04 -62.91
C GLU F 173 4.64 69.57 -63.70
N MET F 174 5.41 68.65 -63.14
CA MET F 174 6.58 68.08 -63.80
C MET F 174 6.51 66.57 -63.74
N LEU F 175 6.93 65.92 -64.82
CA LEU F 175 6.69 64.49 -64.96
C LEU F 175 7.61 63.71 -64.02
N THR F 176 7.00 62.92 -63.15
CA THR F 176 7.73 62.00 -62.29
C THR F 176 7.28 60.58 -62.60
N ALA F 177 7.84 59.64 -61.85
CA ALA F 177 7.70 58.22 -62.15
C ALA F 177 6.46 57.60 -61.55
N GLN F 178 5.65 58.37 -60.82
CA GLN F 178 4.37 57.81 -60.41
C GLN F 178 3.36 57.84 -61.55
N ASN F 179 3.25 58.97 -62.24
CA ASN F 179 2.29 59.11 -63.32
C ASN F 179 2.98 59.38 -64.66
N ARG F 180 4.18 58.83 -64.85
CA ARG F 180 4.79 58.96 -66.17
C ARG F 180 4.04 58.13 -67.20
N PHE F 181 3.52 56.98 -66.79
CA PHE F 181 2.76 56.13 -67.68
C PHE F 181 1.26 56.33 -67.55
N GLU F 182 0.81 57.12 -66.58
CA GLU F 182 -0.55 57.64 -66.66
C GLU F 182 -0.62 58.74 -67.70
N VAL F 183 0.37 59.63 -67.68
CA VAL F 183 0.47 60.69 -68.68
C VAL F 183 0.72 60.10 -70.06
N LEU F 184 1.63 59.13 -70.13
CA LEU F 184 1.91 58.47 -71.39
C LEU F 184 0.62 57.76 -71.81
N THR F 185 -0.09 57.22 -70.82
CA THR F 185 -1.31 56.48 -71.06
C THR F 185 -2.40 57.31 -71.73
N PHE F 186 -2.59 58.55 -71.28
CA PHE F 186 -3.61 59.39 -71.90
C PHE F 186 -3.10 60.17 -73.09
N LEU F 187 -1.78 60.40 -73.20
CA LEU F 187 -1.22 60.86 -74.46
C LEU F 187 -1.30 59.78 -75.52
N LEU F 188 -1.34 58.52 -75.10
CA LEU F 188 -1.71 57.44 -76.00
C LEU F 188 -3.21 57.40 -76.24
N LEU F 189 -4.01 57.83 -75.25
CA LEU F 189 -5.44 57.94 -75.47
C LEU F 189 -5.77 59.08 -76.43
N CYS F 190 -4.85 60.03 -76.61
CA CYS F 190 -5.00 61.01 -77.67
C CYS F 190 -4.94 60.35 -79.04
N TYR F 191 -4.14 59.30 -79.16
CA TYR F 191 -4.12 58.54 -80.39
C TYR F 191 -5.25 57.51 -80.48
N ASN F 192 -6.04 57.37 -79.42
CA ASN F 192 -7.23 56.54 -79.42
C ASN F 192 -8.44 57.29 -79.98
N ALA F 193 -8.27 58.55 -80.36
CA ALA F 193 -9.34 59.36 -80.90
C ALA F 193 -9.01 59.90 -82.29
N ALA F 194 -7.81 59.67 -82.79
CA ALA F 194 -7.35 60.24 -84.05
C ALA F 194 -6.74 59.16 -84.93
N LEU F 195 -7.44 58.03 -85.02
CA LEU F 195 -6.91 56.88 -85.73
C LEU F 195 -6.89 57.11 -87.23
N THR F 196 -8.04 57.42 -87.81
CA THR F 196 -8.15 57.46 -89.27
C THR F 196 -7.30 58.57 -89.86
N TYR F 197 -7.10 59.66 -89.11
CA TYR F 197 -6.33 60.77 -89.62
C TYR F 197 -4.83 60.51 -89.65
N MET F 198 -4.38 59.36 -89.17
CA MET F 198 -2.96 59.07 -89.11
C MET F 198 -2.41 58.76 -90.49
N PRO F 199 -1.10 58.92 -90.68
CA PRO F 199 -0.44 58.35 -91.85
C PRO F 199 0.06 56.95 -91.57
N SER F 200 0.54 56.25 -92.60
CA SER F 200 1.05 54.90 -92.40
C SER F 200 2.38 54.91 -91.66
N VAL F 201 3.19 55.95 -91.87
CA VAL F 201 4.48 56.01 -91.19
C VAL F 201 4.28 56.11 -89.70
N SER F 202 3.19 56.74 -89.27
CA SER F 202 2.89 56.83 -87.85
C SER F 202 2.67 55.44 -87.25
N LEU F 203 1.98 54.56 -87.97
CA LEU F 203 1.85 53.20 -87.48
C LEU F 203 3.17 52.44 -87.62
N GLN F 204 4.00 52.83 -88.59
CA GLN F 204 5.30 52.20 -88.76
C GLN F 204 6.18 52.42 -87.53
N SER F 205 6.55 53.68 -87.30
CA SER F 205 7.45 53.97 -86.17
C SER F 205 6.74 53.73 -84.85
N LEU F 206 5.45 54.08 -84.76
CA LEU F 206 4.72 53.93 -83.51
C LEU F 206 4.61 52.47 -83.11
N CYS F 207 4.40 51.59 -84.08
CA CYS F 207 4.21 50.18 -83.77
C CYS F 207 5.52 49.41 -83.74
N GLN F 208 6.58 49.92 -84.36
CA GLN F 208 7.88 49.30 -84.18
C GLN F 208 8.45 49.65 -82.81
N ILE F 209 8.42 50.93 -82.45
CA ILE F 209 8.90 51.34 -81.13
C ILE F 209 8.02 50.76 -80.05
N CYS F 210 6.69 50.80 -80.22
CA CYS F 210 5.82 50.13 -79.26
C CYS F 210 5.94 48.61 -79.33
N SER F 211 6.52 48.09 -80.40
CA SER F 211 6.80 46.66 -80.46
C SER F 211 8.01 46.30 -79.62
N ARG F 212 8.98 47.20 -79.54
CA ARG F 212 10.18 46.89 -78.78
C ARG F 212 10.14 47.34 -77.32
N ILE F 213 9.18 48.19 -76.93
CA ILE F 213 9.18 48.64 -75.55
C ILE F 213 8.74 47.54 -74.60
N CYS F 214 8.03 46.53 -75.10
CA CYS F 214 7.34 45.60 -74.22
C CYS F 214 8.21 44.41 -73.79
N VAL F 215 9.11 43.95 -74.65
CA VAL F 215 9.93 42.79 -74.33
C VAL F 215 11.38 43.22 -74.22
N CYS F 216 11.59 44.49 -73.84
CA CYS F 216 12.92 45.07 -73.96
C CYS F 216 13.93 44.49 -72.99
N GLY F 217 13.49 43.97 -71.85
CA GLY F 217 14.45 43.45 -70.89
C GLY F 217 14.24 41.98 -70.63
N TYR F 218 13.90 41.23 -71.67
CA TYR F 218 13.47 39.85 -71.55
C TYR F 218 14.20 38.99 -72.55
N PRO F 219 14.08 37.66 -72.42
CA PRO F 219 14.63 36.77 -73.45
C PRO F 219 13.86 36.78 -74.76
N ARG F 220 12.79 37.57 -74.89
CA ARG F 220 12.08 37.64 -76.16
C ARG F 220 12.73 38.65 -77.12
N GLN F 221 13.34 39.71 -76.59
CA GLN F 221 14.09 40.61 -77.45
C GLN F 221 15.37 39.97 -77.97
N HIS F 222 15.86 38.93 -77.29
CA HIS F 222 16.97 38.16 -77.86
C HIS F 222 16.57 37.54 -79.18
N VAL F 223 15.33 37.08 -79.29
CA VAL F 223 14.83 36.59 -80.56
C VAL F 223 14.51 37.74 -81.48
N ARG F 224 13.93 38.82 -80.94
CA ARG F 224 13.62 39.97 -81.78
C ARG F 224 14.87 40.70 -82.22
N LYS F 225 15.92 40.67 -81.40
CA LYS F 225 17.19 41.34 -81.71
C LYS F 225 17.00 42.82 -81.98
N TYR F 226 16.05 43.43 -81.29
CA TYR F 226 15.82 44.87 -81.39
C TYR F 226 16.88 45.58 -80.57
N LYS F 227 17.75 46.32 -81.24
CA LYS F 227 18.87 46.94 -80.54
C LYS F 227 18.41 48.14 -79.73
N GLY F 228 19.23 48.50 -78.76
CA GLY F 228 18.95 49.57 -77.83
C GLY F 228 19.41 49.20 -76.45
N ILE F 229 18.97 49.98 -75.46
CA ILE F 229 19.28 49.66 -74.08
C ILE F 229 18.54 48.40 -73.68
N SER F 230 19.22 47.52 -72.94
CA SER F 230 18.64 46.23 -72.57
C SER F 230 17.94 46.30 -71.22
N SER F 231 17.02 47.25 -71.07
CA SER F 231 16.31 47.47 -69.82
C SER F 231 14.83 47.18 -70.04
N ARG F 232 14.22 46.49 -69.09
CA ARG F 232 12.78 46.28 -69.13
C ARG F 232 12.08 47.50 -68.57
N ILE F 233 11.14 48.05 -69.31
CA ILE F 233 10.46 49.29 -68.95
C ILE F 233 9.15 48.95 -68.26
N PRO F 234 8.85 49.55 -67.12
CA PRO F 234 7.68 49.15 -66.32
C PRO F 234 6.38 49.75 -66.82
N VAL F 235 6.02 49.43 -68.06
CA VAL F 235 4.77 49.93 -68.61
C VAL F 235 3.61 49.19 -67.97
N SER F 236 2.47 49.86 -67.87
CA SER F 236 1.37 49.39 -67.06
C SER F 236 0.29 48.74 -67.94
N SER F 237 -0.75 48.24 -67.27
CA SER F 237 -1.76 47.46 -67.97
C SER F 237 -2.61 48.33 -68.89
N GLY F 238 -3.08 49.47 -68.41
CA GLY F 238 -3.88 50.33 -69.26
C GLY F 238 -3.11 50.80 -70.48
N PHE F 239 -1.82 51.06 -70.31
CA PHE F 239 -0.97 51.42 -71.44
C PHE F 239 -0.94 50.30 -72.47
N MET F 240 -0.98 49.05 -72.00
CA MET F 240 -0.97 47.94 -72.93
C MET F 240 -2.32 47.78 -73.60
N VAL F 241 -3.42 48.03 -72.90
CA VAL F 241 -4.73 47.93 -73.54
C VAL F 241 -4.86 48.99 -74.62
N GLN F 242 -4.67 50.24 -74.25
CA GLN F 242 -4.76 51.34 -75.20
C GLN F 242 -3.55 51.43 -76.12
N MET F 243 -2.60 50.51 -76.04
CA MET F 243 -1.71 50.30 -77.17
C MET F 243 -2.13 49.12 -78.02
N LEU F 244 -2.91 48.20 -77.45
CA LEU F 244 -3.48 47.12 -78.24
C LEU F 244 -4.53 47.66 -79.19
N THR F 245 -5.27 48.70 -78.80
CA THR F 245 -6.17 49.33 -79.77
C THR F 245 -5.38 49.89 -80.93
N GLY F 246 -4.18 50.43 -80.66
CA GLY F 246 -3.37 50.98 -81.73
C GLY F 246 -2.79 49.92 -82.65
N ILE F 247 -2.30 48.82 -82.08
CA ILE F 247 -1.86 47.70 -82.91
C ILE F 247 -3.02 47.20 -83.74
N TYR F 248 -4.20 47.11 -83.13
CA TYR F 248 -5.39 46.63 -83.81
C TYR F 248 -5.82 47.55 -84.94
N PHE F 249 -5.47 48.84 -84.86
CA PHE F 249 -5.61 49.70 -86.03
C PHE F 249 -4.45 49.52 -87.01
N ALA F 250 -3.31 49.02 -86.55
CA ALA F 250 -2.16 48.84 -87.42
C ALA F 250 -2.25 47.58 -88.27
N PHE F 251 -3.04 46.59 -87.87
CA PHE F 251 -3.19 45.40 -88.69
C PHE F 251 -3.80 45.75 -90.04
N TYR F 252 -4.77 46.64 -90.04
CA TYR F 252 -5.62 46.88 -91.20
C TYR F 252 -5.20 48.11 -91.98
N ASN F 253 -3.91 48.35 -92.08
CA ASN F 253 -3.38 49.34 -93.01
C ASN F 253 -2.13 48.79 -93.67
N GLY F 254 -2.13 47.48 -93.94
CA GLY F 254 -1.03 46.82 -94.60
C GLY F 254 0.06 46.33 -93.67
N GLU F 255 0.20 46.95 -92.50
CA GLU F 255 1.22 46.59 -91.53
C GLU F 255 0.75 45.34 -90.80
N TRP F 256 0.89 44.20 -91.48
CA TRP F 256 0.35 42.95 -90.95
C TRP F 256 1.35 42.21 -90.08
N ASP F 257 2.53 41.91 -90.61
CA ASP F 257 3.46 41.08 -89.87
C ASP F 257 4.04 41.82 -88.68
N LEU F 258 4.33 43.11 -88.83
CA LEU F 258 4.85 43.87 -87.70
C LEU F 258 3.84 43.92 -86.57
N ALA F 259 2.58 44.21 -86.90
CA ALA F 259 1.55 44.22 -85.87
C ALA F 259 1.33 42.83 -85.30
N GLN F 260 1.52 41.81 -86.10
CA GLN F 260 1.32 40.44 -85.65
C GLN F 260 2.39 40.05 -84.63
N LYS F 261 3.65 40.27 -84.97
CA LYS F 261 4.73 39.95 -84.05
C LYS F 261 4.71 40.86 -82.83
N ALA F 262 4.29 42.12 -83.02
CA ALA F 262 4.17 43.03 -81.90
C ALA F 262 3.12 42.54 -80.93
N LEU F 263 1.93 42.20 -81.43
CA LEU F 263 0.88 41.72 -80.56
C LEU F 263 1.27 40.39 -79.91
N ASP F 264 2.05 39.57 -80.62
CA ASP F 264 2.56 38.36 -79.99
C ASP F 264 3.46 38.70 -78.81
N ASP F 265 4.30 39.73 -78.99
CA ASP F 265 5.15 40.15 -77.89
C ASP F 265 4.32 40.69 -76.74
N ILE F 266 3.22 41.39 -77.03
CA ILE F 266 2.34 41.83 -75.96
C ILE F 266 1.73 40.63 -75.26
N ILE F 267 1.44 39.56 -75.99
CA ILE F 267 0.93 38.35 -75.37
C ILE F 267 1.98 37.76 -74.44
N TYR F 268 3.24 37.78 -74.85
CA TYR F 268 4.28 37.20 -74.02
C TYR F 268 4.49 38.04 -72.77
N ARG F 269 4.60 39.36 -72.94
CA ARG F 269 4.81 40.22 -71.80
C ARG F 269 3.62 40.09 -70.84
N ALA F 270 2.40 40.03 -71.38
CA ALA F 270 1.24 39.87 -70.52
C ALA F 270 1.26 38.52 -69.81
N GLN F 271 1.87 37.51 -70.42
CA GLN F 271 1.90 36.21 -69.77
C GLN F 271 2.93 36.16 -68.66
N LEU F 272 4.09 36.77 -68.86
CA LEU F 272 5.06 36.76 -67.78
C LEU F 272 4.70 37.76 -66.70
N GLU F 273 4.06 38.86 -67.07
CA GLU F 273 3.75 39.89 -66.10
C GLU F 273 2.42 39.64 -65.43
N LEU F 274 1.61 38.73 -65.97
CA LEU F 274 0.35 38.32 -65.36
C LEU F 274 -0.66 39.47 -65.30
N TYR F 275 -0.59 40.39 -66.25
CA TYR F 275 -1.69 41.33 -66.42
C TYR F 275 -2.85 40.64 -67.12
N PRO F 276 -4.01 40.53 -66.49
CA PRO F 276 -5.11 39.79 -67.11
C PRO F 276 -5.61 40.43 -68.39
N GLU F 277 -6.01 41.68 -68.35
CA GLU F 277 -6.74 42.23 -69.47
C GLU F 277 -5.93 42.41 -70.75
N PRO F 278 -4.62 42.69 -70.72
CA PRO F 278 -3.92 42.76 -71.99
C PRO F 278 -3.79 41.41 -72.66
N LEU F 279 -3.60 40.34 -71.90
CA LEU F 279 -3.62 39.01 -72.49
C LEU F 279 -5.05 38.64 -72.91
N LEU F 280 -6.04 39.14 -72.19
CA LEU F 280 -7.43 38.95 -72.59
C LEU F 280 -7.69 39.55 -73.97
N VAL F 281 -7.37 40.84 -74.12
CA VAL F 281 -7.63 41.55 -75.37
C VAL F 281 -6.76 41.00 -76.48
N ALA F 282 -5.45 40.92 -76.23
CA ALA F 282 -4.52 40.49 -77.26
C ALA F 282 -4.83 39.07 -77.71
N ASN F 283 -5.17 38.20 -76.77
CA ASN F 283 -5.57 36.86 -77.16
C ASN F 283 -6.85 36.90 -77.98
N ALA F 284 -7.77 37.79 -77.62
CA ALA F 284 -8.97 37.96 -78.44
C ALA F 284 -8.63 38.46 -79.82
N ILE F 285 -7.50 39.13 -79.98
CA ILE F 285 -7.01 39.48 -81.30
C ILE F 285 -6.46 38.25 -82.01
N LYS F 286 -5.72 37.42 -81.27
CA LYS F 286 -5.11 36.26 -81.87
C LYS F 286 -6.16 35.30 -82.40
N ALA F 287 -7.32 35.24 -81.75
CA ALA F 287 -8.43 34.44 -82.24
C ALA F 287 -9.39 35.24 -83.11
N SER F 288 -8.93 36.37 -83.67
CA SER F 288 -9.79 37.18 -84.50
C SER F 288 -9.10 37.60 -85.80
N LEU F 289 -8.02 36.92 -86.18
CA LEU F 289 -7.36 37.25 -87.44
C LEU F 289 -7.52 36.10 -88.42
N PRO F 290 -7.73 36.41 -89.71
CA PRO F 290 -7.86 35.37 -90.74
C PRO F 290 -6.53 34.73 -91.08
#